data_9G27
#
_entry.id   9G27
#
_cell.length_a   1.00
_cell.length_b   1.00
_cell.length_c   1.00
_cell.angle_alpha   90.00
_cell.angle_beta   90.00
_cell.angle_gamma   90.00
#
_symmetry.space_group_name_H-M   'P 1'
#
loop_
_entity.id
_entity.type
_entity.pdbx_description
1 polymer 'DNA-directed RNA polymerase I subunit RPA190'
2 polymer 'DNA-directed RNA polymerase I subunit RPA135'
3 polymer 'DNA-directed RNA polymerases I and III subunit RPAC1'
4 polymer 'DNA-directed RNA polymerase I subunit RPA14'
5 polymer 'DNA-directed RNA polymerases I, II, and III subunit RPABC1'
6 polymer 'DNA-directed RNA polymerases I, II, and III subunit RPABC2'
7 polymer 'DNA-directed RNA polymerase I subunit RPA43'
8 polymer 'DNA-directed RNA polymerases I, II, and III subunit RPABC3'
9 polymer 'DNA-directed RNA polymerase I subunit RPA12'
10 polymer 'DNA-directed RNA polymerases I, II, and III subunit RPABC5'
11 polymer 'DNA-directed RNA polymerases I and III subunit RPAC2'
12 polymer 'DNA-directed RNA polymerases I, II, and III subunit RPABC4'
13 polymer RNA
14 polymer 'Non-template DNA'
15 polymer 'Template DNA'
16 non-polymer 'ZINC ION'
#
loop_
_entity_poly.entity_id
_entity_poly.type
_entity_poly.pdbx_seq_one_letter_code
_entity_poly.pdbx_strand_id
1 'polypeptide(L)'
;MDISKPVGSEITSVDFGILTAKEIRNLSAKQITNPTVLDNLGHPVSGGLYDLALGAFLRNLCSTCGLDEKFCPGHQGHIE
LPVPCYNPLFFNQLYIYLRASCLFCHHFRLKSVEVHRYACKLRLLQYGLIDESYKLDEITLGSLNSSMYTDDEAIEDNED
EMDGEGSKQSKDISSTLLNELKSKRSEYVDMAIAKALSDGRTTERGSFTATVNDERKKLVHEFHKKLLSRGKCDNCGMFS
PKFRKDGFTKIFETALNEKQITNNRVKGFIRQDMIKKQKQAKKLDGSNEASANDEESFDVGRNPTTRPKTGSTYILSTEV
KNILDTVFRKEQCVLQYVFHSRPNLSRKLVKADSFFMDVLVVPPTRFRLPSKLGEEVHENSQNQLLSKVLTTSLLIRDLN
DDLSKLQKDKVSLEDRRVIFSRLMNAFVTIQNDVNAFIDSTKAQGRTSGKVPIPGVKQALEKKEGLFRKHMMGKRVNYAA
RSVISPDPNIETNEIGVPPVFAVKLTYPEPVTAYNIAELRQAVINGPDKWPGATQIQNEDGSLVSLIGMSVEQRKALANQ
LLTPSSNVSTHTLNKKVYRHIKNRDVVLMNRQPTLHKASMMGHKVRVLPNEKTLRLHYANTGAYNADFDGDEMNMHFPQN
ENARAEALNLANTDSQYLTPTSGSPVRGLIQDHISAGVWLTSKDSFFTREQYQQYIYGCIRPEDGHTTRSKIVTLPPTIF
KPYPLWTGKQIITTVLLNVTPPDMPGINLISKNKIKNEYWGKGSLENEVLFKDGALLCGILDKSQYGASKYGIVHSLHEV
YGPEVAAKVLSVLGRLFTNYITATAFTCGMDDLRLTAEGNKWRTDILKTSVDTGREAAAEVTNLDKDTPADDPELLKRLQ
EILRDNNKSGILDAVTSSKVNAITSQVVSKCVPDGTMKKFPCNSMQAMALSGAKGSNVNVSQIMCLLGQQALEGRRVPVM
VSGKTLPSFKPYETDAMAGGYVKGRFYSGIKPQEYYFHCMAGREGLIDTAVKTSRSGYLQRCLTKQLEGVHVSYDNSIRD
ADGTLVQFMYGGDAIDITKESHMTQFEFCLDNYYALLKKYNPSALIEHLDVESALKYSKKTLKYRKKHSKEPHYKQSVKY
DPVLAKYNPAKYLGSVSENFQDKLESFLDKNSKLFKSSDGVNEKKFRALMQLKYMRSLINPGEAVGIIASQSVGEPSTQM
TLNTFHFAGHGAANVTLGIPRLREIVMTASAAIKTPQMTLPIWNDVSDEQADTFCKSISKVLLSEVIDKVIVTETTGTSN
TAGGNAARSYVIHMRFFDNNEYSEEYDVSKEELQNVISNQFIHLLEAAIVKEIKKQKRTTGPDIGVAVPRLQTDVANSSS
NSKRLEEDNDEEQSHKKTKQAVSYDEPDEDEIETMREAEKSSDEEGIDSDKESDSDSEDEDVDMNEQINKSIVEANNNMN
KVQRDRQSAIISHHRFITKYNFDDESGKWCEFKLELAADTEKLLMVNIVEEICRKSIIRQIPHIDRCVHPEPENGKRVLV
TEGVNFQAMWDQEAFIDVDGITSNDVAAVLKTYGVEAARNTIVNEINNVFSRYAISVSFRHLDLIADMMTRQGTYLAFNR
QGMETSTSSFMKMSYETTCQFLTKAVLDNEREQLDSPSARIVVGKLNNVGTGSFDVLAKVPNAA
;
A
2 'polypeptide(L)'
;MSKVIKPPGQARTADFRTLERESRFINPPKDKSAFPLLQEAVQPHIGSFNALTEGPDGGLLNLGVKDIGEKVIFDGKPLN
SEDEISNSGYLGNKLSVSVEQVSIAKPMSNDGVSSAVERKVYPSESRQRLTSYRGKLLLKLKWSVNNGEENLFEVRDCGG
LPVMLQSNRCHLNKMSPYELVQHKEESDEIGGYFIVNGIEKLIRMLIVQRRNHPMAIIRPSFANRGASYSHYGIQIRSVR
PDQTSQTNVLHYLNDGQVTFRFSWRKNEYLVPVVMILKALCHTSDREIFDGIIGNDVKDSFLTDRLELLLRGFKKRYPHL
QNRTQVLQYLGDKFRVVFQASPDQSDLEVGQEVLDRIVLVHLGKDGSQDKFRMLLFMIRKLYSLVAGECSPDNPDATQHQ
EVLLGGFLYGMILKEKIDEYLQNIIAQVRMDINRGMAINFKDKRYMSRVLMRVNENIGSKMQYFLSTGNLVSQSGLDLQQ
VSGYTVVAEKINFYRFISHFRMVHRGSFFAQLKTTTVRKLLPESWGFLCPVHTPDGSPCGLLNHFAHKCRISTQQSDVSR
IPSILYSLGVAPASHTFAAGPSLCCVQIDGKIIGWVSHEQGKIIADTLRYWKVEGKTPGLPIDLEIGYVPPSTRGQYPGL
YLFGGHSRMLRPVRYLPLDKEDIVGPFEQVYMNIAVTPQEIQNNVHTHVEFTPTNILSILANLTPFSDFNQSPRNMYQCQ
MGKQTMGTPGVALCHRSDNKLYRLQTGQTPIVKANLYDDYGMDNFPNGFNAVVAVISYTGYDMDDAMIINKSADERGFGY
GTMYKTEKVDLALNRNRGDPITQHFGFGNDEWPKEWLEKLDEDGLPYIGTYVEEGDPICAYFDDTLNKTKIKTYHSSEPA
YIEEVNLIGDESNKFQELQTVSIKYRIRRTPQIGDKFSSRHGQKGVCSRKWPTIDMPFSETGIQPDIIINPHAFPSRMTI
GMFVESLAGKAGALHGIAQDSTPWIFNEDDTPADYFGEQLAKAGYNYHGNEPMYSGATGEELRADIYVGVVYYQRLRHMV
NDKFQVRSTGPVNSLTMQPVKGRKRHGGIRVGEMERDALIGHGTSFLLQDRLLNSSDYTQASVCRECGSILTTQQSVPRI
GSISTVCCRRCSMRFEDAKKLLTKSEDGEKIFIDDSQIWEDGQGNKFVGGNETTTVAIPFVLKYLDSELSAMGIRLRYNV
EPK
;
B
3 'polypeptide(L)'
;MSNIVGIEYNRVTNTTSTDFPGFSKDAENEWNVEKFKKDFEVNISSLDAREANFDLINIDTSIANAFRRIMISEVPSVAA
EYVYFFNNTSVIQDEVLAHRIGLVPLKVDPDMLTWVDSNLPDDEKFTDENTIVLSLNVKCTRNPDAPKGSTDPKELYNNA
HVYARDLKFEPQGRQSTTFADCPVVPADPDILLAKLRPGQEISLKAHCILGIGGDHAKFSPVSTASYRLLPQINILQPIK
GESARRFQKCFPPGVIGIDEGSDEAYVKDARKDTVSREVLRYEEFADKVKLGRVRNHFIFNVESAGAMTPEEIFFKSVRI
LKNKAEYLKNCPITQ
;
C
4 'polypeptide(L)'
;MMKGSRRTGNNTATTLNTPVVIHATQLPQHVSTDEVLQFLESFIDEKENIIDSTTMNTISGNAADADAAAVANTSLNIDT
NLSSSISQLKRIQRDFKGLPPAQDFSAAPIQVSTTEKKETSIGVSATGGKKTTFADE
;
D
5 'polypeptide(L)'
;MDQENERNISRLWRAFRTVKEMVKDRGYFITQEEVELPLEDFKAKYCDSMGRPQRKMMSFQANPTEESISKFPDMGSLWV
EFCDEPSVGVKTMKTFVIHIQEKNFQTGIFVYQNNITPSAMKLVPSIPPATIETFNEAALVVNITHHELVPKHIRLSSDE
KRELLKRYRLKESQLPRIQRADPVALYLGLKRGEVVKIIRKSETSGRYASYRICM
;
E
6 'polypeptide(L)'
;MSDYEEAFNDGNENFEDFDVEHFSDEETYEEKPQFKDGETTDANGKTIVTGGNGPEDFQQHEQIRRKTLKEKAIPKDQRA
TTPYMTKYERARILGTRALQISMNAPVFVDLEGETDPLRIAMKELAEKKIPLVIRRYLPDGSFEDWSVEELIVDL
;
F
7 'polypeptide(L)'
;MSQVKRANENRETARFIKKHKKQVTNPIDEKNGTSNCIVRVPIALYVSLAPMYLENPLQGVMKQHLNPLVMKYNNKVGGV
VLGYEGLKILDADPLSKEDTSEKLIKITPDTPFGFTWCHVNLYVWQPQVGDVLEGYIFIQSASHIGLLIHDAFNASIKKN
NIPVDWTFVHNDVEEDADVINTDENNGNNNNEDNKDSNGGSNSLGKFSFGNRSLGHWVDSNGEPIDGKLRFTVRNVHTTG
RVVSVDGTLISDADEEGNGYNSSRSQAESLPIVSNKKIVFDDEVSIENKESHKELDLPEVKEDNGSEIVYEENTSESNDG
ESSDSD
;
G
8 'polypeptide(L)'
;MSNTLFDDIFQVSEVDPGRYNKVCRIEAASTTQDQCKLTLDINVELFPVAAQDSLTVTIASSLNLEDTPANDSSATRSWR
PPQAGDRSLADDYDYVMYGTAYKFEEVSKDLIAVYYSFGGLLMRLEGNYRNLNNLKQENAYLLIRR
;
H
9 'polypeptide(L)'
;MSVVGSLIFCLDCGDLLENPNAVLGSNVECSQCKAIYPKSQFSNLKVVTTTADDAFPSSLRAKKSVVKTSLKKNELKDGA
TIKEKCPQCGNEEMNYHTLQLRSADEGATVFYTCTSCGYKFRTNN
;
I
10 'polypeptide(L)' MIVPVRCFSCGKVVGDKWESYLNLLQEDELDEGTALSRLGLKRYCCRRMILTHVDLIEKFLRYNPLEKRD J
11 'polypeptide(L)'
;MTEDIEQKKTATEVTPQEPKHIQEEEEQDVDMTGDEEQEEEPDREKIKLLTQATSEDGTSASFQIVEEDHTLGNALRYVI
MKNPDVEFCGYSIPHPSENLLNIRIQTYGETTAVDALQKGLKDLMDLCDVVESKFTEKIKSM
;
K
12 'polypeptide(L)' MSREGFQIPTNLDAAAAGTSQARTATLKYICAECSSKLSLSRTDAVRCKDCGHRILLKARTKRLVQFEAR L
13 'polyribonucleotide' AUAAAUCGAGAGA R
14 'polydeoxyribonucleotide'
;(DG)(DA)(DT)(DT)(DT)(DC)(DA)(DT)(DA)(DC)(DG)(DC)(DC)(DA)(DT)(DT)(DC)(DC)(DT)(DT)
(DC)(DT)(DC)(DT)(DC)(DT)(DG)(DC)(DT)(DT)(DA)(DT)(DC)(DG)(DG)(DT)(DA)(DG)
;
S
15 'polydeoxyribonucleotide'
;(DC)(DT)(DA)(DC)(DC)(DG)(DA)(DT)(DA)(DA)(DG)(DC)(DA)(DG)(DA)(DT)(3DR)(DC)(DT)
(DC)(DT)(DC)(DG)(DA)(DT)(DT)(DG)(DC)(DG)(DT)(DA)(DT)(DG)(DA)(DA)(DA)(DT)(DC)
;
T
#
# COMPACT_ATOMS: atom_id res chain seq x y z
N MET A 1 -6.63 16.62 -27.54
CA MET A 1 -7.38 16.32 -28.74
C MET A 1 -8.44 17.38 -29.02
N ASP A 2 -8.15 18.24 -30.00
CA ASP A 2 -9.15 19.20 -30.45
C ASP A 2 -10.22 18.48 -31.25
N ILE A 3 -11.49 18.76 -30.92
CA ILE A 3 -12.60 18.14 -31.66
C ILE A 3 -12.95 18.91 -32.92
N SER A 4 -12.27 20.02 -33.21
CA SER A 4 -12.53 20.78 -34.42
C SER A 4 -11.57 20.44 -35.54
N LYS A 5 -10.75 19.41 -35.38
CA LYS A 5 -9.82 18.94 -36.41
C LYS A 5 -9.99 17.44 -36.55
N PRO A 6 -11.03 16.99 -37.25
CA PRO A 6 -11.27 15.55 -37.39
C PRO A 6 -10.17 14.87 -38.20
N VAL A 7 -9.93 13.60 -37.87
CA VAL A 7 -8.93 12.78 -38.55
C VAL A 7 -9.67 11.74 -39.37
N GLY A 8 -9.41 11.73 -40.68
CA GLY A 8 -10.10 10.82 -41.57
C GLY A 8 -9.55 9.41 -41.58
N SER A 9 -8.23 9.29 -41.63
CA SER A 9 -7.60 7.97 -41.71
C SER A 9 -7.57 7.30 -40.35
N GLU A 10 -7.30 6.00 -40.36
CA GLU A 10 -7.25 5.22 -39.14
C GLU A 10 -6.36 4.01 -39.36
N ILE A 11 -5.65 3.60 -38.32
CA ILE A 11 -4.75 2.46 -38.39
C ILE A 11 -5.57 1.19 -38.14
N THR A 12 -5.79 0.40 -39.19
CA THR A 12 -6.56 -0.83 -39.04
C THR A 12 -5.78 -1.89 -38.29
N SER A 13 -4.51 -2.09 -38.65
CA SER A 13 -3.68 -3.09 -38.01
C SER A 13 -2.22 -2.75 -38.25
N VAL A 14 -1.35 -3.40 -37.49
CA VAL A 14 0.10 -3.25 -37.62
C VAL A 14 0.72 -4.64 -37.67
N ASP A 15 1.59 -4.85 -38.66
CA ASP A 15 2.26 -6.14 -38.84
C ASP A 15 3.76 -5.98 -38.67
N PHE A 16 4.35 -6.84 -37.86
CA PHE A 16 5.79 -6.81 -37.62
C PHE A 16 6.54 -7.28 -38.86
N GLY A 17 7.69 -6.67 -39.10
CA GLY A 17 8.51 -7.02 -40.24
C GLY A 17 9.96 -6.71 -39.96
N ILE A 18 10.81 -7.05 -40.94
CA ILE A 18 12.25 -6.89 -40.82
C ILE A 18 12.70 -5.75 -41.72
N LEU A 19 13.47 -4.82 -41.17
CA LEU A 19 13.99 -3.69 -41.91
C LEU A 19 15.25 -4.15 -42.65
N THR A 20 15.17 -4.24 -43.98
CA THR A 20 16.30 -4.71 -44.75
C THR A 20 17.32 -3.59 -44.97
N ALA A 21 18.55 -3.99 -45.30
CA ALA A 21 19.62 -3.03 -45.47
C ALA A 21 19.41 -2.12 -46.68
N LYS A 22 18.68 -2.60 -47.69
CA LYS A 22 18.50 -1.81 -48.90
C LYS A 22 17.57 -0.62 -48.66
N GLU A 23 16.45 -0.85 -47.96
CA GLU A 23 15.49 0.23 -47.77
C GLU A 23 16.02 1.31 -46.82
N ILE A 24 16.76 0.90 -45.79
CA ILE A 24 17.32 1.89 -44.86
C ILE A 24 18.39 2.72 -45.54
N ARG A 25 19.20 2.09 -46.41
CA ARG A 25 20.11 2.88 -47.23
C ARG A 25 19.34 3.79 -48.17
N ASN A 26 18.16 3.37 -48.62
CA ASN A 26 17.34 4.22 -49.47
C ASN A 26 16.67 5.34 -48.69
N LEU A 27 16.13 5.05 -47.51
CA LEU A 27 15.33 6.02 -46.77
C LEU A 27 16.16 6.99 -45.95
N SER A 28 17.41 6.67 -45.64
CA SER A 28 18.19 7.46 -44.70
C SER A 28 18.49 8.85 -45.27
N ALA A 29 18.74 9.79 -44.38
CA ALA A 29 19.08 11.15 -44.79
C ALA A 29 20.56 11.30 -45.04
N LYS A 30 21.40 10.78 -44.14
CA LYS A 30 22.85 10.82 -44.33
C LYS A 30 23.48 9.70 -43.53
N GLN A 31 24.70 9.33 -43.92
CA GLN A 31 25.48 8.35 -43.18
C GLN A 31 26.36 9.04 -42.15
N ILE A 32 26.49 8.41 -40.99
CA ILE A 32 27.28 8.94 -39.88
C ILE A 32 28.63 8.24 -39.89
N THR A 33 29.71 9.02 -39.97
CA THR A 33 31.04 8.47 -40.15
C THR A 33 31.96 8.73 -38.97
N ASN A 34 32.13 9.98 -38.56
CA ASN A 34 33.16 10.13 -37.53
C ASN A 34 32.55 10.09 -36.14
N PRO A 35 33.23 9.47 -35.19
CA PRO A 35 32.69 9.36 -33.83
C PRO A 35 32.95 10.60 -32.98
N THR A 36 32.71 11.78 -33.56
CA THR A 36 32.80 13.04 -32.83
C THR A 36 31.46 13.75 -32.96
N VAL A 37 30.85 14.06 -31.83
CA VAL A 37 29.50 14.64 -31.83
C VAL A 37 29.53 16.15 -32.04
N LEU A 38 30.41 16.85 -31.34
CA LEU A 38 30.49 18.30 -31.39
C LEU A 38 31.92 18.75 -31.58
N ASP A 39 32.08 19.99 -32.00
CA ASP A 39 33.41 20.58 -32.19
C ASP A 39 34.13 20.74 -30.86
N HIS A 43 29.08 23.11 -31.54
CA HIS A 43 28.52 23.05 -32.89
C HIS A 43 28.55 21.61 -33.41
N PRO A 44 27.48 21.19 -34.08
CA PRO A 44 27.43 19.81 -34.58
C PRO A 44 28.52 19.52 -35.58
N VAL A 45 29.05 18.30 -35.53
CA VAL A 45 30.08 17.85 -36.47
C VAL A 45 29.38 17.37 -37.73
N SER A 46 29.75 17.97 -38.87
CA SER A 46 29.18 17.54 -40.14
C SER A 46 29.61 16.10 -40.44
N GLY A 47 28.62 15.24 -40.67
CA GLY A 47 28.87 13.82 -40.75
C GLY A 47 28.87 13.09 -39.42
N GLY A 48 28.59 13.79 -38.32
CA GLY A 48 28.55 13.20 -37.01
C GLY A 48 27.14 12.82 -36.58
N LEU A 49 27.04 12.37 -35.33
CA LEU A 49 25.76 11.90 -34.81
C LEU A 49 24.72 13.02 -34.78
N TYR A 50 25.13 14.23 -34.41
CA TYR A 50 24.22 15.37 -34.36
C TYR A 50 24.18 16.16 -35.68
N ASP A 51 24.41 15.48 -36.80
CA ASP A 51 24.41 16.16 -38.09
C ASP A 51 23.04 16.80 -38.35
N LEU A 52 23.05 17.88 -39.12
CA LEU A 52 21.83 18.63 -39.41
C LEU A 52 20.88 17.88 -40.33
N ALA A 53 21.31 16.76 -40.92
CA ALA A 53 20.42 15.94 -41.73
C ALA A 53 19.54 15.02 -40.89
N LEU A 54 19.85 14.84 -39.61
CA LEU A 54 19.06 14.02 -38.71
C LEU A 54 18.10 14.85 -37.86
N GLY A 55 17.82 16.09 -38.26
CA GLY A 55 16.90 16.93 -37.53
C GLY A 55 17.47 18.26 -37.11
N ALA A 56 16.60 19.24 -36.87
CA ALA A 56 17.03 20.54 -36.39
C ALA A 56 17.60 20.41 -34.97
N PHE A 57 18.56 21.27 -34.65
CA PHE A 57 19.31 21.13 -33.40
C PHE A 57 19.75 22.52 -32.94
N LEU A 58 19.05 23.04 -31.93
CA LEU A 58 19.46 24.25 -31.21
C LEU A 58 19.61 25.43 -32.17
N ARG A 59 18.47 25.83 -32.74
CA ARG A 59 18.32 26.95 -33.67
C ARG A 59 18.98 26.70 -35.02
N ASN A 60 19.59 25.54 -35.22
CA ASN A 60 20.10 25.15 -36.53
C ASN A 60 18.96 24.49 -37.30
N LEU A 61 18.52 25.13 -38.38
CA LEU A 61 17.47 24.55 -39.19
C LEU A 61 17.92 23.23 -39.80
N CYS A 62 17.04 22.23 -39.76
CA CYS A 62 17.36 20.92 -40.31
C CYS A 62 17.71 21.03 -41.79
N SER A 63 18.76 20.33 -42.20
CA SER A 63 19.20 20.37 -43.58
C SER A 63 18.40 19.43 -44.48
N THR A 64 17.49 18.65 -43.91
CA THR A 64 16.62 17.77 -44.69
C THR A 64 15.33 18.46 -45.09
N CYS A 65 14.58 18.98 -44.11
CA CYS A 65 13.29 19.61 -44.35
C CYS A 65 13.30 21.12 -44.21
N GLY A 66 14.37 21.70 -43.68
CA GLY A 66 14.45 23.15 -43.55
C GLY A 66 13.46 23.75 -42.57
N LEU A 67 13.28 23.13 -41.41
CA LEU A 67 12.35 23.59 -40.40
C LEU A 67 13.02 23.60 -39.03
N ASP A 68 12.48 24.42 -38.13
CA ASP A 68 13.07 24.61 -36.82
C ASP A 68 12.83 23.37 -35.95
N GLU A 69 13.27 23.45 -34.69
CA GLU A 69 13.15 22.32 -33.79
C GLU A 69 11.70 21.97 -33.49
N LYS A 70 10.79 22.93 -33.62
CA LYS A 70 9.37 22.65 -33.36
C LYS A 70 8.75 21.84 -34.48
N PHE A 71 9.04 22.20 -35.73
CA PHE A 71 8.39 21.60 -36.89
C PHE A 71 9.22 20.54 -37.57
N CYS A 72 10.29 20.07 -36.94
CA CYS A 72 11.10 19.00 -37.51
C CYS A 72 10.79 17.70 -36.78
N PRO A 73 10.25 16.69 -37.47
CA PRO A 73 9.94 15.43 -36.80
C PRO A 73 11.16 14.58 -36.49
N GLY A 74 12.31 14.88 -37.07
CA GLY A 74 13.48 14.04 -36.90
C GLY A 74 13.52 12.90 -37.91
N HIS A 75 14.70 12.70 -38.47
CA HIS A 75 14.90 11.74 -39.55
C HIS A 75 15.99 10.76 -39.17
N GLN A 76 15.88 9.54 -39.67
CA GLN A 76 16.83 8.50 -39.31
C GLN A 76 18.07 8.59 -40.20
N GLY A 77 19.21 8.18 -39.61
CA GLY A 77 20.44 8.00 -40.36
C GLY A 77 20.94 6.58 -40.17
N HIS A 78 21.97 6.22 -40.95
CA HIS A 78 22.52 4.88 -40.89
C HIS A 78 24.04 4.95 -40.85
N ILE A 79 24.64 4.00 -40.16
CA ILE A 79 26.08 3.82 -40.15
C ILE A 79 26.40 2.49 -40.83
N GLU A 80 27.30 2.55 -41.81
CA GLU A 80 27.64 1.36 -42.61
C GLU A 80 28.60 0.49 -41.83
N LEU A 81 28.15 -0.70 -41.44
CA LEU A 81 29.04 -1.65 -40.79
C LEU A 81 29.95 -2.27 -41.84
N PRO A 82 31.26 -2.31 -41.61
CA PRO A 82 32.16 -2.95 -42.60
C PRO A 82 31.87 -4.42 -42.82
N VAL A 83 31.41 -5.13 -41.79
CA VAL A 83 31.06 -6.54 -41.92
C VAL A 83 29.66 -6.75 -41.37
N PRO A 84 28.89 -7.70 -41.89
CA PRO A 84 27.60 -8.03 -41.28
C PRO A 84 27.79 -8.61 -39.89
N CYS A 85 26.84 -8.32 -39.00
CA CYS A 85 26.93 -8.69 -37.61
C CYS A 85 25.71 -9.50 -37.20
N TYR A 86 25.91 -10.38 -36.22
CA TYR A 86 24.82 -11.21 -35.72
C TYR A 86 23.85 -10.33 -34.94
N ASN A 87 22.61 -10.25 -35.42
CA ASN A 87 21.60 -9.48 -34.71
C ASN A 87 21.36 -10.12 -33.34
N PRO A 88 21.52 -9.40 -32.24
CA PRO A 88 21.37 -10.03 -30.92
C PRO A 88 19.98 -10.61 -30.69
N LEU A 89 18.95 -10.01 -31.28
CA LEU A 89 17.59 -10.51 -31.09
C LEU A 89 17.42 -11.88 -31.71
N PHE A 90 17.96 -12.09 -32.90
CA PHE A 90 17.72 -13.31 -33.67
C PHE A 90 18.87 -14.31 -33.58
N PHE A 91 19.82 -14.10 -32.66
CA PHE A 91 21.00 -14.94 -32.65
C PHE A 91 20.66 -16.39 -32.31
N ASN A 92 19.69 -16.62 -31.42
CA ASN A 92 19.34 -17.99 -31.08
C ASN A 92 18.78 -18.74 -32.28
N GLN A 93 17.92 -18.08 -33.06
CA GLN A 93 17.41 -18.72 -34.27
C GLN A 93 18.51 -18.91 -35.31
N LEU A 94 19.41 -17.93 -35.44
CA LEU A 94 20.57 -18.09 -36.31
C LEU A 94 21.36 -19.33 -35.92
N TYR A 95 21.61 -19.51 -34.62
CA TYR A 95 22.40 -20.63 -34.14
C TYR A 95 21.68 -21.95 -34.35
N ILE A 96 20.37 -21.98 -34.11
CA ILE A 96 19.61 -23.22 -34.28
C ILE A 96 19.56 -23.62 -35.74
N TYR A 97 19.43 -22.65 -36.65
CA TYR A 97 19.43 -22.98 -38.08
C TYR A 97 20.84 -23.30 -38.59
N LEU A 98 21.87 -22.70 -38.02
CA LEU A 98 23.23 -23.06 -38.38
C LEU A 98 23.53 -24.50 -37.99
N ARG A 99 23.21 -24.87 -36.76
CA ARG A 99 23.22 -26.29 -36.42
C ARG A 99 22.12 -27.00 -37.20
N ALA A 100 22.24 -28.32 -37.27
CA ALA A 100 21.28 -29.16 -37.99
C ALA A 100 21.16 -28.71 -39.44
N SER A 101 22.30 -28.73 -40.14
CA SER A 101 22.32 -28.43 -41.57
C SER A 101 23.54 -29.11 -42.18
N CYS A 102 23.48 -29.31 -43.48
CA CYS A 102 24.58 -29.92 -44.23
C CYS A 102 25.32 -28.82 -44.99
N LEU A 103 26.59 -28.62 -44.66
CA LEU A 103 27.42 -27.65 -45.36
C LEU A 103 27.72 -28.09 -46.79
N PHE A 104 27.58 -29.38 -47.09
CA PHE A 104 27.91 -29.92 -48.40
C PHE A 104 26.74 -29.82 -49.37
N CYS A 105 25.60 -30.42 -49.03
CA CYS A 105 24.44 -30.42 -49.89
C CYS A 105 23.58 -29.18 -49.72
N HIS A 106 23.86 -28.35 -48.71
CA HIS A 106 23.14 -27.10 -48.46
C HIS A 106 21.65 -27.34 -48.21
N HIS A 107 21.32 -28.47 -47.59
CA HIS A 107 19.99 -28.78 -47.12
C HIS A 107 20.08 -29.18 -45.65
N PHE A 108 18.93 -29.21 -44.99
CA PHE A 108 18.90 -29.66 -43.60
C PHE A 108 19.29 -31.14 -43.52
N ARG A 109 19.82 -31.53 -42.38
CA ARG A 109 20.19 -32.92 -42.13
C ARG A 109 18.97 -33.79 -41.85
N LEU A 110 17.78 -33.26 -41.97
CA LEU A 110 16.55 -34.03 -41.84
C LEU A 110 16.12 -34.54 -43.21
N LYS A 111 15.36 -35.64 -43.20
CA LYS A 111 14.88 -36.23 -44.43
C LYS A 111 14.06 -35.21 -45.22
N SER A 112 14.31 -35.15 -46.53
CA SER A 112 13.61 -34.18 -47.36
C SER A 112 12.11 -34.42 -47.36
N VAL A 113 11.69 -35.68 -47.32
CA VAL A 113 10.26 -35.98 -47.28
C VAL A 113 9.65 -35.52 -45.97
N GLU A 114 10.39 -35.65 -44.87
CA GLU A 114 9.88 -35.16 -43.59
C GLU A 114 9.79 -33.64 -43.57
N VAL A 115 10.79 -32.97 -44.16
CA VAL A 115 10.72 -31.51 -44.28
C VAL A 115 9.50 -31.11 -45.11
N HIS A 116 9.23 -31.84 -46.20
CA HIS A 116 8.06 -31.54 -47.01
C HIS A 116 6.77 -31.76 -46.22
N ARG A 117 6.73 -32.81 -45.40
CA ARG A 117 5.56 -33.05 -44.56
C ARG A 117 5.31 -31.89 -43.60
N TYR A 118 6.38 -31.41 -42.96
CA TYR A 118 6.24 -30.27 -42.07
C TYR A 118 5.79 -29.03 -42.83
N ALA A 119 6.33 -28.83 -44.03
CA ALA A 119 5.93 -27.67 -44.83
C ALA A 119 4.46 -27.74 -45.19
N CYS A 120 3.97 -28.92 -45.56
CA CYS A 120 2.56 -29.07 -45.91
C CYS A 120 1.66 -28.83 -44.69
N LYS A 121 2.05 -29.38 -43.53
CA LYS A 121 1.25 -29.16 -42.32
C LYS A 121 1.23 -27.69 -41.94
N LEU A 122 2.35 -27.00 -42.08
CA LEU A 122 2.38 -25.57 -41.79
C LEU A 122 1.55 -24.77 -42.79
N ARG A 123 1.56 -25.17 -44.05
CA ARG A 123 0.74 -24.48 -45.04
C ARG A 123 -0.74 -24.67 -44.73
N LEU A 124 -1.13 -25.85 -44.26
CA LEU A 124 -2.51 -26.06 -43.86
C LEU A 124 -2.86 -25.25 -42.62
N LEU A 125 -1.98 -25.24 -41.61
CA LEU A 125 -2.23 -24.49 -40.38
C LEU A 125 -2.25 -22.98 -40.62
N GLN A 126 -1.64 -22.50 -41.71
CA GLN A 126 -1.79 -21.10 -42.06
C GLN A 126 -3.26 -20.74 -42.26
N TYR A 127 -4.07 -21.70 -42.67
CA TYR A 127 -5.51 -21.57 -42.71
C TYR A 127 -6.12 -22.32 -41.52
N GLY A 128 -7.39 -22.06 -41.25
CA GLY A 128 -8.04 -22.73 -40.15
C GLY A 128 -8.35 -24.18 -40.47
N LEU A 129 -7.31 -24.98 -40.64
CA LEU A 129 -7.42 -26.35 -41.14
C LEU A 129 -6.65 -27.32 -40.24
N ILE A 130 -6.90 -27.24 -38.94
CA ILE A 130 -6.20 -28.12 -38.00
C ILE A 130 -6.48 -29.58 -38.31
N ASP A 131 -7.75 -29.91 -38.60
CA ASP A 131 -8.11 -31.29 -38.87
C ASP A 131 -7.42 -31.82 -40.13
N GLU A 132 -7.34 -30.99 -41.18
CA GLU A 132 -6.66 -31.41 -42.40
C GLU A 132 -5.17 -31.67 -42.15
N SER A 133 -4.52 -30.81 -41.38
CA SER A 133 -3.10 -30.97 -41.11
C SER A 133 -2.81 -32.20 -40.26
N TYR A 134 -3.83 -32.79 -39.64
CA TYR A 134 -3.67 -34.05 -38.93
C TYR A 134 -4.13 -35.25 -39.74
N LYS A 135 -5.03 -35.06 -40.70
CA LYS A 135 -5.38 -36.12 -41.64
C LYS A 135 -4.36 -36.25 -42.76
N LEU A 136 -3.42 -35.31 -42.86
CA LEU A 136 -2.31 -35.47 -43.80
C LEU A 136 -1.30 -36.49 -43.29
N ASP A 137 -1.24 -36.68 -41.96
CA ASP A 137 -0.27 -37.62 -41.40
C ASP A 137 -0.57 -39.06 -41.79
N GLU A 138 -1.83 -39.39 -42.02
CA GLU A 138 -2.21 -40.75 -42.35
C GLU A 138 -2.08 -41.07 -43.84
N ILE A 139 -1.34 -40.25 -44.58
CA ILE A 139 -1.04 -40.53 -45.98
C ILE A 139 0.35 -41.15 -46.13
N THR A 140 0.86 -41.78 -45.06
CA THR A 140 2.16 -42.44 -45.12
C THR A 140 2.18 -43.47 -46.24
N LEU A 141 3.23 -43.42 -47.05
CA LEU A 141 3.36 -44.31 -48.21
C LEU A 141 3.42 -45.76 -47.76
N GLY A 142 2.42 -46.56 -48.15
CA GLY A 142 1.30 -46.06 -48.95
C GLY A 142 1.47 -46.24 -50.44
N SER A 143 0.59 -45.67 -51.28
CA SER A 143 -0.60 -44.88 -50.95
C SER A 143 -0.31 -43.64 -50.08
N SER A 174 12.99 -46.11 -54.79
CA SER A 174 12.62 -45.45 -53.55
C SER A 174 12.42 -43.96 -53.77
N SER A 175 13.33 -43.34 -54.55
CA SER A 175 13.24 -41.91 -54.81
C SER A 175 11.98 -41.56 -55.59
N THR A 176 11.62 -42.38 -56.58
CA THR A 176 10.39 -42.14 -57.32
C THR A 176 9.17 -42.26 -56.42
N LEU A 177 9.17 -43.25 -55.53
CA LEU A 177 8.07 -43.40 -54.57
C LEU A 177 7.96 -42.18 -53.67
N LEU A 178 9.10 -41.67 -53.18
CA LEU A 178 9.07 -40.49 -52.32
C LEU A 178 8.57 -39.26 -53.08
N ASN A 179 8.99 -39.11 -54.34
CA ASN A 179 8.51 -37.98 -55.14
C ASN A 179 7.01 -38.08 -55.37
N GLU A 180 6.50 -39.27 -55.66
CA GLU A 180 5.05 -39.44 -55.82
C GLU A 180 4.32 -39.16 -54.53
N LEU A 181 4.87 -39.59 -53.40
CA LEU A 181 4.26 -39.31 -52.10
C LEU A 181 4.19 -37.81 -51.82
N LYS A 182 5.28 -37.10 -52.11
CA LYS A 182 5.28 -35.66 -51.91
C LYS A 182 4.28 -34.96 -52.83
N SER A 183 4.16 -35.43 -54.08
CA SER A 183 3.16 -34.87 -54.97
C SER A 183 1.75 -35.13 -54.46
N LYS A 184 1.50 -36.33 -53.93
CA LYS A 184 0.19 -36.64 -53.36
C LYS A 184 -0.12 -35.71 -52.20
N ARG A 185 0.85 -35.50 -51.30
CA ARG A 185 0.63 -34.61 -50.16
C ARG A 185 0.37 -33.19 -50.62
N SER A 186 1.12 -32.71 -51.61
CA SER A 186 0.91 -31.35 -52.10
C SER A 186 -0.48 -31.19 -52.71
N GLU A 187 -0.92 -32.17 -53.50
CA GLU A 187 -2.25 -32.07 -54.10
C GLU A 187 -3.35 -32.18 -53.05
N TYR A 188 -3.14 -33.01 -52.03
CA TYR A 188 -4.11 -33.09 -50.93
C TYR A 188 -4.22 -31.75 -50.21
N VAL A 189 -3.09 -31.09 -49.94
CA VAL A 189 -3.12 -29.79 -49.30
C VAL A 189 -3.84 -28.78 -50.17
N ASP A 190 -3.54 -28.77 -51.47
CA ASP A 190 -4.17 -27.81 -52.37
C ASP A 190 -5.68 -28.03 -52.43
N MET A 191 -6.12 -29.28 -52.51
CA MET A 191 -7.55 -29.56 -52.56
C MET A 191 -8.24 -29.19 -51.26
N ALA A 192 -7.61 -29.49 -50.12
CA ALA A 192 -8.20 -29.13 -48.84
C ALA A 192 -8.34 -27.61 -48.70
N ILE A 193 -7.31 -26.87 -49.11
CA ILE A 193 -7.37 -25.42 -49.03
C ILE A 193 -8.42 -24.85 -49.96
N ALA A 194 -8.54 -25.40 -51.17
CA ALA A 194 -9.55 -24.94 -52.11
C ALA A 194 -10.96 -25.22 -51.56
N LYS A 195 -11.16 -26.40 -50.96
CA LYS A 195 -12.45 -26.71 -50.36
C LYS A 195 -12.78 -25.76 -49.22
N ALA A 196 -11.79 -25.48 -48.36
CA ALA A 196 -12.02 -24.55 -47.26
C ALA A 196 -12.37 -23.16 -47.76
N LEU A 197 -11.67 -22.70 -48.81
CA LEU A 197 -11.95 -21.38 -49.35
C LEU A 197 -13.33 -21.33 -50.01
N SER A 198 -13.74 -22.43 -50.66
CA SER A 198 -15.04 -22.45 -51.32
C SER A 198 -16.18 -22.51 -50.31
N ASP A 199 -16.06 -23.35 -49.29
CA ASP A 199 -17.18 -23.56 -48.37
C ASP A 199 -17.26 -22.49 -47.28
N GLY A 200 -16.30 -21.57 -47.22
CA GLY A 200 -16.40 -20.40 -46.36
C GLY A 200 -15.63 -20.46 -45.07
N ARG A 201 -15.03 -21.61 -44.73
CA ARG A 201 -14.33 -21.73 -43.45
C ARG A 201 -13.09 -20.84 -43.36
N THR A 202 -12.55 -20.39 -44.49
CA THR A 202 -11.36 -19.56 -44.49
C THR A 202 -11.31 -18.74 -45.76
N THR A 203 -10.86 -17.50 -45.64
CA THR A 203 -10.68 -16.62 -46.79
C THR A 203 -9.23 -16.72 -47.27
N GLU A 204 -8.86 -15.87 -48.23
CA GLU A 204 -7.50 -15.89 -48.77
C GLU A 204 -6.48 -15.32 -47.80
N ARG A 205 -6.91 -14.62 -46.76
CA ARG A 205 -6.00 -14.08 -45.75
C ARG A 205 -5.68 -15.08 -44.65
N GLY A 206 -6.34 -16.22 -44.61
CA GLY A 206 -6.13 -17.19 -43.57
C GLY A 206 -6.93 -16.90 -42.32
N SER A 207 -7.11 -17.94 -41.51
CA SER A 207 -7.89 -17.85 -40.27
C SER A 207 -6.98 -18.17 -39.11
N PHE A 208 -6.49 -17.13 -38.44
CA PHE A 208 -5.53 -17.25 -37.34
C PHE A 208 -6.24 -16.95 -36.03
N THR A 209 -6.41 -17.98 -35.21
CA THR A 209 -7.00 -17.85 -33.87
C THR A 209 -6.03 -18.41 -32.84
N ALA A 210 -6.47 -18.44 -31.58
CA ALA A 210 -5.60 -18.88 -30.50
C ALA A 210 -5.24 -20.36 -30.62
N THR A 211 -6.20 -21.20 -31.00
CA THR A 211 -5.91 -22.64 -31.07
C THR A 211 -5.06 -22.97 -32.28
N VAL A 212 -5.29 -22.29 -33.41
CA VAL A 212 -4.41 -22.51 -34.57
C VAL A 212 -3.02 -21.97 -34.26
N ASN A 213 -2.93 -20.91 -33.47
CA ASN A 213 -1.62 -20.41 -33.02
C ASN A 213 -0.92 -21.43 -32.14
N ASP A 214 -1.66 -22.06 -31.23
CA ASP A 214 -1.09 -23.11 -30.39
C ASP A 214 -0.58 -24.26 -31.25
N GLU A 215 -1.38 -24.68 -32.23
CA GLU A 215 -0.96 -25.78 -33.10
C GLU A 215 0.28 -25.41 -33.91
N ARG A 216 0.32 -24.19 -34.44
CA ARG A 216 1.48 -23.76 -35.22
C ARG A 216 2.73 -23.69 -34.35
N LYS A 217 2.61 -23.14 -33.14
CA LYS A 217 3.77 -23.08 -32.25
C LYS A 217 4.27 -24.46 -31.88
N LYS A 218 3.35 -25.38 -31.57
CA LYS A 218 3.75 -26.75 -31.25
C LYS A 218 4.44 -27.41 -32.44
N LEU A 219 3.91 -27.21 -33.64
CA LEU A 219 4.49 -27.82 -34.82
C LEU A 219 5.88 -27.26 -35.11
N VAL A 220 6.05 -25.93 -34.99
CA VAL A 220 7.36 -25.34 -35.25
C VAL A 220 8.37 -25.77 -34.19
N HIS A 221 7.93 -25.84 -32.93
CA HIS A 221 8.83 -26.32 -31.88
C HIS A 221 9.27 -27.75 -32.14
N GLU A 222 8.34 -28.62 -32.52
CA GLU A 222 8.71 -30.00 -32.82
C GLU A 222 9.59 -30.09 -34.06
N PHE A 223 9.35 -29.24 -35.05
CA PHE A 223 10.19 -29.21 -36.24
C PHE A 223 11.63 -28.86 -35.88
N HIS A 224 11.81 -27.82 -35.06
CA HIS A 224 13.16 -27.44 -34.66
C HIS A 224 13.82 -28.53 -33.81
N LYS A 225 13.06 -29.12 -32.88
CA LYS A 225 13.62 -30.17 -32.04
C LYS A 225 14.02 -31.38 -32.87
N LYS A 226 13.22 -31.73 -33.88
CA LYS A 226 13.57 -32.82 -34.78
C LYS A 226 14.82 -32.49 -35.58
N LEU A 227 14.93 -31.25 -36.05
CA LEU A 227 16.13 -30.84 -36.78
C LEU A 227 17.38 -31.00 -35.94
N LEU A 228 17.36 -30.43 -34.73
CA LEU A 228 18.58 -30.39 -33.91
C LEU A 228 19.01 -31.77 -33.42
N SER A 229 18.12 -32.75 -33.42
CA SER A 229 18.46 -34.09 -32.97
C SER A 229 18.82 -35.00 -34.16
N ARG A 230 19.84 -34.58 -34.90
CA ARG A 230 20.33 -35.32 -36.04
C ARG A 230 21.85 -35.39 -36.00
N GLY A 231 22.39 -36.53 -36.43
CA GLY A 231 23.82 -36.75 -36.43
C GLY A 231 24.46 -36.76 -37.80
N LYS A 232 23.76 -37.28 -38.80
CA LYS A 232 24.31 -37.42 -40.14
C LYS A 232 23.28 -36.95 -41.15
N CYS A 233 23.76 -36.23 -42.17
CA CYS A 233 22.85 -35.73 -43.20
C CYS A 233 22.19 -36.89 -43.94
N ASP A 234 20.94 -36.69 -44.33
CA ASP A 234 20.13 -37.76 -44.92
C ASP A 234 20.01 -37.66 -46.43
N ASN A 235 20.09 -36.46 -47.00
CA ASN A 235 20.12 -36.35 -48.46
C ASN A 235 21.45 -36.85 -49.01
N CYS A 236 22.53 -36.66 -48.26
CA CYS A 236 23.85 -37.16 -48.62
C CYS A 236 24.60 -37.39 -47.33
N GLY A 237 24.99 -38.63 -47.05
CA GLY A 237 25.49 -38.96 -45.72
C GLY A 237 26.84 -38.35 -45.43
N MET A 238 26.93 -37.03 -45.53
CA MET A 238 28.15 -36.28 -45.32
C MET A 238 28.10 -35.67 -43.93
N PHE A 239 28.90 -36.21 -43.01
CA PHE A 239 28.98 -35.66 -41.67
C PHE A 239 29.45 -34.21 -41.72
N SER A 240 28.76 -33.34 -40.97
CA SER A 240 29.14 -31.95 -40.88
C SER A 240 29.74 -31.66 -39.51
N PRO A 241 30.69 -30.73 -39.42
CA PRO A 241 31.27 -30.38 -38.12
C PRO A 241 30.24 -29.75 -37.20
N LYS A 242 30.42 -30.00 -35.91
CA LYS A 242 29.52 -29.48 -34.88
C LYS A 242 29.74 -27.99 -34.70
N PHE A 243 29.05 -27.41 -33.73
CA PHE A 243 29.25 -26.02 -33.35
C PHE A 243 29.12 -25.90 -31.83
N ARG A 244 29.75 -24.87 -31.29
CA ARG A 244 29.71 -24.61 -29.85
C ARG A 244 29.40 -23.14 -29.61
N LYS A 245 28.88 -22.86 -28.42
CA LYS A 245 28.39 -21.52 -28.07
C LYS A 245 29.03 -21.07 -26.77
N ASP A 246 29.40 -19.80 -26.72
CA ASP A 246 30.02 -19.18 -25.54
C ASP A 246 29.40 -17.82 -25.27
N GLY A 247 28.09 -17.71 -25.38
CA GLY A 247 27.41 -16.45 -25.18
C GLY A 247 26.91 -15.84 -26.46
N PHE A 248 27.56 -14.77 -26.91
CA PHE A 248 27.21 -14.10 -28.15
C PHE A 248 28.47 -13.62 -28.84
N THR A 249 28.32 -13.15 -30.08
CA THR A 249 29.38 -12.58 -30.89
C THR A 249 30.42 -13.61 -31.30
N LYS A 250 30.28 -14.84 -30.80
CA LYS A 250 31.30 -15.87 -30.97
C LYS A 250 30.63 -17.19 -31.31
N ILE A 251 30.97 -17.76 -32.46
CA ILE A 251 30.51 -19.09 -32.85
C ILE A 251 31.71 -19.87 -33.38
N PHE A 252 31.93 -21.05 -32.83
CA PHE A 252 33.08 -21.88 -33.17
C PHE A 252 32.59 -23.27 -33.58
N GLU A 253 33.38 -23.94 -34.42
CA GLU A 253 33.08 -25.28 -34.89
C GLU A 253 34.17 -26.24 -34.46
N THR A 254 33.78 -27.49 -34.20
CA THR A 254 34.70 -28.53 -33.78
C THR A 254 34.93 -29.53 -34.90
N ALA A 255 36.11 -30.13 -34.92
CA ALA A 255 36.48 -31.08 -35.95
C ALA A 255 36.00 -32.48 -35.62
N LEU A 256 35.78 -33.28 -36.66
CA LEU A 256 35.29 -34.63 -36.49
C LEU A 256 36.37 -35.54 -35.90
N ASN A 257 35.93 -36.62 -35.26
CA ASN A 257 36.84 -37.56 -34.63
C ASN A 257 37.42 -38.53 -35.65
N GLU A 258 38.40 -39.32 -35.20
CA GLU A 258 39.07 -40.26 -36.09
C GLU A 258 38.11 -41.34 -36.58
N LYS A 259 37.23 -41.83 -35.70
CA LYS A 259 36.24 -42.81 -36.13
C LYS A 259 35.14 -42.14 -36.95
N GLN A 260 34.89 -40.86 -36.71
CA GLN A 260 33.88 -40.15 -37.49
C GLN A 260 34.36 -39.86 -38.91
N ILE A 261 35.63 -39.44 -39.05
CA ILE A 261 36.18 -39.21 -40.38
C ILE A 261 36.39 -40.49 -41.15
N THR A 262 36.31 -41.65 -40.49
CA THR A 262 36.34 -42.92 -41.21
C THR A 262 35.19 -43.01 -42.20
N ASN A 263 33.99 -42.61 -41.78
CA ASN A 263 32.88 -42.49 -42.73
C ASN A 263 33.13 -41.35 -43.71
N ASN A 264 33.83 -40.30 -43.28
CA ASN A 264 34.22 -39.24 -44.19
C ASN A 264 35.34 -39.68 -45.13
N ARG A 265 36.10 -40.71 -44.78
CA ARG A 265 37.07 -41.27 -45.68
C ARG A 265 36.47 -42.25 -46.68
N VAL A 266 35.19 -42.59 -46.52
CA VAL A 266 34.48 -43.42 -47.48
C VAL A 266 33.47 -42.62 -48.30
N LYS A 267 32.94 -41.52 -47.76
CA LYS A 267 31.98 -40.71 -48.50
C LYS A 267 32.56 -40.14 -49.78
N GLY A 268 33.89 -40.01 -49.87
CA GLY A 268 34.53 -39.48 -51.06
C GLY A 268 34.44 -40.38 -52.26
N SER A 312 36.96 -24.88 -31.31
CA SER A 312 38.28 -24.80 -31.92
C SER A 312 38.37 -23.67 -32.94
N THR A 313 38.05 -23.98 -34.20
CA THR A 313 38.14 -23.00 -35.26
C THR A 313 37.11 -21.89 -35.05
N TYR A 314 37.53 -20.65 -35.32
CA TYR A 314 36.64 -19.50 -35.25
C TYR A 314 36.07 -19.26 -36.65
N ILE A 315 34.76 -19.46 -36.81
CA ILE A 315 34.12 -19.18 -38.08
C ILE A 315 33.81 -17.69 -38.18
N LEU A 316 33.68 -17.21 -39.40
CA LEU A 316 33.50 -15.79 -39.66
C LEU A 316 32.03 -15.45 -39.89
N SER A 317 31.70 -14.19 -39.65
CA SER A 317 30.35 -13.71 -39.91
C SER A 317 29.96 -13.91 -41.36
N THR A 318 30.85 -13.57 -42.30
CA THR A 318 30.55 -13.76 -43.71
C THR A 318 30.43 -15.24 -44.05
N GLU A 319 31.25 -16.08 -43.43
CA GLU A 319 31.16 -17.52 -43.69
C GLU A 319 29.80 -18.08 -43.27
N VAL A 320 29.39 -17.80 -42.04
CA VAL A 320 28.11 -18.31 -41.58
C VAL A 320 26.95 -17.67 -42.36
N LYS A 321 27.10 -16.40 -42.75
CA LYS A 321 26.07 -15.77 -43.57
C LYS A 321 25.93 -16.48 -44.91
N ASN A 322 27.06 -16.83 -45.54
CA ASN A 322 26.99 -17.55 -46.81
C ASN A 322 26.37 -18.93 -46.63
N ILE A 323 26.75 -19.63 -45.56
CA ILE A 323 26.18 -20.96 -45.31
C ILE A 323 24.67 -20.87 -45.18
N LEU A 324 24.19 -19.98 -44.32
CA LEU A 324 22.76 -19.89 -44.08
C LEU A 324 22.02 -19.30 -45.28
N ASP A 325 22.69 -18.44 -46.06
CA ASP A 325 22.08 -17.95 -47.29
C ASP A 325 21.83 -19.09 -48.27
N THR A 326 22.83 -19.95 -48.45
CA THR A 326 22.65 -21.10 -49.34
C THR A 326 21.54 -22.01 -48.83
N VAL A 327 21.55 -22.31 -47.53
CA VAL A 327 20.54 -23.20 -46.97
C VAL A 327 19.15 -22.61 -47.14
N PHE A 328 19.00 -21.32 -46.88
CA PHE A 328 17.68 -20.68 -46.96
C PHE A 328 17.20 -20.59 -48.40
N ARG A 329 18.09 -20.24 -49.34
CA ARG A 329 17.65 -20.16 -50.73
C ARG A 329 17.39 -21.54 -51.32
N LYS A 330 17.89 -22.60 -50.68
CA LYS A 330 17.50 -23.93 -51.11
C LYS A 330 16.20 -24.41 -50.49
N GLU A 331 15.95 -24.06 -49.22
CA GLU A 331 14.78 -24.55 -48.50
C GLU A 331 13.71 -23.47 -48.29
N GLN A 332 13.68 -22.49 -49.18
CA GLN A 332 12.56 -21.54 -49.27
C GLN A 332 11.20 -22.22 -49.12
N CYS A 333 11.05 -23.44 -49.67
CA CYS A 333 9.77 -24.12 -49.63
C CYS A 333 9.26 -24.28 -48.20
N VAL A 334 10.10 -24.81 -47.31
CA VAL A 334 9.66 -24.96 -45.92
C VAL A 334 9.77 -23.64 -45.17
N LEU A 335 10.69 -22.75 -45.56
CA LEU A 335 10.89 -21.55 -44.78
C LEU A 335 9.75 -20.55 -44.93
N GLN A 336 9.13 -20.50 -46.12
CA GLN A 336 7.99 -19.61 -46.33
C GLN A 336 6.85 -19.91 -45.38
N TYR A 337 6.81 -21.12 -44.82
CA TYR A 337 5.78 -21.52 -43.87
C TYR A 337 6.28 -21.57 -42.44
N VAL A 338 7.58 -21.81 -42.23
CA VAL A 338 8.12 -21.75 -40.88
C VAL A 338 8.15 -20.31 -40.37
N PHE A 339 8.47 -19.36 -41.25
CA PHE A 339 8.55 -17.96 -40.88
C PHE A 339 7.29 -17.20 -41.25
N HIS A 340 6.13 -17.84 -41.16
CA HIS A 340 4.86 -17.17 -41.44
C HIS A 340 3.75 -17.84 -40.65
N SER A 341 2.84 -17.03 -40.14
CA SER A 341 1.63 -17.53 -39.48
C SER A 341 0.38 -17.33 -40.33
N ARG A 342 0.42 -16.41 -41.28
CA ARG A 342 -0.65 -16.19 -42.25
C ARG A 342 -0.05 -16.14 -43.65
N PRO A 343 -0.81 -16.52 -44.66
CA PRO A 343 -0.27 -16.52 -46.03
C PRO A 343 0.17 -15.13 -46.45
N ASN A 344 1.29 -15.08 -47.18
CA ASN A 344 1.89 -13.83 -47.64
C ASN A 344 1.45 -13.57 -49.08
N LEU A 345 0.79 -12.44 -49.30
CA LEU A 345 0.26 -12.14 -50.63
C LEU A 345 1.37 -11.85 -51.63
N SER A 346 2.35 -11.03 -51.25
CA SER A 346 3.40 -10.63 -52.17
C SER A 346 4.38 -11.76 -52.48
N ARG A 347 4.33 -12.86 -51.73
CA ARG A 347 5.21 -14.01 -51.95
C ARG A 347 6.68 -13.62 -51.89
N LYS A 348 7.01 -12.72 -50.97
CA LYS A 348 8.40 -12.29 -50.82
C LYS A 348 9.23 -13.43 -50.24
N LEU A 349 10.37 -13.70 -50.87
CA LEU A 349 11.23 -14.78 -50.44
C LEU A 349 11.86 -14.45 -49.10
N VAL A 350 11.86 -15.42 -48.19
CA VAL A 350 12.51 -15.27 -46.90
C VAL A 350 14.01 -15.43 -47.11
N LYS A 351 14.78 -14.41 -46.74
CA LYS A 351 16.21 -14.36 -47.02
C LYS A 351 16.98 -14.38 -45.71
N ALA A 352 18.20 -14.92 -45.77
CA ALA A 352 19.05 -15.00 -44.59
C ALA A 352 19.74 -13.68 -44.27
N ASP A 353 19.73 -12.71 -45.18
CA ASP A 353 20.29 -11.40 -44.89
C ASP A 353 19.48 -10.64 -43.84
N SER A 354 18.27 -11.09 -43.54
CA SER A 354 17.45 -10.45 -42.52
C SER A 354 17.92 -10.77 -41.12
N PHE A 355 18.73 -11.82 -40.95
CA PHE A 355 19.24 -12.21 -39.64
C PHE A 355 20.55 -11.51 -39.29
N PHE A 356 21.14 -10.77 -40.22
CA PHE A 356 22.42 -10.11 -40.00
C PHE A 356 22.26 -8.61 -40.12
N MET A 357 22.97 -7.87 -39.28
CA MET A 357 22.95 -6.41 -39.29
C MET A 357 24.23 -5.93 -39.97
N ASP A 358 24.12 -5.61 -41.26
CA ASP A 358 25.20 -4.94 -41.96
C ASP A 358 25.05 -3.43 -41.94
N VAL A 359 23.91 -2.92 -41.47
CA VAL A 359 23.66 -1.49 -41.34
C VAL A 359 22.94 -1.27 -40.03
N LEU A 360 23.36 -0.24 -39.28
CA LEU A 360 22.67 0.19 -38.08
C LEU A 360 21.95 1.50 -38.35
N VAL A 361 20.68 1.57 -37.96
CA VAL A 361 19.87 2.77 -38.13
C VAL A 361 19.95 3.58 -36.84
N VAL A 362 20.32 4.84 -36.95
CA VAL A 362 20.48 5.70 -35.78
C VAL A 362 19.20 6.52 -35.59
N PRO A 363 18.66 6.58 -34.38
CA PRO A 363 17.46 7.37 -34.14
C PRO A 363 17.73 8.85 -34.36
N PRO A 364 16.71 9.64 -34.68
CA PRO A 364 16.94 11.04 -35.02
C PRO A 364 17.44 11.86 -33.85
N THR A 365 17.96 13.05 -34.19
CA THR A 365 18.45 13.98 -33.17
C THR A 365 17.36 14.35 -32.18
N ARG A 366 16.10 14.40 -32.63
CA ARG A 366 15.00 14.72 -31.74
C ARG A 366 14.91 13.70 -30.60
N PHE A 367 15.09 12.42 -30.93
CA PHE A 367 15.06 11.36 -29.93
C PHE A 367 16.43 11.08 -29.32
N ARG A 368 17.47 11.79 -29.73
CA ARG A 368 18.77 11.65 -29.09
C ARG A 368 19.35 13.00 -28.69
N LEU A 369 18.50 13.95 -28.30
CA LEU A 369 18.96 15.23 -27.82
C LEU A 369 19.76 15.07 -26.54
N PRO A 370 20.73 15.95 -26.28
CA PRO A 370 21.56 15.81 -25.07
C PRO A 370 20.76 16.01 -23.79
N SER A 371 21.17 15.29 -22.75
CA SER A 371 20.51 15.38 -21.44
C SER A 371 21.22 16.46 -20.63
N LYS A 372 20.71 17.68 -20.72
CA LYS A 372 21.31 18.84 -20.09
C LYS A 372 20.55 19.20 -18.81
N LEU A 373 21.29 19.29 -17.70
CA LEU A 373 20.73 19.64 -16.39
C LEU A 373 21.51 20.83 -15.86
N GLY A 374 21.10 22.04 -16.27
CA GLY A 374 21.84 23.23 -15.89
C GLY A 374 23.25 23.17 -16.43
N GLU A 375 24.23 23.35 -15.54
CA GLU A 375 25.63 23.22 -15.92
C GLU A 375 26.08 21.77 -16.03
N GLU A 376 25.25 20.82 -15.61
CA GLU A 376 25.59 19.40 -15.67
C GLU A 376 25.21 18.87 -17.04
N VAL A 377 26.09 19.06 -18.01
CA VAL A 377 25.88 18.59 -19.37
C VAL A 377 26.38 17.16 -19.48
N HIS A 378 25.55 16.29 -20.03
CA HIS A 378 25.88 14.87 -20.17
C HIS A 378 25.59 14.41 -21.59
N GLU A 379 26.44 13.53 -22.10
CA GLU A 379 26.24 12.95 -23.42
C GLU A 379 25.21 11.83 -23.34
N ASN A 380 24.40 11.70 -24.38
CA ASN A 380 23.40 10.65 -24.44
C ASN A 380 24.06 9.28 -24.52
N SER A 381 23.52 8.32 -23.78
CA SER A 381 24.10 6.98 -23.74
C SER A 381 24.05 6.30 -25.11
N GLN A 382 22.97 6.53 -25.86
CA GLN A 382 22.92 6.02 -27.22
C GLN A 382 24.03 6.62 -28.07
N ASN A 383 24.31 7.92 -27.89
CA ASN A 383 25.42 8.54 -28.61
C ASN A 383 26.74 7.91 -28.19
N GLN A 384 26.90 7.59 -26.92
CA GLN A 384 28.12 6.94 -26.46
C GLN A 384 28.32 5.59 -27.15
N LEU A 385 27.29 4.76 -27.16
CA LEU A 385 27.41 3.44 -27.76
C LEU A 385 27.60 3.52 -29.27
N LEU A 386 26.89 4.44 -29.93
CA LEU A 386 27.07 4.62 -31.37
C LEU A 386 28.47 5.12 -31.69
N SER A 387 29.02 6.00 -30.85
CA SER A 387 30.39 6.46 -31.07
C SER A 387 31.38 5.33 -30.89
N LYS A 388 31.15 4.44 -29.93
CA LYS A 388 32.04 3.28 -29.79
C LYS A 388 31.97 2.39 -31.03
N VAL A 389 30.77 2.16 -31.54
CA VAL A 389 30.62 1.39 -32.78
C VAL A 389 31.35 2.07 -33.92
N LEU A 390 31.25 3.40 -34.01
CA LEU A 390 31.92 4.13 -35.07
C LEU A 390 33.44 4.03 -34.95
N THR A 391 33.96 4.12 -33.72
CA THR A 391 35.40 3.99 -33.52
C THR A 391 35.87 2.62 -34.00
N THR A 392 35.15 1.56 -33.62
CA THR A 392 35.58 0.23 -34.03
C THR A 392 35.45 0.06 -35.55
N SER A 393 34.41 0.63 -36.15
CA SER A 393 34.23 0.53 -37.60
C SER A 393 35.35 1.25 -38.35
N LEU A 394 35.70 2.47 -37.93
CA LEU A 394 36.80 3.18 -38.56
C LEU A 394 38.13 2.48 -38.33
N LEU A 395 38.31 1.89 -37.15
CA LEU A 395 39.53 1.13 -36.90
C LEU A 395 39.63 -0.07 -37.83
N ILE A 396 38.52 -0.77 -38.05
CA ILE A 396 38.51 -1.89 -38.98
C ILE A 396 38.81 -1.42 -40.40
N ARG A 397 38.20 -0.30 -40.81
CA ARG A 397 38.45 0.21 -42.15
C ARG A 397 39.93 0.56 -42.35
N ASP A 398 40.54 1.21 -41.35
CA ASP A 398 41.97 1.52 -41.43
C ASP A 398 42.81 0.25 -41.43
N LEU A 399 42.43 -0.75 -40.63
CA LEU A 399 43.11 -2.03 -40.62
C LEU A 399 42.95 -2.77 -41.94
N ASN A 400 41.94 -2.41 -42.74
CA ASN A 400 41.72 -3.04 -44.03
C ASN A 400 42.61 -2.47 -45.13
N ASP A 401 43.32 -1.38 -44.87
CA ASP A 401 44.22 -0.77 -45.83
C ASP A 401 45.68 -1.16 -45.63
N ASP A 402 46.15 -1.23 -44.39
CA ASP A 402 47.52 -1.66 -44.15
C ASP A 402 47.67 -3.17 -44.31
N LEU A 403 46.60 -3.93 -44.05
CA LEU A 403 46.62 -5.35 -44.35
C LEU A 403 46.73 -5.59 -45.86
N SER A 404 46.22 -4.67 -46.66
CA SER A 404 46.41 -4.76 -48.11
C SER A 404 47.87 -4.62 -48.49
N LYS A 405 48.64 -3.84 -47.74
CA LYS A 405 50.08 -3.72 -48.00
C LYS A 405 50.78 -5.05 -47.77
N LEU A 406 50.42 -5.76 -46.71
CA LEU A 406 51.01 -7.05 -46.39
C LEU A 406 50.37 -8.20 -47.17
N GLN A 407 49.60 -7.90 -48.22
CA GLN A 407 49.07 -8.89 -49.13
C GLN A 407 49.45 -8.64 -50.58
N LYS A 408 49.46 -7.38 -51.02
CA LYS A 408 49.93 -7.07 -52.36
C LYS A 408 51.45 -7.20 -52.47
N ASP A 409 52.17 -6.66 -51.49
CA ASP A 409 53.62 -6.79 -51.45
C ASP A 409 53.99 -8.14 -50.86
N LYS A 410 55.06 -8.74 -51.41
CA LYS A 410 55.49 -10.07 -50.98
C LYS A 410 56.32 -9.92 -49.69
N VAL A 411 55.60 -9.67 -48.60
CA VAL A 411 56.19 -9.51 -47.29
C VAL A 411 56.03 -10.81 -46.52
N SER A 412 56.81 -10.96 -45.45
CA SER A 412 56.72 -12.13 -44.59
C SER A 412 55.33 -12.19 -43.94
N LEU A 413 55.05 -13.34 -43.33
CA LEU A 413 53.73 -13.60 -42.78
C LEU A 413 53.60 -13.24 -41.30
N GLU A 414 54.71 -13.06 -40.58
CA GLU A 414 54.61 -12.77 -39.15
C GLU A 414 53.90 -11.45 -38.91
N ASP A 415 54.33 -10.38 -39.58
CA ASP A 415 53.61 -9.11 -39.50
C ASP A 415 52.19 -9.26 -40.06
N ARG A 416 52.04 -10.02 -41.14
CA ARG A 416 50.71 -10.28 -41.67
C ARG A 416 49.87 -11.08 -40.68
N ARG A 417 50.48 -12.04 -39.97
CA ARG A 417 49.75 -12.78 -38.95
C ARG A 417 49.30 -11.86 -37.83
N VAL A 418 50.15 -10.93 -37.40
CA VAL A 418 49.78 -9.97 -36.36
C VAL A 418 48.63 -9.09 -36.84
N ILE A 419 48.71 -8.60 -38.08
CA ILE A 419 47.65 -7.73 -38.59
C ILE A 419 46.35 -8.50 -38.74
N PHE A 420 46.41 -9.79 -39.09
CA PHE A 420 45.19 -10.58 -39.23
C PHE A 420 44.57 -10.90 -37.87
N SER A 421 45.40 -11.20 -36.87
CA SER A 421 44.88 -11.40 -35.52
C SER A 421 44.25 -10.12 -34.98
N ARG A 422 44.87 -8.97 -35.27
CA ARG A 422 44.29 -7.70 -34.88
C ARG A 422 42.94 -7.47 -35.58
N LEU A 423 42.85 -7.84 -36.86
CA LEU A 423 41.58 -7.69 -37.57
C LEU A 423 40.50 -8.58 -36.98
N MET A 424 40.85 -9.81 -36.61
CA MET A 424 39.86 -10.70 -35.98
C MET A 424 39.42 -10.15 -34.63
N ASN A 425 40.36 -9.64 -33.83
CA ASN A 425 40.00 -9.01 -32.56
C ASN A 425 39.08 -7.82 -32.80
N ALA A 426 39.33 -7.04 -33.85
CA ALA A 426 38.48 -5.90 -34.15
C ALA A 426 37.10 -6.34 -34.62
N PHE A 427 37.01 -7.46 -35.33
CA PHE A 427 35.70 -8.00 -35.69
C PHE A 427 34.91 -8.36 -34.43
N VAL A 428 35.56 -9.04 -33.49
CA VAL A 428 34.89 -9.36 -32.24
C VAL A 428 34.49 -8.09 -31.49
N THR A 429 35.35 -7.07 -31.53
CA THR A 429 35.06 -5.83 -30.83
C THR A 429 33.86 -5.10 -31.43
N ILE A 430 33.78 -5.03 -32.76
CA ILE A 430 32.65 -4.35 -33.39
C ILE A 430 31.37 -5.14 -33.16
N GLN A 431 31.46 -6.48 -33.15
CA GLN A 431 30.28 -7.28 -32.85
C GLN A 431 29.80 -7.01 -31.43
N ASN A 432 30.71 -6.94 -30.47
CA ASN A 432 30.32 -6.63 -29.10
C ASN A 432 29.80 -5.20 -28.97
N ASP A 433 30.32 -4.27 -29.77
CA ASP A 433 29.81 -2.90 -29.73
C ASP A 433 28.38 -2.84 -30.26
N VAL A 434 28.08 -3.58 -31.33
CA VAL A 434 26.71 -3.65 -31.83
C VAL A 434 25.80 -4.31 -30.80
N ASN A 435 26.26 -5.41 -30.19
CA ASN A 435 25.48 -6.06 -29.16
C ASN A 435 25.27 -5.16 -27.95
N ALA A 436 26.20 -4.25 -27.69
CA ALA A 436 26.01 -3.28 -26.61
C ALA A 436 24.99 -2.21 -27.00
N PHE A 437 25.05 -1.74 -28.23
CA PHE A 437 24.09 -0.74 -28.70
C PHE A 437 22.67 -1.30 -28.72
N ILE A 438 22.52 -2.60 -28.94
CA ILE A 438 21.19 -3.20 -28.97
C ILE A 438 20.73 -3.65 -27.60
N ASP A 439 21.62 -4.31 -26.84
CA ASP A 439 21.27 -4.88 -25.54
C ASP A 439 22.40 -4.55 -24.56
N SER A 440 22.08 -4.63 -23.27
CA SER A 440 23.06 -4.34 -22.23
C SER A 440 23.38 -5.54 -21.35
N THR A 441 22.64 -6.64 -21.48
CA THR A 441 22.95 -7.86 -20.73
C THR A 441 23.88 -8.79 -21.49
N LYS A 442 24.16 -8.50 -22.76
CA LYS A 442 25.05 -9.33 -23.57
C LYS A 442 26.46 -8.77 -23.68
N ALA A 443 26.61 -7.45 -23.60
CA ALA A 443 27.91 -6.82 -23.70
C ALA A 443 28.78 -7.17 -22.50
N VAL A 451 25.80 -0.94 -13.85
CA VAL A 451 27.00 -0.33 -14.43
C VAL A 451 26.91 -0.17 -15.96
N PRO A 452 26.57 -1.24 -16.71
CA PRO A 452 26.55 -1.11 -18.17
C PRO A 452 25.55 -0.06 -18.63
N ILE A 453 25.89 0.62 -19.70
CA ILE A 453 25.00 1.63 -20.29
C ILE A 453 23.75 0.94 -20.81
N PRO A 454 22.55 1.44 -20.49
CA PRO A 454 21.32 0.82 -21.00
C PRO A 454 21.21 1.00 -22.52
N GLY A 455 21.07 -0.11 -23.23
CA GLY A 455 20.93 -0.08 -24.68
C GLY A 455 19.54 0.33 -25.11
N VAL A 456 19.14 -0.15 -26.28
CA VAL A 456 17.78 0.12 -26.75
C VAL A 456 16.81 -0.96 -26.29
N LYS A 457 17.30 -2.13 -25.88
CA LYS A 457 16.41 -3.17 -25.36
C LYS A 457 15.98 -2.87 -23.93
N GLN A 458 16.88 -2.29 -23.13
CA GLN A 458 16.55 -2.03 -21.73
C GLN A 458 15.58 -0.88 -21.55
N ALA A 459 15.48 0.01 -22.54
CA ALA A 459 14.50 1.08 -22.49
C ALA A 459 13.07 0.57 -22.62
N LEU A 460 12.89 -0.70 -22.97
CA LEU A 460 11.58 -1.28 -23.26
C LEU A 460 11.44 -2.65 -22.61
N GLU A 461 11.86 -2.77 -21.35
CA GLU A 461 11.96 -4.10 -20.76
C GLU A 461 11.05 -4.33 -19.57
N LYS A 462 11.11 -3.47 -18.57
CA LYS A 462 10.51 -3.78 -17.26
C LYS A 462 9.56 -2.66 -16.85
N LYS A 463 9.18 -2.67 -15.57
CA LYS A 463 8.24 -1.69 -15.04
C LYS A 463 8.64 -0.26 -15.39
N GLU A 464 9.94 0.03 -15.34
CA GLU A 464 10.44 1.33 -15.77
C GLU A 464 10.62 1.43 -17.28
N GLY A 465 10.38 0.36 -18.01
CA GLY A 465 10.54 0.36 -19.45
C GLY A 465 9.49 1.22 -20.14
N LEU A 466 9.63 1.33 -21.46
CA LEU A 466 8.78 2.22 -22.22
C LEU A 466 7.32 1.81 -22.14
N PHE A 467 7.05 0.50 -22.25
CA PHE A 467 5.67 0.03 -22.28
C PHE A 467 4.93 0.35 -20.98
N ARG A 468 5.36 -0.27 -19.89
CA ARG A 468 4.64 -0.18 -18.62
C ARG A 468 4.71 1.21 -17.98
N LYS A 469 5.58 2.09 -18.47
CA LYS A 469 5.73 3.40 -17.85
C LYS A 469 5.35 4.56 -18.75
N HIS A 470 5.10 4.31 -20.04
CA HIS A 470 4.71 5.40 -20.92
C HIS A 470 3.62 5.03 -21.92
N MET A 471 3.07 3.81 -21.86
CA MET A 471 1.94 3.48 -22.71
C MET A 471 0.80 2.89 -21.89
N MET A 472 1.14 2.12 -20.86
CA MET A 472 0.16 1.60 -19.92
C MET A 472 -0.04 2.49 -18.71
N GLY A 473 0.63 3.65 -18.68
CA GLY A 473 0.44 4.64 -17.64
C GLY A 473 1.15 5.92 -18.01
N LYS A 474 0.46 7.06 -17.93
CA LYS A 474 0.99 8.30 -18.45
C LYS A 474 0.71 9.45 -17.49
N ARG A 475 1.46 10.54 -17.69
CA ARG A 475 1.14 11.81 -17.07
C ARG A 475 0.11 12.54 -17.92
N VAL A 476 -0.77 13.28 -17.25
CA VAL A 476 -1.96 13.83 -17.89
C VAL A 476 -2.06 15.33 -17.60
N ASN A 477 -2.45 16.09 -18.62
CA ASN A 477 -2.89 17.46 -18.40
C ASN A 477 -4.25 17.46 -17.71
N TYR A 478 -4.66 18.64 -17.26
CA TYR A 478 -5.99 18.89 -16.72
C TYR A 478 -6.33 17.89 -15.61
N ALA A 479 -5.47 17.86 -14.60
CA ALA A 479 -5.67 17.01 -13.44
C ALA A 479 -5.10 17.72 -12.23
N ALA A 480 -5.50 17.28 -11.04
CA ALA A 480 -5.11 17.95 -9.82
C ALA A 480 -5.00 16.93 -8.69
N ARG A 481 -4.32 17.34 -7.63
CA ARG A 481 -4.14 16.49 -6.46
C ARG A 481 -4.07 17.37 -5.23
N SER A 482 -4.67 16.91 -4.14
CA SER A 482 -4.65 17.66 -2.89
C SER A 482 -5.06 16.73 -1.76
N VAL A 483 -4.99 17.25 -0.54
CA VAL A 483 -5.45 16.55 0.64
C VAL A 483 -6.97 16.66 0.70
N ILE A 484 -7.63 15.60 1.18
CA ILE A 484 -9.08 15.55 1.24
C ILE A 484 -9.54 15.85 2.66
N SER A 485 -10.54 16.70 2.78
CA SER A 485 -11.16 17.02 4.06
C SER A 485 -12.67 16.80 3.95
N PRO A 486 -13.31 16.38 5.03
CA PRO A 486 -14.74 16.04 4.95
C PRO A 486 -15.61 17.28 4.83
N ASP A 487 -16.81 17.06 4.30
CA ASP A 487 -17.83 18.11 4.21
C ASP A 487 -19.21 17.45 4.13
N PRO A 488 -20.06 17.63 5.15
CA PRO A 488 -21.41 17.06 5.09
C PRO A 488 -22.45 17.98 4.48
N ASN A 489 -22.12 19.24 4.22
CA ASN A 489 -23.04 20.17 3.59
C ASN A 489 -22.85 20.22 2.09
N ILE A 490 -22.38 19.12 1.50
CA ILE A 490 -22.25 18.98 0.06
C ILE A 490 -22.93 17.69 -0.34
N GLU A 491 -23.41 17.64 -1.58
CA GLU A 491 -24.19 16.49 -2.02
C GLU A 491 -23.33 15.24 -2.03
N THR A 492 -23.96 14.10 -1.72
CA THR A 492 -23.23 12.84 -1.63
C THR A 492 -22.63 12.43 -2.96
N ASN A 493 -23.11 13.00 -4.07
CA ASN A 493 -22.57 12.77 -5.39
C ASN A 493 -21.72 13.94 -5.89
N GLU A 494 -21.27 14.80 -4.98
CA GLU A 494 -20.55 16.01 -5.34
C GLU A 494 -19.15 15.99 -4.74
N ILE A 495 -18.31 16.89 -5.24
CA ILE A 495 -16.96 17.10 -4.75
C ILE A 495 -16.77 18.58 -4.48
N GLY A 496 -16.00 18.88 -3.43
CA GLY A 496 -15.69 20.26 -3.11
C GLY A 496 -14.34 20.68 -3.63
N VAL A 497 -14.31 21.57 -4.60
CA VAL A 497 -13.09 21.96 -5.30
C VAL A 497 -12.70 23.36 -4.85
N PRO A 498 -11.49 23.56 -4.35
CA PRO A 498 -11.07 24.89 -3.89
C PRO A 498 -10.98 25.87 -5.04
N PRO A 499 -11.01 27.18 -4.75
CA PRO A 499 -10.81 28.16 -5.83
C PRO A 499 -9.44 28.09 -6.46
N VAL A 500 -8.44 27.54 -5.77
CA VAL A 500 -7.11 27.42 -6.37
C VAL A 500 -7.15 26.45 -7.55
N PHE A 501 -7.88 25.34 -7.42
CA PHE A 501 -8.08 24.45 -8.55
C PHE A 501 -9.06 25.04 -9.55
N ALA A 502 -10.13 25.68 -9.07
CA ALA A 502 -11.21 26.12 -9.93
C ALA A 502 -10.78 27.20 -10.92
N VAL A 503 -9.67 27.88 -10.67
CA VAL A 503 -9.19 28.89 -11.61
C VAL A 503 -8.12 28.34 -12.57
N LYS A 504 -7.44 27.27 -12.21
CA LYS A 504 -6.42 26.69 -13.09
C LYS A 504 -7.02 25.66 -14.03
N LEU A 505 -7.79 24.72 -13.50
CA LEU A 505 -8.51 23.77 -14.35
C LEU A 505 -9.48 24.51 -15.24
N THR A 506 -9.63 24.02 -16.47
CA THR A 506 -10.48 24.69 -17.45
C THR A 506 -11.02 23.66 -18.43
N TYR A 507 -12.09 24.04 -19.12
CA TYR A 507 -12.78 23.18 -20.05
C TYR A 507 -13.03 23.93 -21.35
N PRO A 508 -12.78 23.31 -22.50
CA PRO A 508 -13.06 23.96 -23.78
C PRO A 508 -14.54 23.91 -24.10
N GLU A 509 -15.20 25.07 -23.98
CA GLU A 509 -16.61 25.18 -24.32
C GLU A 509 -16.77 25.99 -25.59
N PRO A 510 -17.10 25.37 -26.72
CA PRO A 510 -17.25 26.16 -27.96
C PRO A 510 -18.44 27.10 -27.88
N VAL A 511 -18.23 28.34 -28.33
CA VAL A 511 -19.29 29.34 -28.27
C VAL A 511 -20.37 29.00 -29.29
N THR A 512 -21.58 29.47 -29.03
CA THR A 512 -22.72 29.23 -29.90
C THR A 512 -23.66 30.42 -29.78
N ALA A 513 -24.89 30.24 -30.26
CA ALA A 513 -25.93 31.25 -30.10
C ALA A 513 -26.75 31.05 -28.84
N TYR A 514 -26.55 29.95 -28.12
CA TYR A 514 -27.25 29.69 -26.88
C TYR A 514 -26.32 29.69 -25.68
N ASN A 515 -25.02 29.94 -25.87
CA ASN A 515 -24.05 29.86 -24.80
C ASN A 515 -23.36 31.19 -24.50
N ILE A 516 -23.50 32.20 -25.35
CA ILE A 516 -22.81 33.46 -25.14
C ILE A 516 -23.26 34.20 -23.89
N ALA A 517 -24.37 33.80 -23.28
CA ALA A 517 -24.82 34.46 -22.06
C ALA A 517 -23.80 34.28 -20.95
N GLU A 518 -23.26 33.07 -20.80
CA GLU A 518 -22.30 32.79 -19.73
C GLU A 518 -20.85 32.84 -20.19
N LEU A 519 -20.56 32.47 -21.44
CA LEU A 519 -19.17 32.48 -21.89
C LEU A 519 -18.64 33.90 -22.05
N ARG A 520 -19.47 34.82 -22.56
CA ARG A 520 -19.07 36.21 -22.63
C ARG A 520 -18.85 36.78 -21.24
N GLN A 521 -19.69 36.40 -20.28
CA GLN A 521 -19.51 36.83 -18.90
C GLN A 521 -18.19 36.29 -18.34
N ALA A 522 -17.87 35.02 -18.62
CA ALA A 522 -16.61 34.47 -18.13
C ALA A 522 -15.41 35.16 -18.77
N VAL A 523 -15.49 35.49 -20.06
CA VAL A 523 -14.40 36.21 -20.69
C VAL A 523 -14.22 37.58 -20.07
N ILE A 524 -15.33 38.27 -19.78
CA ILE A 524 -15.24 39.56 -19.10
C ILE A 524 -14.64 39.38 -17.71
N ASN A 525 -14.97 38.27 -17.04
CA ASN A 525 -14.38 38.00 -15.73
C ASN A 525 -12.87 37.84 -15.83
N GLY A 526 -12.39 37.12 -16.84
CA GLY A 526 -10.98 36.92 -17.04
C GLY A 526 -10.44 35.74 -16.26
N PRO A 527 -9.12 35.50 -16.38
CA PRO A 527 -8.53 34.30 -15.76
C PRO A 527 -8.58 34.30 -14.25
N ASP A 528 -8.74 35.45 -13.61
CA ASP A 528 -8.60 35.56 -12.15
C ASP A 528 -9.93 35.53 -11.41
N LYS A 529 -10.97 36.13 -11.96
CA LYS A 529 -12.26 36.22 -11.27
C LYS A 529 -13.12 35.01 -11.66
N TRP A 530 -13.26 34.06 -10.75
CA TRP A 530 -14.08 32.89 -11.02
C TRP A 530 -15.55 33.29 -11.12
N PRO A 531 -16.28 32.77 -12.10
CA PRO A 531 -15.85 31.88 -13.18
C PRO A 531 -15.36 32.68 -14.40
N GLY A 532 -14.26 32.27 -15.02
CA GLY A 532 -13.69 33.06 -16.10
C GLY A 532 -13.01 32.19 -17.15
N ALA A 533 -12.55 32.85 -18.20
CA ALA A 533 -11.92 32.18 -19.34
C ALA A 533 -10.44 32.53 -19.38
N THR A 534 -9.59 31.51 -19.32
CA THR A 534 -8.15 31.73 -19.43
C THR A 534 -7.73 32.00 -20.86
N GLN A 535 -8.35 31.31 -21.83
CA GLN A 535 -7.95 31.40 -23.22
C GLN A 535 -9.18 31.42 -24.12
N ILE A 536 -9.01 31.96 -25.32
CA ILE A 536 -10.06 32.04 -26.33
C ILE A 536 -9.46 31.46 -27.62
N GLN A 537 -9.77 30.21 -27.92
CA GLN A 537 -9.25 29.56 -29.11
C GLN A 537 -9.99 30.07 -30.33
N ASN A 538 -9.26 30.70 -31.26
CA ASN A 538 -9.85 31.21 -32.48
C ASN A 538 -10.31 30.06 -33.37
N GLU A 539 -10.95 30.43 -34.49
CA GLU A 539 -11.43 29.42 -35.42
C GLU A 539 -10.26 28.66 -36.06
N ASP A 540 -9.19 29.37 -36.41
CA ASP A 540 -8.05 28.79 -37.11
C ASP A 540 -7.08 28.10 -36.17
N GLY A 541 -7.50 27.76 -34.95
CA GLY A 541 -6.66 27.07 -33.99
C GLY A 541 -5.77 27.97 -33.15
N SER A 542 -5.75 29.28 -33.43
CA SER A 542 -4.97 30.20 -32.61
C SER A 542 -5.52 30.22 -31.19
N LEU A 543 -4.62 30.16 -30.22
CA LEU A 543 -4.98 30.07 -28.81
C LEU A 543 -4.51 31.34 -28.11
N VAL A 544 -5.36 32.37 -28.13
CA VAL A 544 -5.04 33.63 -27.46
C VAL A 544 -5.23 33.45 -25.96
N SER A 545 -4.42 34.16 -25.19
CA SER A 545 -4.41 34.05 -23.73
C SER A 545 -4.86 35.37 -23.12
N LEU A 546 -5.74 35.29 -22.13
CA LEU A 546 -6.30 36.45 -21.46
C LEU A 546 -5.57 36.79 -20.16
N ILE A 547 -4.50 36.08 -19.83
CA ILE A 547 -3.82 36.29 -18.55
C ILE A 547 -3.18 37.67 -18.50
N GLY A 548 -2.42 38.01 -19.54
CA GLY A 548 -1.81 39.32 -19.60
C GLY A 548 -2.63 40.32 -20.40
N MET A 549 -3.89 40.51 -20.02
CA MET A 549 -4.79 41.37 -20.78
C MET A 549 -5.64 42.20 -19.83
N SER A 550 -6.06 43.36 -20.31
CA SER A 550 -6.81 44.32 -19.51
C SER A 550 -8.31 44.08 -19.65
N VAL A 551 -9.06 44.68 -18.73
CA VAL A 551 -10.49 44.42 -18.64
C VAL A 551 -11.21 44.93 -19.89
N GLU A 552 -10.84 46.12 -20.38
CA GLU A 552 -11.49 46.65 -21.57
C GLU A 552 -11.21 45.78 -22.78
N GLN A 553 -9.98 45.29 -22.92
CA GLN A 553 -9.65 44.41 -24.04
C GLN A 553 -10.40 43.09 -23.93
N ARG A 554 -10.54 42.56 -22.72
CA ARG A 554 -11.33 41.35 -22.53
C ARG A 554 -12.79 41.58 -22.90
N LYS A 555 -13.34 42.73 -22.54
CA LYS A 555 -14.71 43.05 -22.93
C LYS A 555 -14.85 43.15 -24.44
N ALA A 556 -13.86 43.76 -25.10
CA ALA A 556 -13.91 43.85 -26.56
C ALA A 556 -13.85 42.46 -27.19
N LEU A 557 -12.97 41.59 -26.70
CA LEU A 557 -12.90 40.24 -27.23
C LEU A 557 -14.21 39.49 -27.03
N ALA A 558 -14.79 39.61 -25.84
CA ALA A 558 -16.06 38.95 -25.58
C ALA A 558 -17.17 39.50 -26.46
N ASN A 559 -17.10 40.78 -26.82
CA ASN A 559 -18.08 41.33 -27.74
C ASN A 559 -17.88 40.80 -29.16
N GLN A 560 -16.63 40.57 -29.55
CA GLN A 560 -16.33 39.94 -30.83
C GLN A 560 -16.23 38.42 -30.74
N LEU A 561 -16.71 37.83 -29.64
CA LEU A 561 -16.60 36.39 -29.45
C LEU A 561 -17.44 35.62 -30.46
N LEU A 562 -18.65 36.09 -30.74
CA LEU A 562 -19.58 35.41 -31.64
C LEU A 562 -19.71 36.26 -32.91
N THR A 563 -18.88 35.95 -33.90
CA THR A 563 -18.87 36.69 -35.15
C THR A 563 -18.93 35.71 -36.32
N PRO A 564 -19.53 36.12 -37.43
CA PRO A 564 -19.48 35.29 -38.63
C PRO A 564 -18.05 35.13 -39.13
N SER A 565 -17.75 33.94 -39.63
CA SER A 565 -16.40 33.64 -40.11
C SER A 565 -16.13 34.37 -41.41
N SER A 566 -15.06 35.15 -41.45
CA SER A 566 -14.70 35.89 -42.65
C SER A 566 -13.98 35.03 -43.68
N ASN A 567 -13.44 33.89 -43.28
CA ASN A 567 -12.71 33.00 -44.18
C ASN A 567 -13.59 31.80 -44.52
N VAL A 568 -13.68 31.49 -45.82
CA VAL A 568 -14.53 30.39 -46.26
C VAL A 568 -13.98 29.05 -45.80
N SER A 569 -12.65 28.90 -45.79
CA SER A 569 -12.04 27.63 -45.41
C SER A 569 -12.30 27.28 -43.94
N THR A 570 -12.68 28.26 -43.13
CA THR A 570 -12.95 28.06 -41.71
C THR A 570 -14.34 28.57 -41.34
N HIS A 571 -15.32 28.33 -42.20
CA HIS A 571 -16.69 28.75 -41.94
C HIS A 571 -17.52 27.66 -41.27
N THR A 572 -16.94 26.49 -41.00
CA THR A 572 -17.64 25.38 -40.37
C THR A 572 -17.17 25.16 -38.94
N LEU A 573 -16.70 26.22 -38.29
CA LEU A 573 -16.13 26.12 -36.96
C LEU A 573 -16.65 27.27 -36.10
N ASN A 574 -16.54 27.11 -34.79
CA ASN A 574 -16.87 28.16 -33.84
C ASN A 574 -15.72 28.29 -32.83
N LYS A 575 -15.55 29.51 -32.31
CA LYS A 575 -14.51 29.76 -31.34
C LYS A 575 -14.77 28.98 -30.06
N LYS A 576 -13.71 28.50 -29.44
CA LYS A 576 -13.80 27.88 -28.13
C LYS A 576 -13.47 28.89 -27.04
N VAL A 577 -13.93 28.59 -25.83
CA VAL A 577 -13.61 29.38 -24.66
C VAL A 577 -13.12 28.43 -23.58
N TYR A 578 -11.87 28.60 -23.14
CA TYR A 578 -11.31 27.77 -22.09
C TYR A 578 -11.77 28.31 -20.73
N ARG A 579 -13.08 28.22 -20.52
CA ARG A 579 -13.68 28.72 -19.30
C ARG A 579 -13.33 27.80 -18.13
N HIS A 580 -13.51 28.33 -16.93
CA HIS A 580 -13.15 27.60 -15.72
C HIS A 580 -14.10 26.43 -15.50
N ILE A 581 -13.87 25.69 -14.42
CA ILE A 581 -14.66 24.51 -14.10
C ILE A 581 -15.82 24.95 -13.21
N LYS A 582 -17.02 25.01 -13.78
CA LYS A 582 -18.21 25.50 -13.09
C LYS A 582 -18.78 24.42 -12.18
N ASN A 583 -20.00 24.67 -11.67
CA ASN A 583 -20.69 23.68 -10.86
C ASN A 583 -21.33 22.59 -11.70
N ARG A 584 -21.66 22.89 -12.96
CA ARG A 584 -22.28 21.90 -13.84
C ARG A 584 -21.28 20.89 -14.38
N ASP A 585 -20.00 21.21 -14.38
CA ASP A 585 -18.99 20.32 -14.92
C ASP A 585 -18.84 19.08 -14.04
N VAL A 586 -18.32 18.02 -14.65
CA VAL A 586 -18.16 16.74 -13.98
C VAL A 586 -16.67 16.43 -13.88
N VAL A 587 -16.29 15.77 -12.79
CA VAL A 587 -14.89 15.50 -12.50
C VAL A 587 -14.76 14.04 -12.07
N LEU A 588 -13.58 13.48 -12.29
CA LEU A 588 -13.30 12.09 -11.94
C LEU A 588 -12.26 12.05 -10.84
N MET A 589 -12.58 11.37 -9.75
CA MET A 589 -11.69 11.27 -8.61
C MET A 589 -11.05 9.89 -8.56
N ASN A 590 -9.92 9.79 -7.86
CA ASN A 590 -9.19 8.55 -7.76
C ASN A 590 -8.27 8.60 -6.55
N ARG A 591 -8.22 7.50 -5.80
CA ARG A 591 -7.32 7.37 -4.66
C ARG A 591 -6.53 6.08 -4.80
N GLN A 592 -5.20 6.22 -4.97
CA GLN A 592 -4.33 5.06 -5.11
C GLN A 592 -4.12 4.37 -3.77
N PRO A 593 -3.97 3.05 -3.77
CA PRO A 593 -4.01 2.14 -4.92
C PRO A 593 -5.44 1.89 -5.41
N THR A 594 -5.66 1.89 -6.73
CA THR A 594 -6.99 1.70 -7.29
C THR A 594 -7.24 0.20 -7.41
N LEU A 595 -7.67 -0.39 -6.30
CA LEU A 595 -7.88 -1.83 -6.23
C LEU A 595 -9.15 -2.30 -6.93
N HIS A 596 -10.09 -1.40 -7.20
CA HIS A 596 -11.28 -1.74 -7.96
C HIS A 596 -11.82 -0.49 -8.63
N LYS A 597 -12.77 -0.68 -9.55
CA LYS A 597 -13.31 0.44 -10.32
C LYS A 597 -14.10 1.40 -9.46
N ALA A 598 -14.64 0.94 -8.32
CA ALA A 598 -15.35 1.84 -7.42
C ALA A 598 -14.43 2.89 -6.82
N SER A 599 -13.14 2.65 -6.81
CA SER A 599 -12.17 3.61 -6.30
C SER A 599 -11.82 4.69 -7.32
N MET A 600 -12.65 4.85 -8.35
CA MET A 600 -12.50 5.96 -9.30
C MET A 600 -13.88 6.25 -9.88
N MET A 601 -14.51 7.31 -9.40
CA MET A 601 -15.88 7.66 -9.77
C MET A 601 -15.94 9.08 -10.32
N GLY A 602 -17.06 9.38 -10.97
CA GLY A 602 -17.26 10.70 -11.53
C GLY A 602 -18.17 11.57 -10.69
N HIS A 603 -17.59 12.50 -9.94
CA HIS A 603 -18.33 13.34 -9.03
C HIS A 603 -18.78 14.63 -9.73
N LYS A 604 -19.74 15.30 -9.11
CA LYS A 604 -20.20 16.60 -9.57
C LYS A 604 -19.43 17.70 -8.86
N VAL A 605 -19.18 18.79 -9.58
CA VAL A 605 -18.30 19.85 -9.12
C VAL A 605 -19.10 20.88 -8.35
N ARG A 606 -18.62 21.24 -7.16
CA ARG A 606 -19.20 22.28 -6.33
C ARG A 606 -18.06 23.20 -5.91
N VAL A 607 -18.00 24.39 -6.52
CA VAL A 607 -16.89 25.32 -6.29
C VAL A 607 -17.10 26.00 -4.95
N LEU A 608 -16.28 25.63 -3.96
CA LEU A 608 -16.31 26.19 -2.62
C LEU A 608 -15.44 27.43 -2.53
N PRO A 609 -15.62 28.27 -1.51
CA PRO A 609 -14.85 29.52 -1.42
C PRO A 609 -13.55 29.45 -0.63
N ASN A 610 -13.26 28.36 0.07
CA ASN A 610 -12.01 28.20 0.80
C ASN A 610 -11.11 27.23 0.06
N GLU A 611 -9.80 27.39 0.25
CA GLU A 611 -8.81 26.84 -0.66
C GLU A 611 -8.06 25.65 -0.08
N LYS A 612 -7.43 24.89 -0.99
CA LYS A 612 -6.35 23.96 -0.69
C LYS A 612 -6.81 22.73 0.07
N THR A 613 -7.96 22.18 -0.30
CA THR A 613 -8.37 20.87 0.19
C THR A 613 -9.59 20.40 -0.59
N LEU A 614 -9.63 19.11 -0.90
CA LEU A 614 -10.73 18.53 -1.67
C LEU A 614 -11.79 18.03 -0.71
N ARG A 615 -13.00 18.58 -0.82
CA ARG A 615 -14.08 18.25 0.11
C ARG A 615 -14.88 17.07 -0.42
N LEU A 616 -14.99 16.04 0.42
CA LEU A 616 -15.60 14.77 0.05
C LEU A 616 -16.60 14.36 1.13
N HIS A 617 -17.77 13.93 0.70
CA HIS A 617 -18.78 13.47 1.64
C HIS A 617 -18.31 12.18 2.34
N TYR A 618 -19.01 11.82 3.41
CA TYR A 618 -18.65 10.63 4.17
C TYR A 618 -19.15 9.34 3.53
N ALA A 619 -20.04 9.42 2.55
CA ALA A 619 -20.50 8.23 1.88
C ALA A 619 -19.39 7.60 1.04
N ASN A 620 -18.49 8.42 0.51
CA ASN A 620 -17.44 7.94 -0.37
C ASN A 620 -16.25 7.34 0.36
N THR A 621 -16.20 7.45 1.69
CA THR A 621 -15.07 6.88 2.41
C THR A 621 -15.00 5.37 2.23
N GLY A 622 -16.14 4.69 2.30
CA GLY A 622 -16.13 3.25 2.06
C GLY A 622 -15.78 2.89 0.64
N ALA A 623 -16.22 3.69 -0.33
CA ALA A 623 -15.93 3.41 -1.73
C ALA A 623 -14.44 3.55 -2.03
N TYR A 624 -13.85 4.67 -1.64
CA TYR A 624 -12.46 4.95 -1.93
C TYR A 624 -11.49 4.34 -0.92
N ASN A 625 -12.00 3.72 0.15
CA ASN A 625 -11.17 3.35 1.30
C ASN A 625 -10.39 4.56 1.81
N ALA A 626 -10.99 5.74 1.67
CA ALA A 626 -10.34 6.99 2.01
C ALA A 626 -10.44 7.27 3.50
N ASP A 627 -9.74 8.32 3.91
CA ASP A 627 -9.73 8.76 5.30
C ASP A 627 -9.36 10.23 5.31
N PHE A 628 -9.42 10.84 6.49
CA PHE A 628 -9.14 12.26 6.63
C PHE A 628 -8.10 12.48 7.71
N ASP A 629 -7.04 11.67 7.68
CA ASP A 629 -5.88 11.84 8.53
C ASP A 629 -4.62 12.08 7.70
N GLY A 630 -4.77 12.74 6.56
CA GLY A 630 -3.67 13.00 5.65
C GLY A 630 -3.81 12.35 4.29
N ASP A 631 -4.87 11.60 4.03
CA ASP A 631 -5.06 10.99 2.73
C ASP A 631 -5.24 12.05 1.66
N GLU A 632 -4.81 11.73 0.45
CA GLU A 632 -4.91 12.61 -0.69
C GLU A 632 -5.39 11.81 -1.89
N MET A 633 -6.01 12.51 -2.84
CA MET A 633 -6.54 11.82 -4.01
C MET A 633 -6.56 12.77 -5.19
N ASN A 634 -6.56 12.19 -6.38
CA ASN A 634 -6.43 12.92 -7.64
C ASN A 634 -7.80 13.33 -8.16
N MET A 635 -7.80 14.35 -9.01
CA MET A 635 -9.03 14.89 -9.57
C MET A 635 -8.81 15.13 -11.06
N HIS A 636 -9.29 14.20 -11.89
CA HIS A 636 -9.13 14.30 -13.33
C HIS A 636 -10.33 15.00 -13.95
N PHE A 637 -10.05 15.90 -14.90
CA PHE A 637 -11.09 16.73 -15.50
C PHE A 637 -11.25 16.40 -16.98
N PRO A 638 -12.27 15.64 -17.37
CA PRO A 638 -12.48 15.32 -18.78
C PRO A 638 -12.74 16.57 -19.62
N GLN A 639 -12.30 16.52 -20.88
CA GLN A 639 -12.25 17.71 -21.73
C GLN A 639 -13.19 17.67 -22.92
N ASN A 640 -14.00 16.63 -23.08
CA ASN A 640 -14.97 16.58 -24.18
C ASN A 640 -16.29 16.05 -23.65
N GLU A 641 -17.37 16.42 -24.36
CA GLU A 641 -18.70 16.05 -23.90
C GLU A 641 -18.91 14.54 -23.89
N ASN A 642 -18.16 13.81 -24.72
CA ASN A 642 -18.22 12.35 -24.68
C ASN A 642 -17.78 11.84 -23.32
N ALA A 643 -16.61 12.27 -22.86
CA ALA A 643 -16.14 11.86 -21.54
C ALA A 643 -17.01 12.43 -20.43
N ARG A 644 -17.59 13.62 -20.64
CA ARG A 644 -18.54 14.16 -19.67
C ARG A 644 -19.73 13.23 -19.50
N ALA A 645 -20.34 12.80 -20.62
CA ALA A 645 -21.47 11.88 -20.55
C ALA A 645 -21.05 10.55 -19.95
N GLU A 646 -19.86 10.07 -20.30
CA GLU A 646 -19.38 8.82 -19.73
C GLU A 646 -19.24 8.91 -18.22
N ALA A 647 -18.73 10.03 -17.71
CA ALA A 647 -18.52 10.19 -16.28
C ALA A 647 -19.82 10.47 -15.53
N LEU A 648 -20.77 11.19 -16.14
CA LEU A 648 -22.01 11.53 -15.49
C LEU A 648 -23.03 10.39 -15.49
N ASN A 649 -22.89 9.41 -16.38
CA ASN A 649 -23.85 8.33 -16.52
C ASN A 649 -23.28 6.97 -16.14
N LEU A 650 -22.09 6.63 -16.63
CA LEU A 650 -21.55 5.29 -16.43
C LEU A 650 -20.64 5.20 -15.22
N ALA A 651 -19.77 6.19 -15.04
CA ALA A 651 -18.81 6.19 -13.94
C ALA A 651 -19.26 7.01 -12.74
N ASN A 652 -20.45 7.62 -12.80
CA ASN A 652 -20.86 8.55 -11.77
C ASN A 652 -21.07 7.83 -10.43
N THR A 653 -21.26 8.63 -9.39
CA THR A 653 -21.18 8.11 -8.02
C THR A 653 -22.41 7.31 -7.64
N ASP A 654 -23.60 7.78 -8.01
CA ASP A 654 -24.82 7.16 -7.53
C ASP A 654 -25.20 5.90 -8.30
N SER A 655 -24.59 5.66 -9.46
CA SER A 655 -24.79 4.43 -10.19
C SER A 655 -23.86 3.32 -9.75
N GLN A 656 -23.04 3.57 -8.73
CA GLN A 656 -22.14 2.58 -8.16
C GLN A 656 -22.45 2.35 -6.69
N TYR A 657 -23.75 2.31 -6.38
CA TYR A 657 -24.16 2.07 -5.01
C TYR A 657 -23.78 0.67 -4.54
N LEU A 658 -23.74 -0.29 -5.46
CA LEU A 658 -23.51 -1.69 -5.12
C LEU A 658 -22.21 -2.16 -5.78
N THR A 659 -21.36 -2.84 -5.00
CA THR A 659 -20.13 -3.36 -5.55
C THR A 659 -20.41 -4.61 -6.39
N PRO A 660 -19.80 -4.72 -7.58
CA PRO A 660 -19.99 -5.94 -8.38
C PRO A 660 -19.34 -7.18 -7.77
N THR A 661 -18.54 -7.03 -6.72
CA THR A 661 -17.89 -8.19 -6.12
C THR A 661 -18.90 -9.19 -5.57
N SER A 662 -19.89 -8.68 -4.84
CA SER A 662 -20.94 -9.54 -4.31
C SER A 662 -22.33 -8.92 -4.37
N GLY A 663 -22.47 -7.74 -4.96
CA GLY A 663 -23.75 -7.07 -5.04
C GLY A 663 -24.16 -6.30 -3.80
N SER A 664 -23.31 -6.25 -2.78
CA SER A 664 -23.62 -5.52 -1.56
C SER A 664 -23.42 -4.02 -1.76
N PRO A 665 -24.17 -3.20 -1.03
CA PRO A 665 -23.95 -1.75 -1.10
C PRO A 665 -22.63 -1.35 -0.47
N VAL A 666 -22.10 -0.21 -0.95
CA VAL A 666 -20.80 0.29 -0.51
C VAL A 666 -20.86 1.75 -0.07
N ARG A 667 -22.02 2.38 -0.09
CA ARG A 667 -22.15 3.79 0.24
C ARG A 667 -23.04 3.96 1.46
N GLY A 668 -22.87 5.07 2.16
CA GLY A 668 -23.70 5.39 3.29
C GLY A 668 -22.94 6.20 4.32
N LEU A 669 -23.66 6.54 5.39
CA LEU A 669 -23.13 7.32 6.49
C LEU A 669 -22.33 6.41 7.44
N ILE A 670 -21.49 7.02 8.29
CA ILE A 670 -20.51 6.20 8.99
C ILE A 670 -20.62 6.21 10.52
N GLN A 671 -20.29 7.32 11.18
CA GLN A 671 -20.17 7.29 12.63
C GLN A 671 -21.09 8.27 13.34
N ASP A 672 -20.91 9.58 13.12
CA ASP A 672 -21.72 10.57 13.82
C ASP A 672 -23.18 10.46 13.39
N HIS A 673 -23.40 10.26 12.10
CA HIS A 673 -24.76 10.12 11.60
C HIS A 673 -25.42 8.85 12.15
N ILE A 674 -24.65 7.77 12.29
CA ILE A 674 -25.23 6.54 12.83
C ILE A 674 -25.63 6.72 14.28
N SER A 675 -24.76 7.32 15.10
CA SER A 675 -25.13 7.54 16.49
C SER A 675 -26.25 8.56 16.63
N ALA A 676 -26.26 9.59 15.77
CA ALA A 676 -27.34 10.56 15.79
C ALA A 676 -28.66 9.91 15.44
N GLY A 677 -28.67 9.01 14.46
CA GLY A 677 -29.90 8.32 14.13
C GLY A 677 -30.36 7.39 15.24
N VAL A 678 -29.43 6.72 15.91
CA VAL A 678 -29.80 5.87 17.04
C VAL A 678 -30.44 6.70 18.14
N TRP A 679 -29.94 7.92 18.36
CA TRP A 679 -30.55 8.78 19.39
C TRP A 679 -31.84 9.42 18.92
N LEU A 680 -31.96 9.74 17.63
CA LEU A 680 -33.13 10.45 17.15
C LEU A 680 -34.34 9.51 17.01
N THR A 681 -34.11 8.27 16.59
CA THR A 681 -35.21 7.36 16.28
C THR A 681 -35.56 6.44 17.44
N SER A 682 -35.42 6.91 18.68
CA SER A 682 -35.89 6.17 19.82
C SER A 682 -37.22 6.74 20.30
N LYS A 683 -37.91 5.95 21.14
CA LYS A 683 -39.20 6.40 21.67
C LYS A 683 -39.04 7.66 22.52
N ASP A 684 -37.87 7.86 23.11
CA ASP A 684 -37.65 8.95 24.05
C ASP A 684 -37.57 10.31 23.38
N SER A 685 -37.55 10.37 22.05
CA SER A 685 -37.39 11.63 21.34
C SER A 685 -38.75 12.22 21.00
N PHE A 686 -39.00 13.44 21.45
CA PHE A 686 -40.20 14.19 21.10
C PHE A 686 -39.80 15.59 20.71
N PHE A 687 -40.53 16.16 19.77
CA PHE A 687 -40.18 17.47 19.21
C PHE A 687 -41.43 18.32 19.08
N THR A 688 -41.34 19.57 19.50
CA THR A 688 -42.45 20.49 19.35
C THR A 688 -42.64 20.82 17.88
N ARG A 689 -43.69 21.60 17.58
CA ARG A 689 -44.00 21.93 16.20
C ARG A 689 -42.86 22.70 15.54
N GLU A 690 -42.31 23.70 16.24
CA GLU A 690 -41.23 24.49 15.68
C GLU A 690 -39.96 23.66 15.50
N GLN A 691 -39.63 22.80 16.48
CA GLN A 691 -38.45 21.95 16.33
C GLN A 691 -38.60 20.99 15.18
N TYR A 692 -39.77 20.37 15.04
CA TYR A 692 -40.03 19.43 13.96
C TYR A 692 -39.92 20.12 12.61
N GLN A 693 -40.54 21.30 12.47
CA GLN A 693 -40.45 22.03 11.22
C GLN A 693 -39.02 22.47 10.92
N GLN A 694 -38.27 22.86 11.94
CA GLN A 694 -36.89 23.27 11.72
C GLN A 694 -36.03 22.11 11.26
N TYR A 695 -36.18 20.94 11.87
CA TYR A 695 -35.42 19.78 11.42
C TYR A 695 -35.80 19.40 9.99
N ILE A 696 -37.09 19.43 9.67
CA ILE A 696 -37.52 19.07 8.33
C ILE A 696 -36.93 20.02 7.30
N TYR A 697 -36.99 21.33 7.56
CA TYR A 697 -36.48 22.26 6.56
C TYR A 697 -34.95 22.28 6.55
N GLY A 698 -34.30 21.92 7.66
CA GLY A 698 -32.86 21.80 7.64
C GLY A 698 -32.40 20.67 6.75
N CYS A 699 -33.06 19.51 6.85
CA CYS A 699 -32.64 18.39 6.00
C CYS A 699 -33.10 18.56 4.56
N ILE A 700 -34.33 19.01 4.33
CA ILE A 700 -34.94 19.07 3.00
C ILE A 700 -35.12 20.52 2.61
N ARG A 701 -34.72 20.86 1.39
CA ARG A 701 -34.72 22.25 0.91
C ARG A 701 -35.30 22.29 -0.49
N PRO A 702 -36.59 22.60 -0.65
CA PRO A 702 -37.22 22.54 -1.98
C PRO A 702 -36.59 23.46 -3.00
N GLU A 703 -36.06 24.62 -2.59
CA GLU A 703 -35.44 25.53 -3.55
C GLU A 703 -34.19 24.95 -4.18
N ASP A 704 -33.61 23.91 -3.59
CA ASP A 704 -32.47 23.21 -4.17
C ASP A 704 -32.89 21.99 -4.97
N GLY A 705 -34.19 21.76 -5.14
CA GLY A 705 -34.67 20.57 -5.81
C GLY A 705 -34.76 19.34 -4.94
N HIS A 706 -34.64 19.49 -3.63
CA HIS A 706 -34.68 18.33 -2.74
C HIS A 706 -36.10 17.79 -2.56
N THR A 707 -37.12 18.57 -2.90
CA THR A 707 -38.51 18.19 -2.69
C THR A 707 -39.19 17.94 -4.02
N THR A 708 -39.99 16.87 -4.06
CA THR A 708 -40.73 16.50 -5.26
C THR A 708 -42.12 17.10 -5.32
N ARG A 709 -42.57 17.78 -4.25
CA ARG A 709 -43.92 18.31 -4.18
C ARG A 709 -43.99 19.83 -4.24
N SER A 710 -42.85 20.51 -4.36
CA SER A 710 -42.75 21.96 -4.45
C SER A 710 -43.24 22.68 -3.20
N LYS A 711 -43.61 21.93 -2.16
CA LYS A 711 -44.15 22.51 -0.93
C LYS A 711 -44.03 21.46 0.16
N ILE A 712 -43.34 21.80 1.25
CA ILE A 712 -43.08 20.81 2.29
C ILE A 712 -44.39 20.42 2.96
N VAL A 713 -44.61 19.12 3.08
CA VAL A 713 -45.82 18.56 3.69
C VAL A 713 -45.42 17.86 4.98
N THR A 714 -46.20 18.10 6.03
CA THR A 714 -45.91 17.60 7.36
C THR A 714 -46.97 16.59 7.78
N LEU A 715 -46.86 16.11 9.02
CA LEU A 715 -47.73 15.09 9.57
C LEU A 715 -48.46 15.61 10.80
N PRO A 716 -49.62 15.04 11.12
CA PRO A 716 -50.25 15.31 12.42
C PRO A 716 -49.37 14.81 13.54
N PRO A 717 -49.32 15.52 14.67
CA PRO A 717 -48.47 15.08 15.78
C PRO A 717 -48.97 13.79 16.40
N THR A 718 -48.03 13.02 16.96
CA THR A 718 -48.42 11.77 17.61
C THR A 718 -49.06 12.01 18.97
N ILE A 719 -48.98 13.22 19.50
CA ILE A 719 -49.63 13.58 20.76
C ILE A 719 -50.41 14.86 20.53
N PHE A 720 -51.68 14.86 20.89
CA PHE A 720 -52.55 16.02 20.70
C PHE A 720 -52.75 16.84 21.95
N LYS A 721 -52.80 16.19 23.11
CA LYS A 721 -52.92 16.87 24.40
C LYS A 721 -51.96 16.23 25.38
N PRO A 722 -51.44 16.99 26.35
CA PRO A 722 -51.69 18.42 26.64
C PRO A 722 -51.20 19.40 25.57
N TYR A 723 -50.07 19.14 24.91
CA TYR A 723 -49.63 19.99 23.81
C TYR A 723 -49.02 19.12 22.73
N PRO A 724 -49.02 19.58 21.47
CA PRO A 724 -48.56 18.74 20.36
C PRO A 724 -47.10 18.32 20.53
N LEU A 725 -46.82 17.06 20.20
CA LEU A 725 -45.48 16.52 20.24
C LEU A 725 -45.31 15.50 19.12
N TRP A 726 -44.29 15.68 18.30
CA TRP A 726 -43.97 14.72 17.26
C TRP A 726 -42.96 13.70 17.81
N THR A 727 -42.37 12.91 16.92
CA THR A 727 -41.37 11.92 17.29
C THR A 727 -40.32 11.87 16.20
N GLY A 728 -39.13 11.37 16.54
CA GLY A 728 -38.07 11.26 15.56
C GLY A 728 -38.45 10.37 14.39
N LYS A 729 -39.13 9.26 14.69
CA LYS A 729 -39.63 8.40 13.62
C LYS A 729 -40.57 9.15 12.71
N GLN A 730 -41.33 10.10 13.24
CA GLN A 730 -42.14 10.95 12.38
C GLN A 730 -41.28 11.87 11.52
N ILE A 731 -40.10 12.26 12.01
CA ILE A 731 -39.19 13.03 11.18
C ILE A 731 -38.65 12.17 10.03
N ILE A 732 -38.34 10.92 10.31
CA ILE A 732 -37.93 10.00 9.25
C ILE A 732 -39.06 9.82 8.24
N THR A 733 -40.28 9.65 8.73
CA THR A 733 -41.44 9.49 7.85
C THR A 733 -41.65 10.72 6.98
N THR A 734 -41.48 11.92 7.55
CA THR A 734 -41.66 13.15 6.78
C THR A 734 -40.54 13.31 5.75
N VAL A 735 -39.31 12.92 6.11
CA VAL A 735 -38.21 12.96 5.16
C VAL A 735 -38.52 12.09 3.96
N LEU A 736 -38.93 10.84 4.22
CA LEU A 736 -39.30 9.95 3.12
C LEU A 736 -40.47 10.51 2.34
N LEU A 737 -41.48 11.04 3.03
CA LEU A 737 -42.67 11.57 2.39
C LEU A 737 -42.33 12.72 1.44
N ASN A 738 -41.28 13.48 1.75
CA ASN A 738 -40.95 14.63 0.92
C ASN A 738 -39.92 14.35 -0.15
N VAL A 739 -39.05 13.35 0.03
CA VAL A 739 -38.07 13.07 -1.02
C VAL A 739 -38.54 11.97 -1.97
N THR A 740 -39.29 10.99 -1.47
CA THR A 740 -39.84 9.95 -2.34
C THR A 740 -40.83 10.57 -3.32
N PRO A 741 -40.78 10.20 -4.60
CA PRO A 741 -41.68 10.82 -5.57
C PRO A 741 -43.13 10.52 -5.23
N PRO A 742 -44.04 11.45 -5.53
CA PRO A 742 -45.46 11.17 -5.31
C PRO A 742 -46.01 10.25 -6.40
N ASP A 743 -47.30 9.95 -6.33
CA ASP A 743 -47.94 9.02 -7.26
C ASP A 743 -47.34 7.63 -7.20
N MET A 744 -46.67 7.30 -6.09
CA MET A 744 -46.14 5.98 -5.83
C MET A 744 -46.45 5.60 -4.39
N PRO A 745 -46.67 4.32 -4.12
CA PRO A 745 -46.87 3.88 -2.74
C PRO A 745 -45.59 3.98 -1.94
N GLY A 746 -45.75 4.12 -0.62
CA GLY A 746 -44.61 4.14 0.25
C GLY A 746 -43.97 2.78 0.41
N ILE A 747 -42.73 2.81 0.89
CA ILE A 747 -41.95 1.57 1.04
C ILE A 747 -42.56 0.72 2.15
N ASN A 748 -42.72 -0.56 1.87
CA ASN A 748 -43.14 -1.55 2.87
C ASN A 748 -41.95 -2.47 3.12
N LEU A 749 -41.24 -2.22 4.21
CA LEU A 749 -40.02 -2.96 4.53
C LEU A 749 -40.10 -3.43 5.97
N ILE A 750 -39.76 -4.69 6.19
CA ILE A 750 -39.65 -5.26 7.53
C ILE A 750 -38.24 -5.83 7.67
N SER A 751 -37.47 -5.27 8.59
CA SER A 751 -36.08 -5.68 8.78
C SER A 751 -35.75 -5.61 10.27
N LYS A 752 -34.47 -5.78 10.60
CA LYS A 752 -33.98 -5.71 11.96
C LYS A 752 -32.85 -4.71 12.02
N ASN A 753 -32.33 -4.48 13.23
CA ASN A 753 -31.17 -3.64 13.46
C ASN A 753 -30.19 -4.39 14.35
N LYS A 754 -29.08 -3.72 14.69
CA LYS A 754 -28.00 -4.35 15.43
C LYS A 754 -28.20 -4.33 16.94
N ILE A 755 -29.16 -3.56 17.44
CA ILE A 755 -29.37 -3.37 18.87
C ILE A 755 -30.54 -4.24 19.30
N LYS A 756 -30.30 -5.13 20.25
CA LYS A 756 -31.32 -6.07 20.68
C LYS A 756 -32.45 -5.36 21.41
N ASN A 757 -33.45 -6.13 21.82
CA ASN A 757 -34.57 -5.60 22.59
C ASN A 757 -34.31 -5.59 24.09
N GLU A 758 -33.21 -6.20 24.54
CA GLU A 758 -32.83 -6.12 25.94
C GLU A 758 -32.06 -4.85 26.27
N TYR A 759 -31.68 -4.07 25.26
CA TYR A 759 -31.01 -2.78 25.45
C TYR A 759 -32.00 -1.63 25.51
N TRP A 760 -33.30 -1.91 25.49
CA TRP A 760 -34.32 -0.88 25.64
C TRP A 760 -35.27 -1.18 26.79
N GLY A 761 -35.12 -2.30 27.46
CA GLY A 761 -35.98 -2.67 28.57
C GLY A 761 -36.85 -3.87 28.25
N LYS A 762 -37.63 -4.27 29.25
CA LYS A 762 -38.51 -5.42 29.10
C LYS A 762 -39.70 -5.04 28.21
N GLY A 763 -40.00 -5.92 27.26
CA GLY A 763 -41.16 -5.75 26.40
C GLY A 763 -40.97 -4.84 25.21
N SER A 764 -39.78 -4.29 25.02
CA SER A 764 -39.55 -3.41 23.87
C SER A 764 -39.46 -4.22 22.59
N LEU A 765 -39.74 -3.57 21.47
CA LEU A 765 -39.66 -4.17 20.14
C LEU A 765 -38.91 -3.26 19.18
N GLU A 766 -37.95 -2.49 19.68
CA GLU A 766 -37.23 -1.54 18.84
C GLU A 766 -36.15 -2.20 17.99
N ASN A 767 -35.90 -3.50 18.16
CA ASN A 767 -34.99 -4.21 17.28
C ASN A 767 -35.62 -4.50 15.92
N GLU A 768 -36.95 -4.50 15.83
CA GLU A 768 -37.66 -4.91 14.63
C GLU A 768 -38.10 -3.68 13.86
N VAL A 769 -37.28 -3.24 12.91
CA VAL A 769 -37.66 -2.13 12.05
C VAL A 769 -38.91 -2.50 11.28
N LEU A 770 -39.77 -1.51 11.05
CA LEU A 770 -41.05 -1.75 10.38
C LEU A 770 -41.45 -0.49 9.64
N PHE A 771 -41.50 -0.56 8.32
CA PHE A 771 -42.04 0.50 7.48
C PHE A 771 -43.38 0.06 6.90
N LYS A 772 -44.25 1.03 6.64
CA LYS A 772 -45.56 0.75 6.08
C LYS A 772 -46.07 2.02 5.42
N ASP A 773 -46.18 1.98 4.10
CA ASP A 773 -46.52 3.17 3.30
C ASP A 773 -45.53 4.30 3.56
N GLY A 774 -44.26 3.96 3.70
CA GLY A 774 -43.23 4.96 3.92
C GLY A 774 -43.31 5.64 5.26
N ALA A 775 -43.75 4.94 6.30
CA ALA A 775 -43.87 5.49 7.64
C ALA A 775 -43.16 4.56 8.62
N LEU A 776 -42.08 5.05 9.22
CA LEU A 776 -41.34 4.28 10.21
C LEU A 776 -42.22 4.13 11.44
N LEU A 777 -42.78 2.94 11.63
CA LEU A 777 -43.71 2.69 12.72
C LEU A 777 -43.10 1.95 13.90
N CYS A 778 -41.92 1.36 13.72
CA CYS A 778 -41.29 0.62 14.80
C CYS A 778 -39.81 0.46 14.50
N GLY A 779 -39.03 0.17 15.53
CA GLY A 779 -37.62 -0.04 15.39
C GLY A 779 -36.84 1.26 15.27
N ILE A 780 -35.53 1.16 15.42
CA ILE A 780 -34.64 2.30 15.32
C ILE A 780 -33.79 2.16 14.05
N LEU A 781 -33.51 3.29 13.42
CA LEU A 781 -32.59 3.31 12.30
C LEU A 781 -31.16 3.19 12.82
N ASP A 782 -30.36 2.39 12.15
CA ASP A 782 -29.08 1.93 12.69
C ASP A 782 -28.06 1.95 11.56
N LYS A 783 -26.92 1.31 11.80
CA LYS A 783 -25.96 1.08 10.72
C LYS A 783 -26.56 0.19 9.64
N SER A 784 -27.40 -0.76 10.03
CA SER A 784 -27.98 -1.74 9.12
C SER A 784 -28.96 -1.13 8.13
N GLN A 785 -29.42 0.10 8.36
CA GLN A 785 -30.43 0.71 7.50
C GLN A 785 -29.84 1.75 6.57
N TYR A 786 -29.18 2.76 7.10
CA TYR A 786 -28.42 3.71 6.30
C TYR A 786 -26.95 3.42 6.50
N GLY A 787 -26.22 3.34 5.40
CA GLY A 787 -24.87 2.86 5.39
C GLY A 787 -24.71 1.78 4.34
N ALA A 788 -23.60 1.04 4.42
CA ALA A 788 -23.33 -0.04 3.49
C ALA A 788 -23.83 -1.35 4.11
N SER A 789 -25.13 -1.57 4.02
CA SER A 789 -25.76 -2.77 4.53
C SER A 789 -26.89 -3.19 3.59
N LYS A 790 -26.95 -4.49 3.29
CA LYS A 790 -27.98 -5.00 2.40
C LYS A 790 -29.34 -5.03 3.10
N TYR A 791 -30.38 -4.77 2.31
CA TYR A 791 -31.77 -4.94 2.74
C TYR A 791 -32.11 -3.99 3.89
N GLY A 792 -31.44 -2.85 3.96
CA GLY A 792 -31.84 -1.77 4.83
C GLY A 792 -32.77 -0.82 4.09
N ILE A 793 -33.11 0.27 4.78
CA ILE A 793 -34.07 1.19 4.18
C ILE A 793 -33.47 1.89 2.97
N VAL A 794 -32.17 2.21 3.01
CA VAL A 794 -31.56 2.89 1.87
C VAL A 794 -31.43 1.96 0.68
N HIS A 795 -31.05 0.70 0.92
CA HIS A 795 -30.98 -0.28 -0.17
C HIS A 795 -32.35 -0.53 -0.77
N SER A 796 -33.38 -0.64 0.08
CA SER A 796 -34.74 -0.85 -0.42
C SER A 796 -35.22 0.34 -1.22
N LEU A 797 -34.93 1.55 -0.76
CA LEU A 797 -35.28 2.75 -1.52
C LEU A 797 -34.56 2.76 -2.85
N HIS A 798 -33.28 2.37 -2.87
CA HIS A 798 -32.55 2.24 -4.12
C HIS A 798 -33.29 1.30 -5.07
N GLU A 799 -33.62 0.10 -4.60
CA GLU A 799 -34.26 -0.90 -5.45
C GLU A 799 -35.59 -0.40 -5.99
N VAL A 800 -36.39 0.26 -5.15
CA VAL A 800 -37.75 0.57 -5.56
C VAL A 800 -37.82 1.88 -6.37
N TYR A 801 -36.94 2.84 -6.10
CA TYR A 801 -37.05 4.15 -6.72
C TYR A 801 -35.86 4.55 -7.58
N GLY A 802 -34.95 3.63 -7.90
CA GLY A 802 -33.80 3.99 -8.69
C GLY A 802 -32.66 4.43 -7.82
N PRO A 803 -31.51 4.72 -8.44
CA PRO A 803 -30.34 5.14 -7.67
C PRO A 803 -30.39 6.58 -7.20
N GLU A 804 -31.08 7.43 -7.97
CA GLU A 804 -31.13 8.86 -7.64
C GLU A 804 -31.83 9.09 -6.31
N VAL A 805 -32.93 8.37 -6.07
CA VAL A 805 -33.68 8.58 -4.83
C VAL A 805 -32.88 8.09 -3.63
N ALA A 806 -32.14 6.99 -3.78
CA ALA A 806 -31.29 6.54 -2.69
C ALA A 806 -30.16 7.52 -2.41
N ALA A 807 -29.59 8.11 -3.47
CA ALA A 807 -28.58 9.14 -3.26
C ALA A 807 -29.15 10.36 -2.55
N LYS A 808 -30.35 10.79 -2.96
CA LYS A 808 -31.00 11.91 -2.29
C LYS A 808 -31.29 11.60 -0.84
N VAL A 809 -31.70 10.36 -0.56
CA VAL A 809 -32.00 9.98 0.82
C VAL A 809 -30.73 9.97 1.66
N LEU A 810 -29.61 9.50 1.09
CA LEU A 810 -28.35 9.58 1.82
C LEU A 810 -27.97 11.03 2.12
N SER A 811 -28.10 11.91 1.14
CA SER A 811 -27.77 13.32 1.36
C SER A 811 -28.68 13.94 2.42
N VAL A 812 -29.98 13.65 2.33
CA VAL A 812 -30.93 14.24 3.26
C VAL A 812 -30.72 13.73 4.67
N LEU A 813 -30.45 12.43 4.82
CA LEU A 813 -30.15 11.89 6.14
C LEU A 813 -28.84 12.43 6.67
N GLY A 814 -27.86 12.68 5.81
CA GLY A 814 -26.63 13.30 6.25
C GLY A 814 -26.85 14.70 6.78
N ARG A 815 -27.63 15.51 6.06
CA ARG A 815 -27.94 16.85 6.55
C ARG A 815 -28.79 16.81 7.81
N LEU A 816 -29.73 15.87 7.90
CA LEU A 816 -30.59 15.80 9.07
C LEU A 816 -29.82 15.39 10.31
N PHE A 817 -29.04 14.31 10.23
CA PHE A 817 -28.27 13.85 11.38
C PHE A 817 -27.11 14.76 11.73
N THR A 818 -26.73 15.68 10.82
CA THR A 818 -25.75 16.70 11.15
C THR A 818 -26.38 17.82 11.95
N ASN A 819 -27.55 18.31 11.52
CA ASN A 819 -28.21 19.38 12.23
C ASN A 819 -28.75 18.91 13.57
N TYR A 820 -29.15 17.64 13.67
CA TYR A 820 -29.60 17.12 14.96
C TYR A 820 -28.43 16.99 15.94
N ILE A 821 -27.28 16.54 15.45
CA ILE A 821 -26.13 16.36 16.33
C ILE A 821 -25.55 17.69 16.77
N THR A 822 -25.87 18.78 16.07
CA THR A 822 -25.44 20.10 16.54
C THR A 822 -26.21 20.53 17.78
N ALA A 823 -27.53 20.33 17.78
CA ALA A 823 -28.36 20.81 18.88
C ALA A 823 -28.37 19.88 20.08
N THR A 824 -28.07 18.60 19.89
CA THR A 824 -28.10 17.59 20.94
C THR A 824 -26.83 16.75 20.93
N ALA A 825 -25.69 17.45 21.00
CA ALA A 825 -24.41 16.86 20.64
C ALA A 825 -24.14 15.55 21.36
N PHE A 826 -23.26 14.76 20.74
CA PHE A 826 -22.89 13.43 21.21
C PHE A 826 -21.49 13.49 21.81
N THR A 827 -21.26 12.76 22.89
CA THR A 827 -19.98 12.82 23.56
C THR A 827 -19.69 11.51 24.27
N CYS A 828 -18.42 11.30 24.57
CA CYS A 828 -17.95 10.15 25.35
C CYS A 828 -16.94 10.64 26.39
N GLY A 829 -16.84 9.92 27.49
CA GLY A 829 -16.00 10.36 28.58
C GLY A 829 -15.53 9.23 29.46
N MET A 830 -15.04 9.61 30.64
CA MET A 830 -14.47 8.62 31.56
C MET A 830 -15.54 7.76 32.21
N ASP A 831 -16.70 8.35 32.51
CA ASP A 831 -17.77 7.61 33.16
C ASP A 831 -18.33 6.49 32.29
N ASP A 832 -18.20 6.62 30.97
CA ASP A 832 -18.63 5.55 30.07
C ASP A 832 -17.77 4.30 30.24
N LEU A 833 -16.52 4.47 30.65
CA LEU A 833 -15.56 3.38 30.73
C LEU A 833 -15.52 2.72 32.10
N ARG A 834 -16.38 3.13 33.04
CA ARG A 834 -16.34 2.64 34.40
C ARG A 834 -17.36 1.53 34.63
N LEU A 835 -16.99 0.60 35.49
CA LEU A 835 -17.90 -0.42 36.00
C LEU A 835 -18.44 0.04 37.36
N THR A 836 -19.47 -0.67 37.82
CA THR A 836 -19.98 -0.43 39.15
C THR A 836 -19.11 -1.15 40.18
N ALA A 837 -19.44 -0.97 41.46
CA ALA A 837 -18.78 -1.75 42.50
C ALA A 837 -19.08 -3.23 42.33
N GLU A 838 -20.33 -3.58 42.00
CA GLU A 838 -20.66 -4.97 41.78
C GLU A 838 -19.99 -5.51 40.51
N GLY A 839 -19.89 -4.70 39.47
CA GLY A 839 -19.18 -5.13 38.27
C GLY A 839 -17.71 -5.40 38.55
N ASN A 840 -17.07 -4.51 39.31
CA ASN A 840 -15.66 -4.71 39.66
C ASN A 840 -15.49 -5.93 40.55
N LYS A 841 -16.42 -6.18 41.48
CA LYS A 841 -16.29 -7.36 42.31
C LYS A 841 -16.51 -8.64 41.50
N TRP A 842 -17.41 -8.61 40.51
CA TRP A 842 -17.57 -9.75 39.62
C TRP A 842 -16.29 -10.03 38.85
N ARG A 843 -15.71 -8.97 38.29
CA ARG A 843 -14.48 -9.12 37.51
C ARG A 843 -13.35 -9.67 38.37
N THR A 844 -13.20 -9.13 39.58
CA THR A 844 -12.16 -9.62 40.48
C THR A 844 -12.39 -11.09 40.86
N ASP A 845 -13.64 -11.45 41.18
CA ASP A 845 -13.93 -12.82 41.58
C ASP A 845 -13.62 -13.80 40.46
N ILE A 846 -13.99 -13.46 39.23
CA ILE A 846 -13.73 -14.38 38.13
C ILE A 846 -12.24 -14.45 37.83
N LEU A 847 -11.56 -13.30 37.80
CA LEU A 847 -10.13 -13.28 37.49
C LEU A 847 -9.30 -13.95 38.58
N LYS A 848 -9.82 -14.07 39.80
CA LYS A 848 -9.10 -14.82 40.82
C LYS A 848 -9.01 -16.31 40.50
N THR A 849 -9.85 -16.80 39.59
CA THR A 849 -9.79 -18.20 39.17
C THR A 849 -8.80 -18.43 38.04
N SER A 850 -8.18 -17.38 37.53
CA SER A 850 -7.19 -17.49 36.46
C SER A 850 -5.79 -17.73 36.97
N VAL A 851 -5.59 -17.80 38.29
CA VAL A 851 -4.25 -17.95 38.82
C VAL A 851 -3.68 -19.33 38.50
N ASP A 852 -4.53 -20.36 38.52
CA ASP A 852 -4.07 -21.74 38.43
C ASP A 852 -4.36 -22.38 37.07
N THR A 853 -4.96 -21.65 36.13
CA THR A 853 -5.32 -22.24 34.85
C THR A 853 -4.09 -22.59 34.03
N GLY A 854 -3.06 -21.74 34.06
CA GLY A 854 -1.82 -22.08 33.37
C GLY A 854 -1.19 -23.34 33.90
N ARG A 855 -1.14 -23.48 35.22
CA ARG A 855 -0.57 -24.69 35.82
C ARG A 855 -1.39 -25.92 35.47
N GLU A 856 -2.72 -25.80 35.53
CA GLU A 856 -3.56 -26.95 35.20
C GLU A 856 -3.39 -27.36 33.74
N ALA A 857 -3.34 -26.38 32.84
CA ALA A 857 -3.16 -26.67 31.42
C ALA A 857 -1.79 -27.31 31.16
N ALA A 858 -0.76 -26.82 31.83
CA ALA A 858 0.56 -27.42 31.68
C ALA A 858 0.56 -28.86 32.19
N ALA A 859 -0.11 -29.11 33.32
CA ALA A 859 -0.19 -30.47 33.83
C ALA A 859 -0.94 -31.38 32.87
N GLU A 860 -2.01 -30.88 32.25
CA GLU A 860 -2.73 -31.68 31.26
C GLU A 860 -1.85 -31.98 30.05
N VAL A 861 -1.12 -30.98 29.55
CA VAL A 861 -0.30 -31.17 28.37
C VAL A 861 0.83 -32.16 28.65
N THR A 862 1.47 -32.05 29.80
CA THR A 862 2.58 -32.94 30.15
C THR A 862 2.12 -34.30 30.65
N ASN A 863 0.84 -34.63 30.49
CA ASN A 863 0.30 -35.94 30.89
C ASN A 863 0.58 -36.24 32.36
N LEU A 864 0.46 -35.22 33.20
CA LEU A 864 0.59 -35.38 34.64
C LEU A 864 -0.76 -35.19 35.32
N ASP A 865 -0.98 -35.94 36.38
CA ASP A 865 -2.26 -35.88 37.09
C ASP A 865 -2.47 -34.50 37.70
N LYS A 866 -3.73 -34.09 37.76
CA LYS A 866 -4.07 -32.78 38.29
C LYS A 866 -3.65 -32.67 39.75
N ASP A 867 -3.72 -31.44 40.27
CA ASP A 867 -3.29 -31.11 41.62
C ASP A 867 -1.80 -31.37 41.83
N THR A 868 -1.00 -31.22 40.77
CA THR A 868 0.44 -31.36 40.95
C THR A 868 1.08 -29.97 41.12
N PRO A 869 2.09 -29.84 41.97
CA PRO A 869 2.66 -28.51 42.23
C PRO A 869 3.32 -27.92 41.00
N ALA A 870 3.33 -26.58 40.95
CA ALA A 870 3.88 -25.87 39.81
C ALA A 870 5.40 -25.97 39.71
N ASP A 871 6.07 -26.44 40.76
CA ASP A 871 7.52 -26.56 40.77
C ASP A 871 7.96 -28.01 40.94
N ASP A 872 7.12 -28.95 40.56
CA ASP A 872 7.48 -30.36 40.65
C ASP A 872 8.61 -30.67 39.67
N PRO A 873 9.62 -31.44 40.08
CA PRO A 873 10.75 -31.70 39.18
C PRO A 873 10.35 -32.38 37.87
N GLU A 874 9.41 -33.32 37.92
CA GLU A 874 8.99 -33.98 36.68
C GLU A 874 8.24 -33.02 35.77
N LEU A 875 7.40 -32.15 36.35
CA LEU A 875 6.71 -31.14 35.56
C LEU A 875 7.71 -30.19 34.91
N LEU A 876 8.75 -29.81 35.66
CA LEU A 876 9.77 -28.92 35.11
C LEU A 876 10.54 -29.58 33.98
N LYS A 877 10.86 -30.88 34.14
CA LYS A 877 11.55 -31.60 33.08
C LYS A 877 10.69 -31.69 31.83
N ARG A 878 9.41 -32.01 31.99
CA ARG A 878 8.52 -32.08 30.84
C ARG A 878 8.38 -30.73 30.16
N LEU A 879 8.28 -29.65 30.95
CA LEU A 879 8.21 -28.31 30.38
C LEU A 879 9.50 -27.96 29.65
N GLN A 880 10.64 -28.44 30.15
CA GLN A 880 11.90 -28.24 29.43
C GLN A 880 11.89 -28.94 28.09
N GLU A 881 11.41 -30.19 28.05
CA GLU A 881 11.28 -30.90 26.79
C GLU A 881 10.36 -30.17 25.83
N ILE A 882 9.23 -29.66 26.35
CA ILE A 882 8.28 -28.92 25.53
C ILE A 882 8.91 -27.64 25.00
N LEU A 883 9.71 -26.97 25.82
CA LEU A 883 10.42 -25.78 25.36
C LEU A 883 11.38 -26.13 24.23
N ARG A 884 12.09 -27.25 24.36
CA ARG A 884 13.01 -27.65 23.29
C ARG A 884 12.28 -27.97 22.00
N ASP A 885 11.11 -28.61 22.10
CA ASP A 885 10.38 -29.08 20.92
C ASP A 885 9.32 -28.07 20.52
N ASN A 886 9.40 -27.59 19.27
CA ASN A 886 8.52 -26.54 18.80
C ASN A 886 7.06 -27.01 18.73
N ASN A 887 6.83 -28.23 18.27
CA ASN A 887 5.45 -28.72 18.16
C ASN A 887 4.80 -28.85 19.54
N LYS A 888 5.52 -29.39 20.51
CA LYS A 888 4.97 -29.49 21.86
C LYS A 888 4.76 -28.11 22.46
N SER A 889 5.64 -27.16 22.14
CA SER A 889 5.43 -25.78 22.57
C SER A 889 4.13 -25.22 22.00
N GLY A 890 3.87 -25.48 20.71
CA GLY A 890 2.63 -25.02 20.10
C GLY A 890 1.40 -25.67 20.71
N ILE A 891 1.50 -26.96 21.05
CA ILE A 891 0.38 -27.65 21.70
C ILE A 891 0.09 -27.02 23.05
N LEU A 892 1.13 -26.78 23.85
CA LEU A 892 0.95 -26.15 25.16
C LEU A 892 0.34 -24.76 25.00
N ASP A 893 0.82 -24.00 24.03
CA ASP A 893 0.27 -22.67 23.79
C ASP A 893 -1.21 -22.75 23.44
N ALA A 894 -1.59 -23.70 22.59
CA ALA A 894 -2.99 -23.81 22.19
C ALA A 894 -3.88 -24.15 23.38
N VAL A 895 -3.45 -25.10 24.21
CA VAL A 895 -4.29 -25.51 25.35
C VAL A 895 -4.43 -24.35 26.34
N THR A 896 -3.30 -23.72 26.71
CA THR A 896 -3.38 -22.63 27.66
C THR A 896 -4.19 -21.46 27.12
N SER A 897 -4.03 -21.16 25.82
CA SER A 897 -4.80 -20.08 25.22
C SER A 897 -6.29 -20.38 25.24
N SER A 898 -6.66 -21.64 24.96
CA SER A 898 -8.08 -22.00 25.03
C SER A 898 -8.64 -21.78 26.42
N LYS A 899 -7.91 -22.23 27.45
CA LYS A 899 -8.43 -22.08 28.81
C LYS A 899 -8.54 -20.61 29.22
N VAL A 900 -7.50 -19.82 28.93
CA VAL A 900 -7.54 -18.42 29.36
C VAL A 900 -8.54 -17.63 28.53
N ASN A 901 -8.78 -18.02 27.28
CA ASN A 901 -9.82 -17.35 26.50
C ASN A 901 -11.20 -17.70 27.00
N ALA A 902 -11.40 -18.93 27.50
CA ALA A 902 -12.64 -19.25 28.17
C ALA A 902 -12.85 -18.36 29.38
N ILE A 903 -11.80 -18.13 30.16
CA ILE A 903 -11.91 -17.25 31.33
C ILE A 903 -12.23 -15.82 30.90
N THR A 904 -11.57 -15.33 29.85
CA THR A 904 -11.84 -13.99 29.35
C THR A 904 -13.30 -13.85 28.92
N SER A 905 -13.82 -14.86 28.22
CA SER A 905 -15.22 -14.82 27.80
C SER A 905 -16.15 -14.80 29.00
N GLN A 906 -15.84 -15.61 30.03
CA GLN A 906 -16.62 -15.54 31.27
C GLN A 906 -16.66 -14.12 31.81
N VAL A 907 -15.48 -13.49 31.92
CA VAL A 907 -15.41 -12.16 32.51
C VAL A 907 -16.24 -11.16 31.73
N VAL A 908 -16.07 -11.14 30.40
CA VAL A 908 -16.75 -10.12 29.61
C VAL A 908 -18.25 -10.35 29.60
N SER A 909 -18.69 -11.61 29.45
CA SER A 909 -20.12 -11.88 29.43
C SER A 909 -20.76 -11.61 30.77
N LYS A 910 -20.00 -11.76 31.87
CA LYS A 910 -20.55 -11.43 33.18
C LYS A 910 -20.64 -9.93 33.40
N CYS A 911 -19.61 -9.18 32.99
CA CYS A 911 -19.47 -7.79 33.40
C CYS A 911 -19.94 -6.79 32.36
N VAL A 912 -20.38 -7.23 31.20
CA VAL A 912 -20.94 -6.29 30.21
C VAL A 912 -22.27 -6.82 29.70
N PRO A 913 -23.34 -6.01 29.73
CA PRO A 913 -23.43 -4.65 30.26
C PRO A 913 -23.97 -4.60 31.69
N ASP A 914 -24.09 -5.74 32.36
CA ASP A 914 -24.69 -5.76 33.68
C ASP A 914 -23.89 -4.96 34.70
N GLY A 915 -22.57 -5.10 34.68
CA GLY A 915 -21.72 -4.43 35.64
C GLY A 915 -21.35 -3.00 35.33
N THR A 916 -21.78 -2.49 34.19
CA THR A 916 -21.40 -1.13 33.80
C THR A 916 -22.13 -0.10 34.65
N MET A 917 -21.46 1.05 34.84
CA MET A 917 -22.03 2.11 35.67
C MET A 917 -23.02 2.95 34.86
N LYS A 918 -22.56 3.52 33.75
CA LYS A 918 -23.42 4.23 32.81
C LYS A 918 -23.87 3.24 31.74
N LYS A 919 -25.18 3.16 31.50
CA LYS A 919 -25.73 2.13 30.64
C LYS A 919 -26.32 2.72 29.37
N PHE A 920 -26.53 1.84 28.39
CA PHE A 920 -27.11 2.23 27.12
C PHE A 920 -28.52 2.76 27.32
N PRO A 921 -28.93 3.80 26.58
CA PRO A 921 -28.21 4.53 25.53
C PRO A 921 -27.36 5.67 26.04
N CYS A 922 -27.38 5.95 27.34
CA CYS A 922 -26.57 7.03 27.88
C CYS A 922 -25.09 6.74 27.73
N ASN A 923 -24.69 5.49 27.93
CA ASN A 923 -23.30 5.09 27.78
C ASN A 923 -22.91 5.16 26.31
N SER A 924 -22.14 6.19 25.95
CA SER A 924 -21.78 6.39 24.55
C SER A 924 -20.80 5.35 24.05
N MET A 925 -19.97 4.79 24.93
CA MET A 925 -19.06 3.73 24.51
C MET A 925 -19.85 2.52 24.01
N GLN A 926 -20.78 2.03 24.81
CA GLN A 926 -21.62 0.93 24.38
C GLN A 926 -22.53 1.33 23.24
N ALA A 927 -22.95 2.59 23.19
CA ALA A 927 -23.75 3.06 22.05
C ALA A 927 -22.98 2.91 20.74
N MET A 928 -21.71 3.31 20.74
CA MET A 928 -20.89 3.15 19.55
C MET A 928 -20.66 1.67 19.24
N ALA A 929 -20.40 0.86 20.26
CA ALA A 929 -20.12 -0.56 20.03
C ALA A 929 -21.32 -1.27 19.42
N LEU A 930 -22.49 -1.13 20.05
CA LEU A 930 -23.68 -1.83 19.58
C LEU A 930 -24.20 -1.23 18.28
N SER A 931 -24.22 0.10 18.18
CA SER A 931 -24.78 0.77 17.03
C SER A 931 -23.98 0.53 15.76
N GLY A 932 -22.72 0.11 15.88
CA GLY A 932 -21.87 -0.05 14.71
C GLY A 932 -21.28 1.23 14.17
N ALA A 933 -21.40 2.34 14.89
CA ALA A 933 -20.77 3.58 14.44
C ALA A 933 -19.25 3.45 14.44
N LYS A 934 -18.69 2.97 15.56
CA LYS A 934 -17.26 2.71 15.67
C LYS A 934 -17.05 1.61 16.70
N GLY A 935 -15.89 0.96 16.60
CA GLY A 935 -15.52 -0.02 17.59
C GLY A 935 -16.34 -1.29 17.56
N SER A 936 -16.14 -2.09 18.59
CA SER A 936 -16.85 -3.36 18.71
C SER A 936 -16.87 -3.77 20.18
N ASN A 937 -17.60 -4.85 20.44
CA ASN A 937 -17.64 -5.39 21.79
C ASN A 937 -16.27 -5.86 22.24
N VAL A 938 -15.40 -6.24 21.29
CA VAL A 938 -14.03 -6.59 21.64
C VAL A 938 -13.30 -5.40 22.21
N ASN A 939 -13.39 -4.24 21.54
CA ASN A 939 -12.74 -3.04 22.04
C ASN A 939 -13.33 -2.60 23.37
N VAL A 940 -14.66 -2.66 23.51
CA VAL A 940 -15.28 -2.30 24.78
C VAL A 940 -14.78 -3.21 25.89
N SER A 941 -14.71 -4.51 25.62
CA SER A 941 -14.24 -5.46 26.62
C SER A 941 -12.78 -5.21 26.99
N GLN A 942 -11.95 -4.86 26.02
CA GLN A 942 -10.56 -4.59 26.32
C GLN A 942 -10.41 -3.33 27.15
N ILE A 943 -11.24 -2.32 26.89
CA ILE A 943 -11.17 -1.09 27.69
C ILE A 943 -11.68 -1.33 29.10
N MET A 944 -12.74 -2.11 29.26
CA MET A 944 -13.49 -2.11 30.51
C MET A 944 -13.35 -3.34 31.38
N CYS A 945 -12.98 -4.49 30.81
CA CYS A 945 -12.87 -5.72 31.60
C CYS A 945 -11.43 -6.23 31.68
N LEU A 946 -10.80 -6.52 30.54
CA LEU A 946 -9.42 -7.01 30.52
C LEU A 946 -8.98 -7.11 29.06
N LEU A 947 -7.68 -7.29 28.87
CA LEU A 947 -7.10 -7.40 27.53
C LEU A 947 -7.05 -8.84 27.03
N GLY A 948 -6.94 -9.80 27.93
CA GLY A 948 -6.94 -11.20 27.53
C GLY A 948 -5.58 -11.68 27.05
N GLN A 949 -5.61 -12.87 26.47
CA GLN A 949 -4.38 -13.51 26.01
C GLN A 949 -3.80 -12.76 24.82
N GLN A 950 -2.50 -12.52 24.87
CA GLN A 950 -1.77 -11.90 23.77
C GLN A 950 -1.24 -13.00 22.86
N ALA A 951 -1.71 -13.02 21.62
CA ALA A 951 -1.37 -14.07 20.67
C ALA A 951 -0.33 -13.56 19.69
N LEU A 952 0.79 -14.27 19.60
CA LEU A 952 1.91 -13.88 18.75
C LEU A 952 2.16 -14.98 17.74
N GLU A 953 1.99 -14.66 16.45
CA GLU A 953 2.20 -15.62 15.36
C GLU A 953 1.37 -16.88 15.57
N GLY A 954 0.17 -16.70 16.11
CA GLY A 954 -0.68 -17.83 16.44
C GLY A 954 -0.28 -18.57 17.70
N ARG A 955 0.68 -18.05 18.45
CA ARG A 955 1.12 -18.65 19.70
C ARG A 955 1.13 -17.58 20.79
N ARG A 956 1.55 -17.98 21.98
CA ARG A 956 1.75 -17.04 23.07
C ARG A 956 3.08 -16.32 22.90
N VAL A 957 3.53 -15.63 23.95
CA VAL A 957 4.76 -14.85 23.89
C VAL A 957 5.97 -15.77 23.76
N PRO A 958 7.02 -15.35 23.06
CA PRO A 958 8.21 -16.18 22.93
C PRO A 958 8.94 -16.35 24.27
N VAL A 959 9.61 -17.48 24.41
CA VAL A 959 10.30 -17.85 25.64
C VAL A 959 11.78 -18.04 25.32
N MET A 960 12.64 -17.42 26.12
CA MET A 960 14.08 -17.49 25.92
C MET A 960 14.60 -18.91 26.15
N VAL A 961 15.88 -19.10 25.85
CA VAL A 961 16.49 -20.42 25.93
C VAL A 961 16.59 -20.93 27.36
N SER A 962 16.40 -20.05 28.34
CA SER A 962 16.51 -20.43 29.75
C SER A 962 15.18 -20.85 30.36
N GLY A 963 14.10 -20.85 29.59
CA GLY A 963 12.79 -21.13 30.12
C GLY A 963 12.07 -19.93 30.69
N LYS A 964 12.71 -18.77 30.72
CA LYS A 964 12.10 -17.54 31.18
C LYS A 964 11.53 -16.78 29.99
N THR A 965 10.27 -16.42 30.07
CA THR A 965 9.65 -15.62 29.02
C THR A 965 9.95 -14.14 29.19
N LEU A 966 10.48 -13.74 30.34
CA LEU A 966 10.86 -12.36 30.65
C LEU A 966 11.77 -12.42 31.87
N PRO A 967 12.65 -11.44 32.07
CA PRO A 967 13.53 -11.49 33.25
C PRO A 967 12.76 -11.53 34.56
N SER A 968 11.55 -10.97 34.60
CA SER A 968 10.78 -10.91 35.83
C SER A 968 10.31 -12.29 36.27
N PHE A 969 10.02 -13.18 35.32
CA PHE A 969 9.40 -14.47 35.60
C PHE A 969 10.45 -15.56 35.76
N LYS A 970 10.28 -16.39 36.77
CA LYS A 970 11.21 -17.48 37.02
C LYS A 970 11.11 -18.51 35.89
N PRO A 971 12.16 -19.33 35.70
CA PRO A 971 12.15 -20.29 34.59
C PRO A 971 10.97 -21.24 34.68
N TYR A 972 10.38 -21.52 33.51
CA TYR A 972 9.27 -22.47 33.38
C TYR A 972 8.11 -22.10 34.30
N GLU A 973 7.78 -20.81 34.31
CA GLU A 973 6.72 -20.29 35.16
C GLU A 973 5.37 -20.71 34.59
N THR A 974 4.68 -21.60 35.29
CA THR A 974 3.34 -22.04 34.90
C THR A 974 2.33 -21.05 35.44
N ASP A 975 2.17 -19.94 34.72
CA ASP A 975 1.22 -18.91 35.09
C ASP A 975 0.74 -18.23 33.81
N ALA A 976 -0.54 -17.89 33.78
CA ALA A 976 -1.12 -17.28 32.59
C ALA A 976 -0.48 -15.93 32.30
N MET A 977 -0.22 -15.14 33.35
CA MET A 977 0.38 -13.82 33.15
C MET A 977 1.77 -13.93 32.55
N ALA A 978 2.53 -14.96 32.92
CA ALA A 978 3.85 -15.16 32.36
C ALA A 978 3.77 -15.39 30.85
N GLY A 979 2.82 -16.21 30.41
CA GLY A 979 2.68 -16.55 29.01
C GLY A 979 2.04 -15.49 28.15
N GLY A 980 1.60 -14.38 28.72
CA GLY A 980 1.02 -13.29 27.96
C GLY A 980 -0.43 -12.98 28.23
N TYR A 981 -1.00 -13.55 29.30
CA TYR A 981 -2.40 -13.29 29.63
C TYR A 981 -2.48 -11.98 30.41
N VAL A 982 -2.99 -10.94 29.76
CA VAL A 982 -3.06 -9.61 30.36
C VAL A 982 -4.39 -9.50 31.09
N LYS A 983 -4.34 -9.54 32.42
CA LYS A 983 -5.52 -9.27 33.24
C LYS A 983 -5.62 -7.79 33.57
N GLY A 984 -5.53 -6.96 32.55
CA GLY A 984 -5.55 -5.52 32.73
C GLY A 984 -6.29 -4.85 31.61
N ARG A 985 -6.87 -3.70 31.93
CA ARG A 985 -7.71 -2.97 31.00
C ARG A 985 -7.14 -1.59 30.76
N PHE A 986 -7.46 -1.03 29.59
CA PHE A 986 -6.96 0.29 29.26
C PHE A 986 -7.56 1.37 30.13
N TYR A 987 -8.65 1.07 30.84
CA TYR A 987 -9.19 2.03 31.80
C TYR A 987 -8.30 2.15 33.03
N SER A 988 -7.79 1.01 33.52
CA SER A 988 -7.01 1.00 34.74
C SER A 988 -5.51 0.86 34.52
N GLY A 989 -5.08 0.48 33.32
CA GLY A 989 -3.66 0.35 33.02
C GLY A 989 -3.14 -1.06 33.21
N ILE A 990 -2.05 -1.34 32.50
CA ILE A 990 -1.42 -2.66 32.51
C ILE A 990 -0.03 -2.57 33.11
N LYS A 991 0.37 -3.64 33.79
CA LYS A 991 1.66 -3.77 34.45
C LYS A 991 2.80 -3.70 33.44
N PRO A 992 4.06 -3.56 33.87
CA PRO A 992 5.16 -3.49 32.90
C PRO A 992 5.31 -4.72 32.03
N GLN A 993 5.16 -5.92 32.61
CA GLN A 993 5.29 -7.14 31.82
C GLN A 993 4.19 -7.24 30.77
N GLU A 994 2.95 -6.96 31.17
CA GLU A 994 1.85 -7.00 30.22
C GLU A 994 2.00 -5.91 29.17
N TYR A 995 2.58 -4.77 29.55
CA TYR A 995 2.90 -3.72 28.57
C TYR A 995 3.89 -4.24 27.54
N TYR A 996 4.92 -4.95 28.00
CA TYR A 996 5.91 -5.52 27.08
C TYR A 996 5.27 -6.52 26.12
N PHE A 997 4.43 -7.41 26.65
CA PHE A 997 3.76 -8.40 25.81
C PHE A 997 2.83 -7.74 24.81
N HIS A 998 2.07 -6.73 25.25
CA HIS A 998 1.19 -6.02 24.34
C HIS A 998 1.95 -5.27 23.27
N CYS A 999 3.15 -4.79 23.60
CA CYS A 999 4.01 -4.19 22.57
C CYS A 999 4.46 -5.22 21.56
N MET A 1000 4.80 -6.42 22.02
CA MET A 1000 5.09 -7.51 21.09
C MET A 1000 3.94 -7.72 20.10
N ALA A 1001 2.73 -7.85 20.64
CA ALA A 1001 1.56 -8.11 19.80
C ALA A 1001 1.30 -6.96 18.84
N GLY A 1002 1.40 -5.72 19.31
CA GLY A 1002 1.18 -4.58 18.43
C GLY A 1002 2.21 -4.48 17.33
N ARG A 1003 3.48 -4.78 17.65
CA ARG A 1003 4.51 -4.78 16.62
C ARG A 1003 4.24 -5.84 15.57
N GLU A 1004 3.82 -7.04 16.00
CA GLU A 1004 3.47 -8.08 15.03
C GLU A 1004 2.32 -7.62 14.14
N GLY A 1005 1.30 -6.99 14.74
CA GLY A 1005 0.19 -6.51 13.94
C GLY A 1005 0.61 -5.46 12.92
N LEU A 1006 1.47 -4.52 13.33
CA LEU A 1006 1.95 -3.50 12.40
C LEU A 1006 2.72 -4.13 11.26
N ILE A 1007 3.57 -5.12 11.56
CA ILE A 1007 4.32 -5.81 10.52
C ILE A 1007 3.37 -6.50 9.55
N ASP A 1008 2.36 -7.19 10.08
CA ASP A 1008 1.44 -7.93 9.22
C ASP A 1008 0.65 -6.98 8.33
N THR A 1009 0.19 -5.85 8.86
CA THR A 1009 -0.53 -4.88 8.03
C THR A 1009 0.37 -4.32 6.94
N ALA A 1010 1.63 -4.02 7.28
CA ALA A 1010 2.55 -3.49 6.29
C ALA A 1010 2.80 -4.49 5.16
N VAL A 1011 2.92 -5.78 5.50
CA VAL A 1011 3.10 -6.79 4.47
C VAL A 1011 1.83 -6.95 3.64
N LYS A 1012 0.67 -7.04 4.30
CA LYS A 1012 -0.58 -7.35 3.62
C LYS A 1012 -1.08 -6.20 2.75
N THR A 1013 -0.61 -4.97 2.98
CA THR A 1013 -1.07 -3.87 2.15
C THR A 1013 -0.70 -4.06 0.68
N SER A 1014 0.35 -4.82 0.38
CA SER A 1014 0.75 -5.03 -1.00
C SER A 1014 1.18 -6.48 -1.29
N ARG A 1015 0.96 -7.42 -0.37
CA ARG A 1015 1.25 -8.81 -0.70
C ARG A 1015 0.40 -9.34 -1.85
N SER A 1016 -0.72 -8.70 -2.16
CA SER A 1016 -1.64 -9.15 -3.19
C SER A 1016 -1.70 -8.20 -4.38
N GLY A 1017 -0.58 -7.54 -4.70
CA GLY A 1017 -0.59 -6.58 -5.78
C GLY A 1017 -0.28 -7.15 -7.14
N TYR A 1018 0.51 -8.23 -7.19
CA TYR A 1018 0.86 -8.85 -8.46
C TYR A 1018 -0.30 -9.65 -9.04
N LEU A 1019 -1.13 -10.24 -8.19
CA LEU A 1019 -2.22 -11.09 -8.64
C LEU A 1019 -3.21 -10.31 -9.50
N GLN A 1020 -3.56 -9.09 -9.08
CA GLN A 1020 -4.54 -8.31 -9.82
C GLN A 1020 -4.04 -8.01 -11.22
N ARG A 1021 -2.76 -7.64 -11.37
CA ARG A 1021 -2.27 -7.30 -12.71
C ARG A 1021 -2.09 -8.56 -13.55
N CYS A 1022 -1.68 -9.67 -12.93
CA CYS A 1022 -1.55 -10.91 -13.69
C CYS A 1022 -2.89 -11.35 -14.25
N LEU A 1023 -3.96 -11.23 -13.46
CA LEU A 1023 -5.30 -11.52 -13.96
C LEU A 1023 -5.74 -10.53 -15.02
N THR A 1024 -5.63 -9.22 -14.72
CA THR A 1024 -6.21 -8.21 -15.58
C THR A 1024 -5.52 -8.11 -16.93
N LYS A 1025 -4.25 -8.49 -17.04
CA LYS A 1025 -3.59 -8.43 -18.34
C LYS A 1025 -4.27 -9.37 -19.33
N GLN A 1026 -4.62 -10.58 -18.89
CA GLN A 1026 -5.29 -11.52 -19.77
C GLN A 1026 -6.79 -11.27 -19.86
N LEU A 1027 -7.42 -10.83 -18.77
CA LEU A 1027 -8.87 -10.66 -18.74
C LEU A 1027 -9.32 -9.27 -19.17
N GLU A 1028 -8.41 -8.39 -19.57
CA GLU A 1028 -8.79 -7.03 -19.91
C GLU A 1028 -9.67 -6.94 -21.15
N GLY A 1029 -9.78 -8.01 -21.93
CA GLY A 1029 -10.59 -7.96 -23.15
C GLY A 1029 -11.88 -8.76 -23.06
N VAL A 1030 -11.95 -9.67 -22.09
CA VAL A 1030 -13.14 -10.50 -21.95
C VAL A 1030 -14.33 -9.62 -21.59
N HIS A 1031 -15.29 -9.54 -22.51
CA HIS A 1031 -16.45 -8.69 -22.35
C HIS A 1031 -17.71 -9.47 -22.71
N VAL A 1032 -18.85 -8.78 -22.67
CA VAL A 1032 -20.14 -9.36 -23.04
C VAL A 1032 -20.50 -8.91 -24.44
N SER A 1033 -20.79 -9.87 -25.31
CA SER A 1033 -21.20 -9.57 -26.67
C SER A 1033 -22.72 -9.48 -26.77
N TYR A 1034 -23.20 -8.96 -27.89
CA TYR A 1034 -24.64 -8.85 -28.11
C TYR A 1034 -25.32 -10.20 -28.26
N ASP A 1035 -24.56 -11.28 -28.44
CA ASP A 1035 -25.10 -12.63 -28.38
C ASP A 1035 -25.38 -13.08 -26.97
N ASN A 1036 -25.12 -12.23 -25.96
CA ASN A 1036 -25.17 -12.58 -24.55
C ASN A 1036 -24.15 -13.65 -24.19
N SER A 1037 -23.16 -13.86 -25.05
CA SER A 1037 -22.05 -14.76 -24.80
C SER A 1037 -20.81 -13.93 -24.53
N ILE A 1038 -20.10 -14.24 -23.46
CA ILE A 1038 -18.91 -13.49 -23.10
C ILE A 1038 -17.71 -14.10 -23.83
N ARG A 1039 -16.92 -13.23 -24.46
CA ARG A 1039 -15.87 -13.72 -25.34
C ARG A 1039 -14.75 -12.70 -25.41
N ASP A 1040 -13.54 -13.21 -25.68
CA ASP A 1040 -12.32 -12.40 -25.64
C ASP A 1040 -12.34 -11.34 -26.74
N ALA A 1041 -11.33 -10.47 -26.69
CA ALA A 1041 -11.31 -9.31 -27.57
C ALA A 1041 -11.18 -9.70 -29.04
N ASP A 1042 -10.34 -10.69 -29.33
CA ASP A 1042 -10.19 -11.14 -30.72
C ASP A 1042 -11.48 -11.76 -31.24
N GLY A 1043 -12.17 -12.53 -30.40
CA GLY A 1043 -13.40 -13.17 -30.80
C GLY A 1043 -13.57 -14.55 -30.19
N THR A 1044 -12.52 -15.06 -29.56
CA THR A 1044 -12.59 -16.38 -28.94
C THR A 1044 -13.68 -16.40 -27.88
N LEU A 1045 -14.54 -17.41 -27.95
CA LEU A 1045 -15.66 -17.51 -27.02
C LEU A 1045 -15.22 -18.16 -25.72
N VAL A 1046 -15.48 -17.49 -24.61
CA VAL A 1046 -15.13 -17.99 -23.28
C VAL A 1046 -16.31 -18.68 -22.62
N GLN A 1047 -17.47 -18.02 -22.62
CA GLN A 1047 -18.70 -18.61 -22.13
C GLN A 1047 -19.85 -18.21 -23.04
N PHE A 1048 -20.83 -19.11 -23.16
CA PHE A 1048 -22.00 -18.85 -24.00
C PHE A 1048 -23.04 -17.99 -23.31
N MET A 1049 -22.94 -17.81 -22.00
CA MET A 1049 -23.90 -17.00 -21.25
C MET A 1049 -23.28 -16.68 -19.90
N TYR A 1050 -23.26 -15.39 -19.55
CA TYR A 1050 -22.54 -14.92 -18.37
C TYR A 1050 -23.09 -15.52 -17.09
N GLY A 1051 -22.31 -16.37 -16.43
CA GLY A 1051 -22.76 -17.01 -15.22
C GLY A 1051 -23.80 -18.09 -15.44
N GLY A 1052 -24.14 -18.39 -16.69
CA GLY A 1052 -25.20 -19.30 -17.02
C GLY A 1052 -26.56 -18.65 -17.17
N ASP A 1053 -26.73 -17.43 -16.66
CA ASP A 1053 -28.04 -16.78 -16.66
C ASP A 1053 -28.00 -15.32 -17.11
N ALA A 1054 -26.83 -14.74 -17.34
CA ALA A 1054 -26.70 -13.35 -17.80
C ALA A 1054 -27.29 -12.35 -16.82
N ILE A 1055 -27.24 -12.65 -15.54
CA ILE A 1055 -27.79 -11.76 -14.51
C ILE A 1055 -26.68 -10.85 -14.01
N ASP A 1056 -26.94 -9.53 -14.07
CA ASP A 1056 -26.00 -8.57 -13.52
C ASP A 1056 -25.95 -8.71 -12.01
N ILE A 1057 -24.73 -8.70 -11.45
CA ILE A 1057 -24.58 -8.90 -10.02
C ILE A 1057 -25.08 -7.68 -9.25
N THR A 1058 -24.87 -6.48 -9.80
CA THR A 1058 -25.37 -5.27 -9.16
C THR A 1058 -26.88 -5.16 -9.22
N LYS A 1059 -27.55 -6.00 -10.01
CA LYS A 1059 -29.00 -6.00 -10.10
C LYS A 1059 -29.62 -7.29 -9.59
N GLU A 1060 -28.80 -8.24 -9.14
CA GLU A 1060 -29.29 -9.51 -8.62
C GLU A 1060 -29.83 -9.41 -7.19
N SER A 1061 -29.72 -8.23 -6.56
CA SER A 1061 -29.99 -8.13 -5.13
C SER A 1061 -31.42 -8.53 -4.80
N HIS A 1062 -32.40 -7.78 -5.30
CA HIS A 1062 -33.81 -8.02 -5.00
C HIS A 1062 -34.48 -8.83 -6.11
N MET A 1063 -34.01 -10.06 -6.28
CA MET A 1063 -34.65 -11.03 -7.17
C MET A 1063 -35.25 -12.21 -6.44
N THR A 1064 -34.56 -12.74 -5.43
CA THR A 1064 -35.12 -13.77 -4.57
C THR A 1064 -35.83 -13.18 -3.36
N GLN A 1065 -35.90 -11.85 -3.27
CA GLN A 1065 -36.67 -11.17 -2.22
C GLN A 1065 -38.14 -11.09 -2.67
N PHE A 1066 -38.77 -12.26 -2.69
CA PHE A 1066 -40.14 -12.34 -3.18
C PHE A 1066 -41.12 -11.69 -2.22
N GLU A 1067 -40.88 -11.81 -0.91
CA GLU A 1067 -41.75 -11.13 0.06
C GLU A 1067 -41.66 -9.62 -0.09
N PHE A 1068 -40.44 -9.09 -0.23
CA PHE A 1068 -40.26 -7.66 -0.44
C PHE A 1068 -40.95 -7.21 -1.73
N CYS A 1069 -40.80 -8.00 -2.80
CA CYS A 1069 -41.42 -7.64 -4.07
C CYS A 1069 -42.94 -7.68 -3.97
N LEU A 1070 -43.48 -8.67 -3.26
CA LEU A 1070 -44.92 -8.73 -3.08
C LEU A 1070 -45.42 -7.53 -2.28
N ASP A 1071 -44.69 -7.15 -1.23
CA ASP A 1071 -45.10 -6.01 -0.42
C ASP A 1071 -45.06 -4.71 -1.21
N ASN A 1072 -44.05 -4.54 -2.08
CA ASN A 1072 -43.89 -3.30 -2.83
C ASN A 1072 -44.40 -3.43 -4.27
N TYR A 1073 -45.21 -4.44 -4.54
CA TYR A 1073 -45.76 -4.73 -5.86
C TYR A 1073 -46.17 -3.50 -6.68
N TYR A 1074 -46.90 -2.56 -6.07
CA TYR A 1074 -47.45 -1.48 -6.89
C TYR A 1074 -46.37 -0.50 -7.32
N ALA A 1075 -45.43 -0.19 -6.42
CA ALA A 1075 -44.33 0.68 -6.81
C ALA A 1075 -43.40 -0.02 -7.80
N LEU A 1076 -43.19 -1.32 -7.64
CA LEU A 1076 -42.38 -2.07 -8.60
C LEU A 1076 -43.05 -2.09 -9.97
N LEU A 1077 -44.37 -2.26 -10.01
CA LEU A 1077 -45.09 -2.21 -11.27
C LEU A 1077 -44.98 -0.82 -11.89
N LYS A 1078 -45.07 0.22 -11.06
CA LYS A 1078 -44.95 1.59 -11.58
C LYS A 1078 -43.57 1.82 -12.19
N LYS A 1079 -42.52 1.29 -11.56
CA LYS A 1079 -41.17 1.50 -12.06
C LYS A 1079 -40.87 0.65 -13.30
N TYR A 1080 -41.46 -0.54 -13.40
CA TYR A 1080 -41.18 -1.41 -14.53
C TYR A 1080 -42.02 -1.07 -15.76
N ASN A 1081 -43.28 -0.65 -15.55
CA ASN A 1081 -44.17 -0.20 -16.61
C ASN A 1081 -44.31 -1.24 -17.71
N PRO A 1082 -44.96 -2.38 -17.44
CA PRO A 1082 -45.21 -3.35 -18.51
C PRO A 1082 -46.12 -2.83 -19.62
N SER A 1083 -46.66 -1.63 -19.47
CA SER A 1083 -47.46 -1.03 -20.54
C SER A 1083 -46.61 -0.77 -21.78
N ALA A 1084 -45.36 -0.39 -21.58
CA ALA A 1084 -44.44 -0.11 -22.68
C ALA A 1084 -43.51 -1.28 -22.98
N LEU A 1085 -43.73 -2.43 -22.35
CA LEU A 1085 -42.86 -3.59 -22.49
C LEU A 1085 -43.66 -4.82 -22.92
N ILE A 1086 -44.57 -4.64 -23.88
CA ILE A 1086 -45.38 -5.72 -24.43
C ILE A 1086 -45.23 -5.85 -25.93
N GLU A 1087 -45.30 -4.72 -26.65
CA GLU A 1087 -45.20 -4.75 -28.10
C GLU A 1087 -43.80 -5.05 -28.60
N HIS A 1088 -42.80 -5.04 -27.71
CA HIS A 1088 -41.41 -5.33 -28.08
C HIS A 1088 -40.91 -6.64 -27.50
N LEU A 1089 -41.80 -7.48 -26.99
CA LEU A 1089 -41.42 -8.75 -26.40
C LEU A 1089 -42.31 -9.87 -26.92
N ASP A 1090 -41.76 -11.08 -26.93
CA ASP A 1090 -42.54 -12.29 -27.15
C ASP A 1090 -42.82 -12.91 -25.79
N VAL A 1091 -44.10 -13.03 -25.43
CA VAL A 1091 -44.49 -13.34 -24.07
C VAL A 1091 -45.19 -14.69 -23.95
N GLU A 1092 -45.12 -15.52 -24.98
CA GLU A 1092 -45.80 -16.81 -24.94
C GLU A 1092 -44.89 -17.99 -25.21
N SER A 1093 -43.99 -17.88 -26.18
CA SER A 1093 -43.19 -19.03 -26.59
C SER A 1093 -42.21 -19.46 -25.50
N ALA A 1094 -41.52 -18.48 -24.91
CA ALA A 1094 -40.58 -18.80 -23.83
C ALA A 1094 -41.32 -19.40 -22.64
N LEU A 1095 -42.50 -18.88 -22.32
CA LEU A 1095 -43.28 -19.41 -21.21
C LEU A 1095 -43.72 -20.86 -21.48
N LYS A 1096 -44.17 -21.14 -22.70
CA LYS A 1096 -44.57 -22.50 -23.05
C LYS A 1096 -43.39 -23.46 -22.97
N TYR A 1097 -42.24 -23.07 -23.53
CA TYR A 1097 -41.08 -23.93 -23.48
C TYR A 1097 -40.62 -24.17 -22.05
N SER A 1098 -40.67 -23.12 -21.22
CA SER A 1098 -40.27 -23.27 -19.82
C SER A 1098 -41.23 -24.18 -19.06
N LYS A 1099 -42.53 -24.09 -19.36
CA LYS A 1099 -43.47 -25.02 -18.74
C LYS A 1099 -43.18 -26.46 -19.13
N LYS A 1100 -42.90 -26.70 -20.41
CA LYS A 1100 -42.56 -28.05 -20.84
C LYS A 1100 -41.32 -28.56 -20.13
N THR A 1101 -40.28 -27.72 -20.07
CA THR A 1101 -39.02 -28.13 -19.46
C THR A 1101 -39.20 -28.40 -17.98
N LEU A 1102 -39.97 -27.55 -17.28
CA LEU A 1102 -40.22 -27.76 -15.87
C LEU A 1102 -40.99 -29.05 -15.63
N LYS A 1103 -41.98 -29.33 -16.48
CA LYS A 1103 -42.73 -30.57 -16.33
C LYS A 1103 -41.82 -31.79 -16.50
N TYR A 1104 -40.96 -31.76 -17.52
CA TYR A 1104 -40.05 -32.87 -17.74
C TYR A 1104 -39.09 -33.03 -16.57
N ARG A 1105 -38.54 -31.92 -16.07
CA ARG A 1105 -37.60 -31.99 -14.96
C ARG A 1105 -38.27 -32.50 -13.68
N LYS A 1106 -39.52 -32.08 -13.45
CA LYS A 1106 -40.24 -32.58 -12.27
C LYS A 1106 -40.51 -34.08 -12.40
N LYS A 1107 -40.87 -34.54 -13.60
CA LYS A 1107 -41.04 -35.98 -13.81
C LYS A 1107 -39.74 -36.72 -13.54
N HIS A 1108 -38.62 -36.20 -14.05
CA HIS A 1108 -37.30 -36.77 -13.86
C HIS A 1108 -36.65 -36.13 -12.63
N SER A 1109 -35.32 -36.24 -12.51
CA SER A 1109 -34.47 -35.67 -11.46
C SER A 1109 -34.47 -36.50 -10.20
N LYS A 1110 -35.12 -37.67 -10.19
CA LYS A 1110 -34.92 -38.66 -9.15
C LYS A 1110 -33.84 -39.66 -9.53
N GLU A 1111 -33.13 -39.42 -10.63
CA GLU A 1111 -32.08 -40.23 -11.19
C GLU A 1111 -30.81 -39.40 -11.37
N PRO A 1112 -29.63 -40.02 -11.34
CA PRO A 1112 -28.39 -39.25 -11.37
C PRO A 1112 -28.20 -38.47 -12.66
N HIS A 1113 -27.18 -37.61 -12.65
CA HIS A 1113 -26.99 -36.64 -13.72
C HIS A 1113 -26.49 -37.29 -15.01
N TYR A 1114 -25.75 -38.39 -14.91
CA TYR A 1114 -25.24 -39.06 -16.10
C TYR A 1114 -26.31 -39.87 -16.82
N LYS A 1115 -27.21 -40.49 -16.06
CA LYS A 1115 -28.19 -41.39 -16.66
C LYS A 1115 -29.32 -40.63 -17.35
N GLN A 1116 -29.62 -39.42 -16.91
CA GLN A 1116 -30.73 -38.67 -17.50
C GLN A 1116 -30.41 -38.27 -18.93
N SER A 1117 -31.39 -38.45 -19.81
CA SER A 1117 -31.34 -37.93 -21.16
C SER A 1117 -31.88 -36.51 -21.16
N VAL A 1118 -31.23 -35.63 -21.91
CA VAL A 1118 -31.56 -34.21 -21.80
C VAL A 1118 -32.90 -33.95 -22.46
N LYS A 1119 -32.98 -34.12 -23.78
CA LYS A 1119 -34.21 -34.04 -24.55
C LYS A 1119 -34.81 -32.63 -24.54
N TYR A 1120 -34.25 -31.75 -23.70
CA TYR A 1120 -34.75 -30.38 -23.56
C TYR A 1120 -33.63 -29.56 -22.95
N ASP A 1121 -33.03 -28.68 -23.74
CA ASP A 1121 -32.04 -27.77 -23.20
C ASP A 1121 -32.75 -26.70 -22.36
N PRO A 1122 -32.04 -26.09 -21.41
CA PRO A 1122 -32.65 -25.03 -20.61
C PRO A 1122 -33.09 -23.86 -21.48
N VAL A 1123 -34.14 -23.17 -21.02
CA VAL A 1123 -34.78 -22.15 -21.84
C VAL A 1123 -33.81 -21.04 -22.22
N LEU A 1124 -32.80 -20.79 -21.38
CA LEU A 1124 -31.82 -19.76 -21.70
C LEU A 1124 -31.03 -20.10 -22.95
N ALA A 1125 -30.89 -21.40 -23.26
CA ALA A 1125 -30.17 -21.79 -24.46
C ALA A 1125 -30.94 -21.43 -25.73
N LYS A 1126 -32.24 -21.74 -25.77
CA LYS A 1126 -33.01 -21.52 -26.98
C LYS A 1126 -33.39 -20.05 -27.15
N TYR A 1127 -34.00 -19.44 -26.14
CA TYR A 1127 -34.58 -18.12 -26.26
C TYR A 1127 -33.73 -17.08 -25.54
N ASN A 1128 -33.57 -15.94 -26.19
CA ASN A 1128 -32.80 -14.83 -25.62
C ASN A 1128 -33.51 -14.31 -24.37
N PRO A 1129 -32.86 -14.31 -23.21
CA PRO A 1129 -33.53 -13.80 -22.00
C PRO A 1129 -33.87 -12.33 -22.06
N ALA A 1130 -33.22 -11.55 -22.91
CA ALA A 1130 -33.49 -10.13 -23.02
C ALA A 1130 -34.51 -9.79 -24.09
N LYS A 1131 -35.08 -10.80 -24.73
CA LYS A 1131 -36.08 -10.58 -25.78
C LYS A 1131 -37.33 -11.41 -25.61
N TYR A 1132 -37.31 -12.47 -24.80
CA TYR A 1132 -38.44 -13.36 -24.60
C TYR A 1132 -38.79 -13.39 -23.11
N LEU A 1133 -39.98 -12.91 -22.78
CA LEU A 1133 -40.42 -12.93 -21.39
C LEU A 1133 -40.72 -14.36 -20.95
N GLY A 1134 -40.22 -14.71 -19.77
CA GLY A 1134 -40.37 -16.04 -19.23
C GLY A 1134 -39.16 -16.92 -19.35
N SER A 1135 -38.18 -16.53 -20.16
CA SER A 1135 -36.93 -17.28 -20.31
C SER A 1135 -36.02 -16.91 -19.14
N VAL A 1136 -35.98 -17.80 -18.14
CA VAL A 1136 -35.26 -17.54 -16.90
C VAL A 1136 -34.46 -18.79 -16.54
N SER A 1137 -33.56 -18.62 -15.59
CA SER A 1137 -32.72 -19.74 -15.15
C SER A 1137 -33.56 -20.76 -14.39
N GLU A 1138 -33.04 -21.99 -14.35
CA GLU A 1138 -33.78 -23.08 -13.69
C GLU A 1138 -33.91 -22.83 -12.20
N ASN A 1139 -32.92 -22.17 -11.59
CA ASN A 1139 -32.99 -21.87 -10.16
C ASN A 1139 -34.01 -20.78 -9.87
N PHE A 1140 -34.03 -19.72 -10.69
CA PHE A 1140 -34.99 -18.65 -10.49
C PHE A 1140 -36.41 -19.16 -10.66
N GLN A 1141 -36.66 -19.95 -11.70
CA GLN A 1141 -38.00 -20.48 -11.92
C GLN A 1141 -38.42 -21.41 -10.79
N ASP A 1142 -37.50 -22.27 -10.33
CA ASP A 1142 -37.82 -23.15 -9.22
C ASP A 1142 -38.15 -22.37 -7.96
N LYS A 1143 -37.37 -21.32 -7.66
CA LYS A 1143 -37.64 -20.53 -6.48
C LYS A 1143 -38.97 -19.77 -6.59
N LEU A 1144 -39.26 -19.21 -7.76
CA LEU A 1144 -40.51 -18.49 -7.96
C LEU A 1144 -41.70 -19.43 -7.77
N GLU A 1145 -41.64 -20.61 -8.37
CA GLU A 1145 -42.75 -21.55 -8.22
C GLU A 1145 -42.87 -22.06 -6.79
N SER A 1146 -41.74 -22.30 -6.13
CA SER A 1146 -41.80 -22.73 -4.73
C SER A 1146 -42.42 -21.66 -3.84
N PHE A 1147 -42.08 -20.40 -4.09
CA PHE A 1147 -42.69 -19.31 -3.34
C PHE A 1147 -44.19 -19.24 -3.56
N LEU A 1148 -44.61 -19.21 -4.84
CA LEU A 1148 -46.02 -19.10 -5.15
C LEU A 1148 -46.81 -20.31 -4.67
N ASP A 1149 -46.15 -21.46 -4.51
CA ASP A 1149 -46.85 -22.64 -4.02
C ASP A 1149 -46.85 -22.73 -2.50
N LYS A 1150 -45.85 -22.16 -1.84
CA LYS A 1150 -45.74 -22.28 -0.39
C LYS A 1150 -46.47 -21.18 0.35
N ASN A 1151 -46.66 -20.01 -0.25
CA ASN A 1151 -47.45 -18.95 0.39
C ASN A 1151 -48.49 -18.42 -0.59
N SER A 1152 -49.76 -18.65 -0.25
CA SER A 1152 -50.89 -18.18 -1.03
C SER A 1152 -51.50 -16.99 -0.30
N LYS A 1153 -51.20 -15.78 -0.78
CA LYS A 1153 -51.69 -14.56 -0.15
C LYS A 1153 -52.32 -13.62 -1.17
N GLY A 1160 -54.44 -7.02 -2.32
CA GLY A 1160 -54.83 -8.28 -2.91
C GLY A 1160 -54.43 -8.41 -4.36
N VAL A 1161 -53.37 -9.18 -4.61
CA VAL A 1161 -52.85 -9.40 -5.95
C VAL A 1161 -52.62 -10.89 -6.14
N ASN A 1162 -53.07 -11.42 -7.29
CA ASN A 1162 -53.01 -12.84 -7.57
C ASN A 1162 -51.60 -13.25 -8.01
N GLU A 1163 -51.37 -14.57 -8.01
CA GLU A 1163 -50.08 -15.13 -8.37
C GLU A 1163 -49.70 -14.89 -9.82
N LYS A 1164 -50.67 -14.73 -10.72
CA LYS A 1164 -50.36 -14.55 -12.14
C LYS A 1164 -49.62 -13.24 -12.39
N LYS A 1165 -50.16 -12.13 -11.88
CA LYS A 1165 -49.52 -10.84 -12.10
C LYS A 1165 -48.21 -10.74 -11.34
N PHE A 1166 -48.11 -11.35 -10.16
CA PHE A 1166 -46.84 -11.35 -9.45
C PHE A 1166 -45.77 -12.12 -10.21
N ARG A 1167 -46.15 -13.29 -10.76
CA ARG A 1167 -45.19 -14.05 -11.56
C ARG A 1167 -44.77 -13.28 -12.80
N ALA A 1168 -45.72 -12.61 -13.46
CA ALA A 1168 -45.38 -11.81 -14.62
C ALA A 1168 -44.42 -10.68 -14.25
N LEU A 1169 -44.66 -10.02 -13.12
CA LEU A 1169 -43.78 -8.95 -12.68
C LEU A 1169 -42.39 -9.48 -12.36
N MET A 1170 -42.31 -10.64 -11.69
CA MET A 1170 -40.99 -11.19 -11.35
C MET A 1170 -40.22 -11.62 -12.59
N GLN A 1171 -40.92 -12.16 -13.59
CA GLN A 1171 -40.25 -12.51 -14.84
C GLN A 1171 -39.78 -11.27 -15.59
N LEU A 1172 -40.58 -10.19 -15.55
CA LEU A 1172 -40.12 -8.94 -16.15
C LEU A 1172 -38.92 -8.38 -15.40
N LYS A 1173 -38.90 -8.54 -14.08
CA LYS A 1173 -37.74 -8.10 -13.30
C LYS A 1173 -36.50 -8.91 -13.66
N TYR A 1174 -36.66 -10.22 -13.87
CA TYR A 1174 -35.54 -11.03 -14.34
C TYR A 1174 -35.07 -10.55 -15.70
N MET A 1175 -36.01 -10.20 -16.59
CA MET A 1175 -35.62 -9.68 -17.90
C MET A 1175 -34.83 -8.38 -17.74
N ARG A 1176 -35.25 -7.51 -16.82
CA ARG A 1176 -34.60 -6.22 -16.67
C ARG A 1176 -33.35 -6.26 -15.80
N SER A 1177 -33.05 -7.41 -15.19
CA SER A 1177 -31.85 -7.58 -14.36
C SER A 1177 -30.74 -8.29 -15.12
N LEU A 1178 -30.62 -8.05 -16.42
CA LEU A 1178 -29.65 -8.75 -17.26
C LEU A 1178 -28.44 -7.86 -17.52
N ILE A 1179 -27.28 -8.50 -17.66
CA ILE A 1179 -26.02 -7.78 -17.81
C ILE A 1179 -25.90 -7.26 -19.23
N ASN A 1180 -25.61 -5.97 -19.36
CA ASN A 1180 -25.71 -5.29 -20.65
C ASN A 1180 -24.60 -5.75 -21.60
N PRO A 1181 -24.88 -5.75 -22.90
CA PRO A 1181 -23.83 -6.03 -23.88
C PRO A 1181 -22.77 -4.93 -23.89
N GLY A 1182 -21.52 -5.36 -23.84
CA GLY A 1182 -20.39 -4.46 -23.72
C GLY A 1182 -19.80 -4.35 -22.33
N GLU A 1183 -20.31 -5.13 -21.38
CA GLU A 1183 -19.80 -5.08 -20.02
C GLU A 1183 -18.39 -5.65 -19.96
N ALA A 1184 -17.52 -5.00 -19.18
CA ALA A 1184 -16.14 -5.45 -19.00
C ALA A 1184 -16.11 -6.51 -17.89
N VAL A 1185 -16.72 -7.65 -18.20
CA VAL A 1185 -16.86 -8.70 -17.19
C VAL A 1185 -15.52 -9.27 -16.79
N GLY A 1186 -14.56 -9.35 -17.70
CA GLY A 1186 -13.24 -9.84 -17.33
C GLY A 1186 -12.54 -8.94 -16.34
N ILE A 1187 -12.55 -7.63 -16.61
CA ILE A 1187 -11.97 -6.67 -15.67
C ILE A 1187 -12.68 -6.73 -14.34
N ILE A 1188 -14.01 -6.81 -14.36
CA ILE A 1188 -14.78 -6.83 -13.12
C ILE A 1188 -14.44 -8.08 -12.30
N ALA A 1189 -14.34 -9.23 -12.96
CA ALA A 1189 -14.00 -10.46 -12.26
C ALA A 1189 -12.60 -10.39 -11.68
N SER A 1190 -11.64 -9.87 -12.46
CA SER A 1190 -10.27 -9.76 -11.96
C SER A 1190 -10.21 -8.85 -10.75
N GLN A 1191 -10.89 -7.71 -10.80
CA GLN A 1191 -10.87 -6.78 -9.66
C GLN A 1191 -11.58 -7.36 -8.45
N SER A 1192 -12.68 -8.07 -8.66
CA SER A 1192 -13.44 -8.64 -7.55
C SER A 1192 -12.80 -9.89 -6.98
N VAL A 1193 -11.82 -10.48 -7.65
CA VAL A 1193 -11.02 -11.53 -7.03
C VAL A 1193 -9.67 -11.04 -6.55
N GLY A 1194 -9.25 -9.84 -6.94
CA GLY A 1194 -8.01 -9.27 -6.46
C GLY A 1194 -8.16 -8.40 -5.23
N GLU A 1195 -9.07 -7.42 -5.28
CA GLU A 1195 -9.22 -6.51 -4.15
C GLU A 1195 -9.65 -7.21 -2.87
N PRO A 1196 -10.64 -8.11 -2.87
CA PRO A 1196 -10.98 -8.81 -1.61
C PRO A 1196 -9.85 -9.67 -1.07
N SER A 1197 -8.86 -10.01 -1.88
CA SER A 1197 -7.73 -10.79 -1.38
C SER A 1197 -6.94 -9.99 -0.34
N THR A 1198 -6.86 -8.67 -0.49
CA THR A 1198 -6.16 -7.85 0.48
C THR A 1198 -6.80 -7.93 1.86
N GLN A 1199 -8.10 -8.22 1.92
CA GLN A 1199 -8.79 -8.34 3.20
C GLN A 1199 -8.40 -9.58 3.99
N MET A 1200 -7.44 -10.37 3.49
CA MET A 1200 -7.05 -11.60 4.16
C MET A 1200 -6.33 -11.32 5.47
N ASN A 1214 -4.64 -27.51 7.49
CA ASN A 1214 -3.24 -27.76 7.13
C ASN A 1214 -3.05 -27.66 5.62
N VAL A 1215 -3.86 -26.82 4.99
CA VAL A 1215 -3.80 -26.59 3.55
C VAL A 1215 -3.57 -25.10 3.32
N THR A 1216 -2.74 -24.79 2.32
CA THR A 1216 -2.34 -23.41 2.08
C THR A 1216 -3.56 -22.52 1.84
N LEU A 1217 -3.52 -21.31 2.40
CA LEU A 1217 -4.65 -20.40 2.38
C LEU A 1217 -4.24 -19.06 1.79
N GLY A 1218 -5.25 -18.25 1.50
CA GLY A 1218 -5.02 -16.85 1.16
C GLY A 1218 -4.19 -16.68 -0.10
N ILE A 1219 -3.25 -15.73 -0.03
CA ILE A 1219 -2.46 -15.39 -1.21
C ILE A 1219 -1.61 -16.54 -1.71
N PRO A 1220 -0.94 -17.34 -0.87
CA PRO A 1220 -0.21 -18.50 -1.40
C PRO A 1220 -1.09 -19.46 -2.19
N ARG A 1221 -2.30 -19.73 -1.72
CA ARG A 1221 -3.17 -20.65 -2.44
C ARG A 1221 -3.71 -20.03 -3.72
N LEU A 1222 -4.04 -18.72 -3.68
CA LEU A 1222 -4.43 -18.04 -4.90
C LEU A 1222 -3.30 -18.03 -5.92
N ARG A 1223 -2.06 -17.96 -5.44
CA ARG A 1223 -0.90 -18.07 -6.34
C ARG A 1223 -0.83 -19.46 -6.96
N GLU A 1224 -0.92 -20.49 -6.12
CA GLU A 1224 -0.84 -21.86 -6.64
C GLU A 1224 -1.92 -22.13 -7.67
N ILE A 1225 -3.12 -21.58 -7.47
CA ILE A 1225 -4.24 -21.90 -8.34
C ILE A 1225 -4.23 -21.03 -9.59
N VAL A 1226 -4.33 -19.71 -9.42
CA VAL A 1226 -4.67 -18.83 -10.54
C VAL A 1226 -3.47 -18.04 -11.05
N MET A 1227 -2.33 -18.06 -10.37
CA MET A 1227 -1.17 -17.30 -10.80
C MET A 1227 -0.15 -18.13 -11.57
N THR A 1228 0.04 -19.40 -11.19
CA THR A 1228 1.01 -20.25 -11.87
C THR A 1228 0.45 -21.60 -12.28
N ALA A 1229 -0.66 -22.07 -11.70
CA ALA A 1229 -1.27 -23.35 -12.02
C ALA A 1229 -0.26 -24.49 -11.86
N SER A 1230 0.27 -24.60 -10.64
CA SER A 1230 1.29 -25.60 -10.36
C SER A 1230 0.69 -26.99 -10.37
N ALA A 1231 1.36 -27.92 -11.08
CA ALA A 1231 0.93 -29.31 -11.06
C ALA A 1231 1.26 -29.96 -9.73
N ALA A 1232 2.30 -29.49 -9.05
CA ALA A 1232 2.68 -29.97 -7.72
C ALA A 1232 2.42 -28.85 -6.73
N ILE A 1233 1.32 -28.95 -6.00
CA ILE A 1233 0.97 -27.96 -4.99
C ILE A 1233 1.57 -28.36 -3.65
N LYS A 1234 1.64 -27.40 -2.73
CA LYS A 1234 2.28 -27.66 -1.44
C LYS A 1234 1.54 -28.73 -0.65
N THR A 1235 0.20 -28.70 -0.68
CA THR A 1235 -0.63 -29.63 0.08
C THR A 1235 -1.65 -30.27 -0.84
N PRO A 1236 -1.26 -31.29 -1.59
CA PRO A 1236 -2.22 -32.02 -2.42
C PRO A 1236 -3.09 -32.93 -1.55
N GLN A 1237 -4.41 -32.72 -1.61
CA GLN A 1237 -5.36 -33.52 -0.86
C GLN A 1237 -6.50 -33.96 -1.77
N MET A 1238 -7.08 -35.11 -1.45
CA MET A 1238 -8.30 -35.55 -2.11
C MET A 1238 -9.27 -36.08 -1.05
N THR A 1239 -10.53 -35.67 -1.17
CA THR A 1239 -11.57 -36.05 -0.22
C THR A 1239 -12.24 -37.34 -0.65
N LEU A 1240 -12.48 -38.22 0.33
CA LEU A 1240 -13.05 -39.54 0.07
C LEU A 1240 -14.39 -39.68 0.78
N PRO A 1241 -15.51 -39.61 0.08
CA PRO A 1241 -16.80 -39.92 0.71
C PRO A 1241 -16.86 -41.37 1.14
N ILE A 1242 -17.63 -41.63 2.20
CA ILE A 1242 -17.73 -42.96 2.78
C ILE A 1242 -19.15 -43.48 2.58
N TRP A 1243 -19.28 -44.80 2.48
CA TRP A 1243 -20.59 -45.42 2.50
C TRP A 1243 -21.22 -45.29 3.88
N ASN A 1244 -22.54 -45.12 3.89
CA ASN A 1244 -23.26 -44.94 5.14
C ASN A 1244 -23.31 -46.21 5.99
N ASP A 1245 -22.92 -47.35 5.44
CA ASP A 1245 -22.89 -48.61 6.19
C ASP A 1245 -21.53 -48.91 6.78
N VAL A 1246 -20.58 -47.98 6.70
CA VAL A 1246 -19.25 -48.16 7.25
C VAL A 1246 -19.16 -47.40 8.56
N SER A 1247 -18.90 -48.12 9.64
CA SER A 1247 -18.79 -47.49 10.96
C SER A 1247 -17.51 -46.65 11.02
N ASP A 1248 -17.49 -45.72 12.00
CA ASP A 1248 -16.32 -44.88 12.19
C ASP A 1248 -15.09 -45.71 12.53
N GLU A 1249 -15.26 -46.81 13.24
CA GLU A 1249 -14.13 -47.70 13.52
C GLU A 1249 -13.56 -48.26 12.22
N GLN A 1250 -14.43 -48.70 11.31
CA GLN A 1250 -13.98 -49.22 10.04
C GLN A 1250 -13.33 -48.13 9.20
N ALA A 1251 -13.87 -46.91 9.25
CA ALA A 1251 -13.25 -45.81 8.52
C ALA A 1251 -11.86 -45.50 9.04
N ASP A 1252 -11.69 -45.50 10.37
CA ASP A 1252 -10.37 -45.27 10.95
C ASP A 1252 -9.41 -46.39 10.60
N THR A 1253 -9.87 -47.63 10.62
CA THR A 1253 -9.01 -48.75 10.24
C THR A 1253 -8.59 -48.63 8.78
N PHE A 1254 -9.52 -48.23 7.91
CA PHE A 1254 -9.19 -48.01 6.51
C PHE A 1254 -8.17 -46.88 6.35
N CYS A 1255 -8.32 -45.80 7.12
CA CYS A 1255 -7.36 -44.72 7.06
C CYS A 1255 -5.97 -45.20 7.48
N LYS A 1256 -5.90 -45.98 8.55
CA LYS A 1256 -4.60 -46.51 8.98
C LYS A 1256 -4.00 -47.43 7.92
N SER A 1257 -4.82 -48.29 7.32
CA SER A 1257 -4.31 -49.25 6.35
C SER A 1257 -3.99 -48.60 5.01
N ILE A 1258 -4.46 -47.37 4.77
CA ILE A 1258 -4.13 -46.68 3.54
C ILE A 1258 -2.95 -45.73 3.71
N SER A 1259 -2.85 -45.07 4.86
CA SER A 1259 -1.75 -44.15 5.10
C SER A 1259 -0.42 -44.88 5.11
N LYS A 1260 0.61 -44.21 4.59
CA LYS A 1260 1.92 -44.82 4.47
C LYS A 1260 2.59 -44.96 5.83
N VAL A 1261 3.53 -45.89 5.91
CA VAL A 1261 4.32 -46.12 7.12
C VAL A 1261 5.74 -46.44 6.70
N LEU A 1262 6.69 -45.59 7.09
CA LEU A 1262 8.09 -45.82 6.81
C LEU A 1262 8.65 -46.87 7.76
N LEU A 1263 9.84 -47.39 7.42
CA LEU A 1263 10.48 -48.37 8.30
C LEU A 1263 10.95 -47.73 9.60
N SER A 1264 11.31 -46.44 9.55
CA SER A 1264 11.81 -45.74 10.72
C SER A 1264 10.75 -45.55 11.79
N GLU A 1265 9.49 -45.81 11.49
CA GLU A 1265 8.39 -45.60 12.42
C GLU A 1265 8.08 -46.82 13.25
N VAL A 1266 8.87 -47.88 13.16
CA VAL A 1266 8.73 -49.04 14.02
C VAL A 1266 10.07 -49.35 14.68
N ILE A 1267 11.06 -48.51 14.45
CA ILE A 1267 12.41 -48.73 14.96
C ILE A 1267 12.53 -48.10 16.34
N ASP A 1268 12.99 -48.89 17.31
CA ASP A 1268 13.30 -48.33 18.62
C ASP A 1268 14.70 -47.73 18.65
N LYS A 1269 15.72 -48.54 18.38
CA LYS A 1269 17.10 -48.08 18.30
C LYS A 1269 17.90 -49.06 17.47
N VAL A 1270 19.03 -48.58 16.95
CA VAL A 1270 19.93 -49.37 16.12
C VAL A 1270 21.32 -49.34 16.75
N ILE A 1271 21.91 -50.52 16.92
CA ILE A 1271 23.24 -50.65 17.52
C ILE A 1271 24.17 -51.24 16.46
N VAL A 1272 25.23 -50.53 16.15
CA VAL A 1272 26.19 -50.93 15.13
C VAL A 1272 27.49 -51.30 15.83
N THR A 1273 27.78 -52.59 15.90
CA THR A 1273 28.97 -53.11 16.58
C THR A 1273 30.05 -53.35 15.53
N GLU A 1274 30.77 -52.29 15.18
CA GLU A 1274 31.81 -52.37 14.15
C GLU A 1274 33.08 -52.98 14.74
N THR A 1275 33.59 -54.03 14.09
CA THR A 1275 34.81 -54.70 14.51
C THR A 1275 35.71 -54.89 13.30
N THR A 1276 36.97 -54.49 13.43
CA THR A 1276 37.94 -54.63 12.35
C THR A 1276 38.94 -55.76 12.57
N GLY A 1277 38.69 -56.61 13.57
CA GLY A 1277 39.59 -57.72 13.84
C GLY A 1277 39.51 -58.82 12.81
N ALA A 1287 37.76 -57.12 5.80
CA ALA A 1287 37.78 -57.62 7.17
C ALA A 1287 37.11 -56.63 8.12
N ARG A 1288 36.68 -55.50 7.56
CA ARG A 1288 35.95 -54.48 8.33
C ARG A 1288 34.47 -54.85 8.31
N SER A 1289 33.96 -55.29 9.45
CA SER A 1289 32.61 -55.82 9.56
C SER A 1289 31.68 -54.81 10.22
N TYR A 1290 30.41 -55.18 10.27
CA TYR A 1290 29.38 -54.44 11.00
C TYR A 1290 28.33 -55.43 11.45
N VAL A 1291 27.81 -55.23 12.65
CA VAL A 1291 26.74 -56.06 13.20
C VAL A 1291 25.59 -55.11 13.52
N ILE A 1292 24.69 -54.92 12.57
CA ILE A 1292 23.66 -53.89 12.65
C ILE A 1292 22.44 -54.52 13.31
N HIS A 1293 22.40 -54.45 14.64
CA HIS A 1293 21.24 -54.89 15.41
C HIS A 1293 20.15 -53.84 15.31
N MET A 1294 18.94 -54.28 14.96
CA MET A 1294 17.78 -53.39 14.85
C MET A 1294 16.80 -53.74 15.95
N ARG A 1295 16.35 -52.72 16.67
CA ARG A 1295 15.40 -52.89 17.75
C ARG A 1295 14.09 -52.22 17.36
N PHE A 1296 13.00 -52.98 17.45
CA PHE A 1296 11.66 -52.47 17.16
C PHE A 1296 10.88 -52.29 18.46
N PHE A 1297 9.72 -51.66 18.33
CA PHE A 1297 8.81 -51.58 19.46
C PHE A 1297 8.17 -52.94 19.69
N ASP A 1298 7.38 -53.05 20.75
CA ASP A 1298 6.64 -54.27 20.99
C ASP A 1298 5.67 -54.52 19.85
N ASN A 1299 5.49 -55.79 19.50
CA ASN A 1299 4.60 -56.14 18.39
C ASN A 1299 3.18 -55.68 18.67
N ASN A 1300 2.68 -55.96 19.88
CA ASN A 1300 1.33 -55.57 20.27
C ASN A 1300 1.19 -54.05 20.36
N GLU A 1301 2.26 -53.33 20.07
CA GLU A 1301 2.24 -51.88 19.99
C GLU A 1301 2.31 -51.38 18.55
N TYR A 1302 3.32 -51.80 17.79
CA TYR A 1302 3.45 -51.27 16.44
C TYR A 1302 2.45 -51.89 15.47
N SER A 1303 2.07 -53.15 15.67
CA SER A 1303 1.00 -53.73 14.86
C SER A 1303 -0.31 -52.99 15.09
N GLU A 1304 -0.60 -52.65 16.35
CA GLU A 1304 -1.81 -51.89 16.65
C GLU A 1304 -1.75 -50.49 16.06
N GLU A 1305 -0.60 -49.83 16.16
CA GLU A 1305 -0.52 -48.44 15.71
C GLU A 1305 -0.55 -48.33 14.19
N TYR A 1306 0.12 -49.24 13.49
CA TYR A 1306 0.31 -49.09 12.05
C TYR A 1306 -0.28 -50.22 11.21
N ASP A 1307 -0.81 -51.27 11.83
CA ASP A 1307 -1.28 -52.47 11.11
C ASP A 1307 -0.14 -53.07 10.30
N VAL A 1308 0.99 -53.31 10.98
CA VAL A 1308 2.17 -53.93 10.38
C VAL A 1308 2.57 -55.10 11.25
N SER A 1309 2.73 -56.27 10.63
CA SER A 1309 2.99 -57.50 11.37
C SER A 1309 4.42 -57.97 11.15
N LYS A 1310 4.75 -59.05 11.86
CA LYS A 1310 6.10 -59.59 11.82
C LYS A 1310 6.48 -60.04 10.41
N GLU A 1311 5.54 -60.67 9.70
CA GLU A 1311 5.84 -61.15 8.35
C GLU A 1311 6.15 -60.00 7.41
N GLU A 1312 5.32 -58.95 7.43
CA GLU A 1312 5.57 -57.80 6.55
C GLU A 1312 6.87 -57.10 6.92
N LEU A 1313 7.15 -57.00 8.23
CA LEU A 1313 8.40 -56.38 8.67
C LEU A 1313 9.60 -57.16 8.16
N GLN A 1314 9.57 -58.49 8.32
CA GLN A 1314 10.66 -59.31 7.82
C GLN A 1314 10.80 -59.20 6.32
N ASN A 1315 9.67 -59.15 5.61
CA ASN A 1315 9.73 -59.04 4.15
C ASN A 1315 10.38 -57.73 3.73
N VAL A 1316 9.99 -56.62 4.34
CA VAL A 1316 10.57 -55.34 3.93
C VAL A 1316 12.05 -55.29 4.28
N ILE A 1317 12.43 -55.78 5.46
CA ILE A 1317 13.84 -55.78 5.84
C ILE A 1317 14.64 -56.62 4.86
N SER A 1318 14.14 -57.81 4.52
CA SER A 1318 14.88 -58.72 3.65
C SER A 1318 14.98 -58.19 2.22
N ASN A 1319 13.93 -57.54 1.73
CA ASN A 1319 13.91 -57.14 0.32
C ASN A 1319 14.50 -55.75 0.10
N GLN A 1320 13.93 -54.73 0.74
CA GLN A 1320 14.26 -53.36 0.38
C GLN A 1320 15.29 -52.72 1.31
N PHE A 1321 15.19 -52.96 2.62
CA PHE A 1321 16.08 -52.29 3.55
C PHE A 1321 17.53 -52.71 3.34
N ILE A 1322 17.77 -54.02 3.29
CA ILE A 1322 19.14 -54.50 3.10
C ILE A 1322 19.68 -54.06 1.76
N HIS A 1323 18.84 -54.09 0.72
CA HIS A 1323 19.28 -53.64 -0.61
C HIS A 1323 19.71 -52.19 -0.59
N LEU A 1324 18.90 -51.32 0.03
CA LEU A 1324 19.24 -49.91 0.09
C LEU A 1324 20.48 -49.68 0.95
N LEU A 1325 20.65 -50.48 2.01
CA LEU A 1325 21.85 -50.38 2.84
C LEU A 1325 23.10 -50.73 2.03
N GLU A 1326 23.03 -51.81 1.25
CA GLU A 1326 24.17 -52.18 0.41
C GLU A 1326 24.46 -51.10 -0.61
N ALA A 1327 23.41 -50.54 -1.23
CA ALA A 1327 23.62 -49.49 -2.22
C ALA A 1327 24.30 -48.26 -1.60
N ALA A 1328 23.83 -47.84 -0.43
CA ALA A 1328 24.44 -46.68 0.24
C ALA A 1328 25.88 -46.97 0.63
N ILE A 1329 26.15 -48.18 1.15
CA ILE A 1329 27.50 -48.54 1.56
C ILE A 1329 28.44 -48.49 0.36
N VAL A 1330 28.03 -49.08 -0.76
CA VAL A 1330 28.92 -49.12 -1.92
C VAL A 1330 29.10 -47.74 -2.51
N LYS A 1331 28.05 -46.91 -2.51
CA LYS A 1331 28.21 -45.54 -3.01
C LYS A 1331 29.19 -44.75 -2.15
N GLU A 1332 29.10 -44.91 -0.82
CA GLU A 1332 30.05 -44.24 0.06
C GLU A 1332 31.46 -44.76 -0.14
N ILE A 1333 31.60 -46.07 -0.35
CA ILE A 1333 32.93 -46.66 -0.59
C ILE A 1333 33.53 -46.08 -1.87
N LYS A 1334 32.74 -46.00 -2.93
CA LYS A 1334 33.23 -45.41 -4.17
C LYS A 1334 33.54 -43.92 -4.00
N LYS A 1335 32.79 -43.23 -3.13
CA LYS A 1335 33.06 -41.83 -2.88
C LYS A 1335 34.39 -41.64 -2.13
N GLN A 1336 34.69 -42.53 -1.19
CA GLN A 1336 35.90 -42.38 -0.38
C GLN A 1336 37.17 -42.67 -1.18
N LYS A 1337 37.05 -43.38 -2.31
CA LYS A 1337 38.22 -43.62 -3.15
C LYS A 1337 38.76 -42.32 -3.73
N ARG A 1338 37.87 -41.43 -4.16
CA ARG A 1338 38.27 -40.17 -4.77
C ARG A 1338 38.80 -39.19 -3.72
N ASN A 1440 16.39 -75.30 13.49
CA ASN A 1440 15.47 -74.80 12.49
C ASN A 1440 16.18 -74.53 11.17
N LYS A 1441 15.93 -75.41 10.19
CA LYS A 1441 16.56 -75.27 8.88
C LYS A 1441 15.94 -74.15 8.05
N VAL A 1442 14.72 -73.73 8.38
CA VAL A 1442 14.08 -72.65 7.63
C VAL A 1442 14.85 -71.35 7.82
N GLN A 1443 15.28 -71.06 9.04
CA GLN A 1443 16.05 -69.86 9.30
C GLN A 1443 17.40 -69.91 8.59
N ARG A 1444 18.04 -71.07 8.59
CA ARG A 1444 19.31 -71.23 7.86
C ARG A 1444 19.11 -70.99 6.37
N ASP A 1445 18.03 -71.53 5.80
CA ASP A 1445 17.75 -71.33 4.38
C ASP A 1445 17.49 -69.87 4.08
N ARG A 1446 16.74 -69.18 4.96
CA ARG A 1446 16.49 -67.75 4.77
C ARG A 1446 17.80 -66.96 4.81
N GLN A 1447 18.66 -67.28 5.77
CA GLN A 1447 19.94 -66.59 5.87
C GLN A 1447 20.79 -66.81 4.63
N SER A 1448 20.86 -68.05 4.15
CA SER A 1448 21.64 -68.35 2.96
C SER A 1448 21.06 -67.64 1.73
N ALA A 1449 19.74 -67.59 1.63
CA ALA A 1449 19.12 -66.89 0.51
C ALA A 1449 19.46 -65.41 0.54
N ILE A 1450 19.38 -64.77 1.70
CA ILE A 1450 19.69 -63.34 1.78
C ILE A 1450 21.16 -63.11 1.46
N ILE A 1451 22.04 -63.98 1.97
CA ILE A 1451 23.47 -63.86 1.70
C ILE A 1451 23.74 -63.94 0.21
N SER A 1452 23.11 -64.92 -0.46
CA SER A 1452 23.33 -65.08 -1.89
C SER A 1452 22.76 -63.92 -2.69
N HIS A 1453 21.61 -63.39 -2.25
CA HIS A 1453 20.96 -62.33 -3.00
C HIS A 1453 21.67 -60.98 -2.85
N HIS A 1454 22.27 -60.71 -1.70
CA HIS A 1454 22.91 -59.43 -1.44
C HIS A 1454 24.42 -59.56 -1.46
N ARG A 1455 25.09 -58.41 -1.55
CA ARG A 1455 26.51 -58.40 -1.88
C ARG A 1455 27.36 -58.96 -0.76
N PHE A 1456 27.36 -58.30 0.40
CA PHE A 1456 28.27 -58.65 1.49
C PHE A 1456 27.54 -58.75 2.81
N ILE A 1457 26.42 -59.47 2.81
CA ILE A 1457 25.74 -59.84 4.05
C ILE A 1457 26.27 -61.20 4.48
N THR A 1458 26.77 -61.29 5.70
CA THR A 1458 27.37 -62.52 6.19
C THR A 1458 26.47 -63.30 7.13
N LYS A 1459 25.65 -62.61 7.92
CA LYS A 1459 24.69 -63.27 8.79
C LYS A 1459 23.35 -62.53 8.67
N TYR A 1460 22.30 -63.19 9.15
CA TYR A 1460 20.97 -62.60 9.13
C TYR A 1460 20.06 -63.41 10.05
N ASN A 1461 19.12 -62.72 10.66
CA ASN A 1461 18.14 -63.36 11.53
C ASN A 1461 16.97 -62.41 11.74
N PHE A 1462 16.05 -62.82 12.60
CA PHE A 1462 14.85 -62.06 12.93
C PHE A 1462 14.16 -62.74 14.09
N ASP A 1463 13.47 -61.95 14.91
CA ASP A 1463 12.68 -62.48 16.01
C ASP A 1463 11.38 -63.01 15.43
N ASP A 1464 11.42 -64.24 14.93
CA ASP A 1464 10.25 -64.83 14.28
C ASP A 1464 9.15 -65.20 15.26
N GLU A 1465 9.41 -65.13 16.57
CA GLU A 1465 8.40 -65.41 17.57
C GLU A 1465 7.90 -64.17 18.30
N SER A 1466 8.61 -63.04 18.20
CA SER A 1466 8.14 -61.81 18.83
C SER A 1466 8.28 -60.57 17.96
N GLY A 1467 9.05 -60.61 16.87
CA GLY A 1467 9.24 -59.42 16.04
C GLY A 1467 9.88 -58.28 16.78
N LYS A 1468 10.89 -58.57 17.60
CA LYS A 1468 11.50 -57.57 18.47
C LYS A 1468 12.91 -57.16 18.03
N TRP A 1469 13.65 -58.04 17.37
CA TRP A 1469 15.00 -57.72 16.92
C TRP A 1469 15.19 -58.19 15.48
N CYS A 1470 16.11 -57.53 14.79
CA CYS A 1470 16.56 -57.94 13.45
C CYS A 1470 18.06 -57.69 13.40
N GLU A 1471 18.85 -58.70 13.75
CA GLU A 1471 20.29 -58.58 13.86
C GLU A 1471 20.95 -59.34 12.71
N PHE A 1472 21.66 -58.64 11.85
CA PHE A 1472 22.36 -59.25 10.73
C PHE A 1472 23.78 -58.69 10.67
N LYS A 1473 24.76 -59.58 10.52
CA LYS A 1473 26.14 -59.15 10.42
C LYS A 1473 26.50 -58.78 8.99
N LEU A 1474 27.22 -57.68 8.84
CA LEU A 1474 27.66 -57.19 7.55
C LEU A 1474 29.18 -57.15 7.55
N GLU A 1475 29.78 -57.36 6.38
CA GLU A 1475 31.22 -57.45 6.27
C GLU A 1475 31.68 -56.68 5.04
N LEU A 1476 32.94 -56.22 5.07
CA LEU A 1476 33.50 -55.43 4.00
C LEU A 1476 34.99 -55.71 3.88
N ALA A 1477 35.57 -55.24 2.78
CA ALA A 1477 37.00 -55.40 2.57
C ALA A 1477 37.78 -54.58 3.59
N ALA A 1478 38.96 -55.09 3.96
CA ALA A 1478 39.78 -54.41 4.95
C ALA A 1478 40.40 -53.12 4.39
N ASP A 1479 40.58 -53.06 3.08
CA ASP A 1479 41.21 -51.88 2.47
C ASP A 1479 40.34 -50.63 2.57
N THR A 1480 39.03 -50.79 2.75
CA THR A 1480 38.15 -49.64 2.86
C THR A 1480 38.43 -48.86 4.13
N GLU A 1481 38.18 -47.56 4.07
CA GLU A 1481 38.41 -46.69 5.21
C GLU A 1481 37.25 -46.84 6.19
N LYS A 1482 37.18 -45.95 7.19
CA LYS A 1482 36.11 -46.04 8.18
C LYS A 1482 34.85 -45.36 7.66
N LEU A 1483 33.70 -45.99 7.93
CA LEU A 1483 32.41 -45.47 7.56
C LEU A 1483 31.62 -45.14 8.83
N LEU A 1484 30.75 -44.14 8.73
CA LEU A 1484 29.91 -43.77 9.87
C LEU A 1484 29.00 -44.92 10.27
N MET A 1485 28.27 -45.49 9.31
CA MET A 1485 27.40 -46.64 9.50
C MET A 1485 26.32 -46.39 10.55
N VAL A 1486 26.07 -45.13 10.88
CA VAL A 1486 24.92 -44.77 11.71
C VAL A 1486 24.10 -43.74 10.95
N ASN A 1487 24.78 -42.74 10.38
CA ASN A 1487 24.08 -41.72 9.59
C ASN A 1487 23.45 -42.33 8.35
N ILE A 1488 24.19 -43.16 7.62
CA ILE A 1488 23.66 -43.78 6.42
C ILE A 1488 22.55 -44.77 6.76
N VAL A 1489 22.72 -45.52 7.86
CA VAL A 1489 21.68 -46.45 8.28
C VAL A 1489 20.41 -45.70 8.65
N GLU A 1490 20.55 -44.56 9.34
CA GLU A 1490 19.38 -43.77 9.68
C GLU A 1490 18.70 -43.22 8.44
N GLU A 1491 19.48 -42.75 7.46
CA GLU A 1491 18.89 -42.25 6.22
C GLU A 1491 18.16 -43.36 5.49
N ILE A 1492 18.72 -44.57 5.46
CA ILE A 1492 18.07 -45.69 4.80
C ILE A 1492 16.79 -46.07 5.53
N CYS A 1493 16.82 -46.08 6.85
CA CYS A 1493 15.61 -46.40 7.61
C CYS A 1493 14.51 -45.36 7.36
N ARG A 1494 14.91 -44.09 7.19
CA ARG A 1494 13.93 -43.08 6.81
C ARG A 1494 13.38 -43.35 5.41
N LYS A 1495 14.24 -43.76 4.48
CA LYS A 1495 13.83 -43.91 3.09
C LYS A 1495 12.90 -45.11 2.91
N SER A 1496 13.25 -46.26 3.50
CA SER A 1496 12.55 -47.49 3.20
C SER A 1496 11.14 -47.50 3.77
N ILE A 1497 10.18 -47.90 2.93
CA ILE A 1497 8.77 -47.91 3.29
C ILE A 1497 8.36 -49.33 3.66
N ILE A 1498 7.41 -49.43 4.59
CA ILE A 1498 6.87 -50.73 4.99
C ILE A 1498 5.62 -51.02 4.18
N ARG A 1499 4.66 -50.12 4.23
CA ARG A 1499 3.42 -50.25 3.47
C ARG A 1499 3.01 -48.86 3.02
N GLN A 1500 3.14 -48.58 1.73
CA GLN A 1500 2.68 -47.31 1.19
C GLN A 1500 1.95 -47.56 -0.13
N ILE A 1501 1.00 -46.68 -0.41
CA ILE A 1501 0.30 -46.63 -1.69
C ILE A 1501 0.77 -45.37 -2.40
N PRO A 1502 1.14 -45.45 -3.68
CA PRO A 1502 1.90 -44.35 -4.30
C PRO A 1502 1.21 -43.00 -4.17
N HIS A 1503 1.99 -41.99 -3.78
CA HIS A 1503 1.66 -40.58 -3.66
C HIS A 1503 0.79 -40.26 -2.45
N ILE A 1504 0.33 -41.25 -1.70
CA ILE A 1504 -0.46 -41.00 -0.50
C ILE A 1504 0.48 -40.92 0.69
N ASP A 1505 0.47 -39.79 1.39
CA ASP A 1505 1.31 -39.58 2.56
C ASP A 1505 0.62 -39.97 3.85
N ARG A 1506 -0.64 -39.59 4.02
CA ARG A 1506 -1.39 -39.91 5.23
C ARG A 1506 -2.88 -39.72 4.94
N CYS A 1507 -3.68 -40.69 5.38
CA CYS A 1507 -5.13 -40.62 5.28
C CYS A 1507 -5.71 -40.47 6.68
N VAL A 1508 -6.53 -39.44 6.86
CA VAL A 1508 -7.07 -39.11 8.18
C VAL A 1508 -8.58 -38.98 8.07
N HIS A 1509 -9.25 -39.03 9.23
CA HIS A 1509 -10.71 -39.06 9.32
C HIS A 1509 -11.16 -37.84 10.12
N PRO A 1510 -11.35 -36.71 9.46
CA PRO A 1510 -11.79 -35.51 10.17
C PRO A 1510 -13.22 -35.66 10.66
N GLU A 1511 -13.59 -34.80 11.61
CA GLU A 1511 -14.93 -34.83 12.15
C GLU A 1511 -15.94 -34.55 11.05
N PRO A 1512 -17.11 -35.21 11.06
CA PRO A 1512 -18.05 -35.03 9.96
C PRO A 1512 -18.69 -33.65 9.97
N GLU A 1513 -18.27 -32.80 9.05
CA GLU A 1513 -18.82 -31.46 8.90
C GLU A 1513 -19.78 -31.44 7.73
N ASN A 1514 -20.82 -30.60 7.85
CA ASN A 1514 -21.93 -30.57 6.89
C ASN A 1514 -22.68 -31.90 6.85
N GLY A 1515 -22.56 -32.69 7.90
CA GLY A 1515 -23.24 -33.97 7.99
C GLY A 1515 -22.51 -35.11 7.32
N LYS A 1516 -21.93 -34.86 6.15
CA LYS A 1516 -21.28 -35.92 5.39
C LYS A 1516 -19.99 -36.36 6.07
N ARG A 1517 -19.71 -37.66 6.00
CA ARG A 1517 -18.53 -38.25 6.60
C ARG A 1517 -17.47 -38.46 5.53
N VAL A 1518 -16.36 -37.73 5.63
CA VAL A 1518 -15.35 -37.67 4.58
C VAL A 1518 -13.99 -37.99 5.17
N LEU A 1519 -13.12 -38.54 4.33
CA LEU A 1519 -11.71 -38.74 4.64
C LEU A 1519 -10.87 -37.87 3.72
N VAL A 1520 -9.74 -37.39 4.22
CA VAL A 1520 -8.82 -36.56 3.45
C VAL A 1520 -7.44 -37.22 3.49
N THR A 1521 -6.84 -37.41 2.32
CA THR A 1521 -5.52 -37.99 2.19
C THR A 1521 -4.55 -36.95 1.66
N GLU A 1522 -3.31 -37.02 2.14
CA GLU A 1522 -2.25 -36.14 1.66
C GLU A 1522 -1.64 -36.75 0.41
N GLY A 1523 -1.87 -36.12 -0.72
CA GLY A 1523 -1.39 -36.64 -2.00
C GLY A 1523 -2.54 -37.19 -2.83
N VAL A 1524 -2.47 -36.93 -4.13
CA VAL A 1524 -3.55 -37.26 -5.05
C VAL A 1524 -3.12 -38.45 -5.91
N ASN A 1525 -3.91 -39.53 -5.86
CA ASN A 1525 -3.76 -40.66 -6.78
C ASN A 1525 -5.17 -41.25 -6.94
N PHE A 1526 -5.88 -40.79 -7.97
CA PHE A 1526 -7.26 -41.19 -8.17
C PHE A 1526 -7.38 -42.68 -8.44
N GLN A 1527 -6.59 -43.19 -9.39
CA GLN A 1527 -6.70 -44.57 -9.81
C GLN A 1527 -6.31 -45.57 -8.73
N ALA A 1528 -5.68 -45.10 -7.65
CA ALA A 1528 -5.35 -45.99 -6.55
C ALA A 1528 -6.48 -46.13 -5.55
N MET A 1529 -7.38 -45.14 -5.47
CA MET A 1529 -8.52 -45.23 -4.58
C MET A 1529 -9.75 -45.82 -5.25
N TRP A 1530 -9.77 -45.92 -6.58
CA TRP A 1530 -10.86 -46.59 -7.27
C TRP A 1530 -10.99 -48.05 -6.85
N ASP A 1531 -9.91 -48.64 -6.35
CA ASP A 1531 -9.92 -50.05 -5.98
C ASP A 1531 -10.56 -50.30 -4.63
N GLN A 1532 -10.65 -49.29 -3.76
CA GLN A 1532 -11.29 -49.45 -2.46
C GLN A 1532 -12.74 -48.96 -2.51
N GLU A 1533 -13.53 -49.64 -3.33
CA GLU A 1533 -14.95 -49.30 -3.45
C GLU A 1533 -15.76 -49.76 -2.25
N ALA A 1534 -15.26 -50.72 -1.49
CA ALA A 1534 -16.02 -51.24 -0.35
C ALA A 1534 -16.15 -50.21 0.76
N PHE A 1535 -15.26 -49.22 0.80
CA PHE A 1535 -15.28 -48.20 1.85
C PHE A 1535 -15.51 -46.79 1.35
N ILE A 1536 -15.32 -46.54 0.05
CA ILE A 1536 -15.31 -45.19 -0.49
C ILE A 1536 -16.36 -45.10 -1.59
N ASP A 1537 -17.16 -44.03 -1.54
CA ASP A 1537 -18.08 -43.73 -2.64
C ASP A 1537 -17.26 -43.21 -3.81
N VAL A 1538 -16.79 -44.13 -4.66
CA VAL A 1538 -15.74 -43.83 -5.64
C VAL A 1538 -16.16 -42.77 -6.63
N ASP A 1539 -17.46 -42.52 -6.80
CA ASP A 1539 -17.93 -41.52 -7.75
C ASP A 1539 -18.04 -40.14 -7.13
N GLY A 1540 -17.61 -39.96 -5.88
CA GLY A 1540 -17.73 -38.68 -5.23
C GLY A 1540 -16.42 -38.09 -4.73
N ILE A 1541 -15.31 -38.73 -5.07
CA ILE A 1541 -14.00 -38.28 -4.58
C ILE A 1541 -13.58 -37.03 -5.33
N THR A 1542 -13.21 -35.99 -4.60
CA THR A 1542 -12.72 -34.74 -5.17
C THR A 1542 -11.39 -34.40 -4.52
N SER A 1543 -10.59 -33.61 -5.23
CA SER A 1543 -9.21 -33.35 -4.82
C SER A 1543 -8.90 -31.85 -4.92
N ASN A 1544 -7.93 -31.44 -4.11
CA ASN A 1544 -7.35 -30.10 -4.26
C ASN A 1544 -6.64 -29.95 -5.60
N ASP A 1545 -5.87 -30.95 -5.99
CA ASP A 1545 -5.01 -30.86 -7.17
C ASP A 1545 -5.86 -30.73 -8.42
N VAL A 1546 -5.80 -29.57 -9.07
CA VAL A 1546 -6.52 -29.38 -10.32
C VAL A 1546 -5.88 -30.20 -11.44
N ALA A 1547 -4.55 -30.32 -11.42
CA ALA A 1547 -3.87 -31.05 -12.49
C ALA A 1547 -4.23 -32.52 -12.49
N ALA A 1548 -4.29 -33.14 -11.31
CA ALA A 1548 -4.63 -34.55 -11.23
C ALA A 1548 -6.05 -34.81 -11.71
N VAL A 1549 -7.00 -33.97 -11.27
CA VAL A 1549 -8.39 -34.14 -11.71
C VAL A 1549 -8.52 -33.82 -13.19
N LEU A 1550 -7.76 -32.87 -13.69
CA LEU A 1550 -7.76 -32.61 -15.13
C LEU A 1550 -7.25 -33.82 -15.91
N LYS A 1551 -6.23 -34.50 -15.39
CA LYS A 1551 -5.65 -35.62 -16.12
C LYS A 1551 -6.55 -36.84 -16.09
N THR A 1552 -7.10 -37.18 -14.93
CA THR A 1552 -7.84 -38.43 -14.79
C THR A 1552 -9.36 -38.26 -14.85
N TYR A 1553 -9.87 -37.05 -15.03
CA TYR A 1553 -11.31 -36.85 -15.13
C TYR A 1553 -11.76 -35.93 -16.25
N GLY A 1554 -10.90 -35.07 -16.78
CA GLY A 1554 -11.25 -34.26 -17.93
C GLY A 1554 -11.21 -32.77 -17.62
N VAL A 1555 -11.46 -31.99 -18.67
CA VAL A 1555 -11.39 -30.55 -18.58
C VAL A 1555 -12.46 -29.99 -17.64
N GLU A 1556 -13.66 -30.56 -17.70
CA GLU A 1556 -14.77 -29.99 -16.94
C GLU A 1556 -14.67 -30.29 -15.45
N ALA A 1557 -14.16 -31.46 -15.07
CA ALA A 1557 -13.89 -31.72 -13.67
C ALA A 1557 -12.83 -30.76 -13.15
N ALA A 1558 -11.83 -30.45 -13.97
CA ALA A 1558 -10.84 -29.45 -13.61
C ALA A 1558 -11.47 -28.07 -13.47
N ARG A 1559 -12.42 -27.75 -14.34
CA ARG A 1559 -13.14 -26.48 -14.24
C ARG A 1559 -13.88 -26.38 -12.92
N ASN A 1560 -14.60 -27.44 -12.55
CA ASN A 1560 -15.31 -27.46 -11.27
C ASN A 1560 -14.35 -27.35 -10.10
N THR A 1561 -13.21 -28.05 -10.18
CA THR A 1561 -12.23 -27.99 -9.10
C THR A 1561 -11.64 -26.59 -8.98
N ILE A 1562 -11.36 -25.93 -10.10
CA ILE A 1562 -10.85 -24.56 -10.06
C ILE A 1562 -11.85 -23.65 -9.39
N VAL A 1563 -13.13 -23.77 -9.79
CA VAL A 1563 -14.15 -22.89 -9.21
C VAL A 1563 -14.28 -23.12 -7.71
N ASN A 1564 -14.37 -24.39 -7.30
CA ASN A 1564 -14.55 -24.70 -5.89
C ASN A 1564 -13.35 -24.24 -5.07
N GLU A 1565 -12.14 -24.40 -5.60
CA GLU A 1565 -10.95 -24.02 -4.84
C GLU A 1565 -10.79 -22.51 -4.77
N ILE A 1566 -10.97 -21.81 -5.89
CA ILE A 1566 -10.85 -20.36 -5.88
C ILE A 1566 -12.00 -19.73 -5.10
N ASN A 1567 -13.06 -20.48 -4.82
CA ASN A 1567 -14.07 -20.03 -3.88
C ASN A 1567 -13.74 -20.38 -2.44
N ASN A 1568 -13.02 -21.49 -2.22
CA ASN A 1568 -12.69 -21.91 -0.85
C ASN A 1568 -11.65 -21.01 -0.20
N VAL A 1569 -10.85 -20.29 -0.99
CA VAL A 1569 -9.90 -19.36 -0.40
C VAL A 1569 -10.62 -18.17 0.21
N PHE A 1570 -11.62 -17.63 -0.48
CA PHE A 1570 -12.35 -16.48 0.04
C PHE A 1570 -13.31 -16.89 1.16
N SER A 1571 -13.96 -18.05 1.02
CA SER A 1571 -15.02 -18.41 1.96
C SER A 1571 -14.49 -18.84 3.32
N ARG A 1572 -13.19 -19.09 3.45
CA ARG A 1572 -12.61 -19.33 4.76
C ARG A 1572 -12.44 -18.03 5.55
N TYR A 1573 -12.24 -16.92 4.85
CA TYR A 1573 -12.12 -15.61 5.46
C TYR A 1573 -13.44 -14.84 5.44
N ALA A 1574 -14.56 -15.54 5.27
CA ALA A 1574 -15.89 -14.95 5.30
C ALA A 1574 -16.06 -13.86 4.24
N ILE A 1575 -15.34 -13.98 3.13
CA ILE A 1575 -15.44 -13.04 2.02
C ILE A 1575 -16.33 -13.66 0.95
N SER A 1576 -17.30 -12.89 0.46
CA SER A 1576 -18.24 -13.36 -0.55
C SER A 1576 -17.83 -12.81 -1.91
N VAL A 1577 -17.51 -13.71 -2.83
CA VAL A 1577 -17.25 -13.36 -4.22
C VAL A 1577 -18.24 -14.13 -5.08
N SER A 1578 -18.93 -13.42 -5.97
CA SER A 1578 -19.94 -14.05 -6.81
C SER A 1578 -19.34 -15.14 -7.66
N PHE A 1579 -20.07 -16.25 -7.81
CA PHE A 1579 -19.58 -17.37 -8.59
C PHE A 1579 -19.45 -17.04 -10.07
N ARG A 1580 -20.11 -15.98 -10.54
CA ARG A 1580 -19.95 -15.59 -11.94
C ARG A 1580 -18.51 -15.19 -12.24
N HIS A 1581 -17.88 -14.46 -11.31
CA HIS A 1581 -16.47 -14.10 -11.47
C HIS A 1581 -15.60 -15.35 -11.51
N LEU A 1582 -15.82 -16.28 -10.59
CA LEU A 1582 -15.00 -17.48 -10.53
C LEU A 1582 -15.23 -18.37 -11.74
N ASP A 1583 -16.49 -18.47 -12.19
CA ASP A 1583 -16.77 -19.25 -13.39
C ASP A 1583 -16.10 -18.63 -14.61
N LEU A 1584 -16.12 -17.31 -14.73
CA LEU A 1584 -15.43 -16.66 -15.83
C LEU A 1584 -13.93 -16.90 -15.76
N ILE A 1585 -13.34 -16.82 -14.56
CA ILE A 1585 -11.92 -17.08 -14.40
C ILE A 1585 -11.58 -18.49 -14.85
N ALA A 1586 -12.33 -19.48 -14.37
CA ALA A 1586 -12.02 -20.86 -14.67
C ALA A 1586 -12.24 -21.17 -16.15
N ASP A 1587 -13.25 -20.57 -16.77
CA ASP A 1587 -13.49 -20.80 -18.19
C ASP A 1587 -12.50 -20.06 -19.07
N MET A 1588 -11.86 -19.00 -18.56
CA MET A 1588 -10.73 -18.42 -19.27
C MET A 1588 -9.47 -19.25 -19.09
N MET A 1589 -9.31 -19.88 -17.93
CA MET A 1589 -8.14 -20.73 -17.70
C MET A 1589 -8.18 -21.97 -18.58
N THR A 1590 -9.21 -22.79 -18.40
CA THR A 1590 -9.33 -24.02 -19.20
C THR A 1590 -10.04 -23.76 -20.52
N ARG A 1591 -9.57 -22.77 -21.28
CA ARG A 1591 -10.15 -22.45 -22.57
C ARG A 1591 -9.50 -23.21 -23.71
N GLN A 1592 -8.45 -23.98 -23.44
CA GLN A 1592 -7.80 -24.82 -24.43
C GLN A 1592 -7.87 -26.29 -24.06
N GLY A 1593 -8.63 -26.64 -23.03
CA GLY A 1593 -8.66 -28.00 -22.54
C GLY A 1593 -7.58 -28.34 -21.55
N THR A 1594 -6.75 -27.38 -21.16
CA THR A 1594 -5.66 -27.61 -20.23
C THR A 1594 -5.72 -26.60 -19.09
N TYR A 1595 -5.07 -26.97 -17.99
CA TYR A 1595 -5.00 -26.13 -16.78
C TYR A 1595 -3.93 -25.06 -16.99
N LEU A 1596 -4.28 -24.07 -17.81
CA LEU A 1596 -3.38 -22.95 -18.04
C LEU A 1596 -3.30 -22.06 -16.81
N ALA A 1597 -2.48 -21.01 -16.91
CA ALA A 1597 -2.24 -20.10 -15.79
C ALA A 1597 -2.33 -18.67 -16.29
N PHE A 1598 -2.22 -17.74 -15.35
CA PHE A 1598 -2.19 -16.31 -15.64
C PHE A 1598 -0.75 -15.83 -15.45
N ASN A 1599 0.05 -15.97 -16.49
CA ASN A 1599 1.45 -15.56 -16.50
C ASN A 1599 1.89 -15.46 -17.96
N ARG A 1600 3.19 -15.31 -18.18
CA ARG A 1600 3.69 -15.26 -19.56
C ARG A 1600 3.73 -16.64 -20.21
N GLN A 1601 3.81 -17.71 -19.41
CA GLN A 1601 3.77 -19.04 -19.99
C GLN A 1601 2.43 -19.33 -20.66
N GLY A 1602 1.33 -19.11 -19.93
CA GLY A 1602 0.02 -19.32 -20.49
C GLY A 1602 -0.44 -18.24 -21.45
N MET A 1603 0.29 -17.14 -21.53
CA MET A 1603 -0.07 -16.02 -22.39
C MET A 1603 0.42 -16.19 -23.83
N GLU A 1604 1.31 -17.14 -24.08
CA GLU A 1604 1.97 -17.22 -25.39
C GLU A 1604 0.96 -17.48 -26.50
N THR A 1605 -0.03 -18.35 -26.25
CA THR A 1605 -1.06 -18.64 -27.24
C THR A 1605 -2.11 -17.53 -27.17
N SER A 1606 -1.84 -16.46 -27.92
CA SER A 1606 -2.73 -15.31 -27.94
C SER A 1606 -2.53 -14.56 -29.25
N THR A 1607 -3.64 -14.08 -29.81
CA THR A 1607 -3.59 -13.44 -31.12
C THR A 1607 -2.77 -12.15 -31.09
N SER A 1608 -2.96 -11.33 -30.06
CA SER A 1608 -2.27 -10.04 -29.97
C SER A 1608 -0.95 -10.20 -29.23
N SER A 1609 0.12 -9.71 -29.84
CA SER A 1609 1.44 -9.73 -29.22
C SER A 1609 1.78 -8.43 -28.50
N PHE A 1610 1.08 -7.33 -28.85
CA PHE A 1610 1.23 -6.09 -28.09
C PHE A 1610 0.89 -6.32 -26.63
N MET A 1611 -0.17 -7.10 -26.37
CA MET A 1611 -0.56 -7.40 -25.00
C MET A 1611 0.54 -8.14 -24.25
N LYS A 1612 1.14 -9.15 -24.87
CA LYS A 1612 2.17 -9.94 -24.20
C LYS A 1612 3.43 -9.12 -23.97
N MET A 1613 3.86 -8.34 -24.97
CA MET A 1613 5.07 -7.56 -24.82
C MET A 1613 4.89 -6.40 -23.86
N SER A 1614 3.65 -5.89 -23.73
CA SER A 1614 3.38 -4.94 -22.66
C SER A 1614 3.35 -5.62 -21.31
N TYR A 1615 2.93 -6.89 -21.26
CA TYR A 1615 2.95 -7.61 -20.00
C TYR A 1615 4.37 -7.75 -19.47
N GLU A 1616 5.20 -8.51 -20.17
CA GLU A 1616 6.59 -8.68 -19.74
C GLU A 1616 7.34 -9.46 -20.82
N THR A 1617 8.63 -9.65 -20.57
CA THR A 1617 9.58 -10.23 -21.53
C THR A 1617 9.33 -9.67 -22.93
N THR A 1618 9.44 -8.35 -23.02
CA THR A 1618 9.07 -7.63 -24.24
C THR A 1618 9.93 -8.06 -25.41
N CYS A 1619 11.23 -8.27 -25.18
CA CYS A 1619 12.13 -8.65 -26.27
C CYS A 1619 11.75 -9.98 -26.88
N GLN A 1620 11.43 -10.97 -26.04
CA GLN A 1620 11.14 -12.31 -26.55
C GLN A 1620 9.90 -12.32 -27.44
N PHE A 1621 8.80 -11.76 -26.94
CA PHE A 1621 7.56 -11.73 -27.73
C PHE A 1621 7.68 -10.84 -28.96
N LEU A 1622 8.62 -9.90 -28.96
CA LEU A 1622 8.84 -9.08 -30.15
C LEU A 1622 9.57 -9.87 -31.23
N THR A 1623 10.57 -10.66 -30.85
CA THR A 1623 11.27 -11.50 -31.82
C THR A 1623 10.33 -12.55 -32.39
N LYS A 1624 9.51 -13.16 -31.55
CA LYS A 1624 8.55 -14.16 -32.03
C LYS A 1624 7.54 -13.53 -32.98
N ALA A 1625 7.09 -12.31 -32.68
CA ALA A 1625 6.13 -11.64 -33.53
C ALA A 1625 6.74 -11.13 -34.83
N VAL A 1626 8.06 -10.92 -34.87
CA VAL A 1626 8.67 -10.46 -36.11
C VAL A 1626 9.17 -11.62 -36.97
N LEU A 1627 9.51 -12.75 -36.37
CA LEU A 1627 9.87 -13.92 -37.16
C LEU A 1627 8.66 -14.46 -37.93
N ASP A 1628 7.50 -14.52 -37.28
CA ASP A 1628 6.29 -15.02 -37.91
C ASP A 1628 5.57 -13.97 -38.73
N ASN A 1629 6.09 -12.75 -38.79
CA ASN A 1629 5.43 -11.65 -39.50
C ASN A 1629 4.00 -11.48 -39.02
N GLU A 1630 3.81 -11.59 -37.70
CA GLU A 1630 2.47 -11.54 -37.14
C GLU A 1630 1.82 -10.20 -37.40
N ARG A 1631 0.54 -10.24 -37.74
CA ARG A 1631 -0.28 -9.07 -37.97
C ARG A 1631 -1.46 -9.13 -37.02
N GLU A 1632 -1.44 -8.30 -35.98
CA GLU A 1632 -2.55 -8.22 -35.05
C GLU A 1632 -3.45 -7.06 -35.44
N GLN A 1633 -4.75 -7.32 -35.49
CA GLN A 1633 -5.72 -6.36 -36.01
C GLN A 1633 -6.13 -5.32 -34.98
N LEU A 1634 -5.34 -5.15 -33.92
CA LEU A 1634 -5.63 -4.19 -32.85
C LEU A 1634 -6.99 -4.51 -32.21
N ASP A 1635 -7.04 -5.67 -31.58
CA ASP A 1635 -8.24 -6.15 -30.92
C ASP A 1635 -8.16 -6.03 -29.40
N SER A 1636 -7.07 -6.48 -28.79
CA SER A 1636 -6.94 -6.41 -27.35
C SER A 1636 -6.89 -4.95 -26.90
N PRO A 1637 -7.38 -4.65 -25.70
CA PRO A 1637 -7.31 -3.26 -25.21
C PRO A 1637 -5.90 -2.71 -25.14
N SER A 1638 -4.91 -3.56 -24.82
CA SER A 1638 -3.53 -3.10 -24.76
C SER A 1638 -3.05 -2.59 -26.12
N ALA A 1639 -3.37 -3.31 -27.19
CA ALA A 1639 -2.97 -2.87 -28.52
C ALA A 1639 -3.67 -1.57 -28.90
N ARG A 1640 -4.94 -1.42 -28.50
CA ARG A 1640 -5.66 -0.19 -28.82
C ARG A 1640 -5.00 1.03 -28.19
N ILE A 1641 -4.56 0.90 -26.94
CA ILE A 1641 -3.93 2.03 -26.26
C ILE A 1641 -2.48 2.21 -26.69
N VAL A 1642 -1.81 1.15 -27.15
CA VAL A 1642 -0.50 1.31 -27.75
C VAL A 1642 -0.59 2.11 -29.04
N VAL A 1643 -1.60 1.82 -29.87
CA VAL A 1643 -1.79 2.56 -31.12
C VAL A 1643 -2.73 3.75 -30.95
N GLY A 1644 -3.29 3.94 -29.77
CA GLY A 1644 -4.13 5.10 -29.52
C GLY A 1644 -5.45 5.09 -30.28
N LYS A 1645 -6.17 3.98 -30.21
CA LYS A 1645 -7.47 3.83 -30.84
C LYS A 1645 -8.52 3.56 -29.77
N LEU A 1646 -9.76 3.92 -30.09
CA LEU A 1646 -10.86 3.77 -29.14
C LEU A 1646 -11.04 2.30 -28.76
N ASN A 1647 -11.18 2.06 -27.46
CA ASN A 1647 -11.26 0.69 -26.97
C ASN A 1647 -12.52 0.00 -27.46
N ASN A 1648 -12.54 -1.32 -27.32
CA ASN A 1648 -13.65 -2.13 -27.83
C ASN A 1648 -14.71 -2.41 -26.78
N VAL A 1649 -14.33 -2.53 -25.52
CA VAL A 1649 -15.27 -2.83 -24.45
C VAL A 1649 -16.10 -1.59 -24.13
N GLY A 1650 -17.27 -1.81 -23.55
CA GLY A 1650 -18.07 -0.70 -23.06
C GLY A 1650 -18.68 0.09 -24.18
N THR A 1651 -18.50 1.41 -24.14
CA THR A 1651 -19.12 2.30 -25.11
C THR A 1651 -18.48 2.21 -26.49
N GLY A 1652 -17.39 1.47 -26.64
CA GLY A 1652 -16.79 1.21 -27.94
C GLY A 1652 -17.24 -0.07 -28.59
N SER A 1653 -18.23 -0.76 -28.02
CA SER A 1653 -18.73 -2.02 -28.55
C SER A 1653 -19.56 -1.84 -29.82
N PHE A 1654 -19.85 -0.61 -30.23
CA PHE A 1654 -20.74 -0.37 -31.34
C PHE A 1654 -20.24 0.85 -32.11
N ASP A 1655 -21.05 1.33 -33.04
CA ASP A 1655 -20.76 2.55 -33.78
C ASP A 1655 -22.02 3.39 -33.85
N VAL A 1656 -21.83 4.68 -34.06
CA VAL A 1656 -22.92 5.65 -34.11
C VAL A 1656 -23.02 6.20 -35.52
N LEU A 1657 -24.21 6.13 -36.10
CA LEU A 1657 -24.48 6.61 -37.44
C LEU A 1657 -25.48 7.75 -37.39
N ALA A 1658 -25.36 8.68 -38.34
CA ALA A 1658 -26.23 9.84 -38.39
C ALA A 1658 -27.20 9.70 -39.56
N LYS A 1659 -28.49 9.86 -39.28
CA LYS A 1659 -29.54 9.74 -40.30
C LYS A 1659 -29.74 11.11 -40.95
N VAL A 1660 -28.95 11.38 -41.98
CA VAL A 1660 -29.16 12.62 -42.75
C VAL A 1660 -30.47 12.53 -43.52
N PRO A 1661 -31.19 13.63 -43.71
CA PRO A 1661 -32.49 13.56 -44.38
C PRO A 1661 -32.42 13.64 -45.90
N ASN A 1662 -31.25 13.80 -46.49
CA ASN A 1662 -31.09 13.89 -47.93
C ASN A 1662 -30.18 12.77 -48.42
N ALA A 1663 -30.57 12.12 -49.51
CA ALA A 1663 -29.78 11.04 -50.10
C ALA A 1663 -28.43 11.55 -50.60
N ALA B 11 2.41 16.60 49.46
CA ALA B 11 3.41 17.11 48.54
C ALA B 11 2.82 17.33 47.16
N ARG B 12 3.69 17.39 46.15
CA ARG B 12 3.28 17.54 44.76
C ARG B 12 3.92 16.44 43.92
N THR B 13 3.10 15.76 43.11
CA THR B 13 3.61 14.67 42.30
C THR B 13 4.62 15.16 41.27
N ALA B 14 4.33 16.30 40.63
CA ALA B 14 5.26 16.95 39.73
C ALA B 14 5.16 18.45 39.98
N ASP B 15 5.98 19.22 39.28
CA ASP B 15 5.99 20.66 39.50
C ASP B 15 6.62 21.37 38.31
N PHE B 16 6.01 22.47 37.91
CA PHE B 16 6.68 23.40 37.01
C PHE B 16 7.82 24.05 37.79
N ARG B 17 9.01 24.03 37.23
CA ARG B 17 10.16 24.70 37.84
C ARG B 17 10.35 26.07 37.19
N THR B 18 9.35 26.94 37.41
CA THR B 18 9.27 28.19 36.67
C THR B 18 10.43 29.12 37.01
N LEU B 19 10.67 29.34 38.30
CA LEU B 19 11.66 30.32 38.72
C LEU B 19 13.07 29.88 38.33
N GLU B 20 13.42 28.62 38.64
CA GLU B 20 14.76 28.15 38.29
C GLU B 20 14.92 28.02 36.79
N ARG B 21 13.85 27.68 36.06
CA ARG B 21 13.93 27.64 34.61
C ARG B 21 14.20 29.03 34.04
N GLU B 22 13.50 30.04 34.55
CA GLU B 22 13.73 31.40 34.05
C GLU B 22 15.12 31.90 34.39
N SER B 23 15.59 31.61 35.60
CA SER B 23 16.94 32.04 35.98
C SER B 23 17.99 31.36 35.12
N ARG B 24 17.85 30.05 34.90
CA ARG B 24 18.82 29.33 34.07
C ARG B 24 18.74 29.76 32.61
N PHE B 25 17.57 30.22 32.16
CA PHE B 25 17.48 30.76 30.81
C PHE B 25 18.20 32.09 30.70
N ILE B 26 17.99 32.98 31.68
CA ILE B 26 18.61 34.30 31.62
C ILE B 26 20.13 34.20 31.74
N ASN B 27 20.61 33.40 32.69
CA ASN B 27 22.04 33.25 32.92
C ASN B 27 22.41 31.77 32.90
N PRO B 28 23.08 31.29 31.85
CA PRO B 28 23.44 29.87 31.80
C PRO B 28 24.47 29.55 32.87
N PRO B 29 24.56 28.29 33.29
CA PRO B 29 25.54 27.92 34.32
C PRO B 29 26.96 28.14 33.84
N LYS B 30 27.85 28.41 34.78
CA LYS B 30 29.27 28.54 34.52
C LYS B 30 30.09 27.36 35.01
N ASP B 31 29.53 26.50 35.86
CA ASP B 31 30.27 25.38 36.42
C ASP B 31 30.14 24.14 35.56
N LYS B 32 28.91 23.68 35.33
CA LYS B 32 28.66 22.50 34.51
C LYS B 32 27.25 22.60 33.96
N SER B 33 27.02 21.90 32.86
CA SER B 33 25.70 21.86 32.26
C SER B 33 24.75 21.10 33.17
N ALA B 34 23.58 21.69 33.43
CA ALA B 34 22.52 20.95 34.08
C ALA B 34 22.03 19.83 33.17
N PHE B 35 21.14 19.00 33.69
CA PHE B 35 20.66 17.82 32.97
C PHE B 35 21.84 16.95 32.58
N PRO B 36 22.51 16.29 33.53
CA PRO B 36 23.59 15.36 33.16
C PRO B 36 23.10 14.22 32.28
N LEU B 37 21.84 13.80 32.42
CA LEU B 37 21.30 12.72 31.60
C LEU B 37 21.27 13.06 30.12
N LEU B 38 21.24 14.35 29.78
CA LEU B 38 21.20 14.75 28.37
C LEU B 38 22.50 14.44 27.65
N GLN B 39 23.61 14.31 28.38
CA GLN B 39 24.90 13.99 27.77
C GLN B 39 25.27 12.52 27.89
N GLU B 40 24.79 11.83 28.92
CA GLU B 40 24.95 10.39 28.96
C GLU B 40 24.24 9.70 27.81
N ALA B 41 23.29 10.38 27.16
CA ALA B 41 22.64 9.83 25.99
C ALA B 41 23.61 9.76 24.81
N VAL B 42 24.34 10.84 24.55
CA VAL B 42 25.33 10.86 23.48
C VAL B 42 26.69 10.36 23.94
N GLN B 43 26.78 9.88 25.18
CA GLN B 43 28.02 9.25 25.65
C GLN B 43 28.60 8.19 24.73
N PRO B 44 27.83 7.27 24.12
CA PRO B 44 28.48 6.26 23.27
C PRO B 44 29.28 6.85 22.11
N HIS B 45 28.71 7.81 21.37
CA HIS B 45 29.41 8.37 20.23
C HIS B 45 30.65 9.15 20.64
N ILE B 46 30.52 9.99 21.68
CA ILE B 46 31.64 10.79 22.15
C ILE B 46 32.74 9.88 22.66
N GLY B 47 32.39 8.85 23.43
CA GLY B 47 33.39 7.93 23.93
C GLY B 47 34.08 7.16 22.82
N SER B 48 33.32 6.74 21.81
CA SER B 48 33.91 6.04 20.69
C SER B 48 34.91 6.90 19.94
N PHE B 49 34.57 8.17 19.71
CA PHE B 49 35.53 9.04 19.03
C PHE B 49 36.71 9.40 19.91
N ASN B 50 36.48 9.52 21.23
CA ASN B 50 37.58 9.85 22.13
C ASN B 50 38.56 8.70 22.28
N ALA B 51 38.08 7.47 22.16
CA ALA B 51 38.95 6.31 22.36
C ALA B 51 39.94 6.13 21.23
N LEU B 52 39.71 6.73 20.06
CA LEU B 52 40.63 6.58 18.94
C LEU B 52 41.75 7.62 18.94
N THR B 53 41.80 8.49 19.95
CA THR B 53 42.92 9.42 20.07
C THR B 53 43.39 9.58 21.50
N GLU B 54 42.92 8.76 22.43
CA GLU B 54 43.39 8.80 23.81
C GLU B 54 43.06 7.46 24.45
N GLY B 55 43.56 7.29 25.67
CA GLY B 55 43.38 6.05 26.40
C GLY B 55 44.68 5.30 26.54
N PRO B 56 44.63 4.13 27.16
CA PRO B 56 45.86 3.34 27.33
C PRO B 56 46.42 2.88 25.99
N ASP B 57 47.74 2.75 25.96
CA ASP B 57 48.52 2.28 24.81
C ASP B 57 48.53 3.26 23.65
N GLY B 58 48.06 4.49 23.85
CA GLY B 58 48.19 5.54 22.85
C GLY B 58 46.95 5.80 22.01
N GLY B 59 45.97 4.92 22.03
CA GLY B 59 44.75 5.12 21.28
C GLY B 59 44.60 4.11 20.15
N LEU B 60 43.38 4.09 19.60
CA LEU B 60 43.04 3.10 18.59
C LEU B 60 43.82 3.32 17.30
N LEU B 61 44.02 4.58 16.92
CA LEU B 61 44.77 4.85 15.70
C LEU B 61 46.22 4.40 15.81
N ASN B 62 46.85 4.67 16.95
CA ASN B 62 48.22 4.20 17.17
C ASN B 62 48.27 2.68 17.20
N LEU B 63 47.29 2.04 17.83
CA LEU B 63 47.26 0.58 17.84
C LEU B 63 47.10 0.04 16.42
N GLY B 64 46.26 0.69 15.61
CA GLY B 64 46.05 0.22 14.25
C GLY B 64 47.29 0.36 13.40
N VAL B 65 47.99 1.49 13.51
CA VAL B 65 49.21 1.66 12.71
C VAL B 65 50.31 0.73 13.23
N LYS B 66 50.30 0.39 14.52
CA LYS B 66 51.21 -0.64 15.00
C LYS B 66 50.89 -2.00 14.40
N ASP B 67 49.60 -2.33 14.31
CA ASP B 67 49.18 -3.63 13.81
C ASP B 67 49.42 -3.76 12.30
N ILE B 68 49.33 -2.65 11.58
CA ILE B 68 49.54 -2.69 10.13
C ILE B 68 50.96 -3.15 9.81
N GLY B 69 51.94 -2.64 10.55
CA GLY B 69 53.31 -3.01 10.30
C GLY B 69 53.90 -2.27 9.11
N GLU B 70 54.89 -2.89 8.48
CA GLU B 70 55.61 -2.30 7.36
C GLU B 70 55.50 -3.20 6.14
N LYS B 71 55.37 -2.59 4.97
CA LYS B 71 55.36 -3.30 3.70
C LYS B 71 56.58 -2.88 2.90
N VAL B 72 57.39 -3.85 2.50
CA VAL B 72 58.72 -3.59 1.97
C VAL B 72 58.74 -3.85 0.47
N ILE B 73 59.78 -3.29 -0.17
CA ILE B 73 60.04 -3.50 -1.59
C ILE B 73 61.55 -3.56 -1.78
N PHE B 74 61.96 -4.13 -2.92
CA PHE B 74 63.36 -4.24 -3.27
C PHE B 74 63.62 -3.57 -4.61
N ASP B 75 64.90 -3.29 -4.87
CA ASP B 75 65.30 -2.54 -6.06
C ASP B 75 65.95 -3.40 -7.14
N GLY B 76 66.41 -4.60 -6.81
CA GLY B 76 67.02 -5.47 -7.79
C GLY B 76 68.46 -5.19 -8.12
N LYS B 77 69.08 -4.18 -7.49
CA LYS B 77 70.47 -3.88 -7.76
C LYS B 77 71.37 -4.92 -7.10
N PRO B 78 72.49 -5.29 -7.73
CA PRO B 78 73.40 -6.32 -7.21
C PRO B 78 74.37 -5.77 -6.17
N GLY B 89 69.20 -14.74 -2.40
CA GLY B 89 70.58 -14.30 -2.32
C GLY B 89 70.71 -12.83 -1.97
N TYR B 90 70.55 -11.97 -2.98
CA TYR B 90 70.65 -10.54 -2.77
C TYR B 90 69.72 -9.86 -3.78
N LEU B 91 68.55 -9.42 -3.31
CA LEU B 91 67.59 -8.73 -4.14
C LEU B 91 67.81 -7.21 -4.16
N GLY B 92 68.79 -6.72 -3.42
CA GLY B 92 69.06 -5.30 -3.40
C GLY B 92 68.82 -4.67 -2.04
N ASN B 93 68.47 -3.38 -2.02
CA ASN B 93 68.20 -2.66 -0.79
C ASN B 93 66.71 -2.69 -0.52
N LYS B 94 66.34 -2.97 0.73
CA LYS B 94 64.94 -3.00 1.12
C LYS B 94 64.41 -1.58 1.34
N LEU B 95 63.08 -1.46 1.32
CA LEU B 95 62.41 -0.19 1.63
C LEU B 95 61.19 -0.52 2.47
N SER B 96 61.35 -0.52 3.79
CA SER B 96 60.29 -0.89 4.72
C SER B 96 59.64 0.39 5.25
N VAL B 97 58.63 0.85 4.54
CA VAL B 97 57.86 2.02 4.97
C VAL B 97 56.84 1.59 6.02
N SER B 98 56.68 2.41 7.06
CA SER B 98 55.76 2.09 8.13
C SER B 98 55.31 3.38 8.81
N VAL B 99 54.29 3.27 9.64
CA VAL B 99 53.78 4.36 10.45
C VAL B 99 53.72 3.88 11.89
N GLU B 100 54.16 4.73 12.82
CA GLU B 100 54.12 4.39 14.23
C GLU B 100 53.38 5.41 15.09
N GLN B 101 53.05 6.57 14.55
CA GLN B 101 52.37 7.62 15.31
C GLN B 101 51.37 8.33 14.41
N VAL B 102 50.14 8.43 14.87
CA VAL B 102 49.10 9.20 14.20
C VAL B 102 48.53 10.20 15.20
N SER B 103 48.53 11.47 14.82
CA SER B 103 48.06 12.55 15.68
C SER B 103 46.95 13.31 14.98
N ILE B 104 45.90 13.64 15.74
CA ILE B 104 44.80 14.46 15.25
C ILE B 104 44.89 15.81 15.96
N ALA B 105 44.81 16.88 15.19
CA ALA B 105 44.85 18.23 15.73
C ALA B 105 43.45 18.82 15.76
N LYS B 106 43.15 19.56 16.81
CA LYS B 106 41.89 20.29 16.84
C LYS B 106 41.88 21.29 15.68
N PRO B 107 40.75 21.47 15.02
CA PRO B 107 40.75 22.25 13.78
C PRO B 107 41.24 23.67 14.00
N MET B 108 42.03 24.15 13.04
CA MET B 108 42.61 25.48 13.09
C MET B 108 42.41 26.15 11.72
N SER B 109 42.92 27.36 11.59
CA SER B 109 42.87 28.06 10.32
C SER B 109 44.09 28.97 10.21
N ASN B 110 44.51 29.24 8.98
CA ASN B 110 45.67 30.07 8.70
C ASN B 110 45.19 31.34 8.01
N ASP B 111 44.81 32.32 8.81
CA ASP B 111 44.31 33.59 8.28
C ASP B 111 44.81 34.75 9.13
N ALA B 116 52.04 33.70 9.54
CA ALA B 116 50.96 34.01 10.48
C ALA B 116 50.84 32.94 11.56
N VAL B 117 49.95 33.18 12.52
CA VAL B 117 49.72 32.25 13.62
C VAL B 117 48.33 31.66 13.45
N GLU B 118 48.23 30.33 13.58
CA GLU B 118 46.96 29.66 13.38
C GLU B 118 45.99 30.00 14.51
N ARG B 119 44.74 30.26 14.13
CA ARG B 119 43.66 30.55 15.07
C ARG B 119 42.79 29.32 15.24
N LYS B 120 41.79 29.45 16.10
CA LYS B 120 40.82 28.39 16.32
C LYS B 120 39.57 28.63 15.49
N VAL B 121 39.11 27.58 14.81
CA VAL B 121 37.89 27.61 14.01
C VAL B 121 36.82 26.84 14.76
N TYR B 122 35.64 27.42 14.87
CA TYR B 122 34.58 26.86 15.67
C TYR B 122 33.45 26.29 14.80
N PRO B 123 32.71 25.31 15.33
CA PRO B 123 31.63 24.72 14.53
C PRO B 123 30.57 25.72 14.10
N SER B 124 30.39 26.81 14.85
CA SER B 124 29.53 27.88 14.36
C SER B 124 30.05 28.45 13.05
N GLU B 125 31.37 28.68 12.98
CA GLU B 125 31.98 29.13 11.74
C GLU B 125 31.83 28.08 10.64
N SER B 126 32.00 26.80 10.99
CA SER B 126 31.85 25.75 9.98
C SER B 126 30.43 25.72 9.40
N ARG B 127 29.42 25.82 10.26
CA ARG B 127 28.04 25.85 9.78
C ARG B 127 27.77 27.09 8.95
N GLN B 128 28.26 28.25 9.39
CA GLN B 128 27.98 29.48 8.67
C GLN B 128 28.65 29.48 7.29
N ARG B 129 29.88 28.97 7.21
CA ARG B 129 30.59 28.92 5.94
C ARG B 129 30.04 27.85 5.00
N LEU B 130 29.17 26.97 5.49
CA LEU B 130 28.68 25.83 4.72
C LEU B 130 29.85 24.95 4.25
N THR B 131 30.82 24.77 5.14
CA THR B 131 31.98 23.92 4.88
C THR B 131 32.14 22.95 6.05
N SER B 132 33.06 22.02 5.91
CA SER B 132 33.22 20.99 6.91
C SER B 132 34.00 21.52 8.12
N TYR B 133 33.89 20.80 9.23
CA TYR B 133 34.59 21.11 10.47
C TYR B 133 35.59 19.98 10.68
N ARG B 134 36.77 20.13 10.08
CA ARG B 134 37.76 19.06 10.01
C ARG B 134 39.08 19.54 10.59
N GLY B 135 39.73 18.66 11.36
CA GLY B 135 41.07 18.89 11.85
C GLY B 135 42.11 18.50 10.82
N LYS B 136 43.36 18.47 11.28
CA LYS B 136 44.50 18.12 10.43
C LYS B 136 45.09 16.80 10.90
N LEU B 137 45.27 15.88 9.96
CA LEU B 137 45.77 14.54 10.25
C LEU B 137 47.25 14.46 9.90
N LEU B 138 48.06 14.06 10.87
CA LEU B 138 49.51 14.00 10.70
C LEU B 138 49.98 12.58 10.98
N LEU B 139 50.66 11.98 10.01
CA LEU B 139 51.30 10.68 10.17
C LEU B 139 52.80 10.86 9.92
N LYS B 140 53.62 10.27 10.79
CA LYS B 140 55.06 10.28 10.60
C LYS B 140 55.46 8.97 9.93
N LEU B 141 55.85 9.06 8.67
CA LEU B 141 56.27 7.89 7.92
C LEU B 141 57.69 7.50 8.31
N LYS B 142 57.95 6.20 8.30
CA LYS B 142 59.26 5.64 8.64
C LYS B 142 59.85 5.06 7.36
N TRP B 143 60.61 5.88 6.64
CA TRP B 143 61.27 5.47 5.40
C TRP B 143 62.55 4.71 5.75
N SER B 144 62.36 3.50 6.26
CA SER B 144 63.48 2.65 6.62
C SER B 144 63.98 1.91 5.39
N VAL B 145 65.30 1.78 5.29
CA VAL B 145 65.95 1.09 4.17
C VAL B 145 66.96 0.10 4.74
N ASN B 146 66.90 -1.14 4.25
CA ASN B 146 67.88 -2.17 4.56
C ASN B 146 67.89 -2.53 6.05
N ASN B 147 66.70 -2.77 6.60
CA ASN B 147 66.53 -3.24 7.97
C ASN B 147 67.24 -2.35 8.99
N GLY B 148 67.06 -1.04 8.84
CA GLY B 148 67.54 -0.10 9.84
C GLY B 148 68.93 0.43 9.65
N GLU B 149 69.48 0.37 8.44
CA GLU B 149 70.75 1.03 8.18
C GLU B 149 70.62 2.54 8.37
N GLU B 150 69.56 3.12 7.83
CA GLU B 150 69.23 4.52 8.07
C GLU B 150 67.73 4.69 7.92
N ASN B 151 67.15 5.55 8.75
CA ASN B 151 65.71 5.79 8.75
C ASN B 151 65.46 7.26 8.45
N LEU B 152 64.62 7.53 7.45
CA LEU B 152 64.27 8.88 7.04
C LEU B 152 62.85 9.18 7.52
N PHE B 153 62.73 9.62 8.77
CA PHE B 153 61.42 9.98 9.31
C PHE B 153 60.90 11.26 8.65
N GLU B 154 59.58 11.37 8.58
CA GLU B 154 58.95 12.58 8.06
C GLU B 154 57.47 12.57 8.45
N VAL B 155 57.02 13.64 9.10
CA VAL B 155 55.59 13.83 9.30
C VAL B 155 54.99 14.47 8.06
N ARG B 156 53.67 14.33 7.92
CA ARG B 156 53.03 14.79 6.70
C ARG B 156 51.55 15.05 6.93
N ASP B 157 51.06 16.17 6.39
CA ASP B 157 49.63 16.45 6.42
C ASP B 157 48.90 15.51 5.47
N CYS B 158 47.74 15.04 5.90
CA CYS B 158 46.94 14.09 5.12
C CYS B 158 45.53 14.62 4.93
N GLY B 159 45.42 15.89 4.55
CA GLY B 159 44.13 16.50 4.33
C GLY B 159 43.42 16.83 5.63
N GLY B 160 42.14 17.13 5.49
CA GLY B 160 41.33 17.49 6.64
C GLY B 160 40.45 16.35 7.13
N LEU B 161 40.72 15.85 8.33
CA LEU B 161 39.95 14.76 8.91
C LEU B 161 38.77 15.34 9.67
N PRO B 162 37.53 15.11 9.25
CA PRO B 162 36.38 15.62 10.02
C PRO B 162 36.37 15.05 11.42
N VAL B 163 36.00 15.90 12.38
CA VAL B 163 35.94 15.53 13.79
C VAL B 163 34.53 15.75 14.28
N MET B 164 34.12 14.96 15.26
CA MET B 164 32.78 15.06 15.81
C MET B 164 32.75 16.06 16.95
N LEU B 165 31.62 16.73 17.10
CA LEU B 165 31.49 17.81 18.06
C LEU B 165 31.58 17.29 19.49
N GLN B 166 32.06 18.15 20.39
CA GLN B 166 32.18 17.87 21.81
C GLN B 166 33.16 16.74 22.10
N SER B 167 33.98 16.35 21.13
CA SER B 167 35.00 15.35 21.34
C SER B 167 36.32 16.02 21.70
N ASN B 168 37.29 15.22 22.13
CA ASN B 168 38.57 15.76 22.55
C ASN B 168 39.33 16.42 21.41
N ARG B 169 38.92 16.19 20.16
CA ARG B 169 39.46 16.92 19.01
C ARG B 169 38.53 18.04 18.56
N CYS B 170 37.79 18.62 19.50
CA CYS B 170 36.93 19.77 19.24
C CYS B 170 37.20 20.82 20.30
N HIS B 171 37.10 22.09 19.90
CA HIS B 171 37.37 23.18 20.83
C HIS B 171 36.30 23.33 21.90
N LEU B 172 35.18 22.62 21.78
CA LEU B 172 34.06 22.70 22.71
C LEU B 172 34.10 21.59 23.75
N ASN B 173 35.25 20.94 23.93
CA ASN B 173 35.28 19.68 24.67
C ASN B 173 34.87 19.85 26.13
N LYS B 174 35.33 20.92 26.78
CA LYS B 174 35.09 21.08 28.21
C LYS B 174 34.43 22.41 28.55
N MET B 175 33.86 23.09 27.56
CA MET B 175 33.26 24.39 27.82
C MET B 175 31.96 24.26 28.59
N SER B 176 31.82 25.09 29.63
CA SER B 176 30.57 25.13 30.39
C SER B 176 29.47 25.76 29.53
N PRO B 177 28.21 25.59 29.92
CA PRO B 177 27.12 26.15 29.10
C PRO B 177 27.22 27.64 28.88
N TYR B 178 27.74 28.40 29.84
CA TYR B 178 27.94 29.83 29.62
C TYR B 178 28.91 30.07 28.47
N GLU B 179 30.05 29.38 28.48
CA GLU B 179 31.00 29.52 27.37
C GLU B 179 30.42 29.00 26.07
N LEU B 180 29.57 27.97 26.14
CA LEU B 180 28.93 27.44 24.94
C LEU B 180 28.01 28.46 24.30
N VAL B 181 27.22 29.18 25.10
CA VAL B 181 26.37 30.23 24.53
C VAL B 181 27.21 31.41 24.10
N GLN B 182 28.37 31.63 24.73
CA GLN B 182 29.25 32.70 24.30
C GLN B 182 29.87 32.39 22.94
N HIS B 183 30.17 31.12 22.66
CA HIS B 183 30.73 30.71 21.39
C HIS B 183 29.66 30.34 20.38
N LYS B 184 28.44 30.85 20.55
CA LYS B 184 27.36 30.84 19.57
C LYS B 184 26.75 29.47 19.31
N GLU B 185 27.11 28.45 20.08
CA GLU B 185 26.64 27.10 19.74
C GLU B 185 25.24 26.82 20.28
N GLU B 186 25.11 26.72 21.60
CA GLU B 186 23.87 26.33 22.26
C GLU B 186 24.15 26.32 23.75
N SER B 187 23.08 26.30 24.55
CA SER B 187 23.26 26.20 26.00
C SER B 187 23.73 24.80 26.38
N ASP B 188 23.10 23.76 25.84
CA ASP B 188 23.39 22.38 26.18
C ASP B 188 23.68 21.59 24.92
N GLU B 189 24.52 22.14 24.05
CA GLU B 189 24.89 21.48 22.81
C GLU B 189 25.48 20.10 23.11
N ILE B 190 25.01 19.10 22.39
CA ILE B 190 25.51 17.74 22.52
C ILE B 190 26.34 17.41 21.29
N GLY B 191 27.21 16.42 21.44
CA GLY B 191 28.08 15.99 20.38
C GLY B 191 27.62 14.70 19.73
N GLY B 192 28.54 14.07 19.01
CA GLY B 192 28.27 12.81 18.35
C GLY B 192 28.01 12.90 16.87
N TYR B 193 28.15 14.06 16.26
CA TYR B 193 27.89 14.21 14.83
C TYR B 193 29.00 15.04 14.19
N PHE B 194 29.11 14.91 12.88
CA PHE B 194 30.11 15.59 12.08
C PHE B 194 29.45 16.65 11.22
N ILE B 195 30.26 17.59 10.74
CA ILE B 195 29.79 18.62 9.81
C ILE B 195 30.59 18.47 8.52
N VAL B 196 29.89 18.24 7.42
CA VAL B 196 30.51 18.13 6.10
C VAL B 196 29.68 18.96 5.12
N ASN B 197 30.34 19.91 4.45
CA ASN B 197 29.68 20.84 3.54
C ASN B 197 28.51 21.57 4.21
N GLY B 198 28.66 21.90 5.49
CA GLY B 198 27.62 22.60 6.21
C GLY B 198 26.40 21.76 6.53
N ILE B 199 26.46 20.45 6.29
CA ILE B 199 25.36 19.54 6.53
C ILE B 199 25.80 18.56 7.61
N GLU B 200 25.05 18.50 8.70
CA GLU B 200 25.44 17.68 9.83
C GLU B 200 25.16 16.20 9.53
N LYS B 201 26.14 15.36 9.86
CA LYS B 201 26.05 13.93 9.60
C LYS B 201 26.40 13.15 10.85
N LEU B 202 25.80 11.97 10.98
CA LEU B 202 26.03 11.08 12.10
C LEU B 202 26.37 9.70 11.56
N ILE B 203 27.34 9.04 12.19
CA ILE B 203 27.64 7.65 11.86
C ILE B 203 26.70 6.78 12.70
N ARG B 204 25.66 6.24 12.06
CA ARG B 204 24.65 5.49 12.78
C ARG B 204 25.23 4.22 13.38
N MET B 205 24.88 3.96 14.64
CA MET B 205 25.29 2.72 15.28
C MET B 205 24.63 1.54 14.58
N LEU B 206 25.36 0.43 14.52
CA LEU B 206 24.85 -0.79 13.92
C LEU B 206 25.04 -1.94 14.90
N ILE B 207 24.17 -2.92 14.81
CA ILE B 207 24.23 -4.09 15.68
C ILE B 207 25.02 -5.18 14.96
N VAL B 208 25.97 -5.77 15.68
CA VAL B 208 26.84 -6.80 15.13
C VAL B 208 26.95 -7.92 16.15
N GLN B 209 27.55 -9.03 15.72
CA GLN B 209 27.68 -10.19 16.58
C GLN B 209 28.54 -9.88 17.79
N ARG B 210 28.20 -10.51 18.91
CA ARG B 210 29.02 -10.40 20.11
C ARG B 210 30.44 -10.88 19.83
N ARG B 211 31.42 -10.10 20.28
CA ARG B 211 32.81 -10.38 19.99
C ARG B 211 33.35 -11.49 20.90
N ASN B 212 34.36 -12.19 20.40
CA ASN B 212 35.15 -13.14 21.19
C ASN B 212 34.30 -14.26 21.78
N HIS B 213 33.20 -14.62 21.12
CA HIS B 213 32.36 -15.70 21.60
C HIS B 213 32.06 -16.66 20.45
N PRO B 214 32.33 -17.96 20.59
CA PRO B 214 31.93 -18.93 19.58
C PRO B 214 30.47 -19.33 19.77
N MET B 215 29.63 -18.98 18.80
CA MET B 215 28.20 -19.26 18.88
C MET B 215 27.84 -20.30 17.83
N ALA B 216 27.23 -21.40 18.27
CA ALA B 216 26.78 -22.43 17.36
C ALA B 216 25.68 -21.89 16.45
N ILE B 217 25.75 -22.26 15.18
CA ILE B 217 24.85 -21.73 14.15
C ILE B 217 24.31 -22.87 13.31
N ILE B 218 23.01 -22.84 13.05
CA ILE B 218 22.37 -23.68 12.04
C ILE B 218 21.87 -22.75 10.95
N ARG B 219 22.31 -22.98 9.72
CA ARG B 219 21.91 -22.13 8.63
C ARG B 219 21.86 -22.94 7.34
N PRO B 220 20.76 -22.88 6.60
CA PRO B 220 20.69 -23.64 5.33
C PRO B 220 21.75 -23.23 4.33
N SER B 221 22.18 -21.96 4.35
CA SER B 221 23.20 -21.54 3.40
C SER B 221 24.54 -22.21 3.68
N PHE B 222 24.77 -22.67 4.92
CA PHE B 222 25.98 -23.44 5.20
C PHE B 222 26.02 -24.71 4.37
N ALA B 223 24.88 -25.39 4.24
CA ALA B 223 24.80 -26.56 3.36
C ALA B 223 24.77 -26.15 1.89
N ASN B 224 24.14 -25.01 1.58
CA ASN B 224 24.09 -24.53 0.20
C ASN B 224 25.48 -24.14 -0.30
N ARG B 225 26.42 -23.90 0.61
CA ARG B 225 27.76 -23.46 0.20
C ARG B 225 28.41 -24.43 -0.76
N GLY B 226 28.30 -25.72 -0.51
CA GLY B 226 28.86 -26.73 -1.38
C GLY B 226 28.14 -28.06 -1.25
N ALA B 227 28.90 -29.13 -1.40
CA ALA B 227 28.39 -30.49 -1.26
C ALA B 227 29.05 -31.16 -0.08
N SER B 228 28.30 -32.03 0.59
CA SER B 228 28.65 -32.68 1.85
C SER B 228 28.75 -31.69 3.01
N TYR B 229 28.53 -30.40 2.76
CA TYR B 229 28.46 -29.43 3.84
C TYR B 229 27.15 -29.59 4.60
N SER B 230 27.24 -29.82 5.91
CA SER B 230 26.03 -29.77 6.72
C SER B 230 25.70 -28.32 7.03
N HIS B 231 24.48 -28.11 7.55
CA HIS B 231 24.07 -26.76 7.88
C HIS B 231 24.57 -26.30 9.25
N TYR B 232 25.25 -27.18 10.00
CA TYR B 232 25.84 -26.81 11.27
C TYR B 232 27.07 -25.93 11.05
N GLY B 233 27.62 -25.46 12.15
CA GLY B 233 28.81 -24.63 12.10
C GLY B 233 29.05 -23.96 13.43
N ILE B 234 30.15 -23.20 13.48
CA ILE B 234 30.49 -22.38 14.63
C ILE B 234 31.16 -21.11 14.12
N GLN B 235 30.55 -19.96 14.41
CA GLN B 235 31.03 -18.67 13.96
C GLN B 235 31.47 -17.84 15.15
N ILE B 236 32.70 -17.34 15.11
CA ILE B 236 33.23 -16.46 16.15
C ILE B 236 33.77 -15.20 15.47
N ARG B 237 33.36 -14.04 15.99
CA ARG B 237 33.78 -12.75 15.43
C ARG B 237 34.87 -12.18 16.33
N SER B 238 36.10 -12.59 16.08
CA SER B 238 37.23 -12.09 16.86
C SER B 238 37.57 -10.67 16.43
N VAL B 239 38.00 -9.86 17.39
CA VAL B 239 38.27 -8.45 17.17
C VAL B 239 39.65 -8.12 17.74
N ARG B 240 40.46 -7.40 16.96
CA ARG B 240 41.81 -7.09 17.35
C ARG B 240 41.84 -6.00 18.41
N PRO B 241 42.95 -5.85 19.14
CA PRO B 241 43.02 -4.80 20.16
C PRO B 241 42.78 -3.40 19.62
N ASP B 242 43.05 -3.16 18.35
CA ASP B 242 42.69 -1.89 17.72
C ASP B 242 41.27 -1.89 17.20
N GLN B 243 40.43 -2.82 17.67
CA GLN B 243 39.01 -2.88 17.36
C GLN B 243 38.77 -3.10 15.87
N THR B 244 39.42 -4.11 15.32
CA THR B 244 39.17 -4.56 13.95
C THR B 244 38.79 -6.03 13.98
N SER B 245 37.83 -6.40 13.14
CA SER B 245 37.13 -7.67 13.26
C SER B 245 37.62 -8.69 12.22
N GLN B 246 37.64 -9.95 12.64
CA GLN B 246 38.03 -11.06 11.77
C GLN B 246 37.22 -12.28 12.16
N THR B 247 36.38 -12.77 11.24
CA THR B 247 35.47 -13.86 11.51
C THR B 247 36.05 -15.19 11.03
N ASN B 248 35.94 -16.22 11.86
CA ASN B 248 36.46 -17.55 11.57
C ASN B 248 35.36 -18.58 11.83
N VAL B 249 34.89 -19.22 10.77
CA VAL B 249 33.79 -20.18 10.86
C VAL B 249 34.37 -21.59 10.83
N LEU B 250 33.63 -22.54 11.40
CA LEU B 250 34.01 -23.95 11.41
C LEU B 250 32.84 -24.77 10.87
N HIS B 251 32.80 -24.94 9.54
CA HIS B 251 31.76 -25.76 8.94
C HIS B 251 32.00 -27.22 9.25
N TYR B 252 30.92 -28.00 9.23
CA TYR B 252 30.97 -29.44 9.46
C TYR B 252 30.55 -30.15 8.19
N LEU B 253 31.32 -31.17 7.81
CA LEU B 253 31.02 -31.97 6.62
C LEU B 253 30.48 -33.32 7.05
N ASN B 254 29.51 -33.83 6.28
CA ASN B 254 28.83 -35.06 6.65
C ASN B 254 29.76 -36.27 6.66
N ASP B 255 30.94 -36.15 6.03
CA ASP B 255 31.91 -37.24 5.99
C ASP B 255 32.79 -37.29 7.22
N GLY B 256 32.60 -36.37 8.18
CA GLY B 256 33.34 -36.40 9.42
C GLY B 256 34.48 -35.41 9.54
N GLN B 257 34.65 -34.51 8.57
CA GLN B 257 35.76 -33.57 8.57
C GLN B 257 35.26 -32.14 8.75
N VAL B 258 36.01 -31.36 9.52
CA VAL B 258 35.66 -29.98 9.85
C VAL B 258 36.60 -29.06 9.07
N THR B 259 36.03 -28.07 8.39
CA THR B 259 36.81 -27.13 7.60
C THR B 259 36.79 -25.75 8.25
N PHE B 260 37.91 -25.04 8.14
CA PHE B 260 38.09 -23.72 8.71
C PHE B 260 37.95 -22.69 7.58
N ARG B 261 37.04 -21.74 7.74
CA ARG B 261 36.76 -20.75 6.70
C ARG B 261 37.07 -19.36 7.21
N PHE B 262 37.74 -18.57 6.38
CA PHE B 262 38.01 -17.17 6.67
C PHE B 262 37.89 -16.39 5.37
N SER B 263 38.33 -15.14 5.39
CA SER B 263 38.35 -14.32 4.18
C SER B 263 39.33 -13.17 4.40
N TRP B 264 40.41 -13.14 3.61
CA TRP B 264 41.40 -12.09 3.79
C TRP B 264 40.98 -10.80 3.10
N ARG B 265 40.84 -10.85 1.79
CA ARG B 265 40.23 -9.80 1.00
C ARG B 265 38.80 -10.23 0.67
N LYS B 266 38.17 -9.55 -0.28
CA LYS B 266 36.80 -9.94 -0.62
C LYS B 266 36.83 -11.26 -1.38
N ASN B 267 37.29 -12.32 -0.70
CA ASN B 267 37.40 -13.67 -1.24
C ASN B 267 37.43 -14.62 -0.06
N GLU B 268 36.71 -15.73 -0.18
CA GLU B 268 36.62 -16.72 0.88
C GLU B 268 37.62 -17.83 0.66
N TYR B 269 38.23 -18.30 1.74
CA TYR B 269 39.24 -19.35 1.68
C TYR B 269 38.92 -20.43 2.70
N LEU B 270 39.09 -21.68 2.29
CA LEU B 270 38.81 -22.85 3.13
C LEU B 270 40.12 -23.54 3.47
N VAL B 271 40.21 -24.02 4.71
CA VAL B 271 41.41 -24.68 5.21
C VAL B 271 41.01 -25.78 6.18
N PRO B 272 41.58 -26.98 6.09
CA PRO B 272 41.28 -28.02 7.09
C PRO B 272 41.63 -27.55 8.50
N VAL B 273 40.76 -27.92 9.45
CA VAL B 273 40.94 -27.43 10.81
C VAL B 273 42.16 -28.05 11.47
N VAL B 274 42.54 -29.27 11.08
CA VAL B 274 43.70 -29.89 11.71
C VAL B 274 44.99 -29.27 11.18
N MET B 275 44.99 -28.76 9.96
CA MET B 275 46.17 -28.08 9.44
C MET B 275 46.51 -26.86 10.27
N ILE B 276 45.50 -26.03 10.57
CA ILE B 276 45.71 -24.88 11.43
C ILE B 276 45.99 -25.32 12.86
N LEU B 277 45.32 -26.39 13.31
CA LEU B 277 45.54 -26.88 14.67
C LEU B 277 46.98 -27.35 14.87
N LYS B 278 47.62 -27.83 13.80
CA LYS B 278 49.03 -28.23 13.88
C LYS B 278 49.98 -27.07 13.61
N ALA B 279 49.55 -26.08 12.81
CA ALA B 279 50.37 -24.91 12.59
C ALA B 279 50.45 -24.03 13.82
N LEU B 280 49.41 -24.04 14.65
CA LEU B 280 49.39 -23.15 15.82
C LEU B 280 50.51 -23.49 16.80
N CYS B 281 50.77 -24.76 17.04
CA CYS B 281 51.78 -25.14 18.01
C CYS B 281 52.32 -26.51 17.67
N HIS B 282 53.45 -26.86 18.29
CA HIS B 282 54.03 -28.18 18.15
C HIS B 282 53.16 -29.17 18.91
N THR B 283 52.22 -29.79 18.22
CA THR B 283 51.27 -30.70 18.84
C THR B 283 51.17 -31.99 18.03
N SER B 284 50.98 -33.10 18.74
CA SER B 284 50.82 -34.40 18.12
C SER B 284 49.34 -34.65 17.84
N ASP B 285 49.01 -35.87 17.44
CA ASP B 285 47.61 -36.25 17.24
C ASP B 285 46.95 -36.72 18.52
N ARG B 286 47.72 -37.27 19.47
CA ARG B 286 47.14 -37.63 20.75
C ARG B 286 46.75 -36.39 21.55
N GLU B 287 47.49 -35.30 21.41
CA GLU B 287 47.12 -34.06 22.09
C GLU B 287 45.81 -33.51 21.55
N ILE B 288 45.62 -33.54 20.23
CA ILE B 288 44.37 -33.07 19.65
C ILE B 288 43.20 -33.94 20.12
N PHE B 289 43.40 -35.26 20.15
CA PHE B 289 42.36 -36.17 20.60
C PHE B 289 42.00 -35.92 22.06
N ASP B 290 43.01 -35.84 22.93
CA ASP B 290 42.76 -35.61 24.35
C ASP B 290 42.32 -34.19 24.65
N GLY B 291 42.44 -33.27 23.70
CA GLY B 291 41.91 -31.94 23.90
C GLY B 291 40.46 -31.83 23.49
N ILE B 292 40.12 -32.38 22.32
CA ILE B 292 38.75 -32.33 21.86
C ILE B 292 37.86 -33.28 22.67
N ILE B 293 38.43 -34.36 23.19
CA ILE B 293 37.70 -35.31 24.03
C ILE B 293 38.31 -35.27 25.42
N GLY B 294 37.47 -35.11 26.43
CA GLY B 294 37.95 -35.06 27.80
C GLY B 294 38.05 -36.44 28.40
N ASN B 295 37.35 -36.67 29.51
CA ASN B 295 37.30 -38.00 30.10
C ASN B 295 36.27 -38.90 29.44
N ASP B 296 35.50 -38.38 28.49
CA ASP B 296 34.45 -39.15 27.83
C ASP B 296 35.01 -39.82 26.57
N VAL B 297 35.92 -40.77 26.80
CA VAL B 297 36.45 -41.58 25.71
C VAL B 297 35.40 -42.56 25.21
N LYS B 298 34.30 -42.73 25.95
CA LYS B 298 33.25 -43.68 25.60
C LYS B 298 32.18 -43.07 24.70
N ASP B 299 32.32 -41.81 24.31
CA ASP B 299 31.39 -41.18 23.38
C ASP B 299 31.76 -41.63 21.97
N SER B 300 31.05 -42.63 21.46
CA SER B 300 31.38 -43.16 20.14
C SER B 300 31.20 -42.11 19.05
N PHE B 301 30.22 -41.23 19.20
CA PHE B 301 30.04 -40.12 18.27
C PHE B 301 31.32 -39.31 18.17
N LEU B 302 31.85 -38.87 19.31
CA LEU B 302 33.05 -38.04 19.32
C LEU B 302 34.26 -38.81 18.79
N THR B 303 34.43 -40.05 19.25
CA THR B 303 35.61 -40.81 18.85
C THR B 303 35.62 -41.07 17.35
N ASP B 304 34.46 -41.42 16.78
CA ASP B 304 34.40 -41.68 15.35
C ASP B 304 34.62 -40.40 14.55
N ARG B 305 34.02 -39.29 14.99
CA ARG B 305 34.26 -38.03 14.28
C ARG B 305 35.73 -37.64 14.32
N LEU B 306 36.37 -37.81 15.47
CA LEU B 306 37.77 -37.44 15.61
C LEU B 306 38.67 -38.36 14.79
N GLU B 307 38.38 -39.65 14.79
CA GLU B 307 39.14 -40.58 13.97
C GLU B 307 39.02 -40.22 12.50
N LEU B 308 37.81 -39.94 12.04
CA LEU B 308 37.63 -39.54 10.64
C LEU B 308 38.41 -38.27 10.33
N LEU B 309 38.35 -37.28 11.23
CA LEU B 309 39.02 -36.01 10.98
C LEU B 309 40.53 -36.18 10.88
N LEU B 310 41.14 -36.82 11.89
CA LEU B 310 42.58 -36.98 11.91
C LEU B 310 43.06 -37.86 10.76
N ARG B 311 42.38 -38.98 10.53
CA ARG B 311 42.77 -39.87 9.45
C ARG B 311 42.61 -39.22 8.10
N GLY B 312 41.56 -38.41 7.92
CA GLY B 312 41.37 -37.71 6.66
C GLY B 312 42.46 -36.69 6.42
N PHE B 313 42.86 -35.95 7.45
CA PHE B 313 43.97 -35.02 7.28
C PHE B 313 45.26 -35.78 6.91
N LYS B 314 45.53 -36.87 7.64
CA LYS B 314 46.76 -37.63 7.38
C LYS B 314 46.75 -38.27 6.00
N LYS B 315 45.57 -38.58 5.46
CA LYS B 315 45.49 -39.22 4.15
C LYS B 315 45.49 -38.20 3.02
N ARG B 316 44.91 -37.02 3.24
CA ARG B 316 44.92 -35.98 2.22
C ARG B 316 46.27 -35.28 2.13
N TYR B 317 46.96 -35.13 3.26
CA TYR B 317 48.29 -34.55 3.30
C TYR B 317 49.21 -35.52 4.03
N PRO B 318 49.70 -36.55 3.33
CA PRO B 318 50.56 -37.54 4.00
C PRO B 318 51.82 -36.94 4.59
N HIS B 319 52.37 -35.92 3.94
CA HIS B 319 53.52 -35.19 4.46
C HIS B 319 53.07 -34.18 5.50
N LEU B 320 53.94 -33.23 5.85
CA LEU B 320 53.66 -32.21 6.87
C LEU B 320 53.51 -32.86 8.24
N GLN B 321 54.55 -33.56 8.67
CA GLN B 321 54.57 -34.20 9.97
C GLN B 321 55.01 -33.28 11.10
N ASN B 322 55.33 -32.02 10.81
CA ASN B 322 55.79 -31.10 11.83
C ASN B 322 55.18 -29.72 11.59
N ARG B 323 55.11 -28.93 12.66
CA ARG B 323 54.54 -27.59 12.56
C ARG B 323 55.32 -26.72 11.59
N THR B 324 56.63 -26.91 11.50
CA THR B 324 57.42 -26.16 10.53
C THR B 324 56.97 -26.47 9.11
N GLN B 325 56.77 -27.76 8.80
CA GLN B 325 56.30 -28.14 7.48
C GLN B 325 54.90 -27.60 7.21
N VAL B 326 54.03 -27.64 8.21
CA VAL B 326 52.67 -27.12 8.03
C VAL B 326 52.71 -25.62 7.75
N LEU B 327 53.54 -24.89 8.49
CA LEU B 327 53.67 -23.45 8.26
C LEU B 327 54.24 -23.17 6.88
N GLN B 328 55.22 -23.95 6.44
CA GLN B 328 55.78 -23.75 5.10
C GLN B 328 54.74 -24.02 4.02
N TYR B 329 53.93 -25.06 4.20
CA TYR B 329 52.87 -25.34 3.24
C TYR B 329 51.84 -24.20 3.22
N LEU B 330 51.49 -23.67 4.39
CA LEU B 330 50.56 -22.55 4.43
C LEU B 330 51.15 -21.32 3.74
N GLY B 331 52.44 -21.07 3.95
CA GLY B 331 53.08 -19.95 3.28
C GLY B 331 53.10 -20.10 1.78
N ASP B 332 53.37 -21.30 1.29
CA ASP B 332 53.29 -21.56 -0.14
C ASP B 332 51.87 -21.37 -0.65
N LYS B 333 50.88 -21.80 0.14
CA LYS B 333 49.48 -21.65 -0.26
C LYS B 333 49.10 -20.17 -0.38
N PHE B 334 49.55 -19.35 0.56
CA PHE B 334 49.18 -17.93 0.62
C PHE B 334 50.42 -17.07 0.45
N ARG B 335 50.78 -16.77 -0.80
CA ARG B 335 51.81 -15.78 -1.08
C ARG B 335 51.29 -14.62 -1.92
N VAL B 336 50.67 -14.91 -3.06
CA VAL B 336 50.17 -13.82 -3.91
C VAL B 336 48.99 -13.12 -3.26
N VAL B 337 48.17 -13.85 -2.51
CA VAL B 337 46.98 -13.25 -1.90
C VAL B 337 47.37 -12.23 -0.84
N PHE B 338 48.46 -12.49 -0.12
CA PHE B 338 48.89 -11.63 0.98
C PHE B 338 49.89 -10.56 0.55
N GLN B 339 50.28 -10.53 -0.73
CA GLN B 339 51.31 -9.62 -1.22
C GLN B 339 52.58 -9.71 -0.36
N ALA B 340 52.96 -10.94 -0.03
CA ALA B 340 54.16 -11.15 0.78
C ALA B 340 55.40 -10.77 -0.01
N SER B 341 56.37 -10.16 0.67
CA SER B 341 57.59 -9.75 0.01
C SER B 341 58.47 -10.96 -0.28
N PRO B 342 59.31 -10.88 -1.31
CA PRO B 342 60.20 -12.02 -1.62
C PRO B 342 61.15 -12.36 -0.49
N ASP B 343 61.55 -11.38 0.31
CA ASP B 343 62.40 -11.66 1.47
C ASP B 343 61.70 -12.56 2.47
N GLN B 344 60.37 -12.47 2.53
CA GLN B 344 59.60 -13.26 3.49
C GLN B 344 59.72 -14.75 3.16
N SER B 345 60.32 -15.50 4.08
CA SER B 345 60.38 -16.95 3.94
C SER B 345 58.98 -17.55 4.04
N ASP B 346 58.85 -18.78 3.55
CA ASP B 346 57.55 -19.45 3.60
C ASP B 346 57.14 -19.74 5.04
N LEU B 347 58.10 -20.10 5.89
CA LEU B 347 57.79 -20.35 7.30
C LEU B 347 57.23 -19.11 7.97
N GLU B 348 57.86 -17.95 7.74
CA GLU B 348 57.36 -16.74 8.36
C GLU B 348 56.10 -16.21 7.69
N VAL B 349 55.88 -16.52 6.41
CA VAL B 349 54.59 -16.18 5.81
C VAL B 349 53.48 -17.03 6.41
N GLY B 350 53.76 -18.30 6.69
CA GLY B 350 52.80 -19.11 7.42
C GLY B 350 52.53 -18.58 8.81
N GLN B 351 53.58 -18.15 9.51
CA GLN B 351 53.37 -17.52 10.80
C GLN B 351 52.56 -16.23 10.67
N GLU B 352 52.75 -15.50 9.57
CA GLU B 352 51.99 -14.26 9.35
C GLU B 352 50.51 -14.55 9.13
N VAL B 353 50.19 -15.54 8.30
CA VAL B 353 48.78 -15.88 8.10
C VAL B 353 48.17 -16.40 9.39
N LEU B 354 48.95 -17.15 10.17
CA LEU B 354 48.45 -17.61 11.47
C LEU B 354 48.17 -16.43 12.40
N ASP B 355 49.06 -15.43 12.41
CA ASP B 355 48.87 -14.29 13.30
C ASP B 355 47.80 -13.33 12.81
N ARG B 356 47.47 -13.34 11.53
CA ARG B 356 46.49 -12.41 10.99
C ARG B 356 45.14 -13.05 10.67
N ILE B 357 44.97 -14.36 10.86
CA ILE B 357 43.71 -14.99 10.51
C ILE B 357 43.06 -15.66 11.70
N VAL B 358 43.70 -16.68 12.26
CA VAL B 358 43.04 -17.54 13.24
C VAL B 358 43.02 -16.84 14.60
N LEU B 359 41.81 -16.52 15.07
CA LEU B 359 41.57 -16.07 16.44
C LEU B 359 42.40 -14.82 16.76
N VAL B 360 42.17 -13.77 15.99
CA VAL B 360 43.01 -12.57 16.07
C VAL B 360 42.93 -11.93 17.45
N HIS B 361 41.81 -12.11 18.16
CA HIS B 361 41.66 -11.44 19.45
C HIS B 361 42.66 -11.96 20.48
N LEU B 362 43.09 -13.21 20.35
CA LEU B 362 44.18 -13.69 21.19
C LEU B 362 45.50 -12.99 20.85
N GLY B 363 45.61 -12.39 19.67
CA GLY B 363 46.79 -11.63 19.30
C GLY B 363 48.00 -12.52 19.07
N LYS B 364 49.07 -11.88 18.61
CA LYS B 364 50.33 -12.58 18.45
C LYS B 364 50.85 -13.03 19.81
N ASP B 365 51.75 -14.02 19.76
CA ASP B 365 52.32 -14.63 20.96
C ASP B 365 51.25 -15.26 21.84
N GLY B 366 50.14 -15.68 21.22
CA GLY B 366 49.07 -16.36 21.92
C GLY B 366 48.67 -17.63 21.21
N SER B 367 49.64 -18.33 20.65
CA SER B 367 49.36 -19.54 19.88
C SER B 367 48.78 -20.64 20.75
N GLN B 368 49.28 -20.78 21.98
CA GLN B 368 48.73 -21.79 22.88
C GLN B 368 47.27 -21.50 23.19
N ASP B 369 46.94 -20.23 23.42
CA ASP B 369 45.56 -19.86 23.68
C ASP B 369 44.68 -20.11 22.46
N LYS B 370 45.19 -19.82 21.26
CA LYS B 370 44.44 -20.10 20.05
C LYS B 370 44.20 -21.59 19.89
N PHE B 371 45.21 -22.40 20.23
CA PHE B 371 45.05 -23.86 20.18
C PHE B 371 43.96 -24.33 21.12
N ARG B 372 43.97 -23.84 22.37
CA ARG B 372 42.94 -24.24 23.32
C ARG B 372 41.55 -23.78 22.87
N MET B 373 41.45 -22.57 22.33
CA MET B 373 40.16 -22.07 21.88
C MET B 373 39.65 -22.87 20.69
N LEU B 374 40.53 -23.26 19.77
CA LEU B 374 40.10 -24.09 18.65
C LEU B 374 39.65 -25.46 19.10
N LEU B 375 40.34 -26.05 20.08
CA LEU B 375 39.85 -27.32 20.63
C LEU B 375 38.47 -27.15 21.25
N PHE B 376 38.27 -26.05 21.99
CA PHE B 376 36.96 -25.77 22.57
C PHE B 376 35.89 -25.64 21.49
N MET B 377 36.22 -24.94 20.40
CA MET B 377 35.23 -24.75 19.34
C MET B 377 34.91 -26.05 18.62
N ILE B 378 35.90 -26.93 18.45
CA ILE B 378 35.62 -28.22 17.84
C ILE B 378 34.73 -29.06 18.75
N ARG B 379 35.02 -29.08 20.06
CA ARG B 379 34.14 -29.77 21.00
C ARG B 379 32.72 -29.22 20.90
N LYS B 380 32.58 -27.91 20.84
CA LYS B 380 31.26 -27.30 20.79
C LYS B 380 30.53 -27.64 19.50
N LEU B 381 31.25 -27.68 18.38
CA LEU B 381 30.62 -28.06 17.11
C LEU B 381 30.16 -29.51 17.13
N TYR B 382 30.97 -30.40 17.71
CA TYR B 382 30.54 -31.79 17.82
C TYR B 382 29.36 -31.93 18.75
N SER B 383 29.31 -31.15 19.82
CA SER B 383 28.12 -31.15 20.69
C SER B 383 26.90 -30.63 19.95
N LEU B 384 27.08 -29.61 19.11
CA LEU B 384 25.97 -29.06 18.34
C LEU B 384 25.42 -30.10 17.37
N VAL B 385 26.30 -30.80 16.65
CA VAL B 385 25.82 -31.80 15.71
C VAL B 385 25.30 -33.04 16.42
N ALA B 386 25.73 -33.28 17.66
CA ALA B 386 25.19 -34.38 18.44
C ALA B 386 23.83 -34.05 19.07
N GLY B 387 23.37 -32.82 18.94
CA GLY B 387 22.10 -32.42 19.51
C GLY B 387 22.12 -32.09 20.98
N GLU B 388 23.30 -31.97 21.58
CA GLU B 388 23.41 -31.62 23.00
C GLU B 388 23.49 -30.13 23.23
N CYS B 389 23.43 -29.32 22.18
CA CYS B 389 23.49 -27.88 22.30
C CYS B 389 22.44 -27.27 21.40
N SER B 390 22.03 -26.08 21.74
CA SER B 390 21.02 -25.45 20.90
C SER B 390 21.66 -24.38 20.03
N PRO B 391 21.11 -24.15 18.85
CA PRO B 391 21.66 -23.10 17.97
C PRO B 391 21.51 -21.72 18.56
N ASP B 392 22.63 -21.10 18.91
CA ASP B 392 22.59 -19.72 19.41
C ASP B 392 21.98 -18.82 18.36
N ASN B 393 21.04 -17.99 18.77
CA ASN B 393 20.26 -17.21 17.84
C ASN B 393 21.04 -15.97 17.41
N PRO B 394 21.41 -15.84 16.14
CA PRO B 394 22.10 -14.62 15.69
C PRO B 394 21.27 -13.36 15.85
N ASP B 395 19.95 -13.45 15.71
CA ASP B 395 19.09 -12.28 15.76
C ASP B 395 18.57 -11.98 17.16
N ALA B 396 18.96 -12.76 18.16
CA ALA B 396 18.62 -12.43 19.54
C ALA B 396 19.64 -11.45 20.10
N THR B 397 19.15 -10.55 20.95
CA THR B 397 20.02 -9.56 21.58
C THR B 397 20.98 -10.18 22.60
N GLN B 398 20.73 -11.42 23.01
CA GLN B 398 21.66 -12.10 23.90
C GLN B 398 23.04 -12.25 23.26
N HIS B 399 23.10 -12.36 21.93
CA HIS B 399 24.35 -12.60 21.23
C HIS B 399 24.66 -11.47 20.27
N GLN B 400 24.52 -10.23 20.73
CA GLN B 400 24.78 -9.08 19.89
C GLN B 400 25.51 -8.01 20.67
N GLU B 401 26.19 -7.15 19.93
CA GLU B 401 26.76 -5.91 20.44
C GLU B 401 26.54 -4.85 19.37
N VAL B 402 27.04 -3.65 19.61
CA VAL B 402 26.77 -2.50 18.76
C VAL B 402 28.09 -1.92 18.29
N LEU B 403 28.20 -1.66 16.99
CA LEU B 403 29.36 -0.96 16.43
C LEU B 403 29.15 0.54 16.66
N LEU B 404 29.98 1.12 17.54
CA LEU B 404 29.67 2.43 18.11
C LEU B 404 29.69 3.56 17.08
N GLY B 405 30.36 3.38 15.95
CA GLY B 405 30.42 4.41 14.93
C GLY B 405 31.62 5.32 15.04
N GLY B 406 32.33 5.31 16.16
CA GLY B 406 33.62 5.95 16.24
C GLY B 406 34.69 4.90 16.04
N PHE B 407 34.40 3.68 16.52
CA PHE B 407 35.26 2.55 16.22
C PHE B 407 35.28 2.27 14.72
N LEU B 408 34.14 2.44 14.05
CA LEU B 408 34.11 2.32 12.59
C LEU B 408 34.98 3.38 11.95
N TYR B 409 34.96 4.61 12.48
CA TYR B 409 35.83 5.66 11.98
C TYR B 409 37.29 5.27 12.13
N GLY B 410 37.67 4.71 13.28
CA GLY B 410 39.04 4.28 13.47
C GLY B 410 39.44 3.16 12.53
N MET B 411 38.53 2.20 12.31
CA MET B 411 38.83 1.11 11.38
C MET B 411 39.05 1.64 9.97
N ILE B 412 38.19 2.55 9.52
CA ILE B 412 38.36 3.10 8.17
C ILE B 412 39.64 3.92 8.08
N LEU B 413 40.01 4.64 9.15
CA LEU B 413 41.27 5.37 9.13
C LEU B 413 42.46 4.43 9.02
N LYS B 414 42.44 3.33 9.79
CA LYS B 414 43.52 2.35 9.70
C LYS B 414 43.61 1.78 8.29
N GLU B 415 42.46 1.44 7.70
CA GLU B 415 42.44 0.90 6.35
C GLU B 415 42.98 1.91 5.34
N LYS B 416 42.61 3.19 5.49
CA LYS B 416 43.05 4.19 4.54
C LYS B 416 44.56 4.44 4.63
N ILE B 417 45.12 4.45 5.84
CA ILE B 417 46.57 4.63 5.91
C ILE B 417 47.30 3.39 5.43
N ASP B 418 46.71 2.20 5.62
CA ASP B 418 47.29 0.99 5.03
C ASP B 418 47.32 1.09 3.51
N GLU B 419 46.22 1.55 2.91
CA GLU B 419 46.20 1.75 1.47
C GLU B 419 47.18 2.83 1.04
N TYR B 420 47.40 3.84 1.89
CA TYR B 420 48.40 4.87 1.59
C TYR B 420 49.81 4.27 1.52
N LEU B 421 50.14 3.41 2.47
CA LEU B 421 51.42 2.72 2.44
C LEU B 421 51.54 1.85 1.19
N GLN B 422 50.47 1.13 0.84
CA GLN B 422 50.50 0.33 -0.38
C GLN B 422 50.66 1.22 -1.61
N ASN B 423 50.07 2.42 -1.59
CA ASN B 423 50.20 3.33 -2.72
C ASN B 423 51.64 3.79 -2.89
N ILE B 424 52.32 4.14 -1.80
CA ILE B 424 53.71 4.58 -1.95
C ILE B 424 54.60 3.41 -2.38
N ILE B 425 54.32 2.20 -1.88
CA ILE B 425 55.09 1.04 -2.32
C ILE B 425 54.88 0.79 -3.81
N ALA B 426 53.63 0.89 -4.29
CA ALA B 426 53.37 0.71 -5.71
C ALA B 426 54.00 1.82 -6.55
N GLN B 427 54.09 3.03 -5.99
CA GLN B 427 54.73 4.11 -6.72
C GLN B 427 56.23 3.85 -6.88
N VAL B 428 56.91 3.40 -5.83
CA VAL B 428 58.32 3.06 -5.99
C VAL B 428 58.47 1.82 -6.88
N ARG B 429 57.47 0.94 -6.90
CA ARG B 429 57.49 -0.18 -7.83
C ARG B 429 57.46 0.30 -9.29
N MET B 430 56.58 1.27 -9.57
CA MET B 430 56.54 1.82 -10.92
C MET B 430 57.83 2.55 -11.25
N ASP B 431 58.43 3.22 -10.26
CA ASP B 431 59.75 3.81 -10.46
C ASP B 431 60.77 2.76 -10.87
N ILE B 432 60.79 1.62 -10.16
CA ILE B 432 61.72 0.54 -10.47
C ILE B 432 61.48 0.03 -11.89
N ASN B 433 60.21 -0.18 -12.25
CA ASN B 433 59.90 -0.77 -13.55
C ASN B 433 60.10 0.20 -14.70
N ARG B 434 60.07 1.51 -14.46
CA ARG B 434 60.23 2.49 -15.53
C ARG B 434 61.64 3.07 -15.59
N GLY B 435 62.11 3.67 -14.50
CA GLY B 435 63.40 4.32 -14.49
C GLY B 435 64.37 3.76 -13.48
N MET B 436 65.57 3.43 -13.93
CA MET B 436 66.56 2.82 -13.05
C MET B 436 67.06 3.77 -11.96
N ALA B 437 66.77 5.06 -12.07
CA ALA B 437 67.26 6.05 -11.12
C ALA B 437 66.48 5.93 -9.81
N ILE B 438 66.99 5.11 -8.91
CA ILE B 438 66.41 4.96 -7.57
C ILE B 438 67.53 5.00 -6.56
N ASN B 439 67.19 5.40 -5.33
CA ASN B 439 68.11 5.31 -4.20
C ASN B 439 67.28 5.36 -2.93
N PHE B 440 67.20 4.25 -2.22
CA PHE B 440 66.38 4.18 -1.00
C PHE B 440 67.02 4.89 0.18
N LYS B 441 68.12 5.60 -0.03
CA LYS B 441 68.75 6.40 1.00
C LYS B 441 68.76 7.89 0.66
N ASP B 442 68.08 8.29 -0.41
CA ASP B 442 68.10 9.67 -0.88
C ASP B 442 66.85 10.39 -0.40
N LYS B 443 67.06 11.45 0.40
CA LYS B 443 65.93 12.24 0.87
C LYS B 443 65.23 12.92 -0.29
N ARG B 444 65.98 13.36 -1.29
CA ARG B 444 65.37 13.94 -2.48
C ARG B 444 64.48 12.93 -3.20
N TYR B 445 64.96 11.69 -3.31
CA TYR B 445 64.14 10.65 -3.94
C TYR B 445 62.89 10.36 -3.12
N MET B 446 63.02 10.31 -1.79
CA MET B 446 61.86 10.08 -0.94
C MET B 446 60.81 11.18 -1.11
N SER B 447 61.26 12.44 -1.05
CA SER B 447 60.32 13.55 -1.18
C SER B 447 59.76 13.66 -2.59
N ARG B 448 60.50 13.19 -3.60
CA ARG B 448 60.01 13.21 -4.97
C ARG B 448 58.99 12.12 -5.22
N VAL B 449 59.16 10.95 -4.60
CA VAL B 449 58.20 9.88 -4.82
C VAL B 449 56.95 10.08 -3.96
N LEU B 450 57.09 10.69 -2.78
CA LEU B 450 55.90 10.95 -1.96
C LEU B 450 54.99 11.99 -2.62
N MET B 451 55.57 12.93 -3.38
CA MET B 451 54.76 13.89 -4.11
C MET B 451 53.98 13.28 -5.25
N ARG B 452 54.27 12.04 -5.64
CA ARG B 452 53.57 11.36 -6.72
C ARG B 452 52.56 10.35 -6.21
N VAL B 453 52.24 10.35 -4.92
CA VAL B 453 51.18 9.53 -4.36
C VAL B 453 50.08 10.45 -3.84
N ASN B 454 48.92 9.87 -3.60
CA ASN B 454 47.76 10.62 -3.11
C ASN B 454 47.67 10.48 -1.59
N GLU B 455 47.56 11.62 -0.91
CA GLU B 455 47.61 11.66 0.55
C GLU B 455 46.34 12.24 1.16
N ASN B 456 45.26 12.38 0.40
CA ASN B 456 44.04 13.00 0.90
C ASN B 456 43.18 11.98 1.65
N ILE B 457 43.76 11.42 2.72
CA ILE B 457 43.00 10.55 3.61
C ILE B 457 41.84 11.32 4.23
N GLY B 458 42.07 12.60 4.56
CA GLY B 458 40.99 13.42 5.07
C GLY B 458 39.87 13.59 4.07
N SER B 459 40.21 13.78 2.78
CA SER B 459 39.18 13.90 1.76
C SER B 459 38.43 12.59 1.58
N LYS B 460 39.12 11.45 1.71
CA LYS B 460 38.44 10.16 1.63
C LYS B 460 37.49 9.97 2.82
N MET B 461 37.91 10.40 4.01
CA MET B 461 37.01 10.36 5.16
C MET B 461 35.80 11.26 4.96
N GLN B 462 36.01 12.44 4.39
CA GLN B 462 34.90 13.34 4.10
C GLN B 462 33.94 12.70 3.10
N TYR B 463 34.49 12.00 2.10
CA TYR B 463 33.64 11.28 1.16
C TYR B 463 32.83 10.21 1.86
N PHE B 464 33.45 9.46 2.76
CA PHE B 464 32.72 8.43 3.50
C PHE B 464 31.60 9.04 4.32
N LEU B 465 31.89 10.14 5.01
CA LEU B 465 30.85 10.77 5.84
C LEU B 465 29.75 11.38 4.99
N SER B 466 30.07 11.90 3.82
CA SER B 466 29.06 12.54 2.99
C SER B 466 28.17 11.53 2.26
N THR B 467 28.73 10.40 1.83
CA THR B 467 27.96 9.45 1.03
C THR B 467 27.42 8.26 1.81
N GLY B 468 28.11 7.81 2.85
CA GLY B 468 27.78 6.57 3.51
C GLY B 468 28.41 5.35 2.88
N ASN B 469 28.97 5.47 1.69
CA ASN B 469 29.58 4.34 1.01
C ASN B 469 30.88 3.95 1.68
N LEU B 470 31.06 2.65 1.92
CA LEU B 470 32.27 2.12 2.53
C LEU B 470 33.16 1.59 1.41
N VAL B 471 33.89 2.52 0.78
CA VAL B 471 34.83 2.17 -0.30
C VAL B 471 36.06 1.57 0.35
N SER B 472 36.15 0.24 0.34
CA SER B 472 37.27 -0.48 0.93
C SER B 472 37.84 -1.43 -0.11
N GLN B 473 39.16 -1.41 -0.27
CA GLN B 473 39.80 -2.35 -1.18
C GLN B 473 39.83 -3.76 -0.60
N SER B 474 39.75 -3.89 0.73
CA SER B 474 39.79 -5.20 1.37
C SER B 474 38.44 -5.65 1.92
N GLY B 475 37.55 -4.72 2.25
CA GLY B 475 36.28 -5.09 2.82
C GLY B 475 36.40 -5.33 4.31
N LEU B 476 35.52 -4.73 5.09
CA LEU B 476 35.51 -4.95 6.53
C LEU B 476 34.78 -6.25 6.83
N ASP B 477 34.57 -6.55 8.10
CA ASP B 477 33.81 -7.72 8.50
C ASP B 477 32.32 -7.46 8.47
N LEU B 478 31.89 -6.43 7.76
CA LEU B 478 30.50 -6.01 7.71
C LEU B 478 29.87 -6.47 6.39
N GLN B 479 28.53 -6.42 6.36
CA GLN B 479 27.78 -6.92 5.22
C GLN B 479 27.53 -5.84 4.18
N GLN B 480 26.87 -4.76 4.58
CA GLN B 480 26.51 -3.71 3.63
C GLN B 480 27.73 -2.88 3.25
N VAL B 481 27.61 -2.15 2.15
CA VAL B 481 28.66 -1.27 1.67
C VAL B 481 28.23 0.18 1.59
N SER B 482 26.97 0.49 1.85
CA SER B 482 26.46 1.85 1.71
C SER B 482 25.53 2.17 2.87
N GLY B 483 25.18 3.45 2.99
CA GLY B 483 24.27 3.89 4.03
C GLY B 483 24.79 3.71 5.43
N TYR B 484 26.05 4.07 5.68
CA TYR B 484 26.62 3.98 7.01
C TYR B 484 26.44 5.26 7.82
N THR B 485 26.22 6.39 7.16
CA THR B 485 26.04 7.67 7.83
C THR B 485 24.68 8.24 7.46
N VAL B 486 23.92 8.63 8.48
CA VAL B 486 22.64 9.29 8.29
C VAL B 486 22.84 10.77 8.57
N VAL B 487 21.99 11.60 7.97
CA VAL B 487 22.02 13.04 8.20
C VAL B 487 21.18 13.34 9.43
N ALA B 488 21.80 13.91 10.45
CA ALA B 488 21.14 14.21 11.72
C ALA B 488 20.15 15.35 11.49
N GLU B 489 18.87 15.01 11.35
CA GLU B 489 17.85 16.01 11.08
C GLU B 489 17.53 16.81 12.33
N LYS B 490 17.12 18.06 12.13
CA LYS B 490 16.86 19.01 13.20
C LYS B 490 15.42 19.50 13.15
N ILE B 491 14.47 18.58 12.91
CA ILE B 491 13.06 18.97 12.91
C ILE B 491 12.65 19.44 14.30
N ASN B 492 13.06 18.70 15.33
CA ASN B 492 12.91 19.16 16.70
C ASN B 492 13.90 18.39 17.56
N PHE B 493 13.96 18.77 18.83
CA PHE B 493 14.95 18.16 19.72
C PHE B 493 14.65 16.69 19.96
N TYR B 494 13.38 16.28 19.89
CA TYR B 494 13.07 14.87 20.07
C TYR B 494 13.66 14.03 18.95
N ARG B 495 13.46 14.47 17.70
CA ARG B 495 14.10 13.84 16.55
C ARG B 495 15.62 13.82 16.72
N PHE B 496 16.20 14.98 17.06
CA PHE B 496 17.65 15.07 17.16
C PHE B 496 18.21 14.12 18.21
N ILE B 497 17.62 14.12 19.40
CA ILE B 497 18.13 13.26 20.47
C ILE B 497 17.92 11.79 20.12
N SER B 498 16.82 11.45 19.45
CA SER B 498 16.60 10.05 19.09
C SER B 498 17.54 9.60 17.99
N HIS B 499 18.09 10.52 17.20
CA HIS B 499 19.12 10.15 16.23
C HIS B 499 20.30 9.46 16.89
N PHE B 500 20.63 9.84 18.12
CA PHE B 500 21.81 9.34 18.81
C PHE B 500 21.52 8.15 19.71
N ARG B 501 20.29 7.66 19.72
CA ARG B 501 19.91 6.50 20.52
C ARG B 501 19.47 5.31 19.69
N MET B 502 19.50 5.42 18.37
CA MET B 502 19.01 4.36 17.49
C MET B 502 20.14 3.44 17.08
N VAL B 503 19.83 2.15 17.02
CA VAL B 503 20.73 1.11 16.56
C VAL B 503 20.03 0.32 15.47
N HIS B 504 20.74 0.08 14.37
CA HIS B 504 20.14 -0.51 13.18
C HIS B 504 20.62 -1.95 13.01
N ARG B 505 19.74 -2.79 12.47
CA ARG B 505 20.12 -4.16 12.16
C ARG B 505 20.98 -4.21 10.91
N GLY B 506 20.65 -3.43 9.90
CA GLY B 506 21.40 -3.34 8.67
C GLY B 506 20.48 -3.22 7.47
N SER B 507 21.02 -2.69 6.37
CA SER B 507 20.26 -2.59 5.13
C SER B 507 19.97 -3.94 4.51
N PHE B 508 20.67 -4.99 4.94
CA PHE B 508 20.44 -6.33 4.39
C PHE B 508 19.01 -6.78 4.64
N PHE B 509 18.50 -6.56 5.84
CA PHE B 509 17.20 -7.09 6.24
C PHE B 509 16.03 -6.26 5.75
N ALA B 510 16.28 -5.06 5.22
CA ALA B 510 15.20 -4.27 4.64
C ALA B 510 14.66 -4.93 3.38
N GLN B 511 15.54 -5.44 2.52
CA GLN B 511 15.13 -6.14 1.31
C GLN B 511 15.13 -7.64 1.60
N LEU B 512 14.04 -8.09 2.21
CA LEU B 512 13.91 -9.49 2.62
C LEU B 512 12.45 -9.81 2.80
N LYS B 513 12.17 -11.09 3.04
CA LYS B 513 10.82 -11.57 3.32
C LYS B 513 10.69 -12.23 4.68
N THR B 514 11.73 -12.88 5.18
CA THR B 514 11.66 -13.50 6.50
C THR B 514 11.52 -12.43 7.57
N THR B 515 10.63 -12.67 8.54
CA THR B 515 10.26 -11.66 9.52
C THR B 515 10.55 -12.11 10.95
N THR B 516 11.45 -13.06 11.14
CA THR B 516 11.84 -13.43 12.49
C THR B 516 12.83 -12.45 13.09
N VAL B 517 13.48 -11.63 12.26
CA VAL B 517 14.46 -10.67 12.78
C VAL B 517 13.79 -9.40 13.28
N ARG B 518 12.55 -9.13 12.87
CA ARG B 518 11.82 -7.95 13.31
C ARG B 518 11.04 -8.17 14.60
N LYS B 519 10.97 -9.40 15.09
CA LYS B 519 10.16 -9.69 16.27
C LYS B 519 10.74 -9.00 17.51
N LEU B 520 9.84 -8.54 18.38
CA LEU B 520 10.23 -8.05 19.68
C LEU B 520 10.52 -9.24 20.59
N LEU B 521 11.71 -9.28 21.16
CA LEU B 521 12.11 -10.45 21.91
C LEU B 521 12.34 -10.11 23.38
N PRO B 522 12.20 -11.08 24.28
CA PRO B 522 12.45 -10.81 25.70
C PRO B 522 13.89 -10.46 26.00
N GLU B 523 14.84 -10.78 25.12
CA GLU B 523 16.24 -10.47 25.37
C GLU B 523 16.52 -8.98 25.32
N SER B 524 15.63 -8.19 24.73
CA SER B 524 15.79 -6.75 24.68
C SER B 524 15.23 -6.04 25.89
N TRP B 525 14.92 -6.78 26.96
CA TRP B 525 14.32 -6.18 28.15
C TRP B 525 15.35 -5.30 28.85
N GLY B 526 15.12 -4.00 28.85
CA GLY B 526 16.01 -3.06 29.48
C GLY B 526 17.09 -2.50 28.58
N PHE B 527 17.27 -3.07 27.39
CA PHE B 527 18.30 -2.63 26.46
C PHE B 527 17.73 -1.95 25.23
N LEU B 528 16.74 -2.56 24.59
CA LEU B 528 16.08 -1.97 23.44
C LEU B 528 14.65 -1.60 23.82
N CYS B 529 14.20 -0.47 23.32
CA CYS B 529 12.88 0.03 23.68
C CYS B 529 11.79 -0.83 23.04
N PRO B 530 10.83 -1.33 23.83
CA PRO B 530 9.72 -2.08 23.23
C PRO B 530 8.88 -1.25 22.29
N VAL B 531 8.77 0.06 22.55
CA VAL B 531 7.84 0.92 21.85
C VAL B 531 8.50 1.64 20.69
N HIS B 532 9.63 2.29 20.94
CA HIS B 532 10.22 3.19 19.94
C HIS B 532 10.78 2.38 18.80
N THR B 533 10.02 2.29 17.72
CA THR B 533 10.40 1.61 16.50
C THR B 533 9.47 2.11 15.39
N PRO B 534 10.01 2.57 14.26
CA PRO B 534 9.16 3.15 13.23
C PRO B 534 8.22 2.10 12.64
N ASP B 535 7.16 2.60 11.99
CA ASP B 535 6.20 1.72 11.33
C ASP B 535 6.37 1.84 9.82
N GLY B 536 6.17 0.72 9.14
CA GLY B 536 6.41 0.66 7.71
C GLY B 536 7.55 -0.28 7.39
N SER B 537 8.37 0.10 6.42
CA SER B 537 9.51 -0.74 6.03
C SER B 537 10.51 -0.96 7.15
N PRO B 538 10.95 0.04 7.91
CA PRO B 538 11.99 -0.19 8.92
C PRO B 538 11.49 -0.71 10.26
N CYS B 539 10.27 -1.21 10.35
CA CYS B 539 9.75 -1.71 11.62
C CYS B 539 10.51 -2.95 12.06
N GLY B 540 10.92 -2.98 13.32
CA GLY B 540 11.66 -4.09 13.87
C GLY B 540 13.14 -4.06 13.63
N LEU B 541 13.62 -3.20 12.74
CA LEU B 541 15.04 -3.08 12.42
C LEU B 541 15.67 -1.82 12.97
N LEU B 542 14.96 -0.70 12.94
CA LEU B 542 15.48 0.57 13.43
C LEU B 542 15.00 0.84 14.85
N ASN B 543 15.41 -0.03 15.77
CA ASN B 543 15.00 0.11 17.16
C ASN B 543 16.00 0.97 17.93
N HIS B 544 15.53 1.50 19.07
CA HIS B 544 16.29 2.41 19.90
C HIS B 544 16.59 1.78 21.25
N PHE B 545 17.58 2.35 21.93
CA PHE B 545 17.98 1.84 23.23
C PHE B 545 17.08 2.40 24.33
N ALA B 546 16.98 1.64 25.42
CA ALA B 546 16.40 2.18 26.64
C ALA B 546 17.25 3.35 27.12
N HIS B 547 16.59 4.32 27.76
CA HIS B 547 17.30 5.55 28.12
C HIS B 547 18.38 5.32 29.17
N LYS B 548 18.38 4.18 29.86
CA LYS B 548 19.43 3.85 30.81
C LYS B 548 20.35 2.74 30.30
N CYS B 549 20.41 2.54 28.98
CA CYS B 549 21.27 1.53 28.39
C CYS B 549 22.63 2.17 28.10
N ARG B 550 23.66 1.70 28.80
CA ARG B 550 25.01 2.22 28.64
C ARG B 550 25.83 1.27 27.79
N ILE B 551 26.63 1.85 26.89
CA ILE B 551 27.48 1.09 25.98
C ILE B 551 28.93 1.35 26.37
N SER B 552 29.66 0.27 26.68
CA SER B 552 31.04 0.42 27.14
C SER B 552 31.94 0.78 25.98
N THR B 553 32.69 1.88 26.13
CA THR B 553 33.62 2.35 25.12
C THR B 553 35.08 2.15 25.54
N GLN B 554 35.32 1.51 26.67
CA GLN B 554 36.66 1.35 27.20
C GLN B 554 36.84 -0.08 27.68
N GLN B 555 38.06 -0.58 27.56
CA GLN B 555 38.38 -1.93 28.01
C GLN B 555 38.57 -1.93 29.52
N SER B 556 37.79 -2.76 30.21
CA SER B 556 37.87 -2.82 31.66
C SER B 556 39.17 -3.48 32.10
N ASP B 557 39.64 -3.09 33.29
CA ASP B 557 40.84 -3.69 33.87
C ASP B 557 40.54 -5.15 34.20
N VAL B 558 41.07 -6.05 33.39
CA VAL B 558 40.76 -7.47 33.47
C VAL B 558 41.97 -8.32 33.86
N SER B 559 43.14 -7.69 34.04
CA SER B 559 44.38 -8.45 34.16
C SER B 559 44.39 -9.35 35.39
N ARG B 560 43.91 -8.86 36.52
CA ARG B 560 43.99 -9.62 37.76
C ARG B 560 42.76 -10.47 38.03
N ILE B 561 41.76 -10.44 37.15
CA ILE B 561 40.61 -11.36 37.31
C ILE B 561 41.05 -12.82 37.22
N PRO B 562 41.90 -13.24 36.28
CA PRO B 562 42.37 -14.63 36.31
C PRO B 562 43.04 -15.02 37.61
N SER B 563 43.73 -14.09 38.26
CA SER B 563 44.31 -14.37 39.56
C SER B 563 43.23 -14.63 40.60
N ILE B 564 42.15 -13.86 40.55
CA ILE B 564 41.03 -14.08 41.48
C ILE B 564 40.37 -15.42 41.22
N LEU B 565 40.21 -15.78 39.94
CA LEU B 565 39.50 -17.01 39.61
C LEU B 565 40.24 -18.24 40.13
N TYR B 566 41.57 -18.25 40.03
CA TYR B 566 42.34 -19.38 40.55
C TYR B 566 42.19 -19.50 42.06
N SER B 567 41.92 -18.40 42.76
CA SER B 567 41.69 -18.47 44.19
C SER B 567 40.34 -19.09 44.52
N LEU B 568 39.35 -18.92 43.64
CA LEU B 568 38.01 -19.42 43.91
C LEU B 568 37.92 -20.94 43.75
N GLY B 569 38.77 -21.52 42.90
CA GLY B 569 38.73 -22.95 42.68
C GLY B 569 38.87 -23.36 41.23
N VAL B 570 39.10 -22.40 40.35
CA VAL B 570 39.29 -22.69 38.93
C VAL B 570 40.65 -23.35 38.74
N ALA B 571 40.65 -24.54 38.13
CA ALA B 571 41.90 -25.19 37.80
C ALA B 571 42.53 -24.51 36.59
N PRO B 572 43.84 -24.25 36.62
CA PRO B 572 44.49 -23.56 35.50
C PRO B 572 44.35 -24.34 34.21
N ALA B 573 44.20 -23.62 33.11
CA ALA B 573 43.95 -24.21 31.80
C ALA B 573 45.22 -24.68 31.11
N SER B 574 46.35 -24.71 31.81
CA SER B 574 47.59 -25.16 31.17
C SER B 574 47.87 -26.63 31.42
N HIS B 575 47.53 -27.12 32.61
CA HIS B 575 47.87 -28.49 33.01
C HIS B 575 46.67 -29.16 33.67
N THR B 576 45.50 -29.05 33.04
CA THR B 576 44.28 -29.67 33.55
C THR B 576 43.77 -30.80 32.69
N PHE B 577 43.83 -30.68 31.36
CA PHE B 577 43.43 -31.73 30.43
C PHE B 577 41.98 -32.16 30.66
N ALA B 578 41.07 -31.22 30.42
CA ALA B 578 39.63 -31.46 30.57
C ALA B 578 38.91 -30.91 29.35
N ALA B 579 37.73 -31.47 29.08
CA ALA B 579 36.94 -31.07 27.92
C ALA B 579 35.52 -31.60 28.10
N GLY B 580 34.68 -31.31 27.12
CA GLY B 580 33.30 -31.75 27.13
C GLY B 580 32.39 -30.76 27.83
N PRO B 581 31.10 -30.77 27.48
CA PRO B 581 30.16 -29.89 28.16
C PRO B 581 29.65 -30.50 29.47
N SER B 582 30.56 -31.08 30.23
CA SER B 582 30.28 -31.54 31.59
C SER B 582 31.07 -30.76 32.61
N LEU B 583 31.93 -29.85 32.18
CA LEU B 583 32.66 -28.96 33.06
C LEU B 583 32.45 -27.52 32.58
N CYS B 584 32.56 -26.59 33.52
CA CYS B 584 32.35 -25.18 33.22
C CYS B 584 33.64 -24.59 32.65
N CYS B 585 33.58 -24.06 31.44
CA CYS B 585 34.75 -23.51 30.77
C CYS B 585 34.82 -22.02 31.08
N VAL B 586 35.56 -21.68 32.13
CA VAL B 586 35.71 -20.29 32.52
C VAL B 586 36.52 -19.57 31.45
N GLN B 587 35.91 -18.60 30.78
CA GLN B 587 36.51 -17.93 29.64
C GLN B 587 36.37 -16.42 29.82
N ILE B 588 37.48 -15.70 29.64
CA ILE B 588 37.50 -14.25 29.80
C ILE B 588 37.80 -13.63 28.44
N ASP B 589 36.85 -12.84 27.93
CA ASP B 589 37.03 -12.08 26.70
C ASP B 589 37.49 -12.96 25.55
N GLY B 590 36.91 -14.15 25.45
CA GLY B 590 37.28 -15.06 24.38
C GLY B 590 38.59 -15.77 24.57
N LYS B 591 39.07 -15.89 25.80
CA LYS B 591 40.31 -16.59 26.10
C LYS B 591 40.04 -17.53 27.28
N ILE B 592 40.30 -18.82 27.07
CA ILE B 592 40.05 -19.80 28.13
C ILE B 592 40.96 -19.52 29.30
N ILE B 593 40.41 -19.58 30.51
CA ILE B 593 41.16 -19.37 31.73
C ILE B 593 41.32 -20.66 32.52
N GLY B 594 40.30 -21.52 32.53
CA GLY B 594 40.40 -22.75 33.27
C GLY B 594 39.13 -23.56 33.17
N TRP B 595 39.09 -24.64 33.95
CA TRP B 595 37.98 -25.58 33.96
C TRP B 595 37.55 -25.84 35.39
N VAL B 596 36.25 -26.02 35.57
CA VAL B 596 35.67 -26.20 36.91
C VAL B 596 34.30 -26.85 36.75
N SER B 597 33.83 -27.50 37.80
CA SER B 597 32.54 -28.16 37.76
C SER B 597 31.41 -27.14 37.63
N HIS B 598 30.20 -27.64 37.37
CA HIS B 598 29.07 -26.74 37.14
C HIS B 598 28.59 -26.09 38.44
N GLU B 599 28.51 -26.86 39.53
CA GLU B 599 28.10 -26.28 40.81
C GLU B 599 29.10 -25.23 41.26
N GLN B 600 30.39 -25.55 41.17
CA GLN B 600 31.41 -24.58 41.54
C GLN B 600 31.43 -23.39 40.59
N GLY B 601 31.08 -23.59 39.33
CA GLY B 601 30.97 -22.47 38.42
C GLY B 601 29.84 -21.54 38.79
N LYS B 602 28.71 -22.11 39.23
CA LYS B 602 27.62 -21.28 39.74
C LYS B 602 28.04 -20.51 40.99
N ILE B 603 28.74 -21.18 41.90
CA ILE B 603 29.22 -20.51 43.11
C ILE B 603 30.18 -19.38 42.75
N ILE B 604 31.06 -19.63 41.78
CA ILE B 604 32.02 -18.61 41.36
C ILE B 604 31.32 -17.43 40.71
N ALA B 605 30.29 -17.69 39.89
CA ALA B 605 29.55 -16.58 39.30
C ALA B 605 28.86 -15.75 40.37
N ASP B 606 28.26 -16.41 41.36
CA ASP B 606 27.62 -15.69 42.45
C ASP B 606 28.64 -14.85 43.24
N THR B 607 29.81 -15.43 43.52
CA THR B 607 30.83 -14.71 44.27
C THR B 607 31.38 -13.53 43.47
N LEU B 608 31.58 -13.70 42.17
CA LEU B 608 32.04 -12.60 41.34
C LEU B 608 31.00 -11.49 41.32
N ARG B 609 29.72 -11.85 41.26
CA ARG B 609 28.68 -10.82 41.33
C ARG B 609 28.71 -10.09 42.67
N TYR B 610 28.85 -10.84 43.76
CA TYR B 610 28.88 -10.23 45.09
C TYR B 610 30.05 -9.26 45.24
N TRP B 611 31.25 -9.71 44.88
CA TRP B 611 32.44 -8.87 45.00
C TRP B 611 32.48 -7.76 43.96
N LYS B 612 31.76 -7.92 42.85
CA LYS B 612 31.68 -6.85 41.87
C LYS B 612 30.77 -5.73 42.35
N VAL B 613 29.63 -6.09 42.94
CA VAL B 613 28.73 -5.06 43.47
C VAL B 613 29.34 -4.40 44.71
N GLU B 614 29.90 -5.20 45.61
CA GLU B 614 30.61 -4.69 46.77
C GLU B 614 32.00 -4.26 46.33
N GLY B 615 32.18 -2.96 46.10
CA GLY B 615 33.40 -2.48 45.48
C GLY B 615 34.63 -2.46 46.36
N LYS B 616 34.91 -3.59 47.02
CA LYS B 616 36.10 -3.74 47.86
C LYS B 616 37.28 -4.34 47.10
N THR B 617 37.07 -5.47 46.44
CA THR B 617 38.16 -6.15 45.72
C THR B 617 38.59 -5.30 44.54
N PRO B 618 39.88 -4.96 44.41
CA PRO B 618 40.30 -4.03 43.35
C PRO B 618 40.38 -4.67 41.98
N GLY B 619 40.33 -5.99 41.87
CA GLY B 619 40.46 -6.65 40.59
C GLY B 619 39.21 -6.78 39.77
N LEU B 620 38.05 -6.42 40.31
CA LEU B 620 36.77 -6.62 39.63
C LEU B 620 36.09 -5.29 39.35
N PRO B 621 36.11 -4.81 38.11
CA PRO B 621 35.35 -3.60 37.77
C PRO B 621 33.86 -3.86 37.86
N ILE B 622 33.11 -2.78 38.11
CA ILE B 622 31.66 -2.91 38.23
C ILE B 622 31.04 -3.32 36.91
N ASP B 623 31.64 -2.94 35.78
CA ASP B 623 31.10 -3.20 34.46
C ASP B 623 31.27 -4.64 34.00
N LEU B 624 31.99 -5.46 34.75
CA LEU B 624 32.24 -6.84 34.33
C LEU B 624 30.93 -7.58 34.09
N GLU B 625 30.83 -8.22 32.94
CA GLU B 625 29.62 -8.93 32.53
C GLU B 625 29.84 -10.42 32.77
N ILE B 626 29.26 -10.94 33.86
CA ILE B 626 29.48 -12.32 34.28
C ILE B 626 28.42 -13.15 33.57
N GLY B 627 28.70 -13.54 32.33
CA GLY B 627 27.75 -14.28 31.53
C GLY B 627 27.76 -15.77 31.79
N TYR B 628 27.29 -16.19 32.96
CA TYR B 628 27.22 -17.60 33.28
C TYR B 628 26.11 -18.28 32.49
N VAL B 629 26.33 -19.54 32.13
CA VAL B 629 25.34 -20.37 31.45
C VAL B 629 25.31 -21.74 32.12
N PRO B 630 24.19 -22.14 32.71
CA PRO B 630 24.17 -23.36 33.52
C PRO B 630 23.97 -24.59 32.64
N PRO B 631 24.20 -25.79 33.17
CA PRO B 631 23.93 -27.01 32.40
C PRO B 631 22.43 -27.25 32.30
N SER B 632 21.98 -27.60 31.09
CA SER B 632 20.59 -27.91 30.85
C SER B 632 20.47 -29.22 30.10
N THR B 633 19.27 -29.54 29.61
CA THR B 633 19.05 -30.70 28.76
C THR B 633 18.82 -30.17 27.33
N ARG B 634 19.86 -30.28 26.50
CA ARG B 634 19.81 -29.87 25.10
C ARG B 634 19.52 -28.39 24.94
N GLY B 635 19.96 -27.58 25.91
CA GLY B 635 19.80 -26.13 25.81
C GLY B 635 21.03 -25.47 25.24
N GLN B 636 21.50 -24.41 25.91
CA GLN B 636 22.72 -23.75 25.47
C GLN B 636 23.94 -24.47 26.01
N TYR B 637 25.09 -24.13 25.45
CA TYR B 637 26.34 -24.76 25.87
C TYR B 637 26.76 -24.19 27.22
N PRO B 638 26.97 -25.02 28.24
CA PRO B 638 27.28 -24.49 29.57
C PRO B 638 28.68 -23.90 29.65
N GLY B 639 28.87 -23.05 30.63
CA GLY B 639 30.17 -22.44 30.87
C GLY B 639 30.02 -21.07 31.50
N LEU B 640 31.13 -20.58 32.05
CA LEU B 640 31.22 -19.27 32.67
C LEU B 640 31.96 -18.34 31.71
N TYR B 641 31.25 -17.34 31.20
CA TYR B 641 31.76 -16.48 30.13
C TYR B 641 31.83 -15.05 30.66
N LEU B 642 32.97 -14.71 31.26
CA LEU B 642 33.21 -13.34 31.69
C LEU B 642 33.56 -12.47 30.49
N PHE B 643 32.98 -11.27 30.44
CA PHE B 643 33.22 -10.35 29.34
C PHE B 643 33.63 -9.00 29.86
N GLY B 644 34.47 -8.32 29.10
CA GLY B 644 34.80 -6.93 29.32
C GLY B 644 34.93 -6.25 27.98
N GLY B 645 35.52 -5.08 27.94
CA GLY B 645 35.86 -4.48 26.68
C GLY B 645 34.74 -3.66 26.07
N HIS B 646 35.00 -3.25 24.83
CA HIS B 646 34.20 -2.25 24.15
C HIS B 646 32.88 -2.85 23.67
N SER B 647 31.96 -1.96 23.28
CA SER B 647 30.74 -2.25 22.55
C SER B 647 29.71 -3.06 23.34
N ARG B 648 29.99 -3.42 24.58
CA ARG B 648 29.01 -4.16 25.38
C ARG B 648 27.81 -3.27 25.70
N MET B 649 26.66 -3.91 25.86
CA MET B 649 25.43 -3.23 26.27
C MET B 649 25.21 -3.47 27.75
N LEU B 650 25.05 -2.39 28.51
CA LEU B 650 24.98 -2.46 29.96
C LEU B 650 23.80 -1.62 30.46
N ARG B 651 23.18 -2.08 31.54
CA ARG B 651 22.07 -1.39 32.15
C ARG B 651 22.19 -1.48 33.66
N PRO B 652 21.79 -0.44 34.39
CA PRO B 652 21.84 -0.48 35.85
C PRO B 652 20.63 -1.19 36.43
N VAL B 653 20.89 -2.13 37.33
CA VAL B 653 19.85 -2.86 38.04
C VAL B 653 20.29 -3.03 39.48
N ARG B 654 19.34 -2.97 40.41
CA ARG B 654 19.65 -2.94 41.83
C ARG B 654 19.87 -4.36 42.35
N TYR B 655 21.09 -4.63 42.82
CA TYR B 655 21.40 -5.92 43.40
C TYR B 655 20.74 -6.02 44.78
N LEU B 656 19.87 -7.02 44.95
CA LEU B 656 19.05 -7.09 46.16
C LEU B 656 19.86 -7.29 47.43
N PRO B 657 20.80 -8.23 47.52
CA PRO B 657 21.67 -8.24 48.70
C PRO B 657 22.48 -6.96 48.76
N LEU B 658 22.65 -6.43 49.97
CA LEU B 658 23.44 -5.24 50.27
C LEU B 658 22.96 -4.01 49.49
N ASP B 659 21.90 -4.17 48.71
CA ASP B 659 21.12 -3.06 48.15
C ASP B 659 22.00 -2.01 47.47
N LYS B 660 22.67 -2.42 46.40
CA LYS B 660 23.54 -1.52 45.65
C LYS B 660 23.32 -1.69 44.16
N GLU B 661 23.68 -0.66 43.41
CA GLU B 661 23.55 -0.69 41.96
C GLU B 661 24.45 -1.76 41.36
N ASP B 662 23.94 -2.47 40.36
CA ASP B 662 24.68 -3.47 39.63
C ASP B 662 24.49 -3.23 38.14
N ILE B 663 25.42 -3.76 37.35
CA ILE B 663 25.41 -3.59 35.90
C ILE B 663 25.36 -4.96 35.26
N VAL B 664 24.38 -5.17 34.38
CA VAL B 664 24.16 -6.45 33.74
C VAL B 664 24.10 -6.26 32.23
N GLY B 665 24.40 -7.34 31.51
CA GLY B 665 24.40 -7.33 30.07
C GLY B 665 23.41 -8.33 29.50
N PRO B 666 23.16 -8.25 28.19
CA PRO B 666 22.18 -9.17 27.58
C PRO B 666 22.55 -10.64 27.72
N PHE B 667 23.84 -10.96 27.69
CA PHE B 667 24.25 -12.36 27.76
C PHE B 667 23.88 -12.99 29.10
N GLU B 668 24.15 -12.28 30.20
CA GLU B 668 23.88 -12.78 31.53
C GLU B 668 22.46 -12.50 32.00
N GLN B 669 21.76 -11.57 31.37
CA GLN B 669 20.42 -11.20 31.82
C GLN B 669 19.43 -12.34 31.67
N VAL B 670 19.56 -13.15 30.62
CA VAL B 670 18.55 -14.13 30.26
C VAL B 670 18.58 -15.32 31.22
N TYR B 671 19.50 -15.30 32.18
CA TYR B 671 19.57 -16.36 33.17
C TYR B 671 19.39 -15.86 34.60
N MET B 672 19.23 -14.56 34.80
CA MET B 672 19.11 -14.00 36.13
C MET B 672 17.70 -13.42 36.32
N ASN B 673 17.16 -13.60 37.53
CA ASN B 673 15.80 -13.15 37.84
C ASN B 673 15.85 -11.70 38.30
N ILE B 674 15.07 -10.85 37.64
CA ILE B 674 15.08 -9.41 37.87
C ILE B 674 13.64 -8.96 38.05
N ALA B 675 13.21 -8.81 39.30
CA ALA B 675 11.85 -8.34 39.57
C ALA B 675 11.67 -6.93 39.05
N VAL B 676 10.44 -6.61 38.64
CA VAL B 676 10.15 -5.31 38.05
C VAL B 676 9.72 -4.28 39.10
N THR B 677 9.40 -4.71 40.31
CA THR B 677 8.90 -3.82 41.35
C THR B 677 9.23 -4.45 42.69
N PRO B 678 9.68 -3.66 43.67
CA PRO B 678 10.00 -4.24 44.99
C PRO B 678 8.82 -4.91 45.68
N GLN B 679 7.59 -4.62 45.25
CA GLN B 679 6.42 -5.26 45.83
C GLN B 679 6.32 -6.74 45.48
N GLU B 680 7.02 -7.19 44.44
CA GLU B 680 6.85 -8.54 43.93
C GLU B 680 8.13 -9.38 44.00
N ILE B 681 9.05 -9.04 44.91
CA ILE B 681 10.22 -9.88 45.14
C ILE B 681 9.76 -11.18 45.78
N GLN B 682 10.20 -12.31 45.24
CA GLN B 682 9.87 -13.61 45.80
C GLN B 682 11.08 -14.17 46.53
N ASN B 683 10.83 -14.80 47.67
CA ASN B 683 11.91 -15.30 48.51
C ASN B 683 12.68 -16.40 47.80
N ASN B 684 14.00 -16.28 47.81
CA ASN B 684 14.90 -17.26 47.19
C ASN B 684 14.64 -17.43 45.70
N VAL B 685 14.16 -16.38 45.05
CA VAL B 685 13.92 -16.43 43.61
C VAL B 685 14.69 -15.31 42.93
N HIS B 686 14.36 -14.07 43.27
CA HIS B 686 14.96 -12.92 42.62
C HIS B 686 16.26 -12.52 43.31
N THR B 687 17.25 -12.18 42.49
CA THR B 687 18.51 -11.62 42.99
C THR B 687 18.62 -10.13 42.75
N HIS B 688 17.88 -9.58 41.79
CA HIS B 688 17.93 -8.18 41.43
C HIS B 688 16.53 -7.61 41.38
N VAL B 689 16.46 -6.29 41.17
CA VAL B 689 15.19 -5.60 41.01
C VAL B 689 15.47 -4.33 40.24
N GLU B 690 14.51 -3.93 39.41
CA GLU B 690 14.66 -2.69 38.66
C GLU B 690 14.70 -1.50 39.60
N PHE B 691 15.49 -0.49 39.23
CA PHE B 691 15.43 0.77 39.96
C PHE B 691 14.06 1.41 39.82
N THR B 692 13.49 1.33 38.61
CA THR B 692 12.15 1.83 38.32
C THR B 692 11.69 1.15 37.05
N PRO B 693 10.41 0.81 36.93
CA PRO B 693 9.95 0.10 35.72
C PRO B 693 10.13 0.91 34.46
N THR B 694 10.30 2.23 34.57
CA THR B 694 10.33 3.09 33.40
C THR B 694 11.69 3.15 32.72
N ASN B 695 12.72 2.51 33.29
CA ASN B 695 14.05 2.54 32.69
C ASN B 695 14.27 1.39 31.72
N ILE B 696 13.19 0.83 31.17
CA ILE B 696 13.25 -0.08 30.03
C ILE B 696 12.74 0.56 28.76
N LEU B 697 12.25 1.78 28.83
CA LEU B 697 11.73 2.50 27.68
C LEU B 697 12.74 3.52 27.18
N SER B 698 12.55 3.95 25.94
CA SER B 698 13.37 5.01 25.38
C SER B 698 12.99 6.35 25.99
N ILE B 699 13.69 7.41 25.58
CA ILE B 699 13.35 8.75 26.04
C ILE B 699 11.97 9.14 25.54
N LEU B 700 11.73 8.97 24.24
CA LEU B 700 10.43 9.30 23.65
C LEU B 700 9.33 8.45 24.25
N ALA B 701 9.61 7.17 24.51
CA ALA B 701 8.62 6.31 25.13
C ALA B 701 8.35 6.70 26.58
N ASN B 702 9.34 7.27 27.26
CA ASN B 702 9.11 7.76 28.61
C ASN B 702 8.35 9.07 28.62
N LEU B 703 8.45 9.86 27.56
CA LEU B 703 7.77 11.15 27.53
C LEU B 703 6.31 11.06 27.13
N THR B 704 5.80 9.87 26.84
CA THR B 704 4.39 9.71 26.52
C THR B 704 3.57 9.67 27.81
N PRO B 705 2.56 10.53 27.94
CA PRO B 705 1.77 10.55 29.18
C PRO B 705 0.79 9.38 29.25
N PHE B 706 0.81 8.67 30.37
CA PHE B 706 -0.13 7.58 30.64
C PHE B 706 -0.14 6.57 29.49
N SER B 707 1.05 6.12 29.10
CA SER B 707 1.17 5.20 27.98
C SER B 707 0.81 3.77 28.36
N ASP B 708 0.65 3.46 29.65
CA ASP B 708 0.17 2.16 30.07
C ASP B 708 -1.35 2.06 30.04
N PHE B 709 -2.02 3.11 29.55
CA PHE B 709 -3.46 3.09 29.33
C PHE B 709 -3.81 3.10 27.85
N ASN B 710 -2.83 3.05 26.97
CA ASN B 710 -3.02 3.13 25.53
C ASN B 710 -2.77 1.78 24.88
N GLN B 711 -3.30 1.64 23.67
CA GLN B 711 -2.95 0.52 22.82
C GLN B 711 -1.54 0.68 22.29
N SER B 712 -0.75 -0.39 22.36
CA SER B 712 0.67 -0.29 22.00
C SER B 712 0.92 0.28 20.60
N PRO B 713 0.17 -0.08 19.56
CA PRO B 713 0.39 0.60 18.27
C PRO B 713 0.24 2.10 18.36
N ARG B 714 -0.62 2.60 19.25
CA ARG B 714 -0.78 4.04 19.40
C ARG B 714 0.42 4.64 20.11
N ASN B 715 1.01 3.93 21.07
CA ASN B 715 2.26 4.38 21.66
C ASN B 715 3.36 4.46 20.61
N MET B 716 3.44 3.46 19.74
CA MET B 716 4.46 3.48 18.68
C MET B 716 4.21 4.62 17.69
N TYR B 717 2.94 4.85 17.34
CA TYR B 717 2.62 5.99 16.48
C TYR B 717 2.99 7.30 17.14
N GLN B 718 2.78 7.42 18.45
CA GLN B 718 3.17 8.63 19.16
C GLN B 718 4.69 8.80 19.14
N CYS B 719 5.44 7.72 19.37
CA CYS B 719 6.89 7.82 19.28
C CYS B 719 7.33 8.27 17.91
N GLN B 720 6.66 7.78 16.86
CA GLN B 720 7.02 8.17 15.51
C GLN B 720 6.62 9.61 15.19
N MET B 721 5.52 10.09 15.76
CA MET B 721 4.99 11.41 15.40
C MET B 721 5.50 12.53 16.28
N GLY B 722 6.03 12.22 17.46
CA GLY B 722 6.59 13.25 18.32
C GLY B 722 7.89 13.81 17.79
N LYS B 723 8.54 13.10 16.87
CA LYS B 723 9.73 13.58 16.19
C LYS B 723 9.41 14.20 14.84
N GLN B 724 8.14 14.27 14.46
CA GLN B 724 7.70 14.92 13.24
C GLN B 724 6.94 16.21 13.53
N THR B 725 7.02 16.72 14.75
CA THR B 725 6.29 17.91 15.14
C THR B 725 7.06 19.17 14.79
N MET B 726 6.32 20.21 14.41
CA MET B 726 6.88 21.54 14.25
C MET B 726 7.06 22.12 15.64
N GLY B 727 8.21 21.82 16.25
CA GLY B 727 8.49 22.26 17.60
C GLY B 727 9.54 23.34 17.64
N THR B 728 10.57 23.18 18.46
CA THR B 728 11.70 24.09 18.49
C THR B 728 12.98 23.32 18.25
N PRO B 729 13.69 23.56 17.15
CA PRO B 729 14.97 22.86 16.94
C PRO B 729 16.06 23.34 17.89
N GLY B 730 16.13 24.65 18.14
CA GLY B 730 17.12 25.20 19.02
C GLY B 730 16.91 26.69 19.15
N VAL B 731 17.81 27.33 19.90
CA VAL B 731 17.71 28.75 20.16
C VAL B 731 18.78 29.57 19.44
N ALA B 732 19.87 28.96 19.01
CA ALA B 732 20.91 29.67 18.27
C ALA B 732 20.64 29.61 16.77
N LEU B 733 19.43 30.02 16.37
CA LEU B 733 19.00 29.88 14.98
C LEU B 733 19.50 30.99 14.08
N CYS B 734 20.14 32.02 14.62
CA CYS B 734 20.73 33.07 13.80
C CYS B 734 22.14 32.74 13.35
N HIS B 735 22.73 31.65 13.85
CA HIS B 735 24.07 31.23 13.52
C HIS B 735 24.06 29.90 12.76
N ARG B 736 23.04 29.67 11.95
CA ARG B 736 22.91 28.42 11.21
C ARG B 736 22.43 28.74 9.80
N SER B 737 22.64 27.78 8.90
CA SER B 737 22.23 27.93 7.51
C SER B 737 21.58 26.63 7.01
N ASP B 738 20.77 26.00 7.84
CA ASP B 738 20.14 24.75 7.48
C ASP B 738 19.14 24.94 6.35
N ASN B 739 18.96 23.88 5.54
CA ASN B 739 18.11 23.98 4.37
C ASN B 739 16.65 24.20 4.75
N LYS B 740 16.16 23.50 5.76
CA LYS B 740 14.80 23.69 6.23
C LYS B 740 14.78 23.70 7.75
N LEU B 741 14.00 24.61 8.31
CA LEU B 741 13.78 24.66 9.75
C LEU B 741 12.30 24.88 10.02
N TYR B 742 11.76 24.09 10.93
CA TYR B 742 10.36 24.20 11.36
C TYR B 742 10.37 24.56 12.84
N ARG B 743 9.94 25.77 13.15
CA ARG B 743 9.96 26.28 14.51
C ARG B 743 8.56 26.67 14.96
N LEU B 744 8.18 26.20 16.14
CA LEU B 744 6.92 26.62 16.76
C LEU B 744 7.13 27.92 17.51
N GLN B 745 6.29 28.92 17.22
CA GLN B 745 6.48 30.23 17.81
C GLN B 745 6.37 30.18 19.34
N THR B 746 5.21 29.82 19.85
CA THR B 746 4.96 29.79 21.29
C THR B 746 4.62 28.37 21.71
N GLY B 747 5.58 27.71 22.36
CA GLY B 747 5.32 26.44 23.00
C GLY B 747 5.10 26.60 24.49
N GLN B 748 4.57 25.55 25.11
CA GLN B 748 4.27 25.57 26.53
C GLN B 748 4.76 24.27 27.16
N THR B 749 5.19 24.37 28.41
CA THR B 749 5.48 23.18 29.17
C THR B 749 4.17 22.44 29.44
N PRO B 750 4.13 21.12 29.28
CA PRO B 750 2.87 20.40 29.52
C PRO B 750 2.48 20.42 30.99
N ILE B 751 1.18 20.49 31.24
CA ILE B 751 0.68 20.30 32.59
C ILE B 751 0.88 18.84 33.01
N VAL B 752 0.69 17.91 32.08
CA VAL B 752 0.87 16.50 32.32
C VAL B 752 2.17 16.07 31.65
N LYS B 753 3.15 15.70 32.46
CA LYS B 753 4.46 15.33 31.94
C LYS B 753 5.12 14.35 32.90
N ALA B 754 5.94 13.47 32.35
CA ALA B 754 6.65 12.50 33.18
C ALA B 754 7.76 13.19 33.96
N ASN B 755 8.21 12.50 35.02
CA ASN B 755 9.33 13.02 35.82
C ASN B 755 10.61 13.09 35.02
N LEU B 756 10.72 12.33 33.92
CA LEU B 756 11.89 12.40 33.07
C LEU B 756 11.85 13.56 32.09
N TYR B 757 10.75 14.31 32.06
CA TYR B 757 10.68 15.50 31.20
C TYR B 757 11.62 16.58 31.72
N ASP B 758 11.73 16.71 33.05
CA ASP B 758 12.63 17.68 33.65
C ASP B 758 14.09 17.22 33.59
N ASP B 759 14.32 15.92 33.78
CA ASP B 759 15.68 15.41 33.86
C ASP B 759 16.44 15.63 32.56
N TYR B 760 15.78 15.43 31.42
CA TYR B 760 16.40 15.68 30.13
C TYR B 760 16.27 17.14 29.69
N GLY B 761 15.68 17.98 30.54
CA GLY B 761 15.59 19.40 30.23
C GLY B 761 14.82 19.70 28.96
N MET B 762 13.71 19.01 28.74
CA MET B 762 12.92 19.26 27.55
C MET B 762 12.19 20.60 27.61
N ASP B 763 12.16 21.24 28.78
CA ASP B 763 11.58 22.58 28.87
C ASP B 763 12.34 23.56 27.97
N ASN B 764 13.62 23.32 27.74
CA ASN B 764 14.39 24.14 26.82
C ASN B 764 13.88 24.03 25.40
N PHE B 765 13.15 22.96 25.08
CA PHE B 765 12.61 22.72 23.74
C PHE B 765 11.13 22.38 23.86
N PRO B 766 10.27 23.38 23.99
CA PRO B 766 8.82 23.10 24.07
C PRO B 766 8.30 22.61 22.73
N ASN B 767 7.70 21.43 22.73
CA ASN B 767 7.29 20.78 21.49
C ASN B 767 5.96 21.33 20.97
N GLY B 768 4.94 21.35 21.83
CA GLY B 768 3.62 21.78 21.42
C GLY B 768 3.03 22.78 22.39
N PHE B 769 1.72 22.67 22.59
CA PHE B 769 0.97 23.63 23.36
C PHE B 769 -0.16 22.92 24.08
N ASN B 770 -0.57 23.48 25.22
CA ASN B 770 -1.74 22.98 25.92
C ASN B 770 -2.99 23.61 25.33
N ALA B 771 -4.01 22.79 25.12
CA ALA B 771 -5.26 23.24 24.51
C ALA B 771 -6.44 22.67 25.30
N VAL B 772 -7.56 23.38 25.25
CA VAL B 772 -8.79 22.93 25.87
C VAL B 772 -9.53 22.08 24.85
N VAL B 773 -9.56 20.77 25.08
CA VAL B 773 -10.05 19.81 24.10
C VAL B 773 -11.35 19.21 24.62
N ALA B 774 -12.42 19.37 23.84
CA ALA B 774 -13.71 18.79 24.16
C ALA B 774 -13.93 17.55 23.30
N VAL B 775 -14.25 16.43 23.95
CA VAL B 775 -14.55 15.18 23.23
C VAL B 775 -16.04 15.23 22.93
N ILE B 776 -16.37 15.89 21.82
CA ILE B 776 -17.76 16.15 21.48
C ILE B 776 -17.99 15.83 20.01
N SER B 777 -19.15 15.25 19.71
CA SER B 777 -19.62 15.05 18.34
C SER B 777 -20.66 16.13 18.09
N TYR B 778 -20.22 17.27 17.62
CA TYR B 778 -21.06 18.45 17.51
C TYR B 778 -21.04 19.07 16.12
N THR B 779 -19.89 19.08 15.46
CA THR B 779 -19.73 19.80 14.21
C THR B 779 -20.17 18.99 13.00
N GLY B 780 -19.84 17.70 12.97
CA GLY B 780 -20.06 16.89 11.81
C GLY B 780 -18.97 17.00 10.76
N TYR B 781 -17.98 17.85 10.97
CA TYR B 781 -16.85 18.02 10.06
C TYR B 781 -15.61 17.27 10.51
N ASP B 782 -15.70 16.47 11.56
CA ASP B 782 -14.51 15.84 12.13
C ASP B 782 -14.77 14.37 12.43
N MET B 783 -15.35 13.65 11.47
CA MET B 783 -15.85 12.31 11.77
C MET B 783 -14.73 11.27 11.76
N ASP B 784 -14.12 11.02 10.60
CA ASP B 784 -13.20 9.90 10.47
C ASP B 784 -11.98 10.03 11.38
N ASP B 785 -11.13 11.00 11.10
CA ASP B 785 -10.04 11.35 12.00
C ASP B 785 -9.78 12.84 12.05
N ALA B 786 -10.50 13.64 11.25
CA ALA B 786 -10.30 15.07 11.23
C ALA B 786 -10.66 15.68 12.57
N MET B 787 -10.29 16.95 12.74
CA MET B 787 -10.53 17.66 13.97
C MET B 787 -10.87 19.11 13.64
N ILE B 788 -11.44 19.80 14.63
CA ILE B 788 -11.93 21.16 14.46
C ILE B 788 -11.13 22.07 15.37
N ILE B 789 -10.64 23.17 14.80
CA ILE B 789 -9.87 24.18 15.52
C ILE B 789 -10.72 25.42 15.65
N ASN B 790 -10.81 25.96 16.87
CA ASN B 790 -11.51 27.21 17.09
C ASN B 790 -10.88 28.31 16.25
N LYS B 791 -11.73 29.06 15.54
CA LYS B 791 -11.20 30.11 14.67
C LYS B 791 -10.64 31.26 15.48
N SER B 792 -11.30 31.63 16.59
CA SER B 792 -10.80 32.73 17.41
C SER B 792 -9.45 32.37 18.03
N ALA B 793 -9.30 31.14 18.53
CA ALA B 793 -8.01 30.72 19.06
C ALA B 793 -6.92 30.80 17.99
N ASP B 794 -7.22 30.29 16.79
CA ASP B 794 -6.26 30.37 15.70
C ASP B 794 -5.93 31.82 15.34
N GLU B 795 -6.86 32.74 15.56
CA GLU B 795 -6.59 34.15 15.29
C GLU B 795 -5.86 34.83 16.44
N ARG B 796 -5.55 34.11 17.50
CA ARG B 796 -4.72 34.62 18.60
C ARG B 796 -3.37 33.93 18.65
N GLY B 797 -2.87 33.46 17.50
CA GLY B 797 -1.60 32.77 17.44
C GLY B 797 -1.57 31.43 18.12
N PHE B 798 -2.60 30.61 17.94
CA PHE B 798 -2.64 29.26 18.48
C PHE B 798 -2.06 28.29 17.46
N GLY B 799 -0.98 27.61 17.84
CA GLY B 799 -0.32 26.68 16.95
C GLY B 799 0.51 27.31 15.85
N TYR B 800 0.75 28.61 15.92
CA TYR B 800 1.48 29.30 14.86
C TYR B 800 2.94 28.86 14.85
N GLY B 801 3.52 28.83 13.65
CA GLY B 801 4.90 28.43 13.47
C GLY B 801 5.46 29.01 12.19
N THR B 802 6.79 28.97 12.09
CA THR B 802 7.49 29.55 10.95
C THR B 802 8.40 28.50 10.31
N MET B 803 8.75 28.77 9.06
CA MET B 803 9.60 27.89 8.26
C MET B 803 10.76 28.70 7.71
N TYR B 804 11.98 28.21 7.93
CA TYR B 804 13.20 28.87 7.48
C TYR B 804 13.85 28.04 6.39
N LYS B 805 14.09 28.67 5.23
CA LYS B 805 14.75 28.03 4.12
C LYS B 805 16.01 28.80 3.75
N THR B 806 17.09 28.06 3.50
CA THR B 806 18.37 28.65 3.15
C THR B 806 18.86 28.09 1.83
N GLU B 807 19.45 28.96 1.01
CA GLU B 807 20.05 28.56 -0.25
C GLU B 807 21.43 29.18 -0.38
N LYS B 808 22.33 28.46 -1.04
CA LYS B 808 23.69 28.94 -1.29
C LYS B 808 23.73 29.52 -2.70
N VAL B 809 23.84 30.84 -2.80
CA VAL B 809 24.00 31.50 -4.10
C VAL B 809 25.51 31.56 -4.36
N ASP B 810 26.02 30.46 -4.92
CA ASP B 810 27.44 30.33 -5.22
C ASP B 810 27.69 30.84 -6.62
N LEU B 811 28.26 32.03 -6.73
CA LEU B 811 28.54 32.64 -8.03
C LEU B 811 29.76 32.03 -8.70
N ALA B 812 30.64 31.40 -7.93
CA ALA B 812 31.86 30.78 -8.48
C ALA B 812 31.63 29.29 -8.73
N LEU B 813 30.67 29.00 -9.60
CA LEU B 813 30.41 27.64 -10.02
C LEU B 813 30.68 27.40 -11.50
N ASN B 814 30.82 28.45 -12.29
CA ASN B 814 31.17 28.32 -13.71
C ASN B 814 32.68 28.31 -13.90
N ARG B 815 33.40 29.18 -13.20
CA ARG B 815 34.85 29.22 -13.30
C ARG B 815 35.48 28.05 -12.56
N ASN B 816 36.76 27.80 -12.85
CA ASN B 816 37.45 26.67 -12.25
C ASN B 816 38.95 26.90 -12.32
N ARG B 817 39.63 26.66 -11.19
CA ARG B 817 41.10 26.60 -11.11
C ARG B 817 41.75 27.91 -11.56
N GLY B 818 41.49 28.97 -10.80
CA GLY B 818 42.24 30.20 -10.93
C GLY B 818 41.92 31.06 -12.14
N ASP B 819 40.89 30.71 -12.91
CA ASP B 819 40.51 31.54 -14.04
C ASP B 819 39.93 32.87 -13.55
N PRO B 820 39.96 33.91 -14.38
CA PRO B 820 39.51 35.23 -13.93
C PRO B 820 38.04 35.23 -13.51
N ILE B 821 37.72 36.14 -12.59
CA ILE B 821 36.37 36.24 -12.06
C ILE B 821 35.40 36.59 -13.18
N THR B 822 34.38 35.74 -13.36
CA THR B 822 33.44 35.90 -14.47
C THR B 822 32.36 36.92 -14.13
N GLN B 823 31.79 36.84 -12.93
CA GLN B 823 30.69 37.70 -12.54
C GLN B 823 30.99 38.36 -11.20
N HIS B 824 30.53 39.60 -11.04
CA HIS B 824 30.71 40.36 -9.82
C HIS B 824 29.35 40.81 -9.31
N PHE B 825 29.09 40.59 -8.03
CA PHE B 825 27.82 41.00 -7.43
C PHE B 825 27.66 42.51 -7.54
N GLY B 826 26.49 42.93 -8.01
CA GLY B 826 26.19 44.34 -8.14
C GLY B 826 25.49 44.62 -9.46
N PHE B 827 25.55 45.87 -9.87
CA PHE B 827 24.91 46.32 -11.10
C PHE B 827 25.96 46.87 -12.07
N GLY B 828 25.66 46.74 -13.36
CA GLY B 828 26.52 47.27 -14.40
C GLY B 828 26.01 48.59 -14.94
N ASN B 829 26.70 49.07 -15.98
CA ASN B 829 26.34 50.31 -16.64
C ASN B 829 25.35 50.11 -17.77
N ASP B 830 24.90 48.89 -18.01
CA ASP B 830 23.93 48.60 -19.05
C ASP B 830 22.56 49.16 -18.66
N GLU B 831 21.60 49.04 -19.58
CA GLU B 831 20.26 49.57 -19.37
C GLU B 831 19.37 48.52 -18.69
N TRP B 832 19.81 48.11 -17.50
CA TRP B 832 19.00 47.20 -16.70
C TRP B 832 17.76 47.94 -16.19
N PRO B 833 16.62 47.26 -16.10
CA PRO B 833 15.41 47.94 -15.63
C PRO B 833 15.51 48.32 -14.16
N LYS B 834 15.03 49.52 -13.84
CA LYS B 834 15.04 50.01 -12.47
C LYS B 834 13.92 49.44 -11.63
N GLU B 835 13.05 48.61 -12.22
CA GLU B 835 11.92 48.06 -11.50
C GLU B 835 12.34 47.05 -10.43
N TRP B 836 13.55 46.48 -10.55
CA TRP B 836 13.97 45.44 -9.63
C TRP B 836 14.94 45.95 -8.56
N LEU B 837 14.97 47.26 -8.33
CA LEU B 837 15.75 47.80 -7.23
C LEU B 837 15.02 47.76 -5.89
N GLU B 838 13.72 47.43 -5.89
CA GLU B 838 12.96 47.42 -4.65
C GLU B 838 13.32 46.25 -3.75
N LYS B 839 13.90 45.18 -4.31
CA LYS B 839 14.28 44.03 -3.52
C LYS B 839 15.79 43.90 -3.32
N LEU B 840 16.59 44.63 -4.09
CA LEU B 840 18.03 44.48 -4.09
C LEU B 840 18.69 45.75 -3.58
N ASP B 841 19.63 45.60 -2.66
CA ASP B 841 20.41 46.72 -2.18
C ASP B 841 21.41 47.18 -3.26
N GLU B 842 22.09 48.28 -2.98
CA GLU B 842 23.01 48.85 -3.96
C GLU B 842 24.18 47.92 -4.27
N ASP B 843 24.43 46.92 -3.42
CA ASP B 843 25.49 45.96 -3.64
C ASP B 843 24.97 44.65 -4.23
N GLY B 844 23.85 44.70 -4.95
CA GLY B 844 23.31 43.52 -5.59
C GLY B 844 22.79 42.45 -4.65
N LEU B 845 22.62 42.77 -3.37
CA LEU B 845 22.12 41.81 -2.41
C LEU B 845 20.75 42.23 -1.91
N PRO B 846 19.91 41.29 -1.49
CA PRO B 846 18.57 41.64 -1.03
C PRO B 846 18.58 42.31 0.33
N TYR B 847 17.66 43.25 0.50
CA TYR B 847 17.46 43.87 1.80
C TYR B 847 16.93 42.84 2.80
N ILE B 848 17.29 43.04 4.06
CA ILE B 848 16.79 42.17 5.12
C ILE B 848 15.33 42.50 5.38
N GLY B 849 14.49 41.46 5.42
CA GLY B 849 13.08 41.63 5.72
C GLY B 849 12.19 41.96 4.55
N THR B 850 12.74 42.12 3.35
CA THR B 850 11.90 42.44 2.21
C THR B 850 11.08 41.23 1.79
N TYR B 851 9.96 41.49 1.12
CA TYR B 851 9.00 40.46 0.77
C TYR B 851 9.15 40.09 -0.70
N VAL B 852 9.47 38.82 -0.95
CA VAL B 852 9.73 38.34 -2.31
C VAL B 852 8.68 37.30 -2.67
N GLU B 853 8.20 37.38 -3.91
CA GLU B 853 7.22 36.46 -4.47
C GLU B 853 7.87 35.74 -5.65
N GLU B 854 7.06 35.01 -6.41
CA GLU B 854 7.57 34.33 -7.60
C GLU B 854 8.03 35.34 -8.64
N GLY B 855 9.24 35.13 -9.16
CA GLY B 855 9.73 35.89 -10.28
C GLY B 855 10.44 37.18 -9.97
N ASP B 856 10.57 37.55 -8.70
CA ASP B 856 11.25 38.80 -8.38
C ASP B 856 12.70 38.54 -8.00
N PRO B 857 13.57 39.55 -8.17
CA PRO B 857 15.01 39.30 -8.03
C PRO B 857 15.41 38.87 -6.64
N ILE B 858 16.48 38.07 -6.58
CA ILE B 858 17.12 37.67 -5.33
C ILE B 858 18.54 38.17 -5.24
N CYS B 859 19.30 38.08 -6.34
CA CYS B 859 20.64 38.61 -6.43
C CYS B 859 20.79 39.38 -7.74
N ALA B 860 21.90 40.11 -7.86
CA ALA B 860 22.22 40.82 -9.09
C ALA B 860 23.72 40.82 -9.28
N TYR B 861 24.17 40.31 -10.42
CA TYR B 861 25.59 40.29 -10.75
C TYR B 861 25.78 40.76 -12.19
N PHE B 862 26.89 41.45 -12.43
CA PHE B 862 27.27 41.89 -13.75
C PHE B 862 28.26 40.89 -14.33
N ASP B 863 27.98 40.42 -15.55
CA ASP B 863 28.77 39.38 -16.19
C ASP B 863 29.64 40.01 -17.27
N ASP B 864 30.96 39.82 -17.17
CA ASP B 864 31.86 40.35 -18.18
C ASP B 864 31.82 39.52 -19.46
N THR B 865 31.57 38.22 -19.34
CA THR B 865 31.39 37.38 -20.51
C THR B 865 30.10 37.68 -21.27
N LEU B 866 29.19 38.45 -20.68
CA LEU B 866 27.97 38.88 -21.35
C LEU B 866 27.88 40.40 -21.51
N ASN B 867 28.63 41.17 -20.73
CA ASN B 867 28.54 42.63 -20.73
C ASN B 867 27.10 43.09 -20.45
N LYS B 868 26.43 42.39 -19.55
CA LYS B 868 25.05 42.70 -19.20
C LYS B 868 24.79 42.22 -17.78
N THR B 869 23.96 42.98 -17.07
CA THR B 869 23.63 42.66 -15.68
C THR B 869 22.52 41.61 -15.66
N LYS B 870 22.76 40.50 -15.00
CA LYS B 870 21.80 39.41 -14.87
C LYS B 870 21.42 39.22 -13.42
N ILE B 871 20.14 38.95 -13.19
CA ILE B 871 19.62 38.73 -11.85
C ILE B 871 19.23 37.27 -11.71
N LYS B 872 19.15 36.82 -10.46
CA LYS B 872 18.55 35.53 -10.16
C LYS B 872 17.08 35.74 -9.87
N THR B 873 16.41 34.72 -9.36
CA THR B 873 14.96 34.78 -9.20
C THR B 873 14.53 33.82 -8.10
N TYR B 874 13.61 34.28 -7.25
CA TYR B 874 13.04 33.42 -6.21
C TYR B 874 12.18 32.35 -6.87
N HIS B 875 12.68 31.11 -6.90
CA HIS B 875 12.00 30.01 -7.57
C HIS B 875 11.25 29.18 -6.54
N SER B 876 10.11 29.70 -6.11
CA SER B 876 9.24 28.99 -5.18
C SER B 876 7.84 29.60 -5.26
N SER B 877 6.82 28.74 -5.28
CA SER B 877 5.45 29.22 -5.34
C SER B 877 5.02 29.91 -4.04
N GLU B 878 5.65 29.56 -2.93
CA GLU B 878 5.27 30.12 -1.63
C GLU B 878 6.09 31.37 -1.35
N PRO B 879 5.46 32.53 -1.13
CA PRO B 879 6.21 33.74 -0.81
C PRO B 879 6.89 33.65 0.55
N ALA B 880 7.93 34.45 0.72
CA ALA B 880 8.70 34.46 1.95
C ALA B 880 9.36 35.81 2.16
N TYR B 881 9.90 36.01 3.34
CA TYR B 881 10.64 37.21 3.71
C TYR B 881 12.12 36.89 3.88
N ILE B 882 12.97 37.84 3.52
CA ILE B 882 14.41 37.67 3.68
C ILE B 882 14.75 37.75 5.16
N GLU B 883 15.29 36.65 5.70
CA GLU B 883 15.65 36.63 7.11
C GLU B 883 17.05 37.22 7.33
N GLU B 884 18.06 36.65 6.69
CA GLU B 884 19.42 37.12 6.83
C GLU B 884 20.20 36.80 5.57
N VAL B 885 21.20 37.65 5.29
CA VAL B 885 22.07 37.51 4.13
C VAL B 885 23.50 37.44 4.63
N ASN B 886 24.14 36.29 4.44
CA ASN B 886 25.50 36.06 4.92
C ASN B 886 26.48 36.21 3.77
N LEU B 887 27.49 37.07 3.96
CA LEU B 887 28.58 37.19 3.01
C LEU B 887 29.71 36.25 3.43
N ILE B 888 29.98 35.26 2.60
CA ILE B 888 31.01 34.26 2.87
C ILE B 888 32.18 34.53 1.93
N GLY B 889 33.37 34.67 2.50
CA GLY B 889 34.59 34.86 1.74
C GLY B 889 35.41 33.58 1.75
N ASP B 890 36.02 33.26 0.62
CA ASP B 890 36.80 32.03 0.51
C ASP B 890 38.02 32.08 1.42
N GLU B 891 38.41 30.92 1.94
CA GLU B 891 39.48 30.83 2.92
C GLU B 891 40.86 30.97 2.31
N SER B 892 40.97 31.08 0.99
CA SER B 892 42.27 31.20 0.34
C SER B 892 42.97 32.48 0.79
N ASN B 893 44.30 32.41 0.84
CA ASN B 893 45.09 33.52 1.36
C ASN B 893 44.93 34.79 0.53
N LYS B 894 44.67 34.65 -0.77
CA LYS B 894 44.40 35.81 -1.60
C LYS B 894 43.03 36.38 -1.26
N PHE B 895 42.88 37.69 -1.52
CA PHE B 895 41.67 38.42 -1.17
C PHE B 895 40.86 38.64 -2.45
N GLN B 896 40.03 37.66 -2.77
CA GLN B 896 39.21 37.72 -3.98
C GLN B 896 37.97 38.58 -3.74
N GLU B 897 37.13 38.69 -4.76
CA GLU B 897 35.87 39.40 -4.64
C GLU B 897 34.86 38.55 -3.88
N LEU B 898 33.66 39.08 -3.73
CA LEU B 898 32.56 38.34 -3.13
C LEU B 898 32.01 37.35 -4.16
N GLN B 899 31.98 36.07 -3.81
CA GLN B 899 31.53 35.02 -4.72
C GLN B 899 30.47 34.11 -4.14
N THR B 900 30.40 33.94 -2.82
CA THR B 900 29.39 33.09 -2.20
C THR B 900 28.62 33.91 -1.17
N VAL B 901 27.32 34.00 -1.36
CA VAL B 901 26.43 34.71 -0.43
C VAL B 901 25.27 33.77 -0.10
N SER B 902 24.96 33.66 1.19
CA SER B 902 23.89 32.80 1.66
C SER B 902 22.68 33.66 2.01
N ILE B 903 21.51 33.26 1.49
CA ILE B 903 20.28 34.01 1.67
C ILE B 903 19.25 33.10 2.32
N LYS B 904 18.74 33.50 3.47
CA LYS B 904 17.75 32.73 4.21
C LYS B 904 16.38 33.34 4.02
N TYR B 905 15.36 32.49 3.94
CA TYR B 905 13.98 32.92 3.80
C TYR B 905 13.18 32.51 5.03
N ARG B 906 12.15 33.28 5.33
CA ARG B 906 11.22 32.97 6.42
C ARG B 906 9.83 32.80 5.83
N ILE B 907 9.19 31.67 6.14
CA ILE B 907 7.88 31.33 5.60
C ILE B 907 6.89 31.25 6.76
N ARG B 908 5.78 31.97 6.64
CA ARG B 908 4.76 32.01 7.68
C ARG B 908 3.85 30.80 7.53
N ARG B 909 3.97 29.83 8.44
CA ARG B 909 3.13 28.65 8.41
C ARG B 909 1.97 28.78 9.40
N THR B 910 1.06 29.68 9.07
CA THR B 910 -0.18 29.80 9.83
C THR B 910 -0.99 28.53 9.69
N PRO B 911 -1.48 27.94 10.78
CA PRO B 911 -2.20 26.67 10.67
C PRO B 911 -3.49 26.83 9.88
N GLN B 912 -3.62 26.04 8.82
CA GLN B 912 -4.75 26.09 7.92
C GLN B 912 -5.42 24.73 7.86
N ILE B 913 -6.45 24.63 7.02
CA ILE B 913 -7.21 23.38 6.92
C ILE B 913 -6.45 22.41 6.03
N GLY B 914 -6.20 21.21 6.56
CA GLY B 914 -5.46 20.18 5.86
C GLY B 914 -4.21 19.70 6.59
N ASP B 915 -3.55 20.57 7.35
CA ASP B 915 -2.34 20.18 8.05
C ASP B 915 -2.69 19.43 9.33
N LYS B 916 -1.79 18.53 9.72
CA LYS B 916 -2.08 17.56 10.77
C LYS B 916 -1.73 18.10 12.14
N PHE B 917 -2.56 17.74 13.12
CA PHE B 917 -2.29 17.96 14.53
C PHE B 917 -2.43 16.63 15.25
N SER B 918 -1.70 16.48 16.35
CA SER B 918 -1.78 15.24 17.10
C SER B 918 -1.52 15.51 18.57
N SER B 919 -2.09 14.66 19.42
CA SER B 919 -1.77 14.67 20.83
C SER B 919 -0.57 13.75 21.05
N ARG B 920 -0.27 13.44 22.31
CA ARG B 920 0.81 12.53 22.63
C ARG B 920 0.34 11.09 22.75
N HIS B 921 -0.74 10.73 22.05
CA HIS B 921 -1.31 9.39 22.13
C HIS B 921 -1.58 8.82 20.75
N GLY B 922 -0.99 9.40 19.71
CA GLY B 922 -1.20 8.91 18.37
C GLY B 922 -2.49 9.34 17.71
N GLN B 923 -3.26 10.22 18.36
CA GLN B 923 -4.55 10.67 17.81
C GLN B 923 -4.30 11.79 16.81
N LYS B 924 -3.68 11.44 15.69
CA LYS B 924 -3.43 12.40 14.64
C LYS B 924 -4.72 12.69 13.87
N GLY B 925 -4.68 13.75 13.08
CA GLY B 925 -5.83 14.12 12.27
C GLY B 925 -5.71 15.51 11.69
N VAL B 926 -6.16 15.68 10.45
CA VAL B 926 -6.07 16.97 9.79
C VAL B 926 -7.17 17.88 10.33
N CYS B 927 -7.06 19.18 10.04
CA CYS B 927 -8.05 20.15 10.46
C CYS B 927 -9.02 20.41 9.31
N SER B 928 -10.32 20.25 9.60
CA SER B 928 -11.33 20.39 8.56
C SER B 928 -11.67 21.84 8.30
N ARG B 929 -12.15 22.53 9.32
CA ARG B 929 -12.64 23.90 9.17
C ARG B 929 -12.28 24.70 10.40
N LYS B 930 -11.99 25.98 10.22
CA LYS B 930 -11.82 26.92 11.33
C LYS B 930 -13.21 27.30 11.80
N TRP B 931 -13.66 26.69 12.90
CA TRP B 931 -15.01 26.90 13.38
C TRP B 931 -15.09 28.21 14.14
N PRO B 932 -15.96 29.14 13.74
CA PRO B 932 -16.06 30.42 14.47
C PRO B 932 -16.48 30.20 15.92
N THR B 933 -16.04 31.12 16.78
CA THR B 933 -16.24 30.94 18.21
C THR B 933 -17.71 31.09 18.61
N ILE B 934 -18.49 31.86 17.86
CA ILE B 934 -19.91 31.99 18.16
C ILE B 934 -20.63 30.69 17.87
N ASP B 935 -20.27 30.02 16.78
CA ASP B 935 -20.85 28.73 16.45
C ASP B 935 -20.26 27.59 17.27
N MET B 936 -19.13 27.82 17.92
CA MET B 936 -18.57 26.81 18.82
C MET B 936 -19.48 26.63 20.04
N PRO B 937 -19.54 25.42 20.58
CA PRO B 937 -20.29 25.23 21.83
C PRO B 937 -19.55 25.86 22.99
N PHE B 938 -20.30 26.57 23.84
CA PHE B 938 -19.73 27.25 24.99
C PHE B 938 -20.19 26.59 26.28
N SER B 939 -19.27 26.49 27.23
CA SER B 939 -19.55 25.86 28.52
C SER B 939 -20.28 26.82 29.44
N GLU B 940 -20.68 26.31 30.61
CA GLU B 940 -21.40 27.15 31.57
C GLU B 940 -20.50 28.23 32.14
N THR B 941 -19.19 27.96 32.23
CA THR B 941 -18.24 28.94 32.73
C THR B 941 -17.82 29.97 31.68
N GLY B 942 -18.25 29.81 30.44
CA GLY B 942 -18.02 30.80 29.40
C GLY B 942 -16.87 30.52 28.47
N ILE B 943 -16.24 29.35 28.57
CA ILE B 943 -15.05 29.02 27.80
C ILE B 943 -15.43 28.08 26.67
N GLN B 944 -15.00 28.43 25.44
CA GLN B 944 -15.20 27.61 24.26
C GLN B 944 -13.92 26.85 23.95
N PRO B 945 -13.97 25.53 23.79
CA PRO B 945 -12.74 24.77 23.53
C PRO B 945 -12.11 25.17 22.21
N ASP B 946 -10.78 25.09 22.16
CA ASP B 946 -10.05 25.43 20.94
C ASP B 946 -9.76 24.22 20.06
N ILE B 947 -9.92 23.00 20.58
CA ILE B 947 -9.77 21.77 19.80
C ILE B 947 -10.99 20.91 20.07
N ILE B 948 -11.69 20.50 19.01
CA ILE B 948 -12.79 19.55 19.11
C ILE B 948 -12.35 18.25 18.47
N ILE B 949 -12.42 17.16 19.23
CA ILE B 949 -12.07 15.83 18.74
C ILE B 949 -13.31 14.96 18.83
N ASN B 950 -13.58 14.20 17.76
CA ASN B 950 -14.76 13.36 17.71
C ASN B 950 -14.62 12.23 18.74
N PRO B 951 -15.70 11.90 19.45
CA PRO B 951 -15.64 10.76 20.38
C PRO B 951 -15.52 9.43 19.69
N HIS B 952 -15.78 9.37 18.38
CA HIS B 952 -15.71 8.12 17.64
C HIS B 952 -14.30 7.74 17.25
N ALA B 953 -13.32 8.62 17.46
CA ALA B 953 -11.93 8.26 17.27
C ALA B 953 -11.38 7.37 18.37
N PHE B 954 -11.99 7.38 19.55
CA PHE B 954 -11.49 6.66 20.71
C PHE B 954 -11.84 5.17 20.77
N PRO B 955 -13.06 4.72 20.43
CA PRO B 955 -13.39 3.31 20.66
C PRO B 955 -12.53 2.33 19.88
N SER B 956 -12.06 2.70 18.69
CA SER B 956 -11.26 1.76 17.90
C SER B 956 -9.80 1.78 18.31
N ARG B 957 -9.23 2.96 18.58
CA ARG B 957 -7.84 3.03 19.00
C ARG B 957 -7.63 2.62 20.44
N MET B 958 -8.58 2.94 21.32
CA MET B 958 -8.48 2.66 22.74
C MET B 958 -7.33 3.44 23.39
N THR B 959 -7.31 4.74 23.14
CA THR B 959 -6.33 5.63 23.78
C THR B 959 -6.96 6.30 25.00
N ILE B 960 -7.15 5.48 26.04
CA ILE B 960 -7.70 5.97 27.30
C ILE B 960 -6.73 6.92 28.00
N GLY B 961 -5.44 6.85 27.66
CA GLY B 961 -4.50 7.80 28.18
C GLY B 961 -4.83 9.23 27.80
N MET B 962 -5.48 9.43 26.67
CA MET B 962 -5.90 10.77 26.29
C MET B 962 -7.01 11.28 27.20
N PHE B 963 -7.95 10.41 27.56
CA PHE B 963 -8.98 10.79 28.52
C PHE B 963 -8.37 11.12 29.87
N VAL B 964 -7.43 10.28 30.33
CA VAL B 964 -6.80 10.53 31.62
C VAL B 964 -5.99 11.82 31.59
N GLU B 965 -5.33 12.09 30.45
CA GLU B 965 -4.59 13.33 30.31
C GLU B 965 -5.51 14.54 30.32
N SER B 966 -6.67 14.43 29.69
CA SER B 966 -7.64 15.53 29.73
C SER B 966 -8.07 15.81 31.16
N LEU B 967 -8.39 14.75 31.90
CA LEU B 967 -8.79 14.90 33.30
C LEU B 967 -7.69 15.58 34.12
N ALA B 968 -6.46 15.05 34.02
CA ALA B 968 -5.36 15.57 34.83
C ALA B 968 -4.96 16.97 34.39
N GLY B 969 -5.06 17.27 33.10
CA GLY B 969 -4.75 18.61 32.64
C GLY B 969 -5.73 19.64 33.16
N LYS B 970 -7.02 19.32 33.14
CA LYS B 970 -7.98 20.26 33.72
C LYS B 970 -7.75 20.43 35.22
N ALA B 971 -7.52 19.33 35.93
CA ALA B 971 -7.30 19.42 37.37
C ALA B 971 -6.06 20.25 37.69
N GLY B 972 -4.97 20.03 36.96
CA GLY B 972 -3.76 20.78 37.19
C GLY B 972 -3.89 22.25 36.82
N ALA B 973 -4.60 22.55 35.74
CA ALA B 973 -4.81 23.95 35.39
C ALA B 973 -5.66 24.66 36.44
N LEU B 974 -6.65 23.96 37.00
CA LEU B 974 -7.45 24.56 38.07
C LEU B 974 -6.62 24.80 39.32
N HIS B 975 -5.91 23.78 39.78
CA HIS B 975 -5.20 23.86 41.06
C HIS B 975 -3.83 24.50 40.94
N GLY B 976 -3.40 24.89 39.74
CA GLY B 976 -2.10 25.50 39.59
C GLY B 976 -0.92 24.57 39.74
N ILE B 977 -1.15 23.26 39.75
CA ILE B 977 -0.10 22.29 39.97
C ILE B 977 0.22 21.60 38.64
N ALA B 978 1.29 20.80 38.66
CA ALA B 978 1.66 19.96 37.53
C ALA B 978 1.45 18.50 37.90
N GLN B 979 0.87 17.75 36.97
CA GLN B 979 0.53 16.36 37.20
C GLN B 979 1.54 15.48 36.46
N ASP B 980 2.13 14.53 37.17
CA ASP B 980 3.10 13.65 36.54
C ASP B 980 2.38 12.47 35.89
N SER B 981 2.79 12.14 34.68
CA SER B 981 2.15 11.11 33.89
C SER B 981 3.12 9.98 33.55
N THR B 982 4.11 9.76 34.41
CA THR B 982 5.02 8.65 34.18
C THR B 982 4.27 7.33 34.28
N PRO B 983 4.50 6.40 33.36
CA PRO B 983 3.76 5.14 33.38
C PRO B 983 4.01 4.36 34.67
N TRP B 984 2.97 3.63 35.09
CA TRP B 984 3.03 2.69 36.20
C TRP B 984 3.19 3.38 37.56
N ILE B 985 2.68 4.61 37.68
CA ILE B 985 2.59 5.23 39.00
C ILE B 985 1.24 4.97 39.66
N PHE B 986 0.25 4.51 38.90
CA PHE B 986 -1.05 4.10 39.41
C PHE B 986 -1.15 2.58 39.35
N ASN B 987 -2.24 2.06 39.89
CA ASN B 987 -2.53 0.63 39.81
C ASN B 987 -4.04 0.44 39.78
N GLU B 988 -4.48 -0.80 40.00
CA GLU B 988 -5.91 -1.09 39.99
C GLU B 988 -6.61 -0.46 41.18
N ASP B 989 -5.94 -0.44 42.33
CA ASP B 989 -6.57 0.10 43.55
C ASP B 989 -6.64 1.62 43.51
N ASP B 990 -5.58 2.27 43.06
CA ASP B 990 -5.50 3.73 43.03
C ASP B 990 -5.57 4.19 41.58
N THR B 991 -6.78 4.39 41.10
CA THR B 991 -7.04 4.71 39.71
C THR B 991 -6.79 6.20 39.45
N PRO B 992 -6.16 6.55 38.32
CA PRO B 992 -6.03 7.96 37.96
C PRO B 992 -7.36 8.65 37.82
N ALA B 993 -8.39 7.92 37.38
CA ALA B 993 -9.73 8.50 37.32
C ALA B 993 -10.18 8.93 38.70
N ASP B 994 -10.01 8.07 39.70
CA ASP B 994 -10.34 8.43 41.07
C ASP B 994 -9.53 9.65 41.53
N TYR B 995 -8.22 9.63 41.28
CA TYR B 995 -7.36 10.70 41.79
C TYR B 995 -7.74 12.06 41.19
N PHE B 996 -7.81 12.13 39.86
CA PHE B 996 -8.11 13.40 39.21
C PHE B 996 -9.57 13.79 39.42
N GLY B 997 -10.47 12.82 39.61
CA GLY B 997 -11.84 13.16 39.94
C GLY B 997 -11.97 13.77 41.32
N GLU B 998 -11.21 13.24 42.28
CA GLU B 998 -11.17 13.87 43.61
C GLU B 998 -10.67 15.30 43.49
N GLN B 999 -9.61 15.52 42.70
CA GLN B 999 -9.12 16.88 42.55
C GLN B 999 -10.14 17.80 41.90
N LEU B 1000 -10.84 17.32 40.86
CA LEU B 1000 -11.83 18.15 40.18
C LEU B 1000 -13.02 18.45 41.09
N ALA B 1001 -13.50 17.46 41.83
CA ALA B 1001 -14.60 17.67 42.76
C ALA B 1001 -14.21 18.66 43.85
N LYS B 1002 -12.96 18.57 44.33
CA LYS B 1002 -12.47 19.54 45.30
C LYS B 1002 -12.42 20.94 44.71
N ALA B 1003 -12.00 21.06 43.45
CA ALA B 1003 -11.98 22.36 42.78
C ALA B 1003 -13.38 22.89 42.49
N GLY B 1004 -14.39 22.03 42.50
CA GLY B 1004 -15.77 22.44 42.29
C GLY B 1004 -16.37 21.93 41.00
N TYR B 1005 -15.56 21.54 40.03
CA TYR B 1005 -16.06 20.88 38.83
C TYR B 1005 -16.50 19.46 39.19
N ASN B 1006 -16.97 18.71 38.20
CA ASN B 1006 -17.54 17.41 38.51
C ASN B 1006 -16.49 16.31 38.45
N TYR B 1007 -16.81 15.19 39.09
CA TYR B 1007 -15.86 14.10 39.28
C TYR B 1007 -15.41 13.52 37.95
N HIS B 1008 -16.33 13.36 37.00
CA HIS B 1008 -16.06 12.62 35.77
C HIS B 1008 -15.56 13.51 34.65
N GLY B 1009 -15.25 14.77 34.93
CA GLY B 1009 -14.72 15.64 33.91
C GLY B 1009 -15.72 16.19 32.93
N ASN B 1010 -17.02 15.99 33.18
CA ASN B 1010 -18.06 16.45 32.27
C ASN B 1010 -18.44 17.88 32.59
N GLU B 1011 -18.61 18.69 31.54
CA GLU B 1011 -19.01 20.07 31.70
C GLU B 1011 -20.32 20.32 30.96
N PRO B 1012 -21.33 20.88 31.62
CA PRO B 1012 -22.56 21.23 30.91
C PRO B 1012 -22.33 22.34 29.90
N MET B 1013 -22.45 22.04 28.61
CA MET B 1013 -22.21 23.00 27.55
C MET B 1013 -23.51 23.35 26.84
N TYR B 1014 -23.44 24.40 26.02
CA TYR B 1014 -24.58 24.93 25.29
C TYR B 1014 -24.25 24.97 23.81
N SER B 1015 -25.24 24.67 22.98
CA SER B 1015 -25.06 24.79 21.54
C SER B 1015 -24.78 26.23 21.17
N GLY B 1016 -23.78 26.44 20.31
CA GLY B 1016 -23.44 27.79 19.89
C GLY B 1016 -24.28 28.32 18.76
N ALA B 1017 -25.01 27.45 18.06
CA ALA B 1017 -25.83 27.87 16.93
C ALA B 1017 -27.29 28.08 17.30
N THR B 1018 -27.84 27.23 18.16
CA THR B 1018 -29.21 27.36 18.62
C THR B 1018 -29.31 27.97 20.01
N GLY B 1019 -28.41 27.61 20.92
CA GLY B 1019 -28.34 28.19 22.25
C GLY B 1019 -28.80 27.28 23.36
N GLU B 1020 -29.57 26.24 23.05
CA GLU B 1020 -30.08 25.38 24.10
C GLU B 1020 -28.95 24.51 24.67
N GLU B 1021 -29.14 24.07 25.90
CA GLU B 1021 -28.21 23.14 26.50
C GLU B 1021 -28.29 21.79 25.79
N LEU B 1022 -27.13 21.18 25.58
CA LEU B 1022 -27.07 19.90 24.89
C LEU B 1022 -27.66 18.81 25.78
N ARG B 1023 -27.84 17.62 25.18
CA ARG B 1023 -28.53 16.54 25.89
C ARG B 1023 -27.80 16.13 27.15
N ALA B 1024 -26.50 15.97 27.08
CA ALA B 1024 -25.71 15.50 28.22
C ALA B 1024 -24.51 16.41 28.42
N ASP B 1025 -23.88 16.27 29.58
CA ASP B 1025 -22.67 17.02 29.87
C ASP B 1025 -21.54 16.56 28.97
N ILE B 1026 -20.81 17.52 28.43
CA ILE B 1026 -19.73 17.24 27.49
C ILE B 1026 -18.45 17.02 28.28
N TYR B 1027 -17.60 16.13 27.76
CA TYR B 1027 -16.32 15.82 28.38
C TYR B 1027 -15.26 16.80 27.86
N VAL B 1028 -14.79 17.69 28.73
CA VAL B 1028 -13.81 18.69 28.36
C VAL B 1028 -12.59 18.55 29.27
N GLY B 1029 -11.52 19.23 28.89
CA GLY B 1029 -10.28 19.15 29.64
C GLY B 1029 -9.15 19.82 28.87
N VAL B 1030 -7.95 19.67 29.42
CA VAL B 1030 -6.75 20.26 28.84
C VAL B 1030 -5.79 19.14 28.49
N VAL B 1031 -5.44 19.02 27.21
CA VAL B 1031 -4.45 18.06 26.76
C VAL B 1031 -3.40 18.78 25.94
N TYR B 1032 -2.21 18.18 25.90
CA TYR B 1032 -1.06 18.74 25.18
C TYR B 1032 -1.12 18.32 23.72
N TYR B 1033 -1.08 19.30 22.83
CA TYR B 1033 -1.24 19.05 21.40
C TYR B 1033 0.01 19.47 20.65
N GLN B 1034 0.36 18.68 19.64
CA GLN B 1034 1.52 18.91 18.78
C GLN B 1034 1.05 19.22 17.38
N ARG B 1035 1.74 20.16 16.72
CA ARG B 1035 1.47 20.47 15.32
C ARG B 1035 2.55 19.82 14.46
N LEU B 1036 2.14 19.01 13.50
CA LEU B 1036 3.08 18.29 12.67
C LEU B 1036 3.40 19.10 11.42
N ARG B 1037 4.56 18.81 10.83
CA ARG B 1037 5.06 19.52 9.66
C ARG B 1037 4.40 19.08 8.36
N HIS B 1038 3.44 18.16 8.42
CA HIS B 1038 2.76 17.66 7.23
C HIS B 1038 1.64 18.63 6.86
N MET B 1039 2.04 19.72 6.21
CA MET B 1039 1.12 20.80 5.89
C MET B 1039 0.68 20.72 4.44
N VAL B 1040 -0.57 21.14 4.19
CA VAL B 1040 -1.16 21.07 2.87
C VAL B 1040 -0.51 22.02 1.87
N ASN B 1041 0.30 22.98 2.34
CA ASN B 1041 0.93 23.91 1.42
C ASN B 1041 2.04 23.29 0.61
N ASP B 1042 2.45 22.06 0.93
CA ASP B 1042 3.42 21.32 0.14
C ASP B 1042 2.81 20.07 -0.49
N LYS B 1043 1.49 20.01 -0.59
CA LYS B 1043 0.78 18.84 -1.11
C LYS B 1043 -0.06 19.13 -2.34
N PHE B 1044 -0.77 20.25 -2.37
CA PHE B 1044 -1.68 20.52 -3.47
C PHE B 1044 -0.91 20.86 -4.74
N GLN B 1045 -1.49 20.46 -5.88
CA GLN B 1045 -0.88 20.70 -7.18
C GLN B 1045 -1.94 20.55 -8.25
N VAL B 1046 -1.97 21.48 -9.19
CA VAL B 1046 -2.94 21.49 -10.27
C VAL B 1046 -2.22 21.81 -11.58
N ARG B 1047 -2.53 21.06 -12.63
CA ARG B 1047 -1.92 21.27 -13.94
C ARG B 1047 -3.01 21.42 -14.99
N SER B 1048 -2.89 22.46 -15.81
CA SER B 1048 -3.69 22.61 -17.02
C SER B 1048 -2.87 22.29 -18.26
N THR B 1049 -1.74 22.98 -18.44
CA THR B 1049 -0.74 22.64 -19.44
C THR B 1049 0.62 22.75 -18.76
N GLY B 1050 1.69 22.71 -19.55
CA GLY B 1050 3.00 22.93 -19.00
C GLY B 1050 4.12 22.27 -19.79
N PRO B 1051 5.27 22.08 -19.14
CA PRO B 1051 6.43 21.50 -19.83
C PRO B 1051 6.24 20.01 -20.07
N VAL B 1052 6.40 19.59 -21.31
CA VAL B 1052 6.24 18.21 -21.70
C VAL B 1052 7.61 17.56 -21.80
N ASN B 1053 7.63 16.24 -21.89
CA ASN B 1053 8.89 15.51 -22.05
C ASN B 1053 9.43 15.72 -23.45
N SER B 1054 10.69 15.30 -23.65
CA SER B 1054 11.35 15.55 -24.92
C SER B 1054 11.05 14.46 -25.94
N LEU B 1055 11.15 13.20 -25.55
CA LEU B 1055 10.95 12.10 -26.48
C LEU B 1055 9.50 11.61 -26.50
N THR B 1056 8.88 11.41 -25.34
CA THR B 1056 7.49 10.99 -25.29
C THR B 1056 6.51 12.14 -25.47
N MET B 1057 6.96 13.38 -25.28
CA MET B 1057 6.08 14.56 -25.34
C MET B 1057 4.90 14.44 -24.39
N GLN B 1058 5.12 13.80 -23.26
CA GLN B 1058 4.17 13.67 -22.18
C GLN B 1058 4.50 14.63 -21.06
N PRO B 1059 3.55 14.95 -20.18
CA PRO B 1059 3.84 15.88 -19.09
C PRO B 1059 4.98 15.39 -18.20
N VAL B 1060 5.78 16.33 -17.73
CA VAL B 1060 6.97 16.04 -16.95
C VAL B 1060 6.58 15.63 -15.54
N LYS B 1061 7.52 15.10 -14.77
CA LYS B 1061 7.29 14.67 -13.40
C LYS B 1061 7.83 15.72 -12.44
N GLY B 1062 7.02 16.09 -11.46
CA GLY B 1062 7.46 17.04 -10.45
C GLY B 1062 6.43 18.08 -10.09
N ARG B 1063 6.16 18.21 -8.78
CA ARG B 1063 5.22 19.22 -8.31
C ARG B 1063 5.73 20.63 -8.58
N LYS B 1064 7.03 20.84 -8.38
CA LYS B 1064 7.64 22.15 -8.58
C LYS B 1064 7.91 22.46 -10.04
N ARG B 1065 7.79 21.48 -10.94
CA ARG B 1065 8.07 21.65 -12.35
C ARG B 1065 6.82 21.90 -13.17
N HIS B 1066 5.68 22.18 -12.52
CA HIS B 1066 4.38 22.19 -13.18
C HIS B 1066 4.06 20.85 -13.82
N GLY B 1067 4.49 19.76 -13.18
CA GLY B 1067 4.33 18.45 -13.77
C GLY B 1067 2.99 17.83 -13.42
N GLY B 1068 2.53 16.95 -14.33
CA GLY B 1068 1.27 16.27 -14.13
C GLY B 1068 1.38 15.06 -13.23
N ILE B 1069 0.21 14.53 -12.88
CA ILE B 1069 0.12 13.30 -12.11
C ILE B 1069 -0.02 12.13 -13.06
N ARG B 1070 0.29 10.93 -12.58
CA ARG B 1070 0.33 9.75 -13.42
C ARG B 1070 -0.93 8.92 -13.19
N VAL B 1071 -1.66 8.67 -14.27
CA VAL B 1071 -2.74 7.68 -14.28
C VAL B 1071 -2.13 6.38 -14.80
N GLY B 1072 -1.92 5.42 -13.91
CA GLY B 1072 -1.09 4.27 -14.18
C GLY B 1072 -1.86 3.04 -14.62
N GLU B 1073 -1.24 1.89 -14.40
CA GLU B 1073 -1.80 0.63 -14.87
C GLU B 1073 -3.11 0.30 -14.17
N MET B 1074 -3.13 0.40 -12.84
CA MET B 1074 -4.35 0.08 -12.09
C MET B 1074 -5.47 1.08 -12.40
N GLU B 1075 -5.11 2.35 -12.57
CA GLU B 1075 -6.12 3.34 -12.94
C GLU B 1075 -6.69 3.06 -14.33
N ARG B 1076 -5.83 2.66 -15.28
CA ARG B 1076 -6.32 2.29 -16.61
C ARG B 1076 -7.24 1.08 -16.53
N ASP B 1077 -6.86 0.07 -15.74
CA ASP B 1077 -7.69 -1.13 -15.61
C ASP B 1077 -9.04 -0.80 -15.00
N ALA B 1078 -9.07 0.07 -13.99
CA ALA B 1078 -10.33 0.49 -13.40
C ALA B 1078 -11.17 1.29 -14.39
N LEU B 1079 -10.52 2.17 -15.15
CA LEU B 1079 -11.25 2.98 -16.13
C LEU B 1079 -11.83 2.12 -17.25
N ILE B 1080 -11.22 0.97 -17.53
CA ILE B 1080 -11.82 0.01 -18.45
C ILE B 1080 -13.03 -0.65 -17.81
N GLY B 1081 -12.95 -0.97 -16.52
CA GLY B 1081 -14.03 -1.70 -15.85
C GLY B 1081 -15.34 -0.94 -15.83
N HIS B 1082 -15.29 0.40 -15.90
CA HIS B 1082 -16.50 1.18 -16.04
C HIS B 1082 -17.10 1.09 -17.43
N GLY B 1083 -16.41 0.47 -18.38
CA GLY B 1083 -16.86 0.48 -19.75
C GLY B 1083 -16.80 1.83 -20.41
N THR B 1084 -16.07 2.78 -19.82
CA THR B 1084 -15.99 4.14 -20.34
C THR B 1084 -14.72 4.25 -21.17
N SER B 1085 -14.79 3.72 -22.40
CA SER B 1085 -13.63 3.78 -23.28
C SER B 1085 -13.27 5.20 -23.64
N PHE B 1086 -14.23 6.13 -23.58
CA PHE B 1086 -13.94 7.53 -23.86
C PHE B 1086 -13.21 8.19 -22.71
N LEU B 1087 -13.49 7.78 -21.47
CA LEU B 1087 -12.67 8.22 -20.34
C LEU B 1087 -11.23 7.77 -20.53
N LEU B 1088 -11.03 6.52 -20.95
CA LEU B 1088 -9.69 6.02 -21.21
C LEU B 1088 -9.02 6.79 -22.34
N GLN B 1089 -9.76 7.10 -23.39
CA GLN B 1089 -9.20 7.87 -24.49
C GLN B 1089 -8.76 9.24 -24.03
N ASP B 1090 -9.64 9.93 -23.30
CA ASP B 1090 -9.31 11.29 -22.85
C ASP B 1090 -8.14 11.29 -21.88
N ARG B 1091 -8.05 10.28 -21.01
CA ARG B 1091 -6.92 10.23 -20.09
C ARG B 1091 -5.63 9.88 -20.80
N LEU B 1092 -5.56 8.69 -21.40
CA LEU B 1092 -4.29 8.17 -21.87
C LEU B 1092 -3.86 8.71 -23.24
N LEU B 1093 -4.77 9.21 -24.07
CA LEU B 1093 -4.35 9.72 -25.36
C LEU B 1093 -4.64 11.19 -25.55
N ASN B 1094 -5.89 11.62 -25.34
CA ASN B 1094 -6.30 12.95 -25.76
C ASN B 1094 -5.60 14.05 -24.95
N SER B 1095 -5.33 13.79 -23.68
CA SER B 1095 -4.75 14.80 -22.79
C SER B 1095 -3.33 14.48 -22.38
N SER B 1096 -2.70 13.45 -22.96
CA SER B 1096 -1.35 13.10 -22.56
C SER B 1096 -0.33 13.29 -23.69
N ASP B 1097 -0.47 12.59 -24.82
CA ASP B 1097 0.47 12.72 -25.92
C ASP B 1097 -0.23 12.65 -27.26
N TYR B 1098 -1.37 13.32 -27.41
CA TYR B 1098 -2.09 13.29 -28.67
C TYR B 1098 -1.32 14.06 -29.74
N THR B 1099 -1.15 13.44 -30.91
CA THR B 1099 -0.49 14.06 -32.04
C THR B 1099 -1.19 13.64 -33.33
N GLN B 1100 -1.26 14.58 -34.28
CA GLN B 1100 -1.73 14.27 -35.64
C GLN B 1100 -0.50 14.13 -36.53
N ALA B 1101 0.10 12.95 -36.49
CA ALA B 1101 1.31 12.69 -37.25
C ALA B 1101 0.98 12.47 -38.73
N SER B 1102 1.99 12.10 -39.50
CA SER B 1102 1.83 11.71 -40.89
C SER B 1102 2.26 10.27 -41.06
N VAL B 1103 1.49 9.50 -41.81
CA VAL B 1103 1.76 8.09 -42.05
C VAL B 1103 1.75 7.85 -43.55
N CYS B 1104 2.67 7.00 -44.03
CA CYS B 1104 2.68 6.63 -45.43
C CYS B 1104 1.66 5.51 -45.67
N ARG B 1105 0.80 5.73 -46.67
CA ARG B 1105 -0.26 4.77 -46.94
C ARG B 1105 0.29 3.42 -47.39
N GLU B 1106 1.29 3.45 -48.28
CA GLU B 1106 1.84 2.23 -48.86
C GLU B 1106 2.94 1.62 -48.00
N CYS B 1107 3.90 2.43 -47.58
CA CYS B 1107 4.95 1.94 -46.69
C CYS B 1107 4.39 1.51 -45.35
N GLY B 1108 3.38 2.21 -44.85
CA GLY B 1108 2.86 1.96 -43.52
C GLY B 1108 3.83 2.34 -42.43
N SER B 1109 4.56 3.44 -42.60
CA SER B 1109 5.56 3.87 -41.64
C SER B 1109 5.32 5.33 -41.28
N ILE B 1110 5.49 5.63 -39.99
CA ILE B 1110 5.21 6.97 -39.47
C ILE B 1110 6.44 7.86 -39.45
N LEU B 1111 7.65 7.31 -39.48
CA LEU B 1111 8.86 8.09 -39.29
C LEU B 1111 9.58 8.44 -40.58
N THR B 1112 9.49 7.61 -41.61
CA THR B 1112 10.22 7.84 -42.84
C THR B 1112 9.58 8.90 -43.73
N THR B 1113 8.66 9.69 -43.20
CA THR B 1113 8.03 10.78 -43.92
C THR B 1113 8.67 12.10 -43.53
N GLN B 1114 8.48 13.11 -44.37
CA GLN B 1114 9.11 14.41 -44.15
C GLN B 1114 8.30 15.48 -44.84
N GLN B 1115 8.58 16.74 -44.47
CA GLN B 1115 7.97 17.90 -45.10
C GLN B 1115 8.89 18.39 -46.21
N SER B 1116 8.50 18.18 -47.45
CA SER B 1116 9.34 18.55 -48.58
C SER B 1116 9.53 20.06 -48.65
N VAL B 1117 10.75 20.48 -48.95
CA VAL B 1117 11.02 21.91 -49.14
C VAL B 1117 10.37 22.37 -50.44
N PRO B 1118 9.89 23.61 -50.53
CA PRO B 1118 9.23 24.07 -51.75
C PRO B 1118 10.19 24.82 -52.67
N ARG B 1119 9.68 25.12 -53.86
CA ARG B 1119 10.34 26.00 -54.81
C ARG B 1119 9.69 27.37 -54.76
N ILE B 1120 10.06 28.25 -55.69
CA ILE B 1120 9.49 29.59 -55.72
C ILE B 1120 8.00 29.50 -56.04
N GLY B 1121 7.17 29.89 -55.08
CA GLY B 1121 5.74 29.94 -55.25
C GLY B 1121 4.99 28.67 -54.88
N SER B 1122 5.71 27.54 -54.74
CA SER B 1122 5.06 26.29 -54.40
C SER B 1122 4.76 26.22 -52.90
N ILE B 1123 3.99 25.21 -52.51
CA ILE B 1123 3.59 24.99 -51.14
C ILE B 1123 4.19 23.68 -50.65
N SER B 1124 4.76 23.69 -49.45
CA SER B 1124 5.36 22.49 -48.89
C SER B 1124 4.30 21.41 -48.68
N THR B 1125 4.66 20.18 -49.03
CA THR B 1125 3.79 19.03 -48.88
C THR B 1125 4.47 17.99 -48.01
N VAL B 1126 3.77 16.88 -47.76
CA VAL B 1126 4.28 15.78 -46.95
C VAL B 1126 4.58 14.63 -47.90
N CYS B 1127 5.82 14.14 -47.85
CA CYS B 1127 6.27 13.07 -48.72
C CYS B 1127 6.86 11.94 -47.87
N CYS B 1128 7.43 10.94 -48.54
CA CYS B 1128 8.04 9.80 -47.88
C CYS B 1128 9.40 9.53 -48.48
N ARG B 1129 10.29 8.96 -47.67
CA ARG B 1129 11.64 8.63 -48.11
C ARG B 1129 11.84 7.17 -48.45
N ARG B 1130 11.09 6.27 -47.80
CA ARG B 1130 11.24 4.84 -48.09
C ARG B 1130 10.73 4.51 -49.49
N CYS B 1131 9.53 4.98 -49.83
CA CYS B 1131 8.95 4.73 -51.15
C CYS B 1131 9.29 5.86 -52.12
N SER B 1132 10.58 6.17 -52.23
CA SER B 1132 11.04 7.23 -53.10
C SER B 1132 12.38 6.83 -53.70
N MET B 1133 12.59 7.17 -54.97
CA MET B 1133 13.81 6.84 -55.68
C MET B 1133 14.42 8.12 -56.27
N ARG B 1134 15.74 8.12 -56.38
CA ARG B 1134 16.46 9.30 -56.84
C ARG B 1134 16.02 9.68 -58.24
N PHE B 1135 15.84 10.98 -58.45
CA PHE B 1135 15.47 11.50 -59.76
C PHE B 1135 16.67 11.44 -60.70
N ASP B 1155 7.92 16.61 -63.49
CA ASP B 1155 8.01 18.04 -63.21
C ASP B 1155 7.07 18.41 -62.06
N SER B 1156 5.79 18.07 -62.20
CA SER B 1156 4.82 18.39 -61.16
C SER B 1156 5.08 17.60 -59.89
N GLN B 1157 5.41 16.31 -60.02
CA GLN B 1157 5.60 15.42 -58.87
C GLN B 1157 7.06 15.34 -58.43
N ILE B 1158 7.84 16.38 -58.65
CA ILE B 1158 9.22 16.44 -58.21
C ILE B 1158 9.28 17.32 -56.96
N TRP B 1159 9.73 16.74 -55.85
CA TRP B 1159 9.87 17.47 -54.59
C TRP B 1159 11.32 17.36 -54.12
N GLU B 1160 11.87 18.48 -53.67
CA GLU B 1160 13.28 18.58 -53.35
C GLU B 1160 13.50 18.40 -51.84
N ASP B 1161 14.77 18.46 -51.44
CA ASP B 1161 15.18 18.41 -50.05
C ASP B 1161 15.95 19.67 -49.70
N GLY B 1162 16.14 19.88 -48.40
CA GLY B 1162 16.97 21.00 -47.96
C GLY B 1162 18.42 20.84 -48.38
N GLN B 1163 18.92 19.61 -48.37
CA GLN B 1163 20.29 19.32 -48.75
C GLN B 1163 20.48 19.12 -50.25
N GLY B 1164 19.48 19.48 -51.06
CA GLY B 1164 19.60 19.45 -52.50
C GLY B 1164 19.21 18.15 -53.15
N ASN B 1165 18.96 17.09 -52.38
CA ASN B 1165 18.58 15.80 -52.95
C ASN B 1165 17.12 15.87 -53.37
N LYS B 1166 16.88 16.26 -54.62
CA LYS B 1166 15.54 16.27 -55.18
C LYS B 1166 15.27 14.92 -55.83
N PHE B 1167 14.08 14.38 -55.57
CA PHE B 1167 13.71 13.11 -56.17
C PHE B 1167 12.20 12.93 -56.10
N VAL B 1168 11.69 12.10 -57.00
CA VAL B 1168 10.27 11.80 -57.11
C VAL B 1168 9.99 10.48 -56.39
N GLY B 1169 8.90 10.45 -55.62
CA GLY B 1169 8.59 9.28 -54.84
C GLY B 1169 7.23 9.36 -54.17
N GLY B 1170 7.17 8.99 -52.89
CA GLY B 1170 5.92 8.93 -52.18
C GLY B 1170 5.18 10.24 -52.10
N ASN B 1171 4.07 10.33 -52.85
CA ASN B 1171 3.18 11.49 -52.80
C ASN B 1171 1.82 11.12 -52.22
N GLU B 1172 1.71 9.97 -51.58
CA GLU B 1172 0.46 9.46 -51.04
C GLU B 1172 0.63 9.23 -49.54
N THR B 1173 0.39 10.28 -48.76
CA THR B 1173 0.48 10.22 -47.31
C THR B 1173 -0.76 10.83 -46.69
N THR B 1174 -1.13 10.32 -45.52
CA THR B 1174 -2.29 10.79 -44.77
C THR B 1174 -1.84 11.32 -43.42
N THR B 1175 -2.82 11.67 -42.59
CA THR B 1175 -2.57 12.13 -41.23
C THR B 1175 -3.50 11.38 -40.29
N VAL B 1176 -2.92 10.53 -39.44
CA VAL B 1176 -3.67 9.82 -38.42
C VAL B 1176 -3.35 10.43 -37.06
N ALA B 1177 -4.13 10.02 -36.06
CA ALA B 1177 -3.94 10.50 -34.70
C ALA B 1177 -3.35 9.37 -33.86
N ILE B 1178 -2.16 9.61 -33.31
CA ILE B 1178 -1.43 8.58 -32.56
C ILE B 1178 -0.79 9.22 -31.35
N PRO B 1179 -0.47 8.41 -30.33
CA PRO B 1179 0.44 8.87 -29.28
C PRO B 1179 1.85 9.07 -29.83
N PHE B 1180 2.54 10.05 -29.27
CA PHE B 1180 3.92 10.30 -29.69
C PHE B 1180 4.87 9.22 -29.19
N VAL B 1181 4.53 8.58 -28.07
CA VAL B 1181 5.33 7.48 -27.58
C VAL B 1181 5.32 6.33 -28.59
N LEU B 1182 4.27 6.23 -29.40
CA LEU B 1182 4.28 5.28 -30.51
C LEU B 1182 5.38 5.62 -31.51
N LYS B 1183 5.54 6.90 -31.83
CA LYS B 1183 6.61 7.29 -32.75
C LYS B 1183 7.98 7.03 -32.15
N TYR B 1184 8.15 7.29 -30.86
CA TYR B 1184 9.42 6.98 -30.21
C TYR B 1184 9.69 5.47 -30.22
N LEU B 1185 8.66 4.66 -29.97
CA LEU B 1185 8.82 3.21 -30.02
C LEU B 1185 9.15 2.74 -31.43
N ASP B 1186 8.55 3.37 -32.44
CA ASP B 1186 8.89 3.04 -33.82
C ASP B 1186 10.35 3.35 -34.13
N SER B 1187 10.83 4.52 -33.68
CA SER B 1187 12.24 4.85 -33.88
C SER B 1187 13.15 3.85 -33.18
N GLU B 1188 12.80 3.49 -31.94
CA GLU B 1188 13.62 2.53 -31.20
C GLU B 1188 13.64 1.18 -31.91
N LEU B 1189 12.49 0.72 -32.41
CA LEU B 1189 12.46 -0.56 -33.10
C LEU B 1189 13.25 -0.50 -34.41
N SER B 1190 13.17 0.62 -35.13
CA SER B 1190 14.00 0.79 -36.32
C SER B 1190 15.48 0.74 -35.97
N ALA B 1191 15.86 1.19 -34.77
CA ALA B 1191 17.23 1.00 -34.31
C ALA B 1191 17.58 -0.46 -34.16
N MET B 1192 16.58 -1.31 -33.86
CA MET B 1192 16.78 -2.75 -33.75
C MET B 1192 16.66 -3.47 -35.09
N GLY B 1193 16.41 -2.75 -36.18
CA GLY B 1193 16.23 -3.37 -37.47
C GLY B 1193 14.85 -3.95 -37.72
N ILE B 1194 13.87 -3.62 -36.88
CA ILE B 1194 12.52 -4.16 -36.98
C ILE B 1194 11.62 -3.10 -37.60
N ARG B 1195 10.74 -3.53 -38.50
CA ARG B 1195 9.80 -2.64 -39.17
C ARG B 1195 8.40 -2.90 -38.67
N LEU B 1196 7.60 -1.84 -38.59
CA LEU B 1196 6.18 -1.92 -38.29
C LEU B 1196 5.42 -1.23 -39.41
N ARG B 1197 4.62 -2.00 -40.15
CA ARG B 1197 3.74 -1.42 -41.16
C ARG B 1197 2.42 -1.06 -40.52
N TYR B 1198 1.98 0.18 -40.72
CA TYR B 1198 0.70 0.66 -40.18
C TYR B 1198 -0.30 0.74 -41.33
N ASN B 1199 -1.26 -0.18 -41.32
CA ASN B 1199 -2.22 -0.30 -42.41
C ASN B 1199 -3.32 0.75 -42.22
N VAL B 1200 -3.17 1.88 -42.89
CA VAL B 1200 -4.19 2.92 -42.86
C VAL B 1200 -5.45 2.42 -43.55
N GLU B 1201 -6.61 2.70 -42.95
CA GLU B 1201 -7.86 2.10 -43.44
C GLU B 1201 -8.28 2.66 -44.79
N PRO B 1202 -8.56 3.97 -44.94
CA PRO B 1202 -9.06 4.38 -46.26
C PRO B 1202 -7.95 4.57 -47.28
N GLU C 30 -51.89 32.80 23.26
CA GLU C 30 -51.19 33.44 22.16
C GLU C 30 -49.90 34.09 22.67
N TRP C 31 -49.16 34.71 21.76
CA TRP C 31 -47.94 35.44 22.08
C TRP C 31 -48.01 36.80 21.42
N ASN C 32 -47.54 37.83 22.13
CA ASN C 32 -47.52 39.19 21.61
C ASN C 32 -46.42 39.95 22.30
N VAL C 33 -46.01 41.07 21.68
CA VAL C 33 -45.01 41.93 22.29
C VAL C 33 -45.52 42.48 23.61
N GLU C 34 -46.82 42.74 23.71
CA GLU C 34 -47.38 43.23 24.97
C GLU C 34 -47.25 42.17 26.06
N LYS C 35 -47.54 40.91 25.73
CA LYS C 35 -47.39 39.83 26.72
C LYS C 35 -45.93 39.65 27.11
N PHE C 36 -45.02 39.75 26.14
CA PHE C 36 -43.60 39.64 26.45
C PHE C 36 -43.15 40.77 27.37
N LYS C 37 -43.63 41.99 27.11
CA LYS C 37 -43.32 43.11 27.99
C LYS C 37 -43.87 42.88 29.39
N LYS C 38 -45.08 42.33 29.49
CA LYS C 38 -45.66 42.06 30.79
C LYS C 38 -44.88 40.99 31.55
N ASP C 39 -44.32 40.01 30.85
CA ASP C 39 -43.66 38.89 31.50
C ASP C 39 -42.14 39.01 31.55
N PHE C 40 -41.57 40.09 31.02
CA PHE C 40 -40.13 40.22 30.91
C PHE C 40 -39.56 41.04 32.07
N GLU C 41 -38.42 40.60 32.58
CA GLU C 41 -37.74 41.29 33.68
C GLU C 41 -36.24 41.19 33.51
N VAL C 42 -35.53 42.15 34.08
CA VAL C 42 -34.07 42.17 34.10
C VAL C 42 -33.61 42.35 35.54
N ASN C 43 -32.67 41.52 35.99
CA ASN C 43 -32.13 41.58 37.34
C ASN C 43 -30.61 41.74 37.24
N ILE C 44 -30.15 42.98 37.35
CA ILE C 44 -28.72 43.28 37.27
C ILE C 44 -28.09 42.99 38.63
N SER C 45 -27.21 41.99 38.67
CA SER C 45 -26.59 41.57 39.94
C SER C 45 -25.32 42.33 40.26
N SER C 46 -24.57 42.77 39.25
CA SER C 46 -23.37 43.57 39.48
C SER C 46 -23.05 44.34 38.23
N LEU C 47 -22.24 45.40 38.40
CA LEU C 47 -21.89 46.26 37.28
C LEU C 47 -20.60 47.00 37.63
N ASP C 48 -19.52 46.67 36.93
CA ASP C 48 -18.22 47.30 37.11
C ASP C 48 -17.82 47.98 35.81
N ALA C 49 -16.58 48.48 35.76
CA ALA C 49 -16.06 49.07 34.54
C ALA C 49 -15.58 48.03 33.54
N ARG C 50 -15.52 46.77 33.93
CA ARG C 50 -15.08 45.70 33.05
C ARG C 50 -16.07 44.54 32.98
N GLU C 51 -16.73 44.19 34.08
CA GLU C 51 -17.62 43.05 34.13
C GLU C 51 -18.99 43.45 34.61
N ALA C 52 -20.03 43.02 33.90
CA ALA C 52 -21.42 43.19 34.30
C ALA C 52 -22.10 41.83 34.34
N ASN C 53 -22.85 41.58 35.40
CA ASN C 53 -23.56 40.31 35.59
C ASN C 53 -25.03 40.63 35.78
N PHE C 54 -25.84 40.32 34.77
CA PHE C 54 -27.26 40.64 34.77
C PHE C 54 -28.05 39.45 34.26
N ASP C 55 -29.32 39.40 34.63
CA ASP C 55 -30.21 38.32 34.25
C ASP C 55 -31.25 38.80 33.23
N LEU C 56 -31.57 37.93 32.28
CA LEU C 56 -32.69 38.11 31.39
C LEU C 56 -33.73 37.05 31.73
N ILE C 57 -34.94 37.50 32.10
CA ILE C 57 -35.96 36.63 32.68
C ILE C 57 -37.10 36.50 31.69
N ASN C 58 -37.55 35.27 31.46
CA ASN C 58 -38.68 34.99 30.57
C ASN C 58 -38.42 35.52 29.16
N ILE C 59 -37.30 35.11 28.58
CA ILE C 59 -36.95 35.42 27.21
C ILE C 59 -36.56 34.12 26.52
N ASP C 60 -36.63 34.12 25.20
CA ASP C 60 -36.40 32.90 24.45
C ASP C 60 -34.92 32.69 24.18
N THR C 61 -34.53 31.42 24.14
CA THR C 61 -33.13 31.07 23.88
C THR C 61 -32.67 31.63 22.55
N SER C 62 -33.56 31.66 21.55
CA SER C 62 -33.20 32.20 20.25
C SER C 62 -32.87 33.69 20.30
N ILE C 63 -33.38 34.41 21.29
CA ILE C 63 -33.07 35.83 21.43
C ILE C 63 -31.87 36.05 22.35
N ALA C 64 -31.78 35.28 23.44
CA ALA C 64 -30.62 35.37 24.31
C ALA C 64 -29.35 34.99 23.55
N ASN C 65 -29.41 33.93 22.73
CA ASN C 65 -28.26 33.52 21.95
C ASN C 65 -27.90 34.56 20.91
N ALA C 66 -28.89 35.22 20.32
CA ALA C 66 -28.60 36.30 19.38
C ALA C 66 -27.86 37.43 20.06
N PHE C 67 -28.30 37.81 21.27
CA PHE C 67 -27.59 38.83 22.03
C PHE C 67 -26.16 38.41 22.34
N ARG C 68 -25.98 37.17 22.79
CA ARG C 68 -24.64 36.67 23.12
C ARG C 68 -23.73 36.69 21.90
N ARG C 69 -24.23 36.18 20.77
CA ARG C 69 -23.43 36.13 19.55
C ARG C 69 -23.08 37.52 19.06
N ILE C 70 -24.02 38.46 19.13
CA ILE C 70 -23.71 39.81 18.67
C ILE C 70 -22.68 40.46 19.59
N MET C 71 -22.80 40.25 20.90
CA MET C 71 -21.79 40.80 21.80
C MET C 71 -20.41 40.23 21.49
N ILE C 72 -20.34 38.92 21.23
CA ILE C 72 -19.03 38.31 20.98
C ILE C 72 -18.43 38.78 19.66
N SER C 73 -19.23 38.80 18.58
CA SER C 73 -18.61 38.90 17.26
C SER C 73 -19.36 39.84 16.32
N GLU C 74 -20.05 40.85 16.84
CA GLU C 74 -20.69 41.83 15.95
C GLU C 74 -20.54 43.28 16.42
N VAL C 75 -20.16 43.53 17.66
CA VAL C 75 -20.00 44.90 18.16
C VAL C 75 -18.65 45.42 17.66
N PRO C 76 -18.62 46.55 16.97
CA PRO C 76 -17.35 47.06 16.44
C PRO C 76 -16.40 47.50 17.55
N SER C 77 -15.12 47.43 17.24
CA SER C 77 -14.08 47.91 18.14
C SER C 77 -12.90 48.38 17.29
N VAL C 78 -11.90 48.95 17.97
CA VAL C 78 -10.71 49.48 17.31
C VAL C 78 -9.52 48.64 17.74
N ALA C 79 -8.77 48.15 16.75
CA ALA C 79 -7.54 47.41 17.00
C ALA C 79 -6.61 47.60 15.82
N ALA C 80 -5.33 47.38 16.06
CA ALA C 80 -4.32 47.59 15.02
C ALA C 80 -4.52 46.60 13.89
N GLU C 81 -4.51 47.11 12.65
CA GLU C 81 -4.68 46.26 11.47
C GLU C 81 -3.45 46.27 10.58
N TYR C 82 -3.00 47.44 10.12
CA TYR C 82 -1.88 47.57 9.23
C TYR C 82 -0.68 48.13 9.98
N VAL C 83 0.46 47.46 9.87
CA VAL C 83 1.67 47.84 10.57
C VAL C 83 2.76 48.14 9.56
N TYR C 84 3.38 49.32 9.70
CA TYR C 84 4.43 49.78 8.78
C TYR C 84 5.76 49.72 9.53
N PHE C 85 6.43 48.57 9.45
CA PHE C 85 7.76 48.45 10.02
C PHE C 85 8.75 49.30 9.26
N PHE C 86 9.62 49.98 10.00
CA PHE C 86 10.77 50.67 9.41
C PHE C 86 12.09 50.02 9.76
N ASN C 87 12.15 49.29 10.87
CA ASN C 87 13.33 48.53 11.26
C ASN C 87 12.94 47.63 12.42
N ASN C 88 13.44 46.40 12.40
CA ASN C 88 13.21 45.47 13.50
C ASN C 88 14.41 44.53 13.53
N THR C 89 15.38 44.84 14.39
CA THR C 89 16.56 44.00 14.56
C THR C 89 16.50 43.18 15.84
N SER C 90 15.29 42.82 16.27
CA SER C 90 15.10 42.07 17.50
C SER C 90 14.93 40.58 17.20
N VAL C 91 14.75 39.80 18.26
CA VAL C 91 14.55 38.36 18.10
C VAL C 91 13.16 38.08 17.54
N ILE C 92 12.18 38.90 17.88
CA ILE C 92 10.81 38.68 17.41
C ILE C 92 10.71 39.06 15.95
N GLN C 93 10.18 38.16 15.14
CA GLN C 93 10.01 38.43 13.72
C GLN C 93 8.91 39.47 13.49
N ASP C 94 8.94 40.07 12.30
CA ASP C 94 8.06 41.19 12.03
C ASP C 94 6.59 40.79 12.06
N GLU C 95 6.25 39.64 11.48
CA GLU C 95 4.85 39.23 11.44
C GLU C 95 4.34 38.92 12.84
N VAL C 96 5.15 38.25 13.67
CA VAL C 96 4.74 37.96 15.03
C VAL C 96 4.57 39.25 15.83
N LEU C 97 5.49 40.21 15.63
CA LEU C 97 5.38 41.47 16.35
C LEU C 97 4.14 42.24 15.91
N ALA C 98 3.83 42.26 14.62
CA ALA C 98 2.63 42.96 14.15
C ALA C 98 1.36 42.28 14.66
N HIS C 99 1.34 40.95 14.67
CA HIS C 99 0.19 40.23 15.21
C HIS C 99 0.00 40.53 16.69
N ARG C 100 1.09 40.52 17.45
CA ARG C 100 1.03 40.79 18.88
C ARG C 100 0.60 42.23 19.15
N ILE C 101 1.01 43.17 18.30
CA ILE C 101 0.51 44.53 18.41
C ILE C 101 -0.98 44.58 18.11
N GLY C 102 -1.43 43.85 17.08
CA GLY C 102 -2.84 43.82 16.77
C GLY C 102 -3.69 43.27 17.89
N LEU C 103 -3.17 42.32 18.66
CA LEU C 103 -3.94 41.75 19.74
C LEU C 103 -4.13 42.69 20.93
N VAL C 104 -3.46 43.84 20.96
CA VAL C 104 -3.58 44.71 22.14
C VAL C 104 -4.93 45.43 22.10
N PRO C 105 -5.66 45.48 23.21
CA PRO C 105 -6.89 46.29 23.25
C PRO C 105 -6.59 47.74 23.57
N LEU C 106 -7.41 48.63 23.00
CA LEU C 106 -7.21 50.06 23.14
C LEU C 106 -8.38 50.68 23.88
N LYS C 107 -8.09 51.77 24.60
CA LYS C 107 -9.12 52.57 25.26
C LYS C 107 -9.60 53.65 24.30
N VAL C 108 -10.32 53.21 23.28
CA VAL C 108 -10.88 54.09 22.26
C VAL C 108 -12.37 53.82 22.16
N ASP C 109 -13.16 54.89 22.15
CA ASP C 109 -14.59 54.76 21.93
C ASP C 109 -14.84 54.51 20.45
N PRO C 110 -15.45 53.38 20.07
CA PRO C 110 -15.61 53.07 18.65
C PRO C 110 -16.46 54.08 17.88
N ASP C 111 -17.31 54.84 18.57
CA ASP C 111 -18.16 55.80 17.90
C ASP C 111 -17.42 57.04 17.40
N MET C 112 -16.17 57.23 17.82
CA MET C 112 -15.42 58.43 17.45
C MET C 112 -14.78 58.33 16.08
N LEU C 113 -14.91 57.21 15.39
CA LEU C 113 -14.36 57.06 14.05
C LEU C 113 -15.30 56.20 13.22
N THR C 114 -15.24 56.39 11.90
CA THR C 114 -16.12 55.69 10.98
C THR C 114 -15.45 54.41 10.48
N TRP C 115 -16.04 53.79 9.46
CA TRP C 115 -15.52 52.57 8.87
C TRP C 115 -14.70 52.87 7.62
N VAL C 116 -13.67 52.06 7.40
CA VAL C 116 -12.78 52.24 6.26
C VAL C 116 -13.41 51.62 5.03
N ASP C 117 -13.47 52.38 3.94
CA ASP C 117 -13.94 51.87 2.66
C ASP C 117 -12.77 51.19 1.96
N SER C 118 -12.78 49.86 1.92
CA SER C 118 -11.65 49.11 1.41
C SER C 118 -11.46 49.27 -0.09
N ASN C 119 -12.51 49.66 -0.82
CA ASN C 119 -12.38 49.81 -2.27
C ASN C 119 -11.41 50.91 -2.64
N LEU C 120 -11.25 51.91 -1.78
CA LEU C 120 -10.36 53.02 -2.07
C LEU C 120 -8.90 52.58 -2.01
N PRO C 121 -8.03 53.20 -2.80
CA PRO C 121 -6.60 52.91 -2.71
C PRO C 121 -6.01 53.42 -1.40
N ASP C 122 -4.91 52.79 -0.99
CA ASP C 122 -4.30 53.08 0.30
C ASP C 122 -3.80 54.52 0.41
N ASP C 123 -3.66 55.22 -0.71
CA ASP C 123 -3.24 56.62 -0.65
C ASP C 123 -4.26 57.47 0.12
N GLU C 124 -5.55 57.24 -0.12
CA GLU C 124 -6.61 57.97 0.58
C GLU C 124 -7.60 57.04 1.25
N LYS C 125 -7.24 55.76 1.42
CA LYS C 125 -8.13 54.85 2.16
C LYS C 125 -8.26 55.26 3.61
N PHE C 126 -7.15 55.62 4.25
CA PHE C 126 -7.16 56.08 5.63
C PHE C 126 -7.30 57.59 5.65
N THR C 127 -8.29 58.09 6.37
CA THR C 127 -8.49 59.52 6.56
C THR C 127 -8.34 59.87 8.03
N ASP C 128 -8.55 61.14 8.35
CA ASP C 128 -8.39 61.62 9.71
C ASP C 128 -9.51 61.17 10.63
N GLU C 129 -10.59 60.60 10.10
CA GLU C 129 -11.77 60.27 10.89
C GLU C 129 -12.09 58.79 10.91
N ASN C 130 -11.21 57.93 10.40
CA ASN C 130 -11.43 56.49 10.49
C ASN C 130 -10.22 55.69 10.94
N THR C 131 -9.04 56.30 11.06
CA THR C 131 -7.83 55.59 11.42
C THR C 131 -7.11 56.34 12.53
N ILE C 132 -6.55 55.59 13.47
CA ILE C 132 -5.74 56.13 14.55
C ILE C 132 -4.34 55.57 14.40
N VAL C 133 -3.35 56.45 14.31
CA VAL C 133 -1.98 56.07 13.98
C VAL C 133 -1.15 56.06 15.24
N LEU C 134 -0.68 54.87 15.63
CA LEU C 134 0.24 54.72 16.74
C LEU C 134 1.67 54.69 16.21
N SER C 135 2.63 54.62 17.13
CA SER C 135 4.03 54.55 16.75
C SER C 135 4.81 53.89 17.86
N LEU C 136 5.93 53.27 17.50
CA LEU C 136 6.85 52.66 18.45
C LEU C 136 8.26 52.89 17.96
N ASN C 137 9.09 53.51 18.81
CA ASN C 137 10.50 53.76 18.48
C ASN C 137 11.30 53.55 19.78
N VAL C 138 11.80 52.33 19.95
CA VAL C 138 12.56 51.97 21.13
C VAL C 138 13.88 51.35 20.69
N LYS C 139 14.98 51.84 21.25
CA LYS C 139 16.32 51.38 20.90
C LYS C 139 17.04 50.97 22.18
N CYS C 140 17.50 49.73 22.24
CA CYS C 140 18.14 49.21 23.42
C CYS C 140 19.62 49.55 23.42
N THR C 141 20.12 50.01 24.57
CA THR C 141 21.54 50.25 24.78
C THR C 141 21.91 49.74 26.17
N ARG C 142 23.16 49.32 26.31
CA ARG C 142 23.62 48.81 27.60
C ARG C 142 23.79 49.96 28.59
N ASN C 143 23.52 49.67 29.85
CA ASN C 143 23.67 50.67 30.91
C ASN C 143 25.06 50.53 31.51
N PRO C 144 25.95 51.51 31.31
CA PRO C 144 27.30 51.40 31.89
C PRO C 144 27.32 51.44 33.40
N ASP C 145 26.28 51.96 34.04
CA ASP C 145 26.22 52.10 35.49
C ASP C 145 25.60 50.88 36.16
N ALA C 146 25.61 49.73 35.50
CA ALA C 146 24.99 48.54 36.06
C ALA C 146 25.78 48.03 37.26
N PRO C 147 25.14 47.72 38.37
CA PRO C 147 25.88 47.14 39.51
C PRO C 147 26.49 45.80 39.14
N LYS C 148 27.64 45.51 39.73
CA LYS C 148 28.34 44.27 39.43
C LYS C 148 27.60 43.07 39.99
N GLY C 149 27.63 41.97 39.25
CA GLY C 149 26.93 40.76 39.65
C GLY C 149 25.44 40.80 39.46
N SER C 150 24.91 41.84 38.82
CA SER C 150 23.47 41.98 38.65
C SER C 150 22.99 41.22 37.43
N THR C 151 21.74 40.74 37.50
CA THR C 151 21.12 40.04 36.40
C THR C 151 19.84 40.70 35.89
N ASP C 152 19.34 41.72 36.58
CA ASP C 152 18.08 42.34 36.19
C ASP C 152 18.25 43.09 34.88
N PRO C 153 17.47 42.76 33.84
CA PRO C 153 17.64 43.46 32.55
C PRO C 153 17.32 44.94 32.61
N LYS C 154 16.53 45.39 33.59
CA LYS C 154 16.21 46.80 33.69
C LYS C 154 17.38 47.62 34.23
N GLU C 155 18.32 46.97 34.93
CA GLU C 155 19.54 47.61 35.39
C GLU C 155 20.71 47.36 34.45
N LEU C 156 20.82 46.15 33.89
CA LEU C 156 21.88 45.85 32.93
C LEU C 156 21.72 46.68 31.66
N TYR C 157 20.50 46.81 31.16
CA TYR C 157 20.25 47.44 29.87
C TYR C 157 19.21 48.55 30.02
N ASN C 158 19.20 49.43 29.02
CA ASN C 158 18.17 50.44 28.89
C ASN C 158 17.18 49.99 27.82
N ASN C 159 15.88 50.12 28.13
CA ASN C 159 14.82 49.68 27.22
C ASN C 159 14.93 48.19 26.91
N ALA C 160 15.28 47.40 27.92
CA ALA C 160 15.38 45.96 27.73
C ALA C 160 14.01 45.34 27.46
N HIS C 161 12.95 45.93 28.01
CA HIS C 161 11.59 45.44 27.82
C HIS C 161 10.75 46.51 27.13
N VAL C 162 10.06 46.13 26.07
CA VAL C 162 9.16 47.01 25.34
C VAL C 162 7.74 46.70 25.78
N TYR C 163 7.01 47.71 26.24
CA TYR C 163 5.67 47.54 26.76
C TYR C 163 4.65 48.23 25.86
N ALA C 164 3.39 47.85 26.05
CA ALA C 164 2.31 48.43 25.26
C ALA C 164 2.14 49.91 25.54
N ARG C 165 2.49 50.36 26.75
CA ARG C 165 2.39 51.78 27.08
C ARG C 165 3.30 52.63 26.21
N ASP C 166 4.31 52.03 25.59
CA ASP C 166 5.21 52.74 24.68
C ASP C 166 4.59 52.99 23.32
N LEU C 167 3.40 52.45 23.06
CA LEU C 167 2.70 52.74 21.81
C LEU C 167 2.17 54.16 21.84
N LYS C 168 2.95 55.09 21.31
CA LYS C 168 2.63 56.50 21.39
C LYS C 168 1.56 56.88 20.37
N PHE C 169 0.49 57.49 20.85
CA PHE C 169 -0.58 57.94 19.97
C PHE C 169 -0.15 59.21 19.23
N GLU C 170 -0.30 59.20 17.92
CA GLU C 170 0.01 60.37 17.10
C GLU C 170 -1.28 60.91 16.48
N PRO C 171 -1.83 62.01 17.01
CA PRO C 171 -3.04 62.58 16.40
C PRO C 171 -2.76 63.08 15.00
N GLN C 172 -3.77 62.97 14.15
CA GLN C 172 -3.65 63.33 12.74
C GLN C 172 -4.84 64.20 12.33
N GLY C 173 -4.55 65.27 11.59
CA GLY C 173 -5.62 66.10 11.05
C GLY C 173 -6.49 66.71 12.13
N ARG C 174 -7.80 66.61 11.94
CA ARG C 174 -8.75 67.22 12.86
C ARG C 174 -8.84 66.47 14.19
N GLN C 175 -8.36 65.23 14.25
CA GLN C 175 -8.56 64.45 15.47
C GLN C 175 -7.69 64.93 16.62
N SER C 176 -6.74 65.84 16.36
CA SER C 176 -6.01 66.47 17.45
C SER C 176 -6.92 67.29 18.36
N THR C 177 -8.09 67.68 17.86
CA THR C 177 -9.08 68.39 18.66
C THR C 177 -10.17 67.47 19.20
N THR C 178 -10.53 66.41 18.48
CA THR C 178 -11.56 65.50 18.96
C THR C 178 -11.02 64.55 20.04
N PHE C 179 -9.75 64.17 19.96
CA PHE C 179 -9.14 63.28 20.94
C PHE C 179 -8.37 64.03 22.02
N ALA C 180 -8.51 65.35 22.08
CA ALA C 180 -7.78 66.13 23.08
C ALA C 180 -8.14 65.71 24.49
N ASP C 181 -9.44 65.53 24.76
CA ASP C 181 -9.87 65.12 26.09
C ASP C 181 -9.55 63.66 26.35
N CYS C 182 -9.70 62.81 25.34
CA CYS C 182 -9.51 61.37 25.49
C CYS C 182 -8.30 60.91 24.68
N PRO C 183 -7.16 60.65 25.31
CA PRO C 183 -6.01 60.14 24.56
C PRO C 183 -6.19 58.68 24.21
N VAL C 184 -5.52 58.26 23.13
CA VAL C 184 -5.57 56.89 22.65
C VAL C 184 -4.48 56.11 23.36
N VAL C 185 -4.85 55.38 24.40
CA VAL C 185 -3.89 54.58 25.17
C VAL C 185 -4.43 53.15 25.23
N PRO C 186 -3.56 52.14 25.34
CA PRO C 186 -4.06 50.77 25.43
C PRO C 186 -4.84 50.54 26.71
N ALA C 187 -5.80 49.62 26.63
CA ALA C 187 -6.56 49.24 27.81
C ALA C 187 -5.64 48.67 28.88
N ASP C 188 -4.70 47.81 28.48
CA ASP C 188 -3.63 47.38 29.36
C ASP C 188 -2.32 47.98 28.88
N PRO C 189 -1.72 48.92 29.62
CA PRO C 189 -0.45 49.50 29.17
C PRO C 189 0.77 48.69 29.54
N ASP C 190 0.65 47.71 30.43
CA ASP C 190 1.77 46.91 30.89
C ASP C 190 1.89 45.58 30.15
N ILE C 191 1.40 45.52 28.91
CA ILE C 191 1.55 44.33 28.09
C ILE C 191 2.97 44.30 27.52
N LEU C 192 3.62 43.15 27.64
CA LEU C 192 5.01 42.99 27.23
C LEU C 192 5.05 42.67 25.74
N LEU C 193 5.25 43.69 24.91
CA LEU C 193 5.22 43.51 23.46
C LEU C 193 6.51 42.88 22.94
N ALA C 194 7.65 43.21 23.52
CA ALA C 194 8.92 42.72 22.99
C ALA C 194 10.01 42.87 24.05
N LYS C 195 11.13 42.20 23.80
CA LYS C 195 12.34 42.36 24.60
C LYS C 195 13.49 42.65 23.67
N LEU C 196 14.51 43.32 24.19
CA LEU C 196 15.62 43.79 23.38
C LEU C 196 16.94 43.58 24.10
N ARG C 197 18.02 43.71 23.34
CA ARG C 197 19.39 43.69 23.82
C ARG C 197 20.14 44.80 23.11
N PRO C 198 21.24 45.29 23.69
CA PRO C 198 21.86 46.52 23.16
C PRO C 198 22.19 46.41 21.68
N GLY C 199 21.89 47.48 20.95
CA GLY C 199 22.06 47.54 19.53
C GLY C 199 20.81 47.23 18.74
N GLN C 200 19.82 46.58 19.36
CA GLN C 200 18.59 46.20 18.68
C GLN C 200 17.55 47.29 18.81
N GLU C 201 16.91 47.65 17.71
CA GLU C 201 15.91 48.70 17.68
C GLU C 201 14.67 48.24 16.92
N ILE C 202 13.52 48.71 17.37
CA ILE C 202 12.25 48.49 16.69
C ILE C 202 11.66 49.86 16.37
N SER C 203 11.23 50.05 15.12
CA SER C 203 10.67 51.32 14.69
C SER C 203 9.53 51.03 13.71
N LEU C 204 8.30 51.12 14.20
CA LEU C 204 7.12 50.79 13.41
C LEU C 204 6.08 51.90 13.54
N LYS C 205 4.97 51.74 12.83
CA LYS C 205 3.89 52.71 12.84
C LYS C 205 2.61 51.95 12.47
N ALA C 206 1.80 51.65 13.48
CA ALA C 206 0.62 50.82 13.31
C ALA C 206 -0.62 51.68 13.07
N HIS C 207 -1.46 51.24 12.14
CA HIS C 207 -2.76 51.85 11.90
C HIS C 207 -3.85 50.96 12.46
N CYS C 208 -4.73 51.54 13.29
CA CYS C 208 -5.81 50.79 13.91
C CYS C 208 -7.14 51.35 13.45
N ILE C 209 -8.04 50.46 13.04
CA ILE C 209 -9.30 50.82 12.41
C ILE C 209 -10.43 50.03 13.06
N LEU C 210 -11.66 50.33 12.65
CA LEU C 210 -12.83 49.64 13.17
C LEU C 210 -13.00 48.28 12.52
N GLY C 211 -13.39 47.29 13.32
CA GLY C 211 -13.65 45.96 12.83
C GLY C 211 -14.41 45.16 13.85
N ILE C 212 -15.06 44.10 13.37
CA ILE C 212 -15.92 43.28 14.21
C ILE C 212 -15.22 41.97 14.54
N GLY C 213 -15.71 41.31 15.60
CA GLY C 213 -15.09 40.08 16.04
C GLY C 213 -15.36 38.88 15.17
N GLY C 214 -16.29 39.00 14.21
CA GLY C 214 -16.46 37.96 13.22
C GLY C 214 -15.45 38.02 12.10
N ASP C 215 -14.78 39.16 11.94
CA ASP C 215 -13.70 39.30 10.98
C ASP C 215 -12.40 38.76 11.55
N HIS C 216 -11.99 39.26 12.71
CA HIS C 216 -10.82 38.77 13.42
C HIS C 216 -11.09 38.80 14.92
N ALA C 217 -10.56 37.81 15.63
CA ALA C 217 -10.80 37.70 17.06
C ALA C 217 -10.19 38.85 17.85
N LYS C 218 -9.25 39.59 17.25
CA LYS C 218 -8.66 40.73 17.94
C LYS C 218 -9.63 41.89 18.06
N PHE C 219 -10.75 41.85 17.36
CA PHE C 219 -11.73 42.92 17.40
C PHE C 219 -12.85 42.69 18.40
N SER C 220 -12.97 41.50 18.96
CA SER C 220 -14.09 41.20 19.83
C SER C 220 -14.00 42.06 21.08
N PRO C 221 -14.98 42.91 21.37
CA PRO C 221 -14.87 43.83 22.51
C PRO C 221 -15.05 43.16 23.86
N VAL C 222 -15.35 41.87 23.91
CA VAL C 222 -15.56 41.16 25.16
C VAL C 222 -14.47 40.11 25.33
N SER C 223 -13.94 40.00 26.55
CA SER C 223 -13.10 38.86 26.88
C SER C 223 -13.88 37.57 26.74
N THR C 224 -14.93 37.40 27.55
CA THR C 224 -15.95 36.40 27.29
C THR C 224 -17.30 37.04 27.61
N ALA C 225 -18.29 36.72 26.79
CA ALA C 225 -19.66 37.22 26.98
C ALA C 225 -20.58 36.04 26.71
N SER C 226 -20.89 35.29 27.76
CA SER C 226 -21.77 34.13 27.61
C SER C 226 -22.92 34.22 28.60
N TYR C 227 -23.72 33.17 28.69
CA TYR C 227 -24.79 33.11 29.68
C TYR C 227 -24.89 31.68 30.20
N ARG C 228 -25.91 31.45 31.01
CA ARG C 228 -26.20 30.12 31.53
C ARG C 228 -27.63 30.11 32.04
N LEU C 229 -28.23 28.93 32.00
CA LEU C 229 -29.58 28.77 32.55
C LEU C 229 -29.50 28.76 34.07
N LEU C 230 -30.50 29.36 34.70
CA LEU C 230 -30.56 29.33 36.16
C LEU C 230 -30.72 27.89 36.63
N PRO C 231 -29.80 27.38 37.45
CA PRO C 231 -29.95 26.00 37.92
C PRO C 231 -31.20 25.84 38.77
N GLN C 232 -31.78 24.65 38.72
CA GLN C 232 -32.94 24.30 39.51
C GLN C 232 -32.63 23.03 40.29
N ILE C 233 -32.87 23.08 41.59
CA ILE C 233 -32.56 21.97 42.49
C ILE C 233 -33.88 21.55 43.13
N ASN C 234 -34.53 20.55 42.55
CA ASN C 234 -35.85 20.10 42.99
C ASN C 234 -35.68 19.05 44.07
N ILE C 235 -35.97 19.43 45.31
CA ILE C 235 -35.93 18.48 46.42
C ILE C 235 -37.26 17.72 46.45
N LEU C 236 -37.19 16.41 46.25
CA LEU C 236 -38.40 15.59 46.19
C LEU C 236 -38.78 15.07 47.57
N GLN C 237 -37.90 14.32 48.20
CA GLN C 237 -38.19 13.86 49.53
C GLN C 237 -37.43 14.68 50.57
N PRO C 238 -38.01 14.93 51.74
CA PRO C 238 -37.31 15.69 52.76
C PRO C 238 -36.05 14.97 53.24
N ILE C 239 -34.99 15.75 53.45
CA ILE C 239 -33.73 15.24 53.98
C ILE C 239 -33.47 15.97 55.30
N LYS C 240 -33.32 15.21 56.37
CA LYS C 240 -33.17 15.78 57.70
C LYS C 240 -32.12 15.01 58.48
N GLY C 241 -31.53 15.71 59.47
CA GLY C 241 -30.57 15.07 60.35
C GLY C 241 -29.16 15.06 59.78
N GLU C 242 -28.43 14.00 60.10
CA GLU C 242 -27.06 13.85 59.61
C GLU C 242 -27.02 13.79 58.09
N SER C 243 -28.10 13.31 57.46
CA SER C 243 -28.15 13.25 56.01
C SER C 243 -28.15 14.65 55.40
N ALA C 244 -28.86 15.59 56.03
CA ALA C 244 -28.88 16.96 55.54
C ALA C 244 -27.52 17.63 55.62
N ARG C 245 -26.63 17.16 56.51
CA ARG C 245 -25.30 17.73 56.61
C ARG C 245 -24.51 17.53 55.32
N ARG C 246 -24.46 16.28 54.83
CA ARG C 246 -23.68 15.97 53.64
C ARG C 246 -24.38 16.44 52.38
N PHE C 247 -25.70 16.50 52.37
CA PHE C 247 -26.42 17.00 51.21
C PHE C 247 -26.04 18.46 50.92
N GLN C 248 -25.88 19.25 51.98
CA GLN C 248 -25.45 20.64 51.80
C GLN C 248 -24.04 20.72 51.23
N LYS C 249 -23.16 19.81 51.65
CA LYS C 249 -21.77 19.86 51.21
C LYS C 249 -21.58 19.41 49.77
N CYS C 250 -22.53 18.66 49.21
CA CYS C 250 -22.42 18.25 47.82
C CYS C 250 -22.54 19.41 46.84
N PHE C 251 -23.01 20.56 47.29
CA PHE C 251 -23.12 21.78 46.52
C PHE C 251 -22.11 22.81 46.99
N PRO C 252 -21.99 23.94 46.29
CA PRO C 252 -21.26 25.06 46.86
C PRO C 252 -21.88 25.48 48.17
N PRO C 253 -21.09 25.99 49.11
CA PRO C 253 -21.58 26.19 50.49
C PRO C 253 -22.79 27.11 50.59
N GLY C 254 -22.90 28.11 49.73
CA GLY C 254 -23.97 29.08 49.87
C GLY C 254 -25.29 28.74 49.24
N VAL C 255 -25.42 27.58 48.60
CA VAL C 255 -26.63 27.25 47.86
C VAL C 255 -27.65 26.59 48.79
N ILE C 256 -27.29 25.44 49.34
CA ILE C 256 -28.21 24.65 50.16
C ILE C 256 -28.12 25.12 51.60
N GLY C 257 -29.28 25.40 52.20
CA GLY C 257 -29.36 25.82 53.58
C GLY C 257 -30.23 24.88 54.40
N ILE C 258 -30.28 25.18 55.70
CA ILE C 258 -31.03 24.38 56.66
C ILE C 258 -32.08 25.27 57.32
N ASP C 259 -33.33 24.81 57.30
CA ASP C 259 -34.40 25.56 57.94
C ASP C 259 -34.20 25.57 59.45
N GLU C 260 -34.51 26.71 60.07
CA GLU C 260 -34.28 26.86 61.50
C GLU C 260 -35.27 26.03 62.31
N GLY C 261 -36.54 26.00 61.91
CA GLY C 261 -37.54 25.26 62.63
C GLY C 261 -37.30 23.76 62.60
N SER C 262 -37.43 23.16 61.42
CA SER C 262 -37.11 21.76 61.22
C SER C 262 -35.79 21.64 60.49
N ASP C 263 -35.01 20.62 60.86
CA ASP C 263 -33.66 20.45 60.30
C ASP C 263 -33.74 19.87 58.89
N GLU C 264 -34.48 20.58 58.03
CA GLU C 264 -34.71 20.18 56.65
C GLU C 264 -33.55 20.70 55.79
N ALA C 265 -33.72 20.62 54.48
CA ALA C 265 -32.80 21.20 53.52
C ALA C 265 -33.60 21.94 52.47
N TYR C 266 -33.06 23.05 51.98
CA TYR C 266 -33.76 23.87 51.00
C TYR C 266 -32.75 24.66 50.19
N VAL C 267 -33.22 25.20 49.08
CA VAL C 267 -32.37 25.95 48.15
C VAL C 267 -32.45 27.43 48.52
N LYS C 268 -31.34 27.96 49.03
CA LYS C 268 -31.28 29.39 49.36
C LYS C 268 -31.12 30.23 48.11
N ASP C 269 -30.04 30.01 47.37
CA ASP C 269 -29.73 30.78 46.17
C ASP C 269 -29.17 29.83 45.14
N ALA C 270 -29.95 29.56 44.08
CA ALA C 270 -29.50 28.66 43.03
C ALA C 270 -28.57 29.35 42.03
N ARG C 271 -28.53 30.69 42.03
CA ARG C 271 -27.55 31.39 41.21
C ARG C 271 -26.13 31.04 41.61
N LYS C 272 -25.92 30.76 42.89
CA LYS C 272 -24.59 30.46 43.43
C LYS C 272 -24.17 29.02 43.16
N ASP C 273 -24.86 28.31 42.28
CA ASP C 273 -24.61 26.90 42.03
C ASP C 273 -24.10 26.69 40.62
N THR C 274 -22.96 26.00 40.50
CA THR C 274 -22.46 25.51 39.23
C THR C 274 -22.72 24.01 39.19
N VAL C 275 -23.34 23.54 38.11
CA VAL C 275 -23.87 22.18 38.09
C VAL C 275 -22.72 21.18 37.99
N SER C 276 -22.34 20.61 39.13
CA SER C 276 -21.33 19.57 39.15
C SER C 276 -21.92 18.19 39.41
N ARG C 277 -23.21 18.11 39.70
CA ARG C 277 -23.91 16.82 39.85
C ARG C 277 -23.18 15.91 40.84
N GLU C 278 -22.59 16.51 41.87
CA GLU C 278 -21.94 15.72 42.90
C GLU C 278 -22.95 14.92 43.69
N VAL C 279 -24.20 15.37 43.75
CA VAL C 279 -25.25 14.64 44.45
C VAL C 279 -25.50 13.30 43.77
N LEU C 280 -25.57 13.29 42.44
CA LEU C 280 -25.92 12.09 41.71
C LEU C 280 -24.88 10.99 41.87
N ARG C 281 -23.68 11.34 42.34
CA ARG C 281 -22.68 10.32 42.67
C ARG C 281 -23.07 9.48 43.86
N TYR C 282 -23.97 9.98 44.71
CA TYR C 282 -24.37 9.28 45.93
C TYR C 282 -25.74 8.66 45.73
N GLU C 283 -25.83 7.36 46.00
CA GLU C 283 -27.13 6.68 45.95
C GLU C 283 -28.06 7.14 47.07
N GLU C 284 -27.51 7.76 48.11
CA GLU C 284 -28.33 8.29 49.18
C GLU C 284 -29.25 9.41 48.68
N PHE C 285 -28.73 10.28 47.81
CA PHE C 285 -29.47 11.44 47.35
C PHE C 285 -29.84 11.36 45.87
N ALA C 286 -29.56 10.24 45.21
CA ALA C 286 -29.96 10.11 43.82
C ALA C 286 -31.47 10.00 43.68
N ASP C 287 -32.14 9.46 44.70
CA ASP C 287 -33.58 9.27 44.68
C ASP C 287 -34.34 10.37 45.41
N LYS C 288 -33.66 11.40 45.88
CA LYS C 288 -34.29 12.42 46.71
C LYS C 288 -34.14 13.83 46.17
N VAL C 289 -33.61 14.01 44.97
CA VAL C 289 -33.48 15.34 44.37
C VAL C 289 -33.21 15.16 42.88
N LYS C 290 -33.79 16.03 42.07
CA LYS C 290 -33.54 16.08 40.63
C LYS C 290 -32.96 17.43 40.27
N LEU C 291 -32.03 17.43 39.32
CA LEU C 291 -31.33 18.63 38.89
C LEU C 291 -31.85 19.05 37.53
N GLY C 292 -32.19 20.33 37.40
CA GLY C 292 -32.68 20.85 36.14
C GLY C 292 -32.33 22.31 35.94
N ARG C 293 -33.01 22.96 35.01
CA ARG C 293 -32.77 24.37 34.72
C ARG C 293 -34.11 25.10 34.64
N VAL C 294 -34.04 26.42 34.68
CA VAL C 294 -35.19 27.28 34.39
C VAL C 294 -34.97 27.80 32.97
N ARG C 295 -35.68 27.21 32.02
CA ARG C 295 -35.30 27.32 30.61
C ARG C 295 -35.46 28.72 30.03
N ASN C 296 -36.11 29.63 30.74
CA ASN C 296 -36.25 31.01 30.28
C ASN C 296 -35.73 31.99 31.31
N HIS C 297 -34.65 31.61 32.01
CA HIS C 297 -34.00 32.50 32.97
C HIS C 297 -32.50 32.41 32.72
N PHE C 298 -31.97 33.41 32.03
CA PHE C 298 -30.56 33.43 31.64
C PHE C 298 -29.75 34.29 32.59
N ILE C 299 -28.50 33.89 32.81
CA ILE C 299 -27.58 34.59 33.70
C ILE C 299 -26.41 35.03 32.86
N PHE C 300 -26.48 36.27 32.36
CA PHE C 300 -25.42 36.79 31.52
C PHE C 300 -24.21 37.19 32.34
N ASN C 301 -23.06 37.26 31.67
CA ASN C 301 -21.81 37.66 32.30
C ASN C 301 -20.92 38.23 31.21
N VAL C 302 -20.83 39.56 31.13
CA VAL C 302 -20.13 40.25 30.06
C VAL C 302 -18.88 40.88 30.66
N GLU C 303 -17.71 40.39 30.25
CA GLU C 303 -16.43 40.98 30.61
C GLU C 303 -15.89 41.71 29.40
N SER C 304 -15.55 42.97 29.56
CA SER C 304 -15.04 43.75 28.44
C SER C 304 -13.52 43.71 28.41
N ALA C 305 -12.98 43.92 27.20
CA ALA C 305 -11.53 43.98 27.04
C ALA C 305 -10.97 45.30 27.57
N GLY C 306 -11.75 46.37 27.52
CA GLY C 306 -11.32 47.64 28.06
C GLY C 306 -11.77 48.84 27.26
N ALA C 307 -12.21 48.60 26.01
CA ALA C 307 -12.57 49.72 25.15
C ALA C 307 -13.86 50.40 25.59
N MET C 308 -14.80 49.63 26.12
CA MET C 308 -16.11 50.18 26.49
C MET C 308 -16.70 49.35 27.62
N THR C 309 -17.69 49.92 28.28
CA THR C 309 -18.30 49.28 29.43
C THR C 309 -19.17 48.10 28.98
N PRO C 310 -19.27 47.05 29.80
CA PRO C 310 -20.13 45.91 29.43
C PRO C 310 -21.59 46.27 29.23
N GLU C 311 -22.12 47.21 30.02
CA GLU C 311 -23.51 47.61 29.82
C GLU C 311 -23.69 48.28 28.47
N GLU C 312 -22.72 49.09 28.04
CA GLU C 312 -22.79 49.66 26.71
C GLU C 312 -22.62 48.60 25.63
N ILE C 313 -21.82 47.58 25.90
CA ILE C 313 -21.68 46.48 24.95
C ILE C 313 -23.03 45.79 24.74
N PHE C 314 -23.74 45.52 25.84
CA PHE C 314 -25.05 44.88 25.73
C PHE C 314 -26.05 45.80 25.03
N PHE C 315 -26.04 47.08 25.36
CA PHE C 315 -26.87 48.05 24.66
C PHE C 315 -26.63 47.99 23.16
N LYS C 316 -25.36 48.00 22.76
CA LYS C 316 -25.02 48.01 21.35
C LYS C 316 -25.39 46.69 20.68
N SER C 317 -25.30 45.57 21.39
CA SER C 317 -25.72 44.30 20.79
C SER C 317 -27.21 44.28 20.53
N VAL C 318 -28.01 44.74 21.50
CA VAL C 318 -29.45 44.78 21.31
C VAL C 318 -29.81 45.72 20.16
N ARG C 319 -29.16 46.90 20.12
CA ARG C 319 -29.42 47.83 19.04
C ARG C 319 -28.97 47.28 17.69
N ILE C 320 -27.89 46.50 17.67
CA ILE C 320 -27.44 45.90 16.41
C ILE C 320 -28.46 44.88 15.91
N LEU C 321 -29.00 44.05 16.82
CA LEU C 321 -30.04 43.12 16.39
C LEU C 321 -31.27 43.86 15.87
N LYS C 322 -31.69 44.91 16.57
CA LYS C 322 -32.86 45.67 16.12
C LYS C 322 -32.61 46.31 14.76
N ASN C 323 -31.44 46.92 14.57
CA ASN C 323 -31.14 47.57 13.29
C ASN C 323 -30.96 46.56 12.17
N LYS C 324 -30.46 45.36 12.49
CA LYS C 324 -30.36 44.31 11.49
C LYS C 324 -31.75 43.87 11.03
N ALA C 325 -32.66 43.68 11.97
CA ALA C 325 -34.04 43.35 11.61
C ALA C 325 -34.68 44.48 10.80
N GLU C 326 -34.45 45.73 11.19
CA GLU C 326 -35.05 46.85 10.49
C GLU C 326 -34.49 47.00 9.08
N TYR C 327 -33.18 46.81 8.92
CA TYR C 327 -32.59 46.89 7.59
C TYR C 327 -33.11 45.78 6.70
N LEU C 328 -33.26 44.57 7.25
CA LEU C 328 -33.84 43.48 6.47
C LEU C 328 -35.28 43.81 6.07
N LYS C 329 -36.05 44.40 6.99
CA LYS C 329 -37.42 44.76 6.67
C LYS C 329 -37.48 45.80 5.56
N ASN C 330 -36.61 46.80 5.61
CA ASN C 330 -36.61 47.84 4.60
C ASN C 330 -35.96 47.42 3.30
N CYS C 331 -35.26 46.30 3.28
CA CYS C 331 -34.72 45.77 2.02
C CYS C 331 -35.87 45.34 1.11
N PRO C 332 -35.86 45.74 -0.16
CA PRO C 332 -36.97 45.39 -1.06
C PRO C 332 -36.84 43.96 -1.56
N ILE C 333 -37.78 43.11 -1.15
CA ILE C 333 -37.79 41.71 -1.53
C ILE C 333 -38.06 41.55 -3.03
N THR D 12 -3.35 25.48 -44.63
CA THR D 12 -4.67 24.88 -44.51
C THR D 12 -4.59 23.36 -44.66
N ALA D 13 -5.29 22.84 -45.67
CA ALA D 13 -5.25 21.41 -46.01
C ALA D 13 -5.67 20.52 -44.84
N THR D 14 -6.65 20.99 -44.07
CA THR D 14 -7.22 20.17 -43.00
C THR D 14 -8.22 19.18 -43.60
N THR D 15 -8.76 18.30 -42.75
CA THR D 15 -9.81 17.42 -43.22
C THR D 15 -11.15 18.15 -43.16
N LEU D 16 -11.19 19.36 -43.72
CA LEU D 16 -12.40 20.17 -43.82
C LEU D 16 -12.54 20.85 -45.16
N ASN D 17 -11.49 20.93 -45.97
CA ASN D 17 -11.56 21.51 -47.31
C ASN D 17 -11.14 20.56 -48.41
N THR D 18 -10.31 19.57 -48.10
CA THR D 18 -9.85 18.63 -49.09
C THR D 18 -10.29 17.22 -48.74
N PRO D 19 -10.70 16.42 -49.73
CA PRO D 19 -11.09 15.04 -49.44
C PRO D 19 -9.91 14.22 -48.94
N VAL D 20 -10.21 13.23 -48.10
CA VAL D 20 -9.16 12.36 -47.58
C VAL D 20 -8.47 11.63 -48.71
N VAL D 21 -9.25 11.00 -49.60
CA VAL D 21 -8.73 10.28 -50.75
C VAL D 21 -9.57 10.63 -51.96
N ILE D 22 -8.92 10.93 -53.07
CA ILE D 22 -9.57 11.05 -54.36
C ILE D 22 -9.14 9.85 -55.20
N HIS D 23 -10.08 8.97 -55.52
CA HIS D 23 -9.81 7.76 -56.27
C HIS D 23 -10.60 7.78 -57.57
N ALA D 24 -9.92 7.46 -58.67
CA ALA D 24 -10.57 7.42 -59.97
C ALA D 24 -11.43 6.17 -60.07
N THR D 25 -12.74 6.35 -60.26
CA THR D 25 -13.64 5.22 -60.37
C THR D 25 -13.43 4.47 -61.68
N GLN D 26 -13.35 5.21 -62.78
CA GLN D 26 -13.17 4.62 -64.11
C GLN D 26 -12.26 5.53 -64.92
N LEU D 27 -11.94 5.08 -66.13
CA LEU D 27 -11.10 5.87 -67.01
C LEU D 27 -11.82 7.17 -67.41
N PRO D 28 -11.08 8.23 -67.72
CA PRO D 28 -11.71 9.50 -68.09
C PRO D 28 -12.57 9.34 -69.34
N GLN D 29 -13.88 9.55 -69.16
CA GLN D 29 -14.84 9.32 -70.23
C GLN D 29 -15.83 10.47 -70.36
N ASP E 2 -9.02 -68.34 -3.82
CA ASP E 2 -8.91 -67.05 -4.47
C ASP E 2 -8.74 -65.93 -3.45
N GLN E 3 -7.48 -65.52 -3.22
CA GLN E 3 -7.20 -64.40 -2.33
C GLN E 3 -7.30 -63.07 -3.05
N GLU E 4 -6.54 -62.89 -4.13
CA GLU E 4 -6.61 -61.70 -4.95
C GLU E 4 -7.16 -61.98 -6.35
N ASN E 5 -7.29 -63.25 -6.74
CA ASN E 5 -7.90 -63.56 -8.02
C ASN E 5 -9.35 -63.12 -8.06
N GLU E 6 -10.04 -63.17 -6.91
CA GLU E 6 -11.38 -62.59 -6.84
C GLU E 6 -11.35 -61.09 -7.12
N ARG E 7 -10.34 -60.41 -6.58
CA ARG E 7 -10.20 -58.98 -6.87
C ARG E 7 -9.95 -58.73 -8.35
N ASN E 8 -9.13 -59.58 -8.98
CA ASN E 8 -8.91 -59.47 -10.41
C ASN E 8 -10.21 -59.69 -11.20
N ILE E 9 -10.99 -60.70 -10.81
CA ILE E 9 -12.25 -60.98 -11.49
C ILE E 9 -13.21 -59.80 -11.34
N SER E 10 -13.29 -59.24 -10.13
CA SER E 10 -14.18 -58.11 -9.91
C SER E 10 -13.74 -56.87 -10.68
N ARG E 11 -12.43 -56.61 -10.71
CA ARG E 11 -11.94 -55.48 -11.50
C ARG E 11 -12.23 -55.67 -12.98
N LEU E 12 -12.05 -56.90 -13.49
CA LEU E 12 -12.34 -57.16 -14.89
C LEU E 12 -13.82 -57.02 -15.19
N TRP E 13 -14.68 -57.47 -14.26
CA TRP E 13 -16.11 -57.31 -14.44
C TRP E 13 -16.51 -55.84 -14.45
N ARG E 14 -15.92 -55.05 -13.55
CA ARG E 14 -16.21 -53.61 -13.54
C ARG E 14 -15.72 -52.94 -14.82
N ALA E 15 -14.55 -53.36 -15.32
CA ALA E 15 -14.06 -52.82 -16.58
C ALA E 15 -14.98 -53.17 -17.73
N PHE E 16 -15.49 -54.41 -17.75
CA PHE E 16 -16.43 -54.82 -18.78
C PHE E 16 -17.72 -54.00 -18.70
N ARG E 17 -18.22 -53.77 -17.49
CA ARG E 17 -19.42 -52.95 -17.31
C ARG E 17 -19.18 -51.53 -17.81
N THR E 18 -18.01 -50.96 -17.50
CA THR E 18 -17.67 -49.64 -18.00
C THR E 18 -17.59 -49.61 -19.52
N VAL E 19 -17.07 -50.68 -20.13
CA VAL E 19 -16.99 -50.73 -21.59
C VAL E 19 -18.39 -50.79 -22.20
N LYS E 20 -19.29 -51.58 -21.61
CA LYS E 20 -20.66 -51.62 -22.12
C LYS E 20 -21.33 -50.27 -22.00
N GLU E 21 -21.15 -49.60 -20.85
CA GLU E 21 -21.71 -48.26 -20.68
C GLU E 21 -21.10 -47.29 -21.68
N MET E 22 -19.80 -47.43 -21.96
CA MET E 22 -19.14 -46.55 -22.91
C MET E 22 -19.73 -46.71 -24.30
N VAL E 23 -19.93 -47.95 -24.74
CA VAL E 23 -20.50 -48.19 -26.07
C VAL E 23 -21.94 -47.66 -26.12
N LYS E 24 -22.72 -47.93 -25.08
CA LYS E 24 -24.10 -47.47 -25.05
C LYS E 24 -24.19 -45.95 -25.10
N ASP E 25 -23.33 -45.26 -24.33
CA ASP E 25 -23.32 -43.81 -24.36
C ASP E 25 -22.85 -43.30 -25.72
N ARG E 26 -21.91 -43.99 -26.35
CA ARG E 26 -21.50 -43.62 -27.69
C ARG E 26 -22.62 -43.87 -28.70
N GLY E 27 -23.63 -44.66 -28.34
CA GLY E 27 -24.83 -44.74 -29.15
C GLY E 27 -25.08 -46.05 -29.87
N TYR E 28 -24.75 -47.16 -29.23
CA TYR E 28 -24.99 -48.49 -29.78
C TYR E 28 -26.05 -49.21 -28.96
N PHE E 29 -26.55 -50.31 -29.51
CA PHE E 29 -27.65 -51.05 -28.89
C PHE E 29 -27.08 -52.04 -27.88
N ILE E 30 -27.23 -51.72 -26.60
CA ILE E 30 -26.91 -52.62 -25.51
C ILE E 30 -28.09 -52.63 -24.55
N THR E 31 -28.56 -53.81 -24.19
CA THR E 31 -29.69 -53.95 -23.27
C THR E 31 -29.31 -53.46 -21.88
N GLN E 32 -30.28 -52.88 -21.18
CA GLN E 32 -30.04 -52.45 -19.81
C GLN E 32 -29.67 -53.62 -18.90
N GLU E 33 -30.26 -54.79 -19.13
CA GLU E 33 -29.85 -55.97 -18.37
C GLU E 33 -28.41 -56.35 -18.71
N GLU E 34 -28.01 -56.14 -19.96
CA GLU E 34 -26.62 -56.39 -20.35
C GLU E 34 -25.67 -55.44 -19.63
N VAL E 35 -26.03 -54.16 -19.55
CA VAL E 35 -25.19 -53.19 -18.88
C VAL E 35 -25.11 -53.49 -17.39
N GLU E 36 -26.25 -53.68 -16.74
CA GLU E 36 -26.29 -53.96 -15.30
C GLU E 36 -26.15 -55.47 -15.04
N LEU E 37 -25.06 -56.02 -15.55
CA LEU E 37 -24.82 -57.45 -15.43
C LEU E 37 -24.36 -57.78 -14.01
N PRO E 38 -25.04 -58.65 -13.29
CA PRO E 38 -24.59 -59.04 -11.95
C PRO E 38 -23.30 -59.85 -12.00
N LEU E 39 -22.58 -59.80 -10.88
CA LEU E 39 -21.27 -60.46 -10.80
C LEU E 39 -21.39 -61.97 -10.95
N GLU E 40 -22.40 -62.58 -10.33
CA GLU E 40 -22.55 -64.03 -10.43
C GLU E 40 -22.86 -64.45 -11.86
N ASP E 41 -23.73 -63.71 -12.55
CA ASP E 41 -23.99 -64.01 -13.95
C ASP E 41 -22.75 -63.81 -14.81
N PHE E 42 -21.97 -62.77 -14.51
CA PHE E 42 -20.72 -62.54 -15.25
C PHE E 42 -19.76 -63.71 -15.06
N LYS E 43 -19.62 -64.20 -13.83
CA LYS E 43 -18.75 -65.35 -13.58
C LYS E 43 -19.27 -66.60 -14.26
N ALA E 44 -20.59 -66.81 -14.26
CA ALA E 44 -21.15 -67.98 -14.91
C ALA E 44 -21.05 -67.90 -16.43
N LYS E 45 -20.91 -66.69 -16.98
CA LYS E 45 -20.85 -66.53 -18.43
C LYS E 45 -19.42 -66.54 -18.97
N TYR E 46 -18.58 -65.64 -18.47
CA TYR E 46 -17.26 -65.43 -19.05
C TYR E 46 -16.13 -66.10 -18.28
N CYS E 47 -16.42 -66.82 -17.21
CA CYS E 47 -15.40 -67.45 -16.38
C CYS E 47 -15.59 -68.96 -16.36
N ASP E 48 -14.49 -69.69 -16.42
CA ASP E 48 -14.52 -71.14 -16.41
C ASP E 48 -14.61 -71.66 -14.98
N SER E 49 -14.61 -72.99 -14.84
CA SER E 49 -14.72 -73.60 -13.53
C SER E 49 -13.49 -73.32 -12.68
N MET E 50 -12.31 -73.34 -13.27
CA MET E 50 -11.08 -73.12 -12.52
C MET E 50 -10.98 -71.70 -11.97
N GLY E 51 -11.81 -70.78 -12.46
CA GLY E 51 -11.78 -69.41 -12.00
C GLY E 51 -11.05 -68.44 -12.91
N ARG E 52 -10.40 -68.94 -13.96
CA ARG E 52 -9.64 -68.07 -14.84
C ARG E 52 -10.59 -67.15 -15.61
N PRO E 53 -10.24 -65.87 -15.76
CA PRO E 53 -11.07 -64.96 -16.55
C PRO E 53 -10.91 -65.16 -18.04
N GLN E 54 -11.66 -66.09 -18.63
CA GLN E 54 -11.60 -66.29 -20.08
C GLN E 54 -12.09 -65.04 -20.78
N ARG E 55 -11.16 -64.28 -21.37
CA ARG E 55 -11.46 -62.98 -21.96
C ARG E 55 -11.71 -63.05 -23.46
N LYS E 56 -11.68 -64.25 -24.05
CA LYS E 56 -12.05 -64.37 -25.46
C LYS E 56 -13.56 -64.29 -25.66
N MET E 57 -14.34 -64.69 -24.66
CA MET E 57 -15.79 -64.73 -24.81
C MET E 57 -16.38 -63.33 -24.86
N MET E 58 -15.80 -62.38 -24.13
CA MET E 58 -16.41 -61.07 -23.96
C MET E 58 -16.20 -60.15 -25.16
N SER E 59 -15.40 -60.56 -26.15
CA SER E 59 -15.26 -59.76 -27.35
C SER E 59 -16.59 -59.72 -28.11
N PHE E 60 -17.27 -58.58 -28.06
CA PHE E 60 -18.61 -58.46 -28.62
C PHE E 60 -18.62 -57.45 -29.76
N GLN E 61 -19.68 -57.52 -30.55
CA GLN E 61 -19.90 -56.62 -31.68
C GLN E 61 -21.16 -55.81 -31.43
N ALA E 62 -21.08 -54.50 -31.61
CA ALA E 62 -22.18 -53.60 -31.34
C ALA E 62 -22.60 -52.86 -32.60
N ASN E 63 -23.88 -52.53 -32.68
CA ASN E 63 -24.46 -51.86 -33.83
C ASN E 63 -25.22 -50.62 -33.37
N PRO E 64 -25.31 -49.60 -34.22
CA PRO E 64 -26.05 -48.39 -33.83
C PRO E 64 -27.53 -48.66 -33.65
N THR E 65 -28.14 -47.88 -32.76
CA THR E 65 -29.58 -47.90 -32.60
C THR E 65 -30.25 -47.13 -33.74
N GLU E 66 -31.58 -47.21 -33.80
CA GLU E 66 -32.31 -46.51 -34.85
C GLU E 66 -32.20 -45.00 -34.67
N GLU E 67 -32.31 -44.51 -33.43
CA GLU E 67 -32.15 -43.08 -33.19
C GLU E 67 -30.73 -42.63 -33.52
N SER E 68 -29.74 -43.46 -33.19
CA SER E 68 -28.35 -43.12 -33.52
C SER E 68 -28.14 -43.07 -35.03
N ILE E 69 -28.76 -44.00 -35.76
CA ILE E 69 -28.68 -43.98 -37.23
C ILE E 69 -29.33 -42.72 -37.78
N SER E 70 -30.49 -42.34 -37.24
CA SER E 70 -31.16 -41.12 -37.69
C SER E 70 -30.30 -39.90 -37.42
N LYS E 71 -29.64 -39.85 -36.25
CA LYS E 71 -28.80 -38.71 -35.91
C LYS E 71 -27.56 -38.66 -36.79
N PHE E 72 -26.72 -39.68 -36.73
CA PHE E 72 -25.51 -39.76 -37.51
C PHE E 72 -25.69 -40.76 -38.64
N PRO E 73 -25.80 -40.32 -39.89
CA PRO E 73 -26.04 -41.27 -40.99
C PRO E 73 -24.93 -42.29 -41.19
N ASP E 74 -23.68 -41.92 -40.94
CA ASP E 74 -22.53 -42.73 -41.33
C ASP E 74 -21.87 -43.44 -40.16
N MET E 75 -22.65 -43.92 -39.19
CA MET E 75 -22.08 -44.67 -38.08
C MET E 75 -22.09 -46.16 -38.40
N GLY E 76 -20.96 -46.82 -38.16
CA GLY E 76 -20.80 -48.22 -38.46
C GLY E 76 -20.72 -49.08 -37.21
N SER E 77 -20.42 -50.36 -37.44
CA SER E 77 -20.36 -51.32 -36.36
C SER E 77 -19.11 -51.09 -35.50
N LEU E 78 -19.08 -51.74 -34.34
CA LEU E 78 -18.02 -51.55 -33.37
C LEU E 78 -17.58 -52.91 -32.82
N TRP E 79 -16.28 -53.05 -32.62
CA TRP E 79 -15.70 -54.30 -32.13
C TRP E 79 -14.87 -54.03 -30.89
N VAL E 80 -15.01 -54.89 -29.89
CA VAL E 80 -14.30 -54.78 -28.62
C VAL E 80 -13.52 -56.07 -28.40
N GLU E 81 -12.27 -55.94 -27.98
CA GLU E 81 -11.40 -57.08 -27.73
C GLU E 81 -10.84 -57.04 -26.32
N PHE E 82 -10.59 -58.24 -25.76
CA PHE E 82 -9.96 -58.39 -24.46
C PHE E 82 -8.81 -59.38 -24.61
N CYS E 83 -7.62 -58.88 -24.91
CA CYS E 83 -6.48 -59.74 -25.17
C CYS E 83 -6.08 -60.51 -23.91
N ASP E 84 -5.75 -61.79 -24.09
CA ASP E 84 -5.41 -62.64 -22.95
C ASP E 84 -4.02 -62.35 -22.42
N GLU E 85 -3.07 -62.10 -23.31
CA GLU E 85 -1.69 -61.89 -22.90
C GLU E 85 -1.55 -60.56 -22.16
N PRO E 86 -0.67 -60.49 -21.16
CA PRO E 86 -0.50 -59.22 -20.42
C PRO E 86 -0.06 -58.06 -21.29
N SER E 87 0.78 -58.31 -22.30
CA SER E 87 1.25 -57.28 -23.21
C SER E 87 0.85 -57.65 -24.63
N VAL E 88 0.19 -56.71 -25.31
CA VAL E 88 -0.25 -56.93 -26.68
C VAL E 88 0.94 -56.78 -27.62
N GLY E 89 1.17 -57.80 -28.45
CA GLY E 89 2.29 -57.78 -29.37
C GLY E 89 1.94 -57.30 -30.76
N VAL E 90 2.97 -57.15 -31.58
CA VAL E 90 2.78 -56.65 -32.94
C VAL E 90 2.00 -57.65 -33.78
N LYS E 91 2.23 -58.95 -33.56
CA LYS E 91 1.47 -59.96 -34.28
C LYS E 91 -0.01 -59.89 -33.92
N THR E 92 -0.32 -59.72 -32.63
CA THR E 92 -1.71 -59.58 -32.22
C THR E 92 -2.33 -58.31 -32.78
N MET E 93 -1.55 -57.23 -32.84
CA MET E 93 -2.06 -55.99 -33.44
C MET E 93 -2.35 -56.18 -34.93
N LYS E 94 -1.47 -56.89 -35.64
CA LYS E 94 -1.72 -57.19 -37.05
C LYS E 94 -2.97 -58.02 -37.23
N THR E 95 -3.16 -59.03 -36.38
CA THR E 95 -4.38 -59.84 -36.45
C THR E 95 -5.61 -58.98 -36.19
N PHE E 96 -5.53 -58.07 -35.21
CA PHE E 96 -6.66 -57.21 -34.90
C PHE E 96 -7.00 -56.29 -36.07
N VAL E 97 -5.98 -55.69 -36.69
CA VAL E 97 -6.26 -54.74 -37.76
C VAL E 97 -6.79 -55.46 -39.01
N ILE E 98 -6.23 -56.63 -39.32
CA ILE E 98 -6.79 -57.37 -40.46
C ILE E 98 -8.19 -57.86 -40.15
N HIS E 99 -8.47 -58.19 -38.88
CA HIS E 99 -9.83 -58.57 -38.47
C HIS E 99 -10.80 -57.42 -38.68
N ILE E 100 -10.40 -56.21 -38.28
CA ILE E 100 -11.24 -55.04 -38.48
C ILE E 100 -11.46 -54.77 -39.97
N GLN E 101 -10.40 -54.93 -40.77
CA GLN E 101 -10.53 -54.70 -42.21
C GLN E 101 -11.46 -55.71 -42.86
N GLU E 102 -11.33 -56.99 -42.51
CA GLU E 102 -12.13 -58.02 -43.15
C GLU E 102 -13.59 -57.97 -42.68
N LYS E 103 -13.83 -57.59 -41.43
CA LYS E 103 -15.20 -57.37 -40.99
C LYS E 103 -15.76 -56.03 -41.44
N ASN E 104 -14.91 -55.16 -41.98
CA ASN E 104 -15.32 -53.84 -42.47
C ASN E 104 -15.96 -52.99 -41.36
N PHE E 105 -15.52 -53.20 -40.13
CA PHE E 105 -15.99 -52.38 -39.02
C PHE E 105 -15.51 -50.95 -39.18
N GLN E 106 -16.38 -49.99 -38.88
CA GLN E 106 -16.02 -48.59 -38.96
C GLN E 106 -15.34 -48.08 -37.69
N THR E 107 -15.20 -48.93 -36.67
CA THR E 107 -14.60 -48.52 -35.40
C THR E 107 -14.24 -49.77 -34.62
N GLY E 108 -13.03 -49.80 -34.09
CA GLY E 108 -12.58 -50.92 -33.26
C GLY E 108 -12.08 -50.42 -31.92
N ILE E 109 -12.42 -51.14 -30.86
CA ILE E 109 -11.99 -50.82 -29.50
C ILE E 109 -11.13 -51.97 -29.01
N PHE E 110 -9.94 -51.64 -28.50
CA PHE E 110 -8.98 -52.62 -28.02
C PHE E 110 -8.61 -52.30 -26.59
N VAL E 111 -8.42 -53.34 -25.78
CA VAL E 111 -7.95 -53.16 -24.41
C VAL E 111 -6.68 -53.99 -24.22
N TYR E 112 -5.86 -53.56 -23.26
CA TYR E 112 -4.64 -54.29 -22.93
C TYR E 112 -4.51 -54.38 -21.41
N GLN E 113 -4.23 -55.58 -20.92
CA GLN E 113 -4.25 -55.84 -19.49
C GLN E 113 -3.19 -55.01 -18.76
N ASN E 114 -1.94 -55.08 -19.21
CA ASN E 114 -0.85 -54.40 -18.52
C ASN E 114 -0.19 -53.33 -19.38
N ASN E 115 0.29 -53.66 -20.57
CA ASN E 115 1.05 -52.71 -21.37
C ASN E 115 0.86 -53.00 -22.85
N ILE E 116 1.25 -52.02 -23.67
CA ILE E 116 1.27 -52.15 -25.12
C ILE E 116 2.64 -51.72 -25.62
N THR E 117 3.25 -52.53 -26.47
CA THR E 117 4.57 -52.21 -26.99
C THR E 117 4.50 -50.96 -27.87
N PRO E 118 5.48 -50.06 -27.76
CA PRO E 118 5.42 -48.83 -28.57
C PRO E 118 5.42 -49.06 -30.06
N SER E 119 5.98 -50.17 -30.53
CA SER E 119 6.01 -50.44 -31.97
C SER E 119 4.64 -50.76 -32.53
N ALA E 120 3.72 -51.26 -31.71
CA ALA E 120 2.36 -51.56 -32.16
C ALA E 120 1.46 -50.34 -32.14
N MET E 121 2.03 -49.14 -31.98
CA MET E 121 1.25 -47.91 -31.94
C MET E 121 1.46 -47.00 -33.14
N LYS E 122 2.47 -47.27 -33.97
CA LYS E 122 2.75 -46.42 -35.13
C LYS E 122 1.91 -46.79 -36.35
N LEU E 123 1.11 -47.86 -36.28
CA LEU E 123 0.36 -48.34 -37.43
C LEU E 123 -1.13 -48.39 -37.18
N VAL E 124 -1.60 -48.12 -35.96
CA VAL E 124 -3.05 -48.04 -35.72
C VAL E 124 -3.71 -46.94 -36.54
N PRO E 125 -3.17 -45.70 -36.60
CA PRO E 125 -3.83 -44.68 -37.43
C PRO E 125 -3.49 -44.79 -38.90
N SER E 126 -2.93 -45.93 -39.32
CA SER E 126 -2.49 -46.12 -40.69
C SER E 126 -3.49 -46.89 -41.54
N ILE E 127 -4.71 -47.08 -41.06
CA ILE E 127 -5.73 -47.76 -41.86
C ILE E 127 -7.03 -46.96 -41.86
N PRO E 128 -7.09 -45.83 -42.55
CA PRO E 128 -8.34 -45.07 -42.64
C PRO E 128 -9.33 -45.78 -43.55
N PRO E 129 -10.63 -45.47 -43.44
CA PRO E 129 -11.26 -44.51 -42.53
C PRO E 129 -11.59 -45.12 -41.17
N ALA E 130 -11.39 -46.43 -41.02
CA ALA E 130 -11.64 -47.08 -39.74
C ALA E 130 -10.64 -46.56 -38.70
N THR E 131 -11.06 -46.57 -37.44
CA THR E 131 -10.25 -46.07 -36.35
C THR E 131 -10.15 -47.12 -35.26
N ILE E 132 -9.03 -47.15 -34.56
CA ILE E 132 -8.79 -48.06 -33.45
C ILE E 132 -8.55 -47.24 -32.20
N GLU E 133 -9.27 -47.55 -31.14
CA GLU E 133 -9.13 -46.88 -29.86
C GLU E 133 -8.70 -47.89 -28.82
N THR E 134 -7.68 -47.55 -28.04
CA THR E 134 -7.07 -48.48 -27.10
C THR E 134 -7.31 -47.99 -25.67
N PHE E 135 -7.81 -48.89 -24.84
CA PHE E 135 -8.04 -48.63 -23.43
C PHE E 135 -7.32 -49.70 -22.62
N ASN E 136 -7.43 -49.62 -21.30
CA ASN E 136 -6.78 -50.56 -20.41
C ASN E 136 -7.80 -51.18 -19.47
N GLU E 137 -7.48 -52.38 -18.97
CA GLU E 137 -8.25 -52.95 -17.88
C GLU E 137 -8.20 -52.04 -16.65
N ALA E 138 -7.05 -51.40 -16.42
CA ALA E 138 -6.97 -50.31 -15.48
C ALA E 138 -7.51 -49.03 -16.12
N ALA E 139 -7.79 -48.03 -15.29
CA ALA E 139 -8.40 -46.77 -15.69
C ALA E 139 -9.78 -46.95 -16.31
N LEU E 140 -10.31 -48.17 -16.29
CA LEU E 140 -11.67 -48.45 -16.71
C LEU E 140 -12.48 -49.19 -15.66
N VAL E 141 -11.93 -49.40 -14.46
CA VAL E 141 -12.71 -50.00 -13.38
C VAL E 141 -13.71 -49.03 -12.78
N VAL E 142 -13.64 -47.76 -13.16
CA VAL E 142 -14.60 -46.74 -12.74
C VAL E 142 -14.95 -45.89 -13.94
N ASN E 143 -16.24 -45.73 -14.20
CA ASN E 143 -16.70 -44.89 -15.29
C ASN E 143 -16.58 -43.43 -14.89
N ILE E 144 -15.73 -42.68 -15.59
CA ILE E 144 -15.44 -41.30 -15.19
C ILE E 144 -16.55 -40.34 -15.56
N THR E 145 -17.63 -40.81 -16.16
CA THR E 145 -18.78 -39.96 -16.39
C THR E 145 -19.81 -40.03 -15.27
N HIS E 146 -19.63 -40.93 -14.31
CA HIS E 146 -20.49 -41.02 -13.14
C HIS E 146 -20.07 -40.07 -12.02
N HIS E 147 -19.00 -39.32 -12.22
CA HIS E 147 -18.49 -38.42 -11.18
C HIS E 147 -19.26 -37.11 -11.21
N GLU E 148 -19.67 -36.65 -10.03
CA GLU E 148 -20.54 -35.47 -9.95
C GLU E 148 -19.86 -34.23 -10.51
N LEU E 149 -18.52 -34.18 -10.46
CA LEU E 149 -17.81 -33.06 -11.07
C LEU E 149 -17.94 -33.09 -12.58
N VAL E 150 -17.97 -34.29 -13.17
CA VAL E 150 -18.04 -34.44 -14.62
C VAL E 150 -19.49 -34.26 -15.06
N PRO E 151 -19.78 -33.28 -15.92
CA PRO E 151 -21.15 -33.11 -16.40
C PRO E 151 -21.54 -34.16 -17.43
N LYS E 152 -22.72 -34.01 -18.01
CA LYS E 152 -23.18 -34.90 -19.07
C LYS E 152 -22.70 -34.37 -20.41
N HIS E 153 -21.92 -35.17 -21.13
CA HIS E 153 -21.40 -34.80 -22.44
C HIS E 153 -22.24 -35.48 -23.52
N ILE E 154 -22.72 -34.67 -24.47
CA ILE E 154 -23.52 -35.15 -25.59
C ILE E 154 -22.79 -34.80 -26.88
N ARG E 155 -22.52 -35.81 -27.70
CA ARG E 155 -21.82 -35.58 -28.96
C ARG E 155 -22.77 -34.91 -29.95
N LEU E 156 -22.42 -33.68 -30.34
CA LEU E 156 -23.26 -32.91 -31.25
C LEU E 156 -23.14 -33.46 -32.67
N SER E 157 -24.27 -33.62 -33.34
CA SER E 157 -24.28 -34.10 -34.71
C SER E 157 -23.84 -32.99 -35.66
N SER E 158 -23.73 -33.34 -36.94
CA SER E 158 -23.31 -32.37 -37.95
C SER E 158 -24.33 -31.25 -38.10
N ASP E 159 -25.62 -31.61 -38.18
CA ASP E 159 -26.66 -30.60 -38.36
C ASP E 159 -26.71 -29.64 -37.17
N GLU E 160 -26.65 -30.20 -35.96
CA GLU E 160 -26.67 -29.36 -34.76
C GLU E 160 -25.42 -28.50 -34.67
N LYS E 161 -24.26 -29.02 -35.08
CA LYS E 161 -23.05 -28.21 -35.09
C LYS E 161 -23.15 -27.06 -36.07
N ARG E 162 -23.70 -27.32 -37.26
CA ARG E 162 -23.91 -26.23 -38.22
C ARG E 162 -24.87 -25.18 -37.66
N GLU E 163 -25.95 -25.63 -37.01
CA GLU E 163 -26.89 -24.70 -36.40
C GLU E 163 -26.22 -23.88 -35.30
N LEU E 164 -25.37 -24.50 -34.50
CA LEU E 164 -24.64 -23.79 -33.45
C LEU E 164 -23.72 -22.73 -34.04
N LEU E 165 -22.97 -23.08 -35.07
CA LEU E 165 -22.04 -22.13 -35.68
C LEU E 165 -22.80 -20.98 -36.33
N LYS E 166 -23.93 -21.27 -36.96
CA LYS E 166 -24.73 -20.19 -37.56
C LYS E 166 -25.39 -19.32 -36.50
N ARG E 167 -25.81 -19.93 -35.39
CA ARG E 167 -26.45 -19.19 -34.31
C ARG E 167 -25.48 -18.19 -33.69
N TYR E 168 -24.26 -18.64 -33.38
CA TYR E 168 -23.30 -17.76 -32.75
C TYR E 168 -22.41 -17.02 -33.74
N ARG E 169 -22.59 -17.24 -35.05
CA ARG E 169 -21.75 -16.64 -36.07
C ARG E 169 -20.27 -16.87 -35.77
N LEU E 170 -19.95 -18.09 -35.40
CA LEU E 170 -18.64 -18.46 -34.89
C LEU E 170 -17.76 -19.05 -35.98
N LYS E 171 -16.55 -19.40 -35.58
CA LYS E 171 -15.64 -20.24 -36.35
C LYS E 171 -15.25 -21.42 -35.48
N GLU E 172 -15.01 -22.57 -36.12
CA GLU E 172 -14.77 -23.81 -35.38
C GLU E 172 -13.59 -23.67 -34.42
N SER E 173 -12.67 -22.76 -34.73
CA SER E 173 -11.49 -22.57 -33.88
C SER E 173 -11.81 -21.78 -32.61
N GLN E 174 -12.75 -20.84 -32.69
CA GLN E 174 -13.01 -19.92 -31.59
C GLN E 174 -13.74 -20.55 -30.42
N LEU E 175 -14.35 -21.72 -30.60
CA LEU E 175 -15.07 -22.36 -29.51
C LEU E 175 -14.12 -22.79 -28.41
N PRO E 176 -14.62 -22.98 -27.19
CA PRO E 176 -13.80 -23.61 -26.15
C PRO E 176 -13.38 -24.99 -26.62
N ARG E 177 -12.17 -25.38 -26.24
CA ARG E 177 -11.53 -26.56 -26.80
C ARG E 177 -11.40 -27.66 -25.75
N ILE E 178 -11.72 -28.88 -26.16
CA ILE E 178 -11.48 -30.08 -25.35
C ILE E 178 -10.37 -30.88 -26.02
N GLN E 179 -9.41 -31.31 -25.22
CA GLN E 179 -8.28 -32.05 -25.77
C GLN E 179 -8.74 -33.39 -26.33
N ARG E 180 -7.96 -33.91 -27.28
CA ARG E 180 -8.24 -35.23 -27.85
C ARG E 180 -7.91 -36.37 -26.90
N ALA E 181 -7.18 -36.11 -25.81
CA ALA E 181 -6.67 -37.17 -24.96
C ALA E 181 -7.19 -37.14 -23.54
N ASP E 182 -8.05 -36.19 -23.18
CA ASP E 182 -8.64 -36.20 -21.85
C ASP E 182 -9.68 -37.32 -21.77
N PRO E 183 -9.92 -37.87 -20.57
CA PRO E 183 -10.73 -39.09 -20.49
C PRO E 183 -12.12 -38.99 -21.09
N VAL E 184 -12.74 -37.81 -21.07
CA VAL E 184 -14.09 -37.70 -21.61
C VAL E 184 -14.09 -37.87 -23.12
N ALA E 185 -13.13 -37.24 -23.82
CA ALA E 185 -13.06 -37.41 -25.26
C ALA E 185 -12.73 -38.84 -25.65
N LEU E 186 -11.86 -39.50 -24.89
CA LEU E 186 -11.62 -40.92 -25.10
C LEU E 186 -12.87 -41.74 -24.83
N TYR E 187 -13.61 -41.39 -23.78
CA TYR E 187 -14.83 -42.11 -23.44
C TYR E 187 -15.86 -42.03 -24.56
N LEU E 188 -16.04 -40.84 -25.14
CA LEU E 188 -16.99 -40.67 -26.23
C LEU E 188 -16.41 -41.06 -27.58
N GLY E 189 -15.12 -41.35 -27.66
CA GLY E 189 -14.52 -41.61 -28.96
C GLY E 189 -14.59 -40.41 -29.88
N LEU E 190 -14.34 -39.23 -29.34
CA LEU E 190 -14.51 -38.01 -30.11
C LEU E 190 -13.44 -37.88 -31.18
N LYS E 191 -13.80 -37.22 -32.27
CA LYS E 191 -12.92 -36.99 -33.41
C LYS E 191 -12.62 -35.49 -33.50
N ARG E 192 -11.48 -35.16 -34.10
CA ARG E 192 -11.17 -33.76 -34.34
C ARG E 192 -12.22 -33.13 -35.25
N GLY E 193 -12.63 -31.91 -34.89
CA GLY E 193 -13.55 -31.14 -35.69
C GLY E 193 -15.01 -31.26 -35.30
N GLU E 194 -15.36 -32.18 -34.41
CA GLU E 194 -16.75 -32.39 -34.02
C GLU E 194 -16.96 -31.82 -32.62
N VAL E 195 -18.04 -31.06 -32.47
CA VAL E 195 -18.34 -30.33 -31.23
C VAL E 195 -19.08 -31.25 -30.28
N VAL E 196 -18.79 -31.09 -28.99
CA VAL E 196 -19.51 -31.78 -27.92
C VAL E 196 -20.41 -30.78 -27.22
N LYS E 197 -21.36 -31.30 -26.45
CA LYS E 197 -22.30 -30.47 -25.70
C LYS E 197 -22.23 -30.84 -24.23
N ILE E 198 -22.10 -29.83 -23.37
CA ILE E 198 -21.92 -30.03 -21.93
C ILE E 198 -23.09 -29.37 -21.22
N ILE E 199 -23.78 -30.13 -20.37
CA ILE E 199 -24.87 -29.62 -19.55
C ILE E 199 -24.29 -29.40 -18.15
N ARG E 200 -23.97 -28.16 -17.84
CA ARG E 200 -23.29 -27.83 -16.59
C ARG E 200 -24.31 -27.50 -15.50
N LYS E 201 -24.00 -27.94 -14.28
CA LYS E 201 -24.89 -27.74 -13.13
C LYS E 201 -24.43 -26.50 -12.35
N SER E 202 -24.56 -25.35 -13.02
CA SER E 202 -24.18 -24.09 -12.41
C SER E 202 -24.99 -23.82 -11.16
N GLU E 203 -24.32 -23.45 -10.08
CA GLU E 203 -25.02 -23.17 -8.83
C GLU E 203 -25.72 -21.82 -8.85
N THR E 204 -25.49 -21.00 -9.88
CA THR E 204 -26.22 -19.75 -10.04
C THR E 204 -27.35 -19.84 -11.05
N SER E 205 -27.36 -20.85 -11.93
CA SER E 205 -28.41 -20.95 -12.93
C SER E 205 -28.89 -22.39 -13.16
N GLY E 206 -28.59 -23.31 -12.25
CA GLY E 206 -29.01 -24.69 -12.46
C GLY E 206 -28.39 -25.27 -13.71
N ARG E 207 -29.23 -25.83 -14.57
CA ARG E 207 -28.75 -26.40 -15.82
C ARG E 207 -28.26 -25.30 -16.75
N TYR E 208 -27.14 -25.57 -17.43
CA TYR E 208 -26.50 -24.60 -18.30
C TYR E 208 -25.84 -25.35 -19.44
N ALA E 209 -26.11 -24.92 -20.67
CA ALA E 209 -25.65 -25.62 -21.86
C ALA E 209 -24.44 -24.89 -22.44
N SER E 210 -23.31 -25.59 -22.52
CA SER E 210 -22.10 -25.07 -23.13
C SER E 210 -21.52 -26.13 -24.06
N TYR E 211 -20.75 -25.68 -25.05
CA TYR E 211 -20.23 -26.54 -26.09
C TYR E 211 -18.71 -26.39 -26.19
N ARG E 212 -18.02 -27.51 -26.31
CA ARG E 212 -16.59 -27.55 -26.57
C ARG E 212 -16.33 -28.28 -27.89
N ILE E 213 -15.33 -27.82 -28.63
CA ILE E 213 -14.94 -28.47 -29.86
C ILE E 213 -13.65 -29.25 -29.62
N CYS E 214 -13.50 -30.36 -30.35
CA CYS E 214 -12.35 -31.24 -30.20
C CYS E 214 -11.34 -30.89 -31.27
N MET E 215 -10.19 -30.35 -30.85
CA MET E 215 -9.13 -29.98 -31.76
C MET E 215 -7.76 -30.30 -31.16
N GLY F 54 -5.18 0.53 -61.50
CA GLY F 54 -5.65 1.87 -61.77
C GLY F 54 -7.11 2.08 -61.43
N PRO F 55 -7.82 2.85 -62.26
CA PRO F 55 -9.26 3.08 -62.01
C PRO F 55 -10.05 1.79 -61.89
N GLU F 56 -9.78 0.82 -62.75
CA GLU F 56 -10.48 -0.45 -62.67
C GLU F 56 -10.07 -1.26 -61.45
N ASP F 57 -8.79 -1.17 -61.05
CA ASP F 57 -8.36 -1.83 -59.82
C ASP F 57 -9.07 -1.23 -58.61
N PHE F 58 -9.20 0.09 -58.57
CA PHE F 58 -9.96 0.72 -57.50
C PHE F 58 -11.43 0.34 -57.59
N GLN F 59 -11.96 0.22 -58.81
CA GLN F 59 -13.37 -0.14 -58.95
C GLN F 59 -13.63 -1.53 -58.39
N GLN F 60 -12.76 -2.49 -58.69
CA GLN F 60 -12.95 -3.83 -58.14
C GLN F 60 -12.69 -3.88 -56.65
N HIS F 61 -11.74 -3.09 -56.15
CA HIS F 61 -11.52 -3.00 -54.71
C HIS F 61 -12.77 -2.47 -54.00
N GLU F 62 -13.36 -1.41 -54.56
CA GLU F 62 -14.58 -0.83 -53.99
C GLU F 62 -15.73 -1.82 -54.06
N GLN F 63 -15.86 -2.55 -55.16
CA GLN F 63 -16.92 -3.54 -55.28
C GLN F 63 -16.76 -4.65 -54.24
N ILE F 64 -15.53 -5.12 -54.04
CA ILE F 64 -15.30 -6.15 -53.04
C ILE F 64 -15.62 -5.63 -51.65
N ARG F 65 -15.21 -4.38 -51.36
CA ARG F 65 -15.49 -3.80 -50.05
C ARG F 65 -17.00 -3.69 -49.79
N ARG F 66 -17.73 -3.18 -50.78
CA ARG F 66 -19.18 -3.00 -50.59
C ARG F 66 -19.89 -4.35 -50.53
N LYS F 67 -19.42 -5.34 -51.30
CA LYS F 67 -20.01 -6.67 -51.23
C LYS F 67 -19.80 -7.27 -49.84
N THR F 68 -18.59 -7.12 -49.29
CA THR F 68 -18.34 -7.61 -47.93
C THR F 68 -19.23 -6.88 -46.92
N LEU F 69 -19.40 -5.57 -47.10
CA LEU F 69 -20.27 -4.79 -46.21
C LEU F 69 -21.69 -5.32 -46.25
N LYS F 70 -22.23 -5.53 -47.46
CA LYS F 70 -23.59 -6.06 -47.58
C LYS F 70 -23.70 -7.46 -47.00
N GLU F 71 -22.68 -8.29 -47.22
CA GLU F 71 -22.68 -9.64 -46.65
C GLU F 71 -22.60 -9.63 -45.14
N LYS F 72 -22.11 -8.54 -44.54
CA LYS F 72 -22.05 -8.46 -43.08
C LYS F 72 -23.30 -7.87 -42.46
N ALA F 73 -24.02 -7.01 -43.17
CA ALA F 73 -25.20 -6.37 -42.61
C ALA F 73 -26.31 -7.39 -42.37
N ILE F 74 -27.02 -7.22 -41.27
CA ILE F 74 -28.14 -8.08 -40.89
C ILE F 74 -29.43 -7.29 -41.08
N PRO F 75 -30.37 -7.74 -41.91
CA PRO F 75 -31.56 -6.95 -42.18
C PRO F 75 -32.45 -6.81 -40.95
N LYS F 76 -33.31 -5.79 -41.01
CA LYS F 76 -34.14 -5.41 -39.87
C LYS F 76 -35.11 -6.50 -39.45
N ASP F 77 -35.41 -7.45 -40.33
CA ASP F 77 -36.44 -8.43 -40.07
C ASP F 77 -35.96 -9.63 -39.26
N GLN F 78 -34.65 -9.72 -38.97
CA GLN F 78 -34.16 -10.91 -38.28
C GLN F 78 -33.09 -10.60 -37.22
N ARG F 79 -33.01 -9.36 -36.74
CA ARG F 79 -32.07 -9.04 -35.69
C ARG F 79 -32.54 -9.62 -34.36
N ALA F 80 -31.61 -10.20 -33.61
CA ALA F 80 -31.91 -10.92 -32.37
C ALA F 80 -31.15 -10.32 -31.19
N THR F 81 -31.00 -9.00 -31.18
CA THR F 81 -30.37 -8.29 -30.08
C THR F 81 -31.44 -7.69 -29.17
N THR F 82 -30.99 -7.11 -28.06
CA THR F 82 -31.91 -6.57 -27.06
C THR F 82 -32.73 -5.44 -27.68
N PRO F 83 -34.05 -5.40 -27.44
CA PRO F 83 -34.84 -4.26 -27.90
C PRO F 83 -34.52 -2.98 -27.16
N TYR F 84 -33.99 -3.07 -25.94
CA TYR F 84 -33.69 -1.90 -25.13
C TYR F 84 -32.42 -1.22 -25.61
N MET F 85 -32.20 -0.02 -25.09
CA MET F 85 -30.95 0.70 -25.28
C MET F 85 -30.08 0.48 -24.06
N THR F 86 -28.88 -0.04 -24.27
CA THR F 86 -27.98 -0.32 -23.16
C THR F 86 -27.48 1.00 -22.56
N LYS F 87 -26.93 0.90 -21.35
CA LYS F 87 -26.42 2.09 -20.68
C LYS F 87 -25.25 2.69 -21.46
N TYR F 88 -24.38 1.84 -22.01
CA TYR F 88 -23.28 2.34 -22.82
C TYR F 88 -23.80 3.03 -24.07
N GLU F 89 -24.82 2.45 -24.72
CA GLU F 89 -25.39 3.06 -25.91
C GLU F 89 -26.01 4.41 -25.58
N ARG F 90 -26.74 4.49 -24.46
CA ARG F 90 -27.35 5.75 -24.07
C ARG F 90 -26.29 6.81 -23.77
N ALA F 91 -25.25 6.43 -23.04
CA ALA F 91 -24.20 7.38 -22.69
C ALA F 91 -23.47 7.88 -23.93
N ARG F 92 -23.14 6.98 -24.85
CA ARG F 92 -22.41 7.42 -26.04
C ARG F 92 -23.30 8.21 -26.98
N ILE F 93 -24.59 7.86 -27.06
CA ILE F 93 -25.49 8.63 -27.92
C ILE F 93 -25.69 10.03 -27.35
N LEU F 94 -25.76 10.15 -26.02
CA LEU F 94 -25.85 11.47 -25.40
C LEU F 94 -24.57 12.26 -25.63
N GLY F 95 -23.42 11.64 -25.45
CA GLY F 95 -22.16 12.34 -25.68
C GLY F 95 -22.00 12.79 -27.11
N THR F 96 -22.31 11.93 -28.08
CA THR F 96 -22.17 12.28 -29.48
C THR F 96 -23.16 13.35 -29.89
N ARG F 97 -24.40 13.27 -29.42
CA ARG F 97 -25.37 14.31 -29.73
C ARG F 97 -24.98 15.64 -29.10
N ALA F 98 -24.41 15.59 -27.89
CA ALA F 98 -23.92 16.82 -27.26
C ALA F 98 -22.77 17.42 -28.05
N LEU F 99 -21.85 16.58 -28.52
CA LEU F 99 -20.78 17.06 -29.39
C LEU F 99 -21.36 17.74 -30.63
N GLN F 100 -22.33 17.09 -31.26
CA GLN F 100 -22.89 17.62 -32.50
C GLN F 100 -23.57 18.97 -32.27
N ILE F 101 -24.37 19.07 -31.21
CA ILE F 101 -25.09 20.32 -30.98
C ILE F 101 -24.14 21.43 -30.54
N SER F 102 -23.14 21.10 -29.71
CA SER F 102 -22.11 22.07 -29.36
C SER F 102 -21.29 22.48 -30.56
N MET F 103 -21.28 21.67 -31.62
CA MET F 103 -20.65 22.05 -32.88
C MET F 103 -21.62 22.72 -33.84
N ASN F 104 -22.64 23.41 -33.31
CA ASN F 104 -23.53 24.27 -34.10
C ASN F 104 -24.42 23.47 -35.04
N ALA F 105 -24.93 22.34 -34.56
CA ALA F 105 -25.88 21.56 -35.34
C ALA F 105 -27.29 22.11 -35.18
N PRO F 106 -28.16 21.90 -36.18
CA PRO F 106 -29.57 22.25 -36.00
C PRO F 106 -30.20 21.41 -34.90
N VAL F 107 -31.06 22.04 -34.11
CA VAL F 107 -31.72 21.38 -32.98
C VAL F 107 -33.21 21.31 -33.27
N PHE F 108 -33.84 20.28 -32.71
CA PHE F 108 -35.27 20.06 -32.91
C PHE F 108 -36.11 20.43 -31.69
N VAL F 109 -35.69 20.04 -30.49
CA VAL F 109 -36.45 20.38 -29.30
C VAL F 109 -36.30 21.87 -29.01
N ASP F 110 -37.27 22.39 -28.24
CA ASP F 110 -37.26 23.80 -27.86
C ASP F 110 -36.39 24.00 -26.63
N LEU F 111 -35.46 24.95 -26.70
CA LEU F 111 -34.60 25.23 -25.57
C LEU F 111 -35.36 25.97 -24.49
N GLU F 112 -35.20 25.53 -23.24
CA GLU F 112 -35.84 26.17 -22.09
C GLU F 112 -34.87 27.09 -21.37
N GLY F 113 -33.99 27.75 -22.12
CA GLY F 113 -32.95 28.58 -21.54
C GLY F 113 -31.72 27.82 -21.11
N GLU F 114 -31.71 26.51 -21.25
CA GLU F 114 -30.56 25.71 -20.85
C GLU F 114 -29.41 25.90 -21.85
N THR F 115 -28.19 25.70 -21.36
CA THR F 115 -27.00 25.86 -22.18
C THR F 115 -26.02 24.71 -22.06
N ASP F 116 -26.35 23.66 -21.30
CA ASP F 116 -25.50 22.48 -21.21
C ASP F 116 -25.82 21.54 -22.37
N PRO F 117 -24.87 21.28 -23.28
CA PRO F 117 -25.18 20.41 -24.42
C PRO F 117 -25.61 19.01 -24.01
N LEU F 118 -25.03 18.46 -22.94
CA LEU F 118 -25.45 17.15 -22.48
C LEU F 118 -26.89 17.18 -21.97
N ARG F 119 -27.29 18.26 -21.30
CA ARG F 119 -28.67 18.39 -20.85
C ARG F 119 -29.62 18.52 -22.04
N ILE F 120 -29.22 19.26 -23.07
CA ILE F 120 -30.06 19.35 -24.27
C ILE F 120 -30.19 17.98 -24.93
N ALA F 121 -29.09 17.23 -24.98
CA ALA F 121 -29.15 15.89 -25.56
C ALA F 121 -30.06 14.96 -24.75
N MET F 122 -30.02 15.10 -23.43
CA MET F 122 -30.94 14.31 -22.60
C MET F 122 -32.39 14.71 -22.86
N LYS F 123 -32.64 16.00 -23.05
CA LYS F 123 -33.99 16.44 -23.41
C LYS F 123 -34.44 15.84 -24.74
N GLU F 124 -33.54 15.82 -25.72
CA GLU F 124 -33.86 15.22 -27.02
C GLU F 124 -34.14 13.73 -26.88
N LEU F 125 -33.34 13.03 -26.07
CA LEU F 125 -33.57 11.61 -25.85
C LEU F 125 -34.91 11.37 -25.18
N ALA F 126 -35.30 12.26 -24.27
CA ALA F 126 -36.62 12.18 -23.67
C ALA F 126 -37.71 12.39 -24.71
N GLU F 127 -37.50 13.31 -25.64
CA GLU F 127 -38.47 13.58 -26.71
C GLU F 127 -38.27 12.68 -27.92
N LYS F 128 -37.29 11.77 -27.89
CA LYS F 128 -37.01 10.85 -29.00
C LYS F 128 -36.79 11.61 -30.32
N LYS F 129 -35.96 12.65 -30.25
CA LYS F 129 -35.64 13.46 -31.40
C LYS F 129 -34.17 13.39 -31.79
N ILE F 130 -33.49 12.32 -31.39
CA ILE F 130 -32.06 12.15 -31.67
C ILE F 130 -31.95 11.41 -33.01
N PRO F 131 -31.43 12.05 -34.06
CA PRO F 131 -31.31 11.39 -35.37
C PRO F 131 -30.02 10.58 -35.50
N LEU F 132 -29.91 9.53 -34.70
CA LEU F 132 -28.71 8.71 -34.68
C LEU F 132 -29.10 7.23 -34.74
N VAL F 133 -28.15 6.41 -35.18
CA VAL F 133 -28.35 4.98 -35.33
C VAL F 133 -27.22 4.25 -34.63
N ILE F 134 -27.55 3.25 -33.82
CA ILE F 134 -26.56 2.42 -33.16
C ILE F 134 -26.31 1.20 -34.03
N ARG F 135 -25.05 0.99 -34.41
CA ARG F 135 -24.65 -0.14 -35.24
C ARG F 135 -24.01 -1.18 -34.33
N ARG F 136 -24.83 -2.05 -33.78
CA ARG F 136 -24.34 -3.07 -32.86
C ARG F 136 -23.55 -4.11 -33.63
N TYR F 137 -22.29 -4.30 -33.26
CA TYR F 137 -21.39 -5.20 -33.99
C TYR F 137 -21.39 -6.58 -33.35
N LEU F 138 -21.72 -7.58 -34.15
CA LEU F 138 -21.56 -8.96 -33.72
C LEU F 138 -20.08 -9.32 -33.71
N PRO F 139 -19.70 -10.37 -32.98
CA PRO F 139 -18.27 -10.72 -32.87
C PRO F 139 -17.59 -10.96 -34.20
N ASP F 140 -18.30 -11.49 -35.19
CA ASP F 140 -17.69 -11.83 -36.47
C ASP F 140 -17.70 -10.68 -37.46
N GLY F 141 -18.16 -9.49 -37.06
CA GLY F 141 -18.21 -8.34 -37.93
C GLY F 141 -19.59 -8.01 -38.45
N SER F 142 -20.56 -8.90 -38.26
CA SER F 142 -21.94 -8.61 -38.64
C SER F 142 -22.49 -7.49 -37.76
N PHE F 143 -23.35 -6.66 -38.34
CA PHE F 143 -23.87 -5.52 -37.60
C PHE F 143 -25.36 -5.32 -37.85
N GLU F 144 -26.08 -4.96 -36.78
CA GLU F 144 -27.49 -4.63 -36.83
C GLU F 144 -27.66 -3.14 -36.56
N ASP F 145 -28.36 -2.44 -37.46
CA ASP F 145 -28.52 -0.99 -37.35
C ASP F 145 -29.84 -0.70 -36.65
N TRP F 146 -29.78 -0.59 -35.32
CA TRP F 146 -30.92 -0.14 -34.54
C TRP F 146 -30.97 1.39 -34.52
N SER F 147 -32.18 1.92 -34.51
CA SER F 147 -32.39 3.36 -34.44
C SER F 147 -32.69 3.77 -33.00
N VAL F 148 -32.38 5.03 -32.68
CA VAL F 148 -32.57 5.52 -31.32
C VAL F 148 -34.05 5.46 -30.93
N GLU F 149 -34.92 5.94 -31.82
CA GLU F 149 -36.36 5.87 -31.56
C GLU F 149 -36.84 4.42 -31.54
N GLU F 150 -36.20 3.55 -32.32
CA GLU F 150 -36.60 2.14 -32.35
C GLU F 150 -36.36 1.47 -31.00
N LEU F 151 -35.32 1.89 -30.29
CA LEU F 151 -34.99 1.31 -29.00
C LEU F 151 -35.82 1.93 -27.90
N ILE F 152 -36.08 1.14 -26.86
CA ILE F 152 -36.84 1.59 -25.71
C ILE F 152 -35.87 1.86 -24.56
N VAL F 153 -35.86 3.11 -24.09
CA VAL F 153 -34.91 3.55 -23.07
C VAL F 153 -35.43 3.09 -21.71
N ASP F 154 -34.72 2.15 -21.09
CA ASP F 154 -35.09 1.58 -19.79
C ASP F 154 -36.51 1.03 -19.81
N ILE G 38 -11.95 19.10 -72.43
CA ILE G 38 -13.00 18.87 -71.44
C ILE G 38 -13.37 17.39 -71.41
N VAL G 39 -12.98 16.72 -70.33
CA VAL G 39 -13.26 15.30 -70.14
C VAL G 39 -13.99 15.12 -68.81
N ARG G 40 -15.06 14.34 -68.83
CA ARG G 40 -15.80 14.02 -67.60
C ARG G 40 -15.14 12.84 -66.91
N VAL G 41 -14.66 13.04 -65.70
CA VAL G 41 -13.90 12.05 -64.96
C VAL G 41 -14.68 11.67 -63.71
N PRO G 42 -15.34 10.52 -63.70
CA PRO G 42 -15.99 10.06 -62.46
C PRO G 42 -14.95 9.68 -61.41
N ILE G 43 -15.16 10.13 -60.18
CA ILE G 43 -14.24 9.87 -59.09
C ILE G 43 -15.06 9.45 -57.86
N ALA G 44 -14.36 8.85 -56.90
CA ALA G 44 -14.94 8.50 -55.61
C ALA G 44 -14.18 9.23 -54.52
N LEU G 45 -14.91 9.97 -53.68
CA LEU G 45 -14.33 10.79 -52.64
C LEU G 45 -14.48 10.13 -51.28
N TYR G 46 -13.79 10.71 -50.30
CA TYR G 46 -13.95 10.37 -48.88
C TYR G 46 -13.87 11.70 -48.14
N VAL G 47 -15.04 12.30 -47.90
CA VAL G 47 -15.12 13.67 -47.43
C VAL G 47 -15.67 13.71 -46.01
N SER G 48 -15.55 14.87 -45.38
CA SER G 48 -16.03 15.08 -44.02
C SER G 48 -17.33 15.88 -44.04
N LEU G 49 -18.22 15.56 -43.12
CA LEU G 49 -19.50 16.23 -42.99
C LEU G 49 -19.57 16.93 -41.64
N ALA G 50 -19.93 18.22 -41.67
CA ALA G 50 -20.02 19.06 -40.48
C ALA G 50 -21.40 18.97 -39.84
N PRO G 51 -21.47 19.04 -38.50
CA PRO G 51 -22.78 19.06 -37.84
C PRO G 51 -23.63 20.25 -38.25
N MET G 52 -23.01 21.35 -38.68
CA MET G 52 -23.76 22.45 -39.27
C MET G 52 -24.51 21.99 -40.51
N TYR G 53 -23.89 21.10 -41.28
CA TYR G 53 -24.46 20.59 -42.52
C TYR G 53 -25.08 19.21 -42.36
N LEU G 54 -25.30 18.78 -41.12
CA LEU G 54 -25.94 17.50 -40.84
C LEU G 54 -27.41 17.46 -41.28
N GLU G 55 -27.91 18.53 -41.91
CA GLU G 55 -29.29 18.58 -42.35
C GLU G 55 -29.44 18.68 -43.87
N ASN G 56 -28.43 19.17 -44.59
CA ASN G 56 -28.39 19.11 -46.04
C ASN G 56 -27.01 18.61 -46.46
N PRO G 57 -26.75 17.31 -46.26
CA PRO G 57 -25.40 16.79 -46.51
C PRO G 57 -24.91 16.97 -47.93
N LEU G 58 -25.81 17.01 -48.91
CA LEU G 58 -25.37 17.24 -50.29
C LEU G 58 -24.70 18.61 -50.43
N GLN G 59 -25.39 19.66 -49.99
CA GLN G 59 -24.80 20.99 -50.04
C GLN G 59 -23.62 21.11 -49.09
N GLY G 60 -23.66 20.38 -47.98
CA GLY G 60 -22.52 20.39 -47.06
C GLY G 60 -21.26 19.88 -47.71
N VAL G 61 -21.34 18.71 -48.35
CA VAL G 61 -20.19 18.16 -49.06
C VAL G 61 -19.79 19.09 -50.20
N MET G 62 -20.76 19.61 -50.94
CA MET G 62 -20.45 20.52 -52.04
C MET G 62 -19.63 21.71 -51.55
N LYS G 63 -20.10 22.40 -50.52
CA LYS G 63 -19.46 23.63 -50.09
C LYS G 63 -18.18 23.37 -49.30
N GLN G 64 -18.07 22.21 -48.64
CA GLN G 64 -16.83 21.91 -47.93
C GLN G 64 -15.73 21.50 -48.90
N HIS G 65 -16.03 20.66 -49.90
CA HIS G 65 -14.99 20.07 -50.71
C HIS G 65 -15.09 20.43 -52.18
N LEU G 66 -16.27 20.29 -52.79
CA LEU G 66 -16.38 20.41 -54.24
C LEU G 66 -16.17 21.85 -54.70
N ASN G 67 -16.83 22.81 -54.04
CA ASN G 67 -16.68 24.21 -54.43
C ASN G 67 -15.24 24.70 -54.37
N PRO G 68 -14.42 24.38 -53.36
CA PRO G 68 -13.00 24.76 -53.43
C PRO G 68 -12.27 24.20 -54.63
N LEU G 69 -12.64 22.99 -55.09
CA LEU G 69 -11.90 22.33 -56.17
C LEU G 69 -12.08 23.00 -57.52
N VAL G 70 -13.09 23.87 -57.67
CA VAL G 70 -13.34 24.51 -58.96
C VAL G 70 -12.19 25.43 -59.31
N MET G 71 -11.78 25.40 -60.59
CA MET G 71 -10.74 26.25 -61.16
C MET G 71 -9.37 26.01 -60.52
N LYS G 72 -9.20 24.88 -59.85
CA LYS G 72 -7.93 24.52 -59.22
C LYS G 72 -7.47 23.18 -59.77
N TYR G 73 -6.23 23.13 -60.24
CA TYR G 73 -5.66 21.88 -60.74
C TYR G 73 -5.58 20.85 -59.62
N ASN G 74 -5.84 19.59 -59.97
CA ASN G 74 -5.81 18.49 -59.02
C ASN G 74 -4.65 17.56 -59.35
N ASN G 75 -3.91 17.17 -58.32
CA ASN G 75 -2.75 16.29 -58.48
C ASN G 75 -3.13 14.84 -58.72
N LYS G 76 -4.41 14.50 -58.64
CA LYS G 76 -4.89 13.14 -58.84
C LYS G 76 -5.51 12.93 -60.22
N VAL G 77 -6.50 13.75 -60.58
CA VAL G 77 -7.21 13.55 -61.83
C VAL G 77 -6.29 13.82 -63.02
N GLY G 78 -5.59 14.94 -63.00
CA GLY G 78 -4.71 15.33 -64.07
C GLY G 78 -5.10 16.57 -64.85
N GLY G 79 -5.85 17.49 -64.25
CA GLY G 79 -6.21 18.72 -64.93
C GLY G 79 -6.98 19.63 -64.01
N VAL G 80 -7.23 20.84 -64.51
CA VAL G 80 -8.01 21.83 -63.77
C VAL G 80 -9.48 21.45 -63.83
N VAL G 81 -10.14 21.42 -62.67
CA VAL G 81 -11.56 21.07 -62.60
C VAL G 81 -12.38 22.30 -62.98
N LEU G 82 -13.24 22.15 -63.98
CA LEU G 82 -14.07 23.24 -64.48
C LEU G 82 -15.49 23.20 -63.92
N GLY G 83 -15.80 22.26 -63.05
CA GLY G 83 -17.14 22.17 -62.51
C GLY G 83 -17.39 20.76 -61.99
N TYR G 84 -18.67 20.51 -61.69
CA TYR G 84 -19.07 19.20 -61.18
C TYR G 84 -20.57 19.04 -61.36
N GLU G 85 -21.02 17.80 -61.29
CA GLU G 85 -22.43 17.47 -61.38
C GLU G 85 -22.61 16.02 -60.95
N GLY G 86 -23.85 15.64 -60.69
CA GLY G 86 -24.16 14.27 -60.34
C GLY G 86 -23.53 13.79 -59.05
N LEU G 87 -23.43 14.67 -58.06
CA LEU G 87 -22.90 14.28 -56.76
C LEU G 87 -23.88 13.38 -56.05
N LYS G 88 -23.49 12.13 -55.80
CA LYS G 88 -24.31 11.17 -55.08
C LYS G 88 -23.53 10.65 -53.89
N ILE G 89 -24.16 10.67 -52.72
CA ILE G 89 -23.53 10.24 -51.49
C ILE G 89 -23.81 8.76 -51.28
N LEU G 90 -22.76 7.99 -51.01
CA LEU G 90 -22.96 6.58 -50.69
C LEU G 90 -23.59 6.44 -49.32
N ASP G 91 -24.07 5.23 -49.04
CA ASP G 91 -24.77 4.93 -47.80
C ASP G 91 -23.92 4.01 -46.94
N ALA G 92 -23.86 4.32 -45.64
CA ALA G 92 -23.16 3.46 -44.69
C ALA G 92 -23.99 2.22 -44.32
N ASP G 93 -25.24 2.16 -44.75
CA ASP G 93 -26.08 0.99 -44.54
C ASP G 93 -26.31 0.33 -45.90
N PRO G 94 -25.63 -0.79 -46.20
CA PRO G 94 -25.74 -1.37 -47.55
C PRO G 94 -27.14 -1.85 -47.91
N LEU G 95 -27.89 -2.37 -46.94
CA LEU G 95 -29.21 -2.92 -47.22
C LEU G 95 -30.24 -1.85 -47.56
N SER G 96 -29.92 -0.57 -47.39
CA SER G 96 -30.85 0.49 -47.72
C SER G 96 -30.97 0.62 -49.23
N LYS G 97 -32.21 0.67 -49.72
CA LYS G 97 -32.44 0.86 -51.14
C LYS G 97 -31.88 2.20 -51.59
N GLU G 98 -31.25 2.21 -52.77
CA GLU G 98 -30.59 3.42 -53.25
C GLU G 98 -31.56 4.53 -53.62
N ASP G 99 -32.86 4.23 -53.70
CA ASP G 99 -33.86 5.25 -53.98
C ASP G 99 -34.28 6.02 -52.74
N THR G 100 -33.87 5.59 -51.54
CA THR G 100 -34.29 6.26 -50.33
C THR G 100 -33.61 7.63 -50.21
N SER G 101 -34.18 8.45 -49.33
CA SER G 101 -33.66 9.79 -49.08
C SER G 101 -33.04 9.95 -47.71
N GLU G 102 -33.05 8.91 -46.88
CA GLU G 102 -32.44 8.93 -45.55
C GLU G 102 -31.27 7.98 -45.55
N LYS G 103 -30.06 8.52 -45.61
CA LYS G 103 -28.84 7.74 -45.61
C LYS G 103 -28.11 7.89 -44.27
N LEU G 104 -27.20 6.97 -44.01
CA LEU G 104 -26.42 6.95 -42.77
C LEU G 104 -25.02 7.49 -43.04
N ILE G 105 -24.56 8.39 -42.18
CA ILE G 105 -23.19 8.88 -42.19
C ILE G 105 -22.52 8.43 -40.90
N LYS G 106 -21.25 8.03 -41.00
CA LYS G 106 -20.53 7.49 -39.86
C LYS G 106 -19.84 8.62 -39.12
N ILE G 107 -20.24 8.85 -37.88
CA ILE G 107 -19.66 9.90 -37.05
C ILE G 107 -18.32 9.44 -36.51
N THR G 108 -17.33 10.34 -36.56
CA THR G 108 -16.03 10.03 -35.99
C THR G 108 -16.19 9.71 -34.50
N PRO G 109 -15.51 8.67 -34.00
CA PRO G 109 -15.69 8.32 -32.58
C PRO G 109 -15.35 9.46 -31.63
N ASP G 110 -14.32 10.24 -31.91
CA ASP G 110 -13.87 11.31 -31.03
C ASP G 110 -14.10 12.69 -31.64
N THR G 111 -15.14 12.86 -32.44
CA THR G 111 -15.42 14.12 -33.12
C THR G 111 -16.82 14.07 -33.72
N PRO G 112 -17.60 15.15 -33.63
CA PRO G 112 -18.94 15.15 -34.23
C PRO G 112 -18.95 15.23 -35.75
N PHE G 113 -17.81 15.12 -36.40
CA PHE G 113 -17.75 15.11 -37.86
C PHE G 113 -18.01 13.70 -38.39
N GLY G 114 -18.60 13.65 -39.58
CA GLY G 114 -18.91 12.39 -40.25
C GLY G 114 -18.10 12.26 -41.53
N PHE G 115 -17.58 11.06 -41.78
CA PHE G 115 -16.83 10.74 -42.97
C PHE G 115 -17.55 9.65 -43.75
N THR G 116 -17.75 9.86 -45.05
CA THR G 116 -18.47 8.92 -45.88
C THR G 116 -17.86 8.91 -47.27
N TRP G 117 -18.10 7.82 -47.99
CA TRP G 117 -17.71 7.74 -49.40
C TRP G 117 -18.73 8.47 -50.27
N CYS G 118 -18.25 9.03 -51.37
CA CYS G 118 -19.10 9.77 -52.29
C CYS G 118 -18.65 9.50 -53.71
N HIS G 119 -19.59 9.64 -54.65
CA HIS G 119 -19.31 9.54 -56.07
C HIS G 119 -19.75 10.83 -56.74
N VAL G 120 -18.93 11.32 -57.67
CA VAL G 120 -19.20 12.60 -58.33
C VAL G 120 -18.43 12.64 -59.64
N ASN G 121 -18.97 13.36 -60.62
CA ASN G 121 -18.32 13.55 -61.91
C ASN G 121 -17.76 14.97 -61.97
N LEU G 122 -16.52 15.09 -62.44
CA LEU G 122 -15.82 16.35 -62.50
C LEU G 122 -15.55 16.74 -63.94
N TYR G 123 -15.80 18.00 -64.29
CA TYR G 123 -15.47 18.52 -65.61
C TYR G 123 -14.01 18.93 -65.60
N VAL G 124 -13.17 18.17 -66.30
CA VAL G 124 -11.72 18.35 -66.27
C VAL G 124 -11.26 18.79 -67.65
N TRP G 125 -10.47 19.85 -67.71
CA TRP G 125 -9.94 20.35 -68.98
C TRP G 125 -8.57 19.77 -69.26
N ASN H 3 -66.58 8.88 15.05
CA ASN H 3 -67.24 8.30 16.20
C ASN H 3 -66.31 7.33 16.92
N THR H 4 -66.71 6.90 18.11
CA THR H 4 -65.90 5.96 18.87
C THR H 4 -65.95 4.56 18.25
N LEU H 5 -64.83 3.86 18.34
CA LEU H 5 -64.74 2.47 17.89
C LEU H 5 -64.55 1.49 19.03
N PHE H 6 -64.02 1.94 20.17
CA PHE H 6 -63.79 1.09 21.33
C PHE H 6 -63.81 1.96 22.56
N ASP H 7 -64.14 1.36 23.70
CA ASP H 7 -64.19 2.08 24.96
C ASP H 7 -64.27 1.10 26.12
N ASP H 8 -63.48 1.35 27.17
CA ASP H 8 -63.49 0.49 28.35
C ASP H 8 -62.79 1.23 29.48
N ILE H 9 -62.90 0.69 30.68
CA ILE H 9 -62.22 1.20 31.87
C ILE H 9 -61.12 0.21 32.19
N PHE H 10 -59.86 0.65 32.05
CA PHE H 10 -58.71 -0.21 32.21
C PHE H 10 -58.01 0.06 33.53
N GLN H 11 -57.54 -1.01 34.18
CA GLN H 11 -56.84 -0.95 35.45
C GLN H 11 -55.36 -1.21 35.21
N VAL H 12 -54.55 -0.15 35.28
CA VAL H 12 -53.12 -0.28 35.07
C VAL H 12 -52.53 -1.16 36.17
N SER H 13 -51.64 -2.08 35.79
CA SER H 13 -51.07 -3.03 36.72
C SER H 13 -49.55 -2.94 36.85
N GLU H 14 -48.84 -2.59 35.79
CA GLU H 14 -47.39 -2.49 35.83
C GLU H 14 -46.93 -1.30 35.01
N VAL H 15 -45.97 -0.56 35.56
CA VAL H 15 -45.36 0.59 34.90
C VAL H 15 -43.85 0.53 35.12
N ASP H 16 -43.08 0.66 34.04
CA ASP H 16 -41.63 0.72 34.15
C ASP H 16 -41.08 1.60 33.05
N PRO H 17 -40.10 2.45 33.35
CA PRO H 17 -39.54 3.34 32.32
C PRO H 17 -38.74 2.58 31.28
N GLY H 18 -37.86 1.68 31.72
CA GLY H 18 -37.09 0.87 30.80
C GLY H 18 -36.10 1.65 29.97
N ARG H 19 -35.06 2.20 30.61
CA ARG H 19 -34.00 2.95 29.95
C ARG H 19 -34.51 4.24 29.29
N TYR H 20 -35.75 4.62 29.54
CA TYR H 20 -36.32 5.82 28.97
C TYR H 20 -36.57 6.85 30.06
N ASN H 21 -36.71 8.10 29.65
CA ASN H 21 -37.02 9.20 30.55
C ASN H 21 -38.43 9.76 30.36
N LYS H 22 -38.87 9.92 29.12
CA LYS H 22 -40.17 10.51 28.84
C LYS H 22 -41.27 9.48 28.63
N VAL H 23 -40.96 8.27 28.16
CA VAL H 23 -41.98 7.29 27.85
C VAL H 23 -41.92 6.16 28.88
N CYS H 24 -43.00 5.39 28.91
CA CYS H 24 -43.08 4.19 29.73
C CYS H 24 -44.11 3.25 29.12
N ARG H 25 -43.98 1.98 29.44
CA ARG H 25 -44.84 0.94 28.90
C ARG H 25 -45.70 0.37 30.03
N ILE H 26 -47.01 0.41 29.84
CA ILE H 26 -47.96 0.01 30.88
C ILE H 26 -48.59 -1.33 30.51
N GLU H 27 -49.26 -1.93 31.48
CA GLU H 27 -50.01 -3.18 31.29
C GLU H 27 -51.38 -2.99 31.94
N ALA H 28 -52.38 -2.65 31.14
CA ALA H 28 -53.72 -2.34 31.65
C ALA H 28 -54.66 -3.50 31.35
N ALA H 29 -55.40 -3.92 32.38
CA ALA H 29 -56.41 -4.96 32.27
C ALA H 29 -57.79 -4.35 32.43
N SER H 30 -58.71 -4.73 31.55
CA SER H 30 -60.05 -4.16 31.59
C SER H 30 -60.78 -4.55 32.86
N THR H 31 -61.54 -3.60 33.41
CA THR H 31 -62.30 -3.86 34.63
C THR H 31 -63.54 -4.70 34.35
N THR H 32 -64.23 -4.43 33.25
CA THR H 32 -65.48 -5.13 32.93
C THR H 32 -65.22 -6.40 32.12
N GLN H 33 -64.62 -6.27 30.94
CA GLN H 33 -64.35 -7.42 30.10
C GLN H 33 -63.29 -8.30 30.75
N ASP H 34 -63.59 -9.60 30.86
CA ASP H 34 -62.74 -10.52 31.61
C ASP H 34 -61.53 -11.00 30.82
N GLN H 35 -61.52 -10.85 29.49
CA GLN H 35 -60.42 -11.33 28.67
C GLN H 35 -59.83 -10.25 27.79
N CYS H 36 -60.01 -8.98 28.16
CA CYS H 36 -59.43 -7.85 27.44
C CYS H 36 -58.26 -7.29 28.24
N LYS H 37 -57.13 -7.11 27.58
CA LYS H 37 -55.94 -6.56 28.19
C LYS H 37 -55.34 -5.49 27.28
N LEU H 38 -54.27 -4.87 27.73
CA LEU H 38 -53.67 -3.77 26.99
C LEU H 38 -52.24 -3.57 27.43
N THR H 39 -51.36 -3.30 26.45
CA THR H 39 -50.01 -2.82 26.71
C THR H 39 -49.80 -1.59 25.84
N LEU H 40 -49.39 -0.48 26.45
CA LEU H 40 -49.32 0.79 25.76
C LEU H 40 -48.08 1.56 26.20
N ASP H 41 -47.51 2.31 25.26
CA ASP H 41 -46.41 3.23 25.54
C ASP H 41 -46.98 4.64 25.60
N ILE H 42 -46.76 5.33 26.73
CA ILE H 42 -47.27 6.68 26.92
C ILE H 42 -46.14 7.58 27.38
N ASN H 43 -46.23 8.85 26.98
CA ASN H 43 -45.29 9.88 27.41
C ASN H 43 -45.64 10.28 28.83
N VAL H 44 -44.91 9.74 29.81
CA VAL H 44 -45.27 9.88 31.22
C VAL H 44 -44.76 11.19 31.79
N GLU H 45 -44.22 12.06 30.93
CA GLU H 45 -43.96 13.42 31.35
C GLU H 45 -45.12 14.36 31.02
N LEU H 46 -45.89 14.04 29.98
CA LEU H 46 -47.12 14.75 29.66
C LEU H 46 -48.35 14.10 30.28
N PHE H 47 -48.22 12.90 30.83
CA PHE H 47 -49.35 12.20 31.43
C PHE H 47 -48.83 11.11 32.36
N PRO H 48 -48.40 11.46 33.58
CA PRO H 48 -47.89 10.44 34.50
C PRO H 48 -48.98 9.45 34.90
N VAL H 49 -48.59 8.19 35.03
CA VAL H 49 -49.47 7.12 35.49
C VAL H 49 -48.75 6.34 36.57
N ALA H 50 -49.54 5.58 37.33
CA ALA H 50 -49.01 4.81 38.45
C ALA H 50 -49.65 3.43 38.46
N ALA H 51 -49.02 2.52 39.19
CA ALA H 51 -49.56 1.17 39.33
C ALA H 51 -50.89 1.21 40.09
N GLN H 52 -51.77 0.27 39.74
CA GLN H 52 -53.11 0.16 40.33
C GLN H 52 -53.93 1.42 40.09
N ASP H 53 -53.71 2.08 38.96
CA ASP H 53 -54.50 3.23 38.56
C ASP H 53 -55.73 2.77 37.78
N SER H 54 -56.53 3.72 37.30
CA SER H 54 -57.69 3.44 36.47
C SER H 54 -57.75 4.45 35.35
N LEU H 55 -57.80 3.95 34.11
CA LEU H 55 -57.79 4.80 32.93
C LEU H 55 -59.01 4.51 32.08
N THR H 56 -59.54 5.56 31.44
CA THR H 56 -60.67 5.46 30.53
C THR H 56 -60.14 5.66 29.12
N VAL H 57 -59.74 4.57 28.49
CA VAL H 57 -59.20 4.65 27.13
C VAL H 57 -60.36 4.58 26.15
N THR H 58 -60.17 5.20 25.00
CA THR H 58 -61.19 5.24 23.96
C THR H 58 -60.49 5.42 22.61
N ILE H 59 -60.85 4.59 21.64
CA ILE H 59 -60.31 4.68 20.29
C ILE H 59 -61.41 5.24 19.40
N ALA H 60 -61.10 6.33 18.69
CA ALA H 60 -62.09 7.02 17.88
C ALA H 60 -61.55 7.23 16.47
N SER H 61 -62.42 7.03 15.49
CA SER H 61 -62.04 7.23 14.10
C SER H 61 -61.73 8.69 13.79
N SER H 62 -62.21 9.62 14.60
CA SER H 62 -61.96 11.05 14.43
C SER H 62 -62.19 11.75 15.76
N LEU H 63 -62.06 13.07 15.74
CA LEU H 63 -62.29 13.90 16.92
C LEU H 63 -63.33 14.97 16.62
N ASN H 64 -64.30 14.64 15.78
CA ASN H 64 -65.36 15.58 15.43
C ASN H 64 -66.65 15.24 16.17
N SER H 78 -53.33 18.74 7.05
CA SER H 78 -54.70 19.09 7.45
C SER H 78 -54.74 19.57 8.89
N TRP H 79 -53.89 19.00 9.74
CA TRP H 79 -53.88 19.37 11.14
C TRP H 79 -53.43 20.82 11.31
N ARG H 80 -54.13 21.53 12.20
CA ARG H 80 -53.90 22.93 12.46
C ARG H 80 -53.89 23.14 13.97
N PRO H 81 -53.04 24.02 14.48
CA PRO H 81 -52.99 24.26 15.93
C PRO H 81 -54.34 24.73 16.43
N PRO H 82 -54.74 24.30 17.63
CA PRO H 82 -56.07 24.64 18.14
C PRO H 82 -56.26 26.15 18.23
N GLN H 83 -57.47 26.60 17.89
CA GLN H 83 -57.83 28.01 17.92
C GLN H 83 -59.06 28.18 18.81
N ALA H 84 -59.49 29.42 18.96
CA ALA H 84 -60.63 29.72 19.82
C ALA H 84 -61.92 29.23 19.19
N GLY H 85 -62.85 28.78 20.04
CA GLY H 85 -64.14 28.32 19.58
C GLY H 85 -64.09 27.07 18.72
N ASP H 86 -63.17 26.15 19.03
CA ASP H 86 -63.06 24.89 18.32
C ASP H 86 -63.40 23.74 19.26
N ARG H 87 -64.39 22.94 18.87
CA ARG H 87 -64.84 21.81 19.67
C ARG H 87 -64.28 20.51 19.08
N SER H 88 -63.88 19.61 19.95
CA SER H 88 -63.38 18.31 19.52
C SER H 88 -63.65 17.30 20.62
N LEU H 89 -63.63 16.01 20.24
CA LEU H 89 -63.80 14.95 21.22
C LEU H 89 -62.67 14.94 22.24
N ALA H 90 -61.51 15.49 21.90
CA ALA H 90 -60.37 15.48 22.80
C ALA H 90 -60.60 16.30 24.06
N ASP H 91 -61.53 17.26 24.03
CA ASP H 91 -61.75 18.13 25.18
C ASP H 91 -62.25 17.36 26.39
N ASP H 92 -62.86 16.19 26.19
CA ASP H 92 -63.35 15.37 27.28
C ASP H 92 -62.29 14.44 27.85
N TYR H 93 -61.08 14.46 27.29
CA TYR H 93 -60.03 13.53 27.68
C TYR H 93 -58.76 14.29 27.98
N ASP H 94 -57.89 13.67 28.78
CA ASP H 94 -56.63 14.31 29.18
C ASP H 94 -55.55 14.12 28.12
N TYR H 95 -55.24 12.87 27.80
CA TYR H 95 -54.13 12.52 26.92
C TYR H 95 -54.67 11.91 25.64
N VAL H 96 -54.30 12.49 24.50
CA VAL H 96 -54.80 12.06 23.20
C VAL H 96 -53.63 11.85 22.26
N MET H 97 -53.54 10.66 21.69
CA MET H 97 -52.52 10.31 20.70
C MET H 97 -53.17 10.12 19.33
N TYR H 98 -52.34 9.79 18.35
CA TYR H 98 -52.80 9.57 16.98
C TYR H 98 -51.79 8.66 16.30
N GLY H 99 -52.27 7.57 15.72
CA GLY H 99 -51.40 6.56 15.15
C GLY H 99 -52.00 5.84 13.97
N THR H 100 -51.63 4.58 13.82
CA THR H 100 -52.04 3.77 12.69
C THR H 100 -52.07 2.31 13.12
N ALA H 101 -53.07 1.57 12.64
CA ALA H 101 -53.13 0.14 12.88
C ALA H 101 -52.34 -0.57 11.79
N TYR H 102 -51.42 -1.44 12.20
CA TYR H 102 -50.54 -2.11 11.25
C TYR H 102 -50.59 -3.63 11.29
N LYS H 103 -51.28 -4.23 12.27
CA LYS H 103 -51.29 -5.68 12.36
C LYS H 103 -52.54 -6.12 13.11
N PHE H 104 -53.09 -7.25 12.69
CA PHE H 104 -54.17 -7.94 13.38
C PHE H 104 -53.76 -9.39 13.59
N GLU H 105 -54.03 -9.92 14.78
CA GLU H 105 -53.66 -11.28 15.10
C GLU H 105 -54.86 -12.02 15.68
N GLU H 106 -54.87 -13.33 15.48
CA GLU H 106 -55.90 -14.21 16.02
C GLU H 106 -55.24 -15.03 17.12
N VAL H 107 -55.31 -14.51 18.36
CA VAL H 107 -54.66 -15.20 19.49
C VAL H 107 -55.27 -16.57 19.69
N SER H 108 -56.60 -16.65 19.65
CA SER H 108 -57.32 -17.91 19.77
C SER H 108 -58.70 -17.69 19.15
N LYS H 109 -59.63 -18.61 19.40
CA LYS H 109 -61.00 -18.43 18.96
C LYS H 109 -61.66 -17.33 19.78
N ASP H 110 -62.32 -16.40 19.09
CA ASP H 110 -63.00 -15.26 19.73
C ASP H 110 -62.03 -14.38 20.51
N LEU H 111 -60.79 -14.28 20.04
CA LEU H 111 -59.79 -13.40 20.64
C LEU H 111 -58.94 -12.82 19.53
N ILE H 112 -59.00 -11.50 19.35
CA ILE H 112 -58.24 -10.81 18.33
C ILE H 112 -57.36 -9.75 19.00
N ALA H 113 -56.11 -9.68 18.57
CA ALA H 113 -55.18 -8.68 19.04
C ALA H 113 -54.90 -7.69 17.93
N VAL H 114 -55.06 -6.41 18.23
CA VAL H 114 -54.85 -5.33 17.27
C VAL H 114 -53.63 -4.53 17.70
N TYR H 115 -52.78 -4.19 16.73
CA TYR H 115 -51.53 -3.49 17.00
C TYR H 115 -51.59 -2.09 16.41
N TYR H 116 -51.34 -1.09 17.26
CA TYR H 116 -51.31 0.30 16.85
C TYR H 116 -49.91 0.87 17.09
N SER H 117 -49.51 1.81 16.25
CA SER H 117 -48.23 2.50 16.38
C SER H 117 -48.50 4.00 16.33
N PHE H 118 -48.30 4.67 17.46
CA PHE H 118 -48.53 6.11 17.54
C PHE H 118 -47.20 6.82 17.36
N GLY H 119 -46.81 6.97 16.10
CA GLY H 119 -45.56 7.61 15.77
C GLY H 119 -44.32 6.93 16.32
N GLY H 120 -44.43 5.66 16.71
CA GLY H 120 -43.34 4.92 17.31
C GLY H 120 -43.73 4.25 18.62
N LEU H 121 -44.72 4.81 19.32
CA LEU H 121 -45.21 4.24 20.57
C LEU H 121 -46.26 3.19 20.25
N LEU H 122 -46.05 1.96 20.72
CA LEU H 122 -46.82 0.82 20.29
C LEU H 122 -47.93 0.48 21.29
N MET H 123 -49.11 0.14 20.76
CA MET H 123 -50.21 -0.35 21.56
C MET H 123 -50.64 -1.72 21.04
N ARG H 124 -50.91 -2.64 21.96
CA ARG H 124 -51.42 -3.97 21.62
C ARG H 124 -52.72 -4.19 22.39
N LEU H 125 -53.84 -3.93 21.75
CA LEU H 125 -55.16 -4.08 22.36
C LEU H 125 -55.73 -5.45 22.00
N GLU H 126 -55.76 -6.35 22.97
CA GLU H 126 -56.25 -7.71 22.78
C GLU H 126 -57.62 -7.85 23.43
N GLY H 127 -58.57 -8.41 22.69
CA GLY H 127 -59.89 -8.64 23.25
C GLY H 127 -60.73 -9.47 22.30
N ASN H 128 -61.92 -9.83 22.78
CA ASN H 128 -62.86 -10.57 21.95
C ASN H 128 -63.30 -9.73 20.77
N TYR H 129 -63.48 -10.36 19.61
CA TYR H 129 -63.75 -9.62 18.39
C TYR H 129 -65.17 -9.07 18.32
N ARG H 130 -66.01 -9.40 19.30
CA ARG H 130 -67.32 -8.75 19.37
C ARG H 130 -67.19 -7.26 19.64
N ASN H 131 -66.24 -6.88 20.50
CA ASN H 131 -65.99 -5.48 20.82
C ASN H 131 -64.96 -4.85 19.89
N LEU H 132 -64.02 -5.63 19.39
CA LEU H 132 -62.95 -5.14 18.53
C LEU H 132 -63.27 -5.22 17.05
N ASN H 133 -64.50 -5.62 16.70
CA ASN H 133 -64.88 -5.70 15.29
C ASN H 133 -64.88 -4.32 14.64
N ASN H 134 -65.13 -3.27 15.42
CA ASN H 134 -65.14 -1.93 14.86
C ASN H 134 -63.74 -1.44 14.53
N LEU H 135 -62.73 -1.98 15.21
CA LEU H 135 -61.35 -1.55 15.01
C LEU H 135 -60.84 -2.03 13.66
N LYS H 136 -60.82 -1.14 12.68
CA LYS H 136 -60.31 -1.46 11.35
C LYS H 136 -58.87 -0.95 11.20
N GLN H 137 -58.17 -1.53 10.24
CA GLN H 137 -56.76 -1.24 10.00
C GLN H 137 -56.65 0.11 9.28
N GLU H 138 -56.61 1.18 10.07
CA GLU H 138 -56.47 2.53 9.54
C GLU H 138 -56.01 3.45 10.66
N ASN H 139 -55.97 4.74 10.38
CA ASN H 139 -55.57 5.72 11.37
C ASN H 139 -56.69 5.94 12.38
N ALA H 140 -56.37 5.85 13.66
CA ALA H 140 -57.35 5.98 14.73
C ALA H 140 -56.77 6.79 15.87
N TYR H 141 -57.59 7.68 16.43
CA TYR H 141 -57.19 8.47 17.58
C TYR H 141 -57.37 7.67 18.87
N LEU H 142 -56.39 7.77 19.75
CA LEU H 142 -56.47 7.18 21.08
C LEU H 142 -56.65 8.28 22.11
N LEU H 143 -57.64 8.13 22.99
CA LEU H 143 -57.92 9.10 24.02
C LEU H 143 -57.92 8.42 25.38
N ILE H 144 -57.30 9.07 26.36
CA ILE H 144 -57.14 8.52 27.70
C ILE H 144 -57.62 9.54 28.72
N ARG H 145 -58.26 9.05 29.77
CA ARG H 145 -58.81 9.91 30.82
C ARG H 145 -58.64 9.21 32.16
N ARG H 146 -58.32 9.99 33.19
CA ARG H 146 -58.18 9.45 34.54
C ARG H 146 -59.54 9.31 35.22
N SER I 2 47.48 -46.25 24.66
CA SER I 2 48.00 -46.26 23.29
C SER I 2 46.86 -46.47 22.30
N VAL I 3 45.94 -47.35 22.66
CA VAL I 3 44.81 -47.71 21.80
C VAL I 3 43.52 -47.37 22.55
N VAL I 4 42.67 -46.57 21.91
CA VAL I 4 41.35 -46.25 22.43
C VAL I 4 40.35 -46.43 21.29
N GLY I 5 39.35 -47.28 21.50
CA GLY I 5 38.35 -47.54 20.49
C GLY I 5 38.94 -48.08 19.20
N SER I 6 38.93 -47.26 18.16
CA SER I 6 39.46 -47.64 16.86
C SER I 6 40.73 -46.90 16.49
N LEU I 7 41.28 -46.12 17.41
CA LEU I 7 42.50 -45.33 17.17
C LEU I 7 43.63 -45.86 18.02
N ILE I 8 44.81 -45.99 17.42
CA ILE I 8 46.01 -46.46 18.10
C ILE I 8 47.06 -45.36 18.03
N PHE I 9 47.59 -44.97 19.18
CA PHE I 9 48.62 -43.94 19.29
C PHE I 9 49.91 -44.56 19.80
N CYS I 10 51.04 -44.05 19.34
CA CYS I 10 52.33 -44.57 19.78
C CYS I 10 52.62 -44.11 21.20
N LEU I 11 53.26 -44.99 21.98
CA LEU I 11 53.50 -44.74 23.39
C LEU I 11 54.44 -43.57 23.63
N ASP I 12 55.30 -43.23 22.67
CA ASP I 12 56.29 -42.19 22.84
C ASP I 12 55.99 -40.94 22.00
N CYS I 13 55.77 -41.12 20.70
CA CYS I 13 55.52 -39.99 19.81
C CYS I 13 54.16 -39.35 20.09
N GLY I 14 53.17 -40.17 20.45
CA GLY I 14 51.82 -39.67 20.56
C GLY I 14 51.14 -39.42 19.24
N ASP I 15 51.48 -40.19 18.21
CA ASP I 15 50.92 -40.02 16.88
C ASP I 15 49.97 -41.16 16.56
N LEU I 16 48.97 -40.85 15.73
CA LEU I 16 47.95 -41.83 15.36
C LEU I 16 48.50 -42.80 14.33
N LEU I 17 48.63 -44.07 14.73
CA LEU I 17 49.20 -45.08 13.85
C LEU I 17 48.26 -45.37 12.68
N GLU I 18 48.83 -45.99 11.65
CA GLU I 18 48.05 -46.38 10.48
C GLU I 18 47.08 -47.50 10.83
N ASN I 19 46.06 -47.65 10.00
CA ASN I 19 45.05 -48.67 10.23
C ASN I 19 45.71 -50.05 10.22
N PRO I 20 45.51 -50.87 11.26
CA PRO I 20 46.27 -52.13 11.37
C PRO I 20 46.09 -53.07 10.20
N ASN I 21 44.89 -53.14 9.62
CA ASN I 21 44.63 -54.03 8.51
C ASN I 21 44.99 -53.42 7.15
N ALA I 22 45.49 -52.18 7.14
CA ALA I 22 45.91 -51.52 5.92
C ALA I 22 47.42 -51.53 5.74
N VAL I 23 48.15 -52.24 6.60
CA VAL I 23 49.60 -52.25 6.58
C VAL I 23 50.08 -53.70 6.41
N LEU I 24 51.37 -53.85 6.19
CA LEU I 24 51.97 -55.16 6.03
C LEU I 24 51.98 -55.92 7.36
N GLY I 25 52.09 -57.24 7.26
CA GLY I 25 51.94 -58.08 8.45
C GLY I 25 53.05 -57.84 9.46
N SER I 26 52.66 -57.92 10.73
CA SER I 26 53.55 -57.86 11.90
C SER I 26 54.38 -56.59 11.97
N ASN I 27 54.04 -55.57 11.19
CA ASN I 27 54.81 -54.34 11.15
C ASN I 27 53.91 -53.17 10.79
N VAL I 28 53.75 -52.23 11.72
CA VAL I 28 53.12 -50.94 11.44
C VAL I 28 54.09 -49.86 11.89
N GLU I 29 54.29 -48.84 11.05
CA GLU I 29 55.34 -47.87 11.23
C GLU I 29 54.77 -46.50 11.57
N CYS I 30 55.18 -45.94 12.70
CA CYS I 30 54.80 -44.58 13.05
C CYS I 30 55.40 -43.60 12.05
N SER I 31 54.58 -42.63 11.62
CA SER I 31 55.04 -41.67 10.63
C SER I 31 56.14 -40.74 11.16
N GLN I 32 56.32 -40.67 12.48
CA GLN I 32 57.38 -39.86 13.07
C GLN I 32 58.36 -40.68 13.89
N CYS I 33 57.88 -41.57 14.77
CA CYS I 33 58.77 -42.41 15.55
C CYS I 33 59.59 -43.33 14.67
N LYS I 34 59.02 -43.79 13.57
CA LYS I 34 59.58 -44.88 12.77
C LYS I 34 59.80 -46.11 13.65
N ALA I 35 58.87 -46.33 14.58
CA ALA I 35 58.98 -47.40 15.56
C ALA I 35 58.23 -48.65 15.06
N ILE I 36 58.34 -49.73 15.83
CA ILE I 36 57.79 -51.03 15.44
C ILE I 36 56.75 -51.44 16.46
N TYR I 37 55.55 -51.74 15.97
CA TYR I 37 54.47 -52.29 16.79
C TYR I 37 53.98 -53.57 16.15
N PRO I 38 54.34 -54.74 16.68
CA PRO I 38 53.82 -56.00 16.12
C PRO I 38 52.31 -56.05 16.22
N LYS I 39 51.69 -56.68 15.21
CA LYS I 39 50.23 -56.68 15.13
C LYS I 39 49.56 -57.50 16.21
N SER I 40 50.29 -58.04 17.18
CA SER I 40 49.66 -58.73 18.30
C SER I 40 48.91 -57.72 19.17
N GLN I 41 48.25 -58.25 20.21
CA GLN I 41 47.52 -57.46 21.22
C GLN I 41 46.61 -56.40 20.59
N PHE I 42 46.19 -56.63 19.35
CA PHE I 42 45.27 -55.75 18.63
C PHE I 42 44.11 -56.55 18.06
N SER I 43 43.63 -57.53 18.83
CA SER I 43 42.62 -58.46 18.33
C SER I 43 41.31 -57.75 18.00
N ASN I 44 40.65 -57.18 19.01
CA ASN I 44 39.30 -56.66 18.88
C ASN I 44 39.32 -55.14 18.96
N LEU I 45 39.07 -54.49 17.83
CA LEU I 45 38.84 -53.05 17.80
C LEU I 45 37.34 -52.77 17.74
N LYS I 46 36.65 -53.17 18.80
CA LYS I 46 35.19 -53.12 18.85
C LYS I 46 34.72 -51.73 19.24
N VAL I 47 34.12 -51.02 18.28
CA VAL I 47 33.54 -49.71 18.51
C VAL I 47 32.02 -49.84 18.38
N VAL I 48 31.31 -49.64 19.48
CA VAL I 48 29.87 -49.86 19.55
C VAL I 48 29.20 -48.49 19.57
N THR I 49 28.31 -48.27 18.60
CA THR I 49 27.57 -47.03 18.48
C THR I 49 26.08 -47.28 18.74
N THR I 50 25.29 -46.22 18.56
CA THR I 50 23.85 -46.28 18.74
C THR I 50 23.23 -45.14 17.95
N THR I 51 21.98 -45.33 17.54
CA THR I 51 21.31 -44.31 16.75
C THR I 51 21.03 -43.07 17.60
N ALA I 52 20.62 -41.99 16.93
CA ALA I 52 20.57 -40.68 17.54
C ALA I 52 19.48 -40.53 18.59
N ASP I 53 18.57 -41.50 18.71
CA ASP I 53 17.46 -41.45 19.66
C ASP I 53 16.49 -40.31 19.33
N ASP I 54 16.77 -39.58 18.24
CA ASP I 54 15.89 -38.52 17.78
C ASP I 54 15.81 -38.50 16.25
N ALA I 55 16.37 -39.50 15.57
CA ALA I 55 16.40 -39.53 14.12
C ALA I 55 15.19 -40.19 13.51
N PHE I 56 14.30 -40.79 14.32
CA PHE I 56 13.13 -41.52 13.84
C PHE I 56 11.89 -40.95 14.49
N PRO I 57 11.41 -39.79 14.03
CA PRO I 57 10.18 -39.23 14.60
C PRO I 57 8.94 -40.00 14.19
N SER I 58 8.34 -40.73 15.13
CA SER I 58 7.20 -41.57 14.86
C SER I 58 6.15 -41.37 15.95
N SER I 59 4.91 -41.72 15.61
CA SER I 59 3.82 -41.61 16.58
C SER I 59 4.04 -42.53 17.77
N LEU I 60 4.68 -43.68 17.54
CA LEU I 60 5.03 -44.56 18.64
C LEU I 60 6.12 -43.95 19.52
N ARG I 61 7.03 -43.18 18.93
CA ARG I 61 8.07 -42.52 19.71
C ARG I 61 7.47 -41.51 20.68
N ALA I 62 6.49 -40.74 20.22
CA ALA I 62 5.86 -39.75 21.10
C ALA I 62 5.09 -40.42 22.23
N LYS I 63 4.39 -41.51 21.94
CA LYS I 63 3.58 -42.17 22.96
C LYS I 63 4.42 -42.91 23.99
N LYS I 64 5.73 -43.04 23.78
CA LYS I 64 6.61 -43.68 24.74
C LYS I 64 7.21 -42.67 25.71
N ASN I 95 11.53 -10.27 52.82
CA ASN I 95 12.25 -10.81 51.66
C ASN I 95 13.61 -11.33 52.08
N TYR I 96 13.88 -12.61 51.80
CA TYR I 96 15.16 -13.21 52.06
C TYR I 96 15.61 -14.02 50.85
N HIS I 97 16.92 -14.05 50.63
CA HIS I 97 17.49 -14.68 49.44
C HIS I 97 18.74 -15.45 49.86
N THR I 98 18.61 -16.77 50.01
CA THR I 98 19.76 -17.60 50.35
C THR I 98 20.78 -17.56 49.21
N LEU I 99 22.05 -17.64 49.58
CA LEU I 99 23.12 -17.54 48.60
C LEU I 99 24.33 -18.32 49.08
N GLN I 100 25.06 -18.89 48.13
CA GLN I 100 26.33 -19.56 48.38
C GLN I 100 27.43 -18.70 47.78
N LEU I 101 28.37 -18.26 48.61
CA LEU I 101 29.36 -17.28 48.19
C LEU I 101 30.72 -17.90 47.85
N ARG I 102 31.38 -18.54 48.82
CA ARG I 102 32.77 -18.92 48.62
C ARG I 102 32.90 -20.32 48.02
N SER I 103 32.36 -21.33 48.69
CA SER I 103 32.50 -22.71 48.26
C SER I 103 31.31 -23.50 48.78
N ALA I 104 31.34 -24.81 48.52
CA ALA I 104 30.30 -25.70 49.05
C ALA I 104 30.49 -25.99 50.53
N ASP I 105 31.73 -26.01 51.01
CA ASP I 105 31.98 -26.35 52.41
C ASP I 105 31.38 -25.33 53.35
N GLU I 106 31.56 -24.04 53.07
CA GLU I 106 30.98 -23.01 53.92
C GLU I 106 29.46 -22.96 53.73
N GLY I 107 28.77 -22.62 54.81
CA GLY I 107 27.32 -22.60 54.78
C GLY I 107 26.77 -21.46 53.95
N ALA I 108 25.52 -21.62 53.54
CA ALA I 108 24.85 -20.59 52.76
C ALA I 108 24.57 -19.37 53.61
N THR I 109 24.61 -18.20 52.97
CA THR I 109 24.36 -16.92 53.64
C THR I 109 23.03 -16.37 53.16
N VAL I 110 22.14 -16.10 54.11
CA VAL I 110 20.80 -15.58 53.81
C VAL I 110 20.81 -14.07 54.02
N PHE I 111 20.39 -13.33 53.01
CA PHE I 111 20.42 -11.87 53.03
C PHE I 111 19.00 -11.36 53.21
N TYR I 112 18.59 -11.24 54.48
CA TYR I 112 17.24 -10.79 54.80
C TYR I 112 17.08 -9.30 54.48
N THR I 113 15.83 -8.87 54.35
CA THR I 113 15.51 -7.47 54.16
C THR I 113 14.06 -7.26 54.60
N CYS I 114 13.88 -6.59 55.73
CA CYS I 114 12.54 -6.28 56.20
C CYS I 114 11.89 -5.23 55.30
N THR I 115 10.61 -5.44 54.99
CA THR I 115 9.89 -4.53 54.11
C THR I 115 9.19 -3.40 54.85
N SER I 116 8.91 -3.58 56.14
CA SER I 116 8.24 -2.52 56.91
C SER I 116 9.20 -1.37 57.21
N CYS I 117 10.43 -1.68 57.59
CA CYS I 117 11.37 -0.66 58.05
C CYS I 117 12.57 -0.45 57.13
N GLY I 118 12.88 -1.38 56.23
CA GLY I 118 14.02 -1.26 55.37
C GLY I 118 15.33 -1.68 55.99
N TYR I 119 15.33 -2.16 57.22
CA TYR I 119 16.54 -2.66 57.86
C TYR I 119 16.95 -3.99 57.20
N LYS I 120 18.24 -4.12 56.90
CA LYS I 120 18.76 -5.28 56.19
C LYS I 120 19.91 -5.90 56.97
N PHE I 121 19.96 -7.22 56.96
CA PHE I 121 21.02 -7.96 57.63
C PHE I 121 21.18 -9.32 56.96
N ARG I 122 22.34 -9.94 57.19
CA ARG I 122 22.63 -11.26 56.64
C ARG I 122 22.85 -12.25 57.77
N THR I 123 22.43 -13.49 57.55
CA THR I 123 22.54 -14.56 58.54
C THR I 123 23.43 -15.66 57.98
N ASN I 124 24.39 -16.10 58.78
CA ASN I 124 25.33 -17.13 58.34
C ASN I 124 25.25 -18.35 59.25
N MET J 1 7.93 31.34 23.89
CA MET J 1 8.90 32.37 23.58
C MET J 1 8.65 33.63 24.39
N ILE J 2 7.65 34.40 23.96
CA ILE J 2 7.25 35.63 24.63
C ILE J 2 5.79 35.49 25.02
N VAL J 3 5.42 36.07 26.16
CA VAL J 3 4.12 35.80 26.79
C VAL J 3 3.00 36.14 25.82
N PRO J 4 2.01 35.26 25.63
CA PRO J 4 0.91 35.58 24.71
C PRO J 4 0.07 36.71 25.27
N VAL J 5 -0.23 37.70 24.43
CA VAL J 5 -0.93 38.89 24.89
C VAL J 5 -2.36 38.55 25.31
N ARG J 6 -3.01 37.66 24.58
CA ARG J 6 -4.39 37.28 24.85
C ARG J 6 -4.52 35.78 25.01
N CYS J 7 -5.40 35.37 25.93
CA CYS J 7 -5.69 33.95 26.12
C CYS J 7 -6.38 33.39 24.88
N PHE J 8 -5.99 32.17 24.50
CA PHE J 8 -6.48 31.58 23.26
C PHE J 8 -7.98 31.31 23.34
N SER J 9 -8.42 30.63 24.39
CA SER J 9 -9.79 30.12 24.44
C SER J 9 -10.81 31.25 24.54
N CYS J 10 -10.61 32.19 25.45
CA CYS J 10 -11.58 33.24 25.69
C CYS J 10 -11.16 34.58 25.10
N GLY J 11 -9.95 35.05 25.41
CA GLY J 11 -9.49 36.32 24.87
C GLY J 11 -9.13 37.33 25.94
N LYS J 12 -9.15 36.90 27.20
CA LYS J 12 -8.74 37.76 28.29
C LYS J 12 -7.25 38.07 28.17
N VAL J 13 -6.90 39.35 28.31
CA VAL J 13 -5.52 39.78 28.11
C VAL J 13 -4.68 39.28 29.28
N VAL J 14 -3.82 38.29 29.02
CA VAL J 14 -2.90 37.76 30.01
C VAL J 14 -1.47 38.15 29.73
N GLY J 15 -1.22 38.96 28.70
CA GLY J 15 0.14 39.33 28.36
C GLY J 15 0.76 40.33 29.31
N ASP J 16 -0.05 41.04 30.08
CA ASP J 16 0.45 42.02 31.04
C ASP J 16 0.62 41.43 32.43
N LYS J 17 0.59 40.12 32.56
CA LYS J 17 0.60 39.47 33.85
C LYS J 17 1.79 38.56 34.08
N TRP J 18 2.66 38.35 33.08
CA TRP J 18 3.77 37.42 33.23
C TRP J 18 4.78 37.93 34.25
N GLU J 19 5.18 39.20 34.13
CA GLU J 19 6.15 39.77 35.06
C GLU J 19 5.60 39.81 36.49
N SER J 20 4.34 40.20 36.64
CA SER J 20 3.73 40.22 37.97
C SER J 20 3.60 38.81 38.54
N TYR J 21 3.34 37.83 37.68
CA TYR J 21 3.30 36.44 38.13
C TYR J 21 4.66 36.00 38.65
N LEU J 22 5.72 36.33 37.92
CA LEU J 22 7.06 35.99 38.36
C LEU J 22 7.39 36.68 39.68
N ASN J 23 6.99 37.95 39.82
CA ASN J 23 7.21 38.66 41.07
C ASN J 23 6.47 38.00 42.23
N LEU J 24 5.21 37.60 42.00
CA LEU J 24 4.44 36.95 43.05
C LEU J 24 5.04 35.60 43.43
N LEU J 25 5.65 34.91 42.47
CA LEU J 25 6.32 33.65 42.80
C LEU J 25 7.63 33.89 43.54
N GLN J 26 8.34 34.96 43.18
CA GLN J 26 9.68 35.19 43.72
C GLN J 26 9.65 35.86 45.09
N GLU J 27 9.11 37.08 45.16
CA GLU J 27 9.10 37.83 46.42
C GLU J 27 8.28 37.10 47.48
N ASP J 28 6.98 36.94 47.23
CA ASP J 28 6.15 36.18 48.15
C ASP J 28 6.30 34.69 47.86
N GLU J 29 6.15 33.88 48.90
CA GLU J 29 6.21 32.44 48.74
C GLU J 29 4.84 31.91 48.32
N LEU J 30 4.26 32.51 47.29
CA LEU J 30 2.98 32.07 46.76
C LEU J 30 3.19 30.96 45.75
N ASP J 31 2.41 29.90 45.85
CA ASP J 31 2.45 28.87 44.82
C ASP J 31 1.70 29.34 43.57
N GLU J 32 1.78 28.53 42.53
CA GLU J 32 1.25 28.94 41.23
C GLU J 32 -0.27 29.15 41.29
N GLY J 33 -0.98 28.29 42.00
CA GLY J 33 -2.43 28.43 42.08
C GLY J 33 -2.84 29.73 42.73
N THR J 34 -2.26 30.03 43.89
CA THR J 34 -2.60 31.26 44.60
C THR J 34 -2.18 32.49 43.81
N ALA J 35 -1.01 32.43 43.15
CA ALA J 35 -0.58 33.57 42.35
C ALA J 35 -1.51 33.81 41.18
N LEU J 36 -1.93 32.74 40.49
CA LEU J 36 -2.86 32.89 39.37
C LEU J 36 -4.19 33.45 39.85
N SER J 37 -4.68 32.96 41.00
CA SER J 37 -5.91 33.49 41.54
C SER J 37 -5.80 34.98 41.85
N ARG J 38 -4.70 35.39 42.50
CA ARG J 38 -4.54 36.80 42.84
C ARG J 38 -4.36 37.68 41.62
N LEU J 39 -3.82 37.13 40.53
CA LEU J 39 -3.67 37.93 39.31
C LEU J 39 -5.00 38.17 38.61
N GLY J 40 -6.08 37.50 39.02
CA GLY J 40 -7.38 37.67 38.41
C GLY J 40 -7.72 36.67 37.34
N LEU J 41 -6.96 35.58 37.22
CA LEU J 41 -7.23 34.54 36.23
C LEU J 41 -8.14 33.50 36.88
N LYS J 42 -9.41 33.49 36.48
CA LYS J 42 -10.40 32.61 37.09
C LYS J 42 -10.57 31.32 36.29
N ARG J 43 -10.89 31.44 35.01
CA ARG J 43 -11.08 30.27 34.17
C ARG J 43 -9.77 29.54 33.94
N TYR J 44 -9.82 28.22 33.98
CA TYR J 44 -8.60 27.43 33.77
C TYR J 44 -8.01 27.66 32.39
N CYS J 45 -8.82 28.06 31.42
CA CYS J 45 -8.29 28.44 30.12
C CYS J 45 -7.33 29.63 30.25
N CYS J 46 -7.67 30.59 31.11
CA CYS J 46 -6.77 31.71 31.36
C CYS J 46 -5.61 31.30 32.25
N ARG J 47 -5.87 30.40 33.20
CA ARG J 47 -4.82 30.00 34.13
C ARG J 47 -3.69 29.27 33.43
N ARG J 48 -4.03 28.42 32.45
CA ARG J 48 -2.99 27.64 31.76
C ARG J 48 -2.03 28.52 30.98
N MET J 49 -2.50 29.66 30.45
CA MET J 49 -1.66 30.50 29.60
C MET J 49 -0.47 31.03 30.37
N ILE J 50 -0.68 31.44 31.62
CA ILE J 50 0.40 31.96 32.44
C ILE J 50 1.07 30.85 33.25
N LEU J 51 0.34 29.77 33.57
CA LEU J 51 0.94 28.68 34.33
C LEU J 51 1.97 27.93 33.51
N THR J 52 1.74 27.79 32.20
CA THR J 52 2.56 26.93 31.37
C THR J 52 3.43 27.69 30.38
N HIS J 53 3.50 29.01 30.47
CA HIS J 53 4.38 29.76 29.59
C HIS J 53 5.82 29.41 29.89
N VAL J 54 6.64 29.35 28.84
CA VAL J 54 8.02 28.88 28.97
C VAL J 54 8.98 30.07 28.93
N ASP J 55 8.62 31.11 28.19
CA ASP J 55 9.43 32.32 28.06
C ASP J 55 10.83 32.00 27.52
N LEU J 56 10.85 31.48 26.29
CA LEU J 56 12.08 31.09 25.64
C LEU J 56 12.83 32.27 25.04
N ILE J 57 12.22 33.46 25.02
CA ILE J 57 12.89 34.62 24.46
C ILE J 57 14.11 35.00 25.29
N GLU J 58 14.10 34.68 26.59
CA GLU J 58 15.28 34.94 27.40
C GLU J 58 16.48 34.15 26.91
N LYS J 59 16.26 32.87 26.55
CA LYS J 59 17.32 32.08 25.98
C LYS J 59 17.66 32.51 24.56
N PHE J 60 16.67 33.01 23.82
CA PHE J 60 16.91 33.50 22.47
C PHE J 60 17.75 34.78 22.46
N LEU J 61 17.69 35.56 23.53
CA LEU J 61 18.27 36.89 23.53
C LEU J 61 19.77 36.91 23.75
N ARG J 62 20.36 35.82 24.22
CA ARG J 62 21.79 35.80 24.48
C ARG J 62 22.62 35.74 23.20
N TYR J 63 22.01 35.42 22.06
CA TYR J 63 22.73 35.38 20.79
C TYR J 63 22.47 36.69 20.05
N ASN J 64 23.18 37.73 20.49
CA ASN J 64 22.98 39.06 19.95
C ASN J 64 24.05 39.36 18.93
N PRO J 65 23.71 39.49 17.63
CA PRO J 65 24.74 39.76 16.62
C PRO J 65 25.18 41.21 16.54
N LEU J 66 24.50 42.11 17.24
CA LEU J 66 24.80 43.54 17.16
C LEU J 66 25.63 44.04 18.33
N GLU J 67 26.13 43.14 19.18
CA GLU J 67 26.88 43.51 20.37
C GLU J 67 28.17 42.70 20.43
N LYS J 68 29.25 43.36 20.83
CA LYS J 68 30.50 42.65 21.09
C LYS J 68 30.34 41.75 22.31
N ARG J 69 30.70 40.48 22.15
CA ARG J 69 30.55 39.52 23.24
C ARG J 69 31.90 39.12 23.82
N GLU K 45 -30.69 42.77 -4.03
CA GLU K 45 -29.84 43.46 -3.06
C GLU K 45 -29.38 42.50 -1.98
N LYS K 46 -30.02 42.59 -0.81
CA LYS K 46 -29.71 41.71 0.32
C LYS K 46 -30.71 40.58 0.49
N ILE K 47 -32.00 40.86 0.31
CA ILE K 47 -33.05 39.85 0.44
C ILE K 47 -33.44 39.40 -0.97
N LYS K 48 -33.57 38.09 -1.14
CA LYS K 48 -33.78 37.50 -2.45
C LYS K 48 -34.89 36.46 -2.37
N LEU K 49 -35.84 36.52 -3.29
CA LEU K 49 -36.96 35.58 -3.35
C LEU K 49 -36.61 34.47 -4.33
N LEU K 50 -36.60 33.23 -3.84
CA LEU K 50 -36.29 32.07 -4.68
C LEU K 50 -37.55 31.69 -5.44
N THR K 51 -37.67 32.24 -6.65
CA THR K 51 -38.90 32.09 -7.43
C THR K 51 -39.18 30.65 -7.83
N GLN K 52 -38.16 29.79 -7.82
CA GLN K 52 -38.35 28.39 -8.18
C GLN K 52 -38.86 27.54 -7.02
N ALA K 53 -39.23 28.16 -5.90
CA ALA K 53 -39.84 27.46 -4.79
C ALA K 53 -41.01 28.22 -4.18
N THR K 54 -41.56 29.19 -4.91
CA THR K 54 -42.62 30.06 -4.41
C THR K 54 -43.95 29.66 -5.04
N SER K 55 -44.98 29.55 -4.21
CA SER K 55 -46.31 29.22 -4.70
C SER K 55 -46.85 30.32 -5.60
N GLU K 56 -47.74 29.93 -6.53
CA GLU K 56 -48.29 30.88 -7.48
C GLU K 56 -49.11 31.95 -6.79
N ASP K 57 -49.87 31.58 -5.76
CA ASP K 57 -50.69 32.52 -5.02
C ASP K 57 -49.92 33.30 -3.96
N GLY K 58 -48.65 32.97 -3.75
CA GLY K 58 -47.84 33.63 -2.74
C GLY K 58 -47.96 33.07 -1.36
N THR K 59 -48.82 32.08 -1.14
CA THR K 59 -49.01 31.52 0.20
C THR K 59 -47.73 30.90 0.73
N SER K 60 -46.93 30.32 -0.15
CA SER K 60 -45.66 29.73 0.23
C SER K 60 -44.53 30.35 -0.58
N ALA K 61 -43.40 30.60 0.06
CA ALA K 61 -42.25 31.18 -0.61
C ALA K 61 -40.99 30.79 0.14
N SER K 62 -39.85 30.99 -0.52
CA SER K 62 -38.55 30.74 0.07
C SER K 62 -37.65 31.92 -0.22
N PHE K 63 -36.92 32.38 0.80
CA PHE K 63 -36.12 33.58 0.74
C PHE K 63 -34.66 33.26 1.00
N GLN K 64 -33.77 33.98 0.33
CA GLN K 64 -32.34 33.87 0.54
C GLN K 64 -31.80 35.22 0.99
N ILE K 65 -31.08 35.22 2.11
CA ILE K 65 -30.54 36.43 2.71
C ILE K 65 -29.03 36.29 2.79
N VAL K 66 -28.32 37.30 2.30
CA VAL K 66 -26.86 37.28 2.26
C VAL K 66 -26.32 37.88 3.55
N GLU K 67 -25.11 37.46 3.92
CA GLU K 67 -24.40 37.97 5.10
C GLU K 67 -25.24 37.81 6.36
N GLU K 68 -25.91 36.68 6.49
CA GLU K 68 -26.68 36.36 7.68
C GLU K 68 -26.33 34.96 8.15
N ASP K 69 -26.80 34.60 9.33
CA ASP K 69 -26.36 33.40 10.01
C ASP K 69 -27.43 32.98 11.00
N HIS K 70 -27.06 32.06 11.90
CA HIS K 70 -27.99 31.60 12.93
C HIS K 70 -28.53 32.76 13.76
N THR K 71 -27.71 33.79 13.98
CA THR K 71 -28.11 34.91 14.82
C THR K 71 -29.46 35.48 14.41
N LEU K 72 -29.55 35.98 13.17
CA LEU K 72 -30.83 36.49 12.69
C LEU K 72 -31.78 35.37 12.31
N GLY K 73 -31.26 34.24 11.81
CA GLY K 73 -32.14 33.18 11.33
C GLY K 73 -33.03 32.63 12.42
N ASN K 74 -32.45 32.30 13.57
CA ASN K 74 -33.23 31.70 14.66
C ASN K 74 -34.19 32.72 15.26
N ALA K 75 -33.76 33.97 15.39
CA ALA K 75 -34.64 35.00 15.93
C ALA K 75 -35.84 35.22 15.04
N LEU K 76 -35.60 35.32 13.72
CA LEU K 76 -36.70 35.47 12.78
C LEU K 76 -37.62 34.24 12.80
N ARG K 77 -37.03 33.05 12.87
CA ARG K 77 -37.84 31.84 12.92
C ARG K 77 -38.73 31.81 14.15
N TYR K 78 -38.17 32.14 15.32
CA TYR K 78 -38.96 32.15 16.54
C TYR K 78 -40.07 33.18 16.49
N VAL K 79 -39.76 34.38 15.98
CA VAL K 79 -40.75 35.44 15.98
C VAL K 79 -41.81 35.22 14.91
N ILE K 80 -41.51 34.43 13.88
CA ILE K 80 -42.51 34.13 12.87
C ILE K 80 -43.40 32.95 13.26
N MET K 81 -42.84 31.96 13.96
CA MET K 81 -43.67 30.85 14.42
C MET K 81 -44.77 31.30 15.38
N LYS K 82 -44.65 32.49 15.97
CA LYS K 82 -45.69 33.05 16.81
C LYS K 82 -46.88 33.56 16.01
N ASN K 83 -46.76 33.67 14.70
CA ASN K 83 -47.87 34.08 13.86
C ASN K 83 -48.89 32.95 13.80
N PRO K 84 -50.16 33.20 14.15
CA PRO K 84 -51.15 32.12 14.10
C PRO K 84 -51.45 31.64 12.69
N ASP K 85 -51.10 32.41 11.66
CA ASP K 85 -51.46 32.07 10.30
C ASP K 85 -50.41 31.25 9.56
N VAL K 86 -49.18 31.20 10.06
CA VAL K 86 -48.14 30.46 9.36
C VAL K 86 -48.24 28.98 9.68
N GLU K 87 -48.09 28.16 8.65
CA GLU K 87 -48.15 26.71 8.79
C GLU K 87 -46.75 26.10 8.94
N PHE K 88 -45.78 26.62 8.19
CA PHE K 88 -44.42 26.08 8.21
C PHE K 88 -43.42 27.22 8.17
N CYS K 89 -42.47 27.21 9.11
CA CYS K 89 -41.38 28.16 9.12
C CYS K 89 -40.10 27.47 9.57
N GLY K 90 -39.01 27.79 8.91
CA GLY K 90 -37.71 27.25 9.27
C GLY K 90 -36.61 27.99 8.54
N TYR K 91 -35.41 27.91 9.11
CA TYR K 91 -34.24 28.53 8.52
C TYR K 91 -33.19 27.46 8.22
N SER K 92 -32.42 27.69 7.18
CA SER K 92 -31.36 26.76 6.80
C SER K 92 -30.23 27.51 6.13
N ILE K 93 -29.00 27.20 6.53
CA ILE K 93 -27.81 27.71 5.88
C ILE K 93 -27.31 26.62 4.93
N PRO K 94 -27.34 26.83 3.61
CA PRO K 94 -26.89 25.79 2.68
C PRO K 94 -25.48 25.28 2.98
N HIS K 95 -24.51 26.18 3.02
CA HIS K 95 -23.15 25.80 3.36
C HIS K 95 -22.60 26.73 4.44
N PRO K 96 -21.92 26.18 5.45
CA PRO K 96 -21.35 27.05 6.49
C PRO K 96 -20.34 28.05 5.96
N SER K 97 -19.54 27.66 4.97
CA SER K 97 -18.50 28.54 4.45
C SER K 97 -19.07 29.71 3.66
N GLU K 98 -20.35 29.68 3.30
CA GLU K 98 -20.99 30.77 2.60
C GLU K 98 -21.89 31.54 3.55
N ASN K 99 -22.10 32.82 3.23
CA ASN K 99 -22.79 33.76 4.10
C ASN K 99 -24.27 33.90 3.76
N LEU K 100 -24.90 32.82 3.31
CA LEU K 100 -26.27 32.86 2.83
C LEU K 100 -27.20 32.14 3.80
N LEU K 101 -28.38 32.71 4.00
CA LEU K 101 -29.41 32.15 4.86
C LEU K 101 -30.69 31.95 4.06
N ASN K 102 -31.37 30.83 4.32
CA ASN K 102 -32.61 30.50 3.63
C ASN K 102 -33.76 30.46 4.62
N ILE K 103 -34.86 31.14 4.29
CA ILE K 103 -36.04 31.21 5.12
C ILE K 103 -37.22 30.67 4.33
N ARG K 104 -37.93 29.70 4.92
CA ARG K 104 -39.12 29.10 4.32
C ARG K 104 -40.34 29.49 5.15
N ILE K 105 -41.36 30.04 4.49
CA ILE K 105 -42.61 30.41 5.15
C ILE K 105 -43.77 29.84 4.35
N GLN K 106 -44.68 29.15 5.03
CA GLN K 106 -45.90 28.62 4.43
C GLN K 106 -47.08 29.06 5.27
N THR K 107 -47.89 29.97 4.75
CA THR K 107 -49.05 30.46 5.47
C THR K 107 -50.26 29.57 5.21
N TYR K 108 -51.22 29.62 6.13
CA TYR K 108 -52.47 28.88 5.96
C TYR K 108 -53.42 29.53 4.98
N GLY K 109 -53.20 30.80 4.65
CA GLY K 109 -54.09 31.51 3.74
C GLY K 109 -54.38 32.92 4.20
N GLU K 110 -55.14 33.66 3.40
CA GLU K 110 -55.60 35.02 3.70
C GLU K 110 -54.45 36.01 3.86
N THR K 111 -53.22 35.53 3.69
CA THR K 111 -52.02 36.34 3.86
C THR K 111 -50.98 35.85 2.87
N THR K 112 -49.74 36.25 3.08
CA THR K 112 -48.64 35.91 2.19
C THR K 112 -47.42 35.56 3.05
N ALA K 113 -46.51 34.77 2.47
CA ALA K 113 -45.25 34.51 3.14
C ALA K 113 -44.44 35.79 3.32
N VAL K 114 -44.52 36.70 2.33
CA VAL K 114 -43.86 37.99 2.46
C VAL K 114 -44.47 38.79 3.61
N ASP K 115 -45.79 38.77 3.72
CA ASP K 115 -46.46 39.47 4.81
C ASP K 115 -46.07 38.88 6.16
N ALA K 116 -45.97 37.54 6.24
CA ALA K 116 -45.53 36.91 7.47
C ALA K 116 -44.10 37.31 7.82
N LEU K 117 -43.23 37.38 6.81
CA LEU K 117 -41.86 37.82 7.04
C LEU K 117 -41.81 39.24 7.57
N GLN K 118 -42.60 40.14 6.96
CA GLN K 118 -42.63 41.52 7.43
C GLN K 118 -43.14 41.61 8.86
N LYS K 119 -44.19 40.85 9.18
CA LYS K 119 -44.71 40.87 10.54
C LYS K 119 -43.68 40.35 11.53
N GLY K 120 -42.95 39.28 11.16
CA GLY K 120 -41.91 38.76 12.03
C GLY K 120 -40.79 39.77 12.26
N LEU K 121 -40.38 40.46 11.21
CA LEU K 121 -39.34 41.47 11.36
C LEU K 121 -39.80 42.61 12.27
N LYS K 122 -41.04 43.09 12.07
CA LYS K 122 -41.57 44.14 12.94
C LYS K 122 -41.63 43.67 14.40
N ASP K 123 -42.09 42.44 14.62
CA ASP K 123 -42.20 41.96 15.99
C ASP K 123 -40.84 41.75 16.62
N LEU K 124 -39.84 41.35 15.84
CA LEU K 124 -38.48 41.25 16.35
C LEU K 124 -37.94 42.62 16.76
N MET K 125 -38.21 43.64 15.93
CA MET K 125 -37.82 45.00 16.30
C MET K 125 -38.48 45.43 17.60
N ASP K 126 -39.78 45.14 17.75
CA ASP K 126 -40.49 45.51 18.96
C ASP K 126 -39.93 44.78 20.19
N LEU K 127 -39.60 43.50 20.03
CA LEU K 127 -39.01 42.75 21.14
C LEU K 127 -37.67 43.34 21.55
N CYS K 128 -36.84 43.69 20.56
CA CYS K 128 -35.56 44.32 20.87
C CYS K 128 -35.77 45.65 21.59
N ASP K 129 -36.74 46.43 21.14
CA ASP K 129 -37.00 47.72 21.77
C ASP K 129 -37.43 47.54 23.22
N VAL K 130 -38.29 46.56 23.49
CA VAL K 130 -38.79 46.40 24.86
C VAL K 130 -37.68 45.89 25.79
N VAL K 131 -36.84 44.96 25.30
CA VAL K 131 -35.76 44.50 26.16
C VAL K 131 -34.75 45.62 26.40
N GLU K 132 -34.48 46.45 25.39
CA GLU K 132 -33.59 47.58 25.59
C GLU K 132 -34.16 48.56 26.60
N SER K 133 -35.46 48.86 26.52
CA SER K 133 -36.07 49.79 27.46
C SER K 133 -36.01 49.25 28.88
N LYS K 134 -36.31 47.96 29.07
CA LYS K 134 -36.26 47.42 30.42
C LYS K 134 -34.84 47.40 30.98
N PHE K 135 -33.86 47.09 30.12
CA PHE K 135 -32.47 47.11 30.57
C PHE K 135 -32.04 48.53 30.95
N THR K 136 -32.45 49.52 30.16
CA THR K 136 -32.14 50.91 30.48
C THR K 136 -32.74 51.30 31.83
N GLU K 137 -34.01 50.94 32.06
CA GLU K 137 -34.65 51.28 33.33
C GLU K 137 -33.94 50.61 34.50
N LYS K 138 -33.54 49.35 34.33
CA LYS K 138 -32.84 48.66 35.42
C LYS K 138 -31.46 49.25 35.66
N ILE K 139 -30.78 49.67 34.59
CA ILE K 139 -29.48 50.32 34.74
C ILE K 139 -29.63 51.60 35.54
N LYS K 140 -30.62 52.42 35.19
CA LYS K 140 -30.84 53.67 35.91
C LYS K 140 -31.20 53.41 37.36
N SER K 141 -32.14 52.50 37.61
CA SER K 141 -32.56 52.22 38.98
C SER K 141 -31.41 51.64 39.81
N MET K 142 -30.95 50.45 39.45
CA MET K 142 -29.95 49.72 40.22
C MET K 142 -30.32 49.62 41.70
N LEU L 27 27.95 51.73 6.41
CA LEU L 27 28.35 50.47 7.02
C LEU L 27 27.24 49.44 6.90
N LYS L 28 27.23 48.73 5.77
CA LYS L 28 26.14 47.83 5.42
C LYS L 28 26.39 46.39 5.86
N TYR L 29 27.52 46.10 6.50
CA TYR L 29 27.85 44.73 6.88
C TYR L 29 28.32 44.70 8.33
N ILE L 30 28.16 43.54 8.95
CA ILE L 30 28.54 43.32 10.34
C ILE L 30 29.38 42.05 10.39
N CYS L 31 30.52 42.13 11.06
CA CYS L 31 31.34 40.94 11.24
C CYS L 31 30.59 39.91 12.06
N ALA L 32 30.79 38.64 11.74
CA ALA L 32 30.09 37.56 12.41
C ALA L 32 30.83 37.05 13.64
N GLU L 33 31.94 37.65 14.01
CA GLU L 33 32.65 37.22 15.20
C GLU L 33 32.90 38.34 16.19
N CYS L 34 33.19 39.56 15.71
CA CYS L 34 33.38 40.71 16.58
C CYS L 34 32.26 41.74 16.47
N SER L 35 31.30 41.52 15.56
CA SER L 35 30.09 42.34 15.47
C SER L 35 30.41 43.82 15.28
N SER L 36 31.41 44.10 14.44
CA SER L 36 31.81 45.48 14.16
C SER L 36 31.31 45.88 12.79
N LYS L 37 30.65 47.03 12.71
CA LYS L 37 30.13 47.52 11.44
C LYS L 37 31.27 47.85 10.49
N LEU L 38 31.11 47.46 9.23
CA LEU L 38 32.12 47.71 8.22
C LEU L 38 31.45 47.78 6.86
N SER L 39 31.96 48.66 6.00
CA SER L 39 31.43 48.85 4.65
C SER L 39 32.46 48.37 3.63
N LEU L 40 32.00 47.59 2.66
CA LEU L 40 32.85 47.03 1.64
C LEU L 40 32.65 47.79 0.33
N SER L 41 33.75 48.28 -0.24
CA SER L 41 33.71 48.86 -1.57
C SER L 41 33.88 47.76 -2.61
N ARG L 42 33.81 48.12 -3.88
CA ARG L 42 34.08 47.14 -4.92
C ARG L 42 35.56 46.80 -4.96
N THR L 43 35.88 45.69 -5.60
CA THR L 43 37.21 45.08 -5.63
C THR L 43 37.93 45.25 -4.29
N ASP L 44 37.27 44.72 -3.25
CA ASP L 44 37.76 44.81 -1.89
C ASP L 44 37.72 43.43 -1.25
N ALA L 45 38.58 43.24 -0.25
CA ALA L 45 38.64 41.96 0.44
C ALA L 45 37.36 41.72 1.24
N VAL L 46 36.84 40.50 1.13
CA VAL L 46 35.65 40.11 1.90
C VAL L 46 36.16 39.55 3.21
N ARG L 47 36.43 40.47 4.15
CA ARG L 47 36.94 40.11 5.46
C ARG L 47 36.71 41.27 6.41
N CYS L 48 36.76 40.98 7.70
CA CYS L 48 36.70 42.03 8.69
C CYS L 48 38.05 42.74 8.79
N LYS L 49 38.02 43.95 9.32
CA LYS L 49 39.22 44.76 9.47
C LYS L 49 39.79 44.71 10.87
N ASP L 50 38.93 44.73 11.90
CA ASP L 50 39.42 44.66 13.28
C ASP L 50 39.92 43.26 13.62
N CYS L 51 39.34 42.23 13.01
CA CYS L 51 39.82 40.87 13.15
C CYS L 51 39.86 40.23 11.77
N GLY L 52 40.16 38.94 11.73
CA GLY L 52 40.33 38.26 10.46
C GLY L 52 39.26 37.24 10.14
N HIS L 53 38.00 37.58 10.39
CA HIS L 53 36.90 36.67 10.13
C HIS L 53 36.39 36.86 8.70
N ARG L 54 36.13 35.75 8.03
CA ARG L 54 35.72 35.77 6.63
C ARG L 54 34.20 35.80 6.44
N ILE L 55 33.43 35.72 7.52
CA ILE L 55 31.98 35.71 7.44
C ILE L 55 31.47 37.09 7.82
N LEU L 56 30.70 37.70 6.92
CA LEU L 56 30.13 39.02 7.12
C LEU L 56 28.61 38.92 7.04
N LEU L 57 27.93 39.41 8.07
CA LEU L 57 26.48 39.45 8.08
C LEU L 57 26.00 40.77 7.49
N LYS L 58 25.00 40.72 6.62
CA LYS L 58 24.44 41.95 6.08
C LYS L 58 23.54 42.60 7.12
N ALA L 59 23.61 43.93 7.17
CA ALA L 59 22.83 44.69 8.14
C ALA L 59 21.46 45.05 7.58
N ARG L 60 20.53 45.33 8.49
CA ARG L 60 19.17 45.70 8.13
C ARG L 60 19.03 47.21 8.21
N THR L 61 18.67 47.83 7.09
CA THR L 61 18.56 49.28 7.01
C THR L 61 17.14 49.73 7.35
N LYS L 62 16.84 50.99 7.08
CA LYS L 62 15.52 51.57 7.36
C LYS L 62 14.73 51.60 6.07
N ARG L 63 13.89 50.58 5.87
CA ARG L 63 12.98 50.53 4.73
C ARG L 63 11.62 50.06 5.21
N LEU L 64 10.58 50.53 4.52
CA LEU L 64 9.21 50.24 4.92
C LEU L 64 8.86 48.80 4.57
N VAL L 65 8.36 48.06 5.55
CA VAL L 65 7.93 46.68 5.38
C VAL L 65 6.50 46.59 5.91
N GLN L 66 5.53 46.74 5.01
CA GLN L 66 4.13 46.71 5.42
C GLN L 66 3.72 45.31 5.84
N PHE L 67 2.84 45.23 6.84
CA PHE L 67 2.35 43.95 7.32
C PHE L 67 0.86 44.08 7.62
N GLU L 68 0.29 43.01 8.17
CA GLU L 68 -1.09 42.96 8.61
C GLU L 68 -1.12 42.34 10.01
N ALA L 69 -1.78 43.03 10.95
CA ALA L 69 -1.81 42.58 12.34
C ALA L 69 -2.81 41.43 12.50
N ARG L 70 -2.52 40.34 11.81
CA ARG L 70 -3.40 39.17 11.79
C ARG L 70 -2.78 37.99 12.50
#